data_7T0O
#
_entry.id   7T0O
#
_cell.length_a   1.00
_cell.length_b   1.00
_cell.length_c   1.00
_cell.angle_alpha   90.00
_cell.angle_beta   90.00
_cell.angle_gamma   90.00
#
_symmetry.space_group_name_H-M   'P 1'
#
loop_
_entity.id
_entity.type
_entity.pdbx_description
1 polymer 'BG505 SOSIP.664 gp140'
2 polymer 'BG505 SOSIP.664 gp140'
3 polymer 'BG505 SOSIP.664 gp140'
4 polymer 'T-cell surface glycoprotein CD4'
5 polymer Adnectin
6 polymer 'BG505 SOSIP.664 gp140'
#
loop_
_entity_poly.entity_id
_entity_poly.type
_entity_poly.pdbx_seq_one_letter_code
_entity_poly.pdbx_strand_id
1 'polypeptide(L)'
;AENLWVTVYYGVPVWKDAETTLFCASDAKAYETEKHNVWATHACVPTDPNPQEIHLENVTEEFNMWKNNMVEQMHTDIIS
LWDQSLKPCVKLTPLCVTLNCTNVTNNITDDMRGELKNCSFNMTTELRDKKQKVYSLFYRLDVVQINENQGNRSNNSNKE
YRLINCNTSAITQACPKVSFEPIPIHYCAPAGFAILKCKDKKFNGTGPCPSVSTVQCTHGIKPVVSTQLLLNGSLAEEEV
MIRSENITNNAKNILVQFNTPVQINCTRPNNNTRKSIRIGPGQAFYATGDIIGDIRQAHCNVSKATWNETLGKVVKQLRK
HFGNNTIIRFANSSGGDLEVTTHSFNCGGEFFYCNTSGLFNSTWISNTSVQGSNSTGSNDSITLPCRIKQIINMWQRIGQ
AMYAPPIQGVIRCVSNITGLILTRDGGSTNSTTETFRPGGGDMRDNWRSELYKYKVVKIEPLGVAPTRCKRRVVGRRRRR
RAVGIGAVFLGFLGAAGSTMGAASMTLTVQARNLLSGIVQQQSNLLRAPEAQQHLLKLTVWGIKQLQARVLAVERYLRDQ
QLLGIWGCSGKLICCTNVPWNSSWSNRNLSEIWDNMTWLQWDKEISNYTQIIYGLLEESQNQQEKNEQDLLALDGSGSGG
SGHHHHHHHH
;
D,G,I
2 'polypeptide(L)'
;(UNK)(UNK)(UNK)(UNK)(UNK)(UNK)(UNK)(UNK)(UNK)(UNK)(UNK)(UNK)(UNK)(UNK)(UNK)(UNK)
(UNK)(UNK)(UNK)(UNK)(UNK)(UNK)(UNK)(UNK)(UNK)(UNK)(UNK)(UNK)(UNK)(UNK)(UNK)(UNK)
(UNK)(UNK)(UNK)(UNK)(UNK)(UNK)(UNK)
;
B
3 'polypeptide(L)'
;(UNK)(UNK)(UNK)(UNK)(UNK)(UNK)(UNK)(UNK)(UNK)(UNK)(UNK)(UNK)(UNK)(UNK)(UNK)(UNK)
(UNK)(UNK)(UNK)(UNK)(UNK)(UNK)(UNK)(UNK)(UNK)(UNK)(UNK)(UNK)(UNK)(UNK)(UNK)(UNK)
(UNK)(UNK)(UNK)(UNK)(UNK)(UNK)
;
F,J
4 'polypeptide(L)'
;KKVVLGKKGDTVELTCTASQKKSIQFHWKNSNQIKILGNQGSFLTKGPSKLNDRADSRRSLWDQGNFPLIIKNLKIEDSD
TYICEVEDQKEEVQLLVFGLTANSDTHLLQGQSLTLTLESPPGSSPSVQCRSPRGKNIQGGKTLSVSQLELQDSGTWTCT
VLQNQKKVEFKIDIVVLAFQKASSIVYKKEGEQVEFSFPLAFTVEKLTGSGELWWQAERASSSKSWITFDLKNKEVSVKR
VTQDPKLQMGKKLPLHLTLPQALPQYAGSGNLTLALEAKTGKLHQEVNLVVMRATQLQKNLTCEVWGPTSPKLMLSLKLE
NKEAKVSKREKAVWVLNPEAGMWQCLLSDSGQVLLESNIKVLPTHHHHHH
;
H,L,M
5 'polypeptide(L)'
;GVSDVPRDLEVVAATPTSLLISWDAPAVTVHSYHIQYWPLGSYQRYQVFSVPGSKSTATISGLKPGVEYQIRVYAETGGA
DSDQSMGWIQIGYRTEGDKPSQHHHHHH
;
O,P,Q
6 'polypeptide(L)'
;(UNK)(UNK)(UNK)(UNK)(UNK)(UNK)(UNK)(UNK)(UNK)(UNK)(UNK)(UNK)(UNK)(UNK)(UNK)(UNK)
(UNK)(UNK)(UNK)(UNK)(UNK)(UNK)(UNK)(UNK)(UNK)(UNK)(UNK)(UNK)(UNK)(UNK)(UNK)(UNK)
(UNK)(UNK)(UNK)
;
K,N,R
#
# COMPACT_ATOMS: atom_id res chain seq x y z
N ASP A 17 -2.78 0.90 26.89
CA ASP A 17 -4.10 1.53 26.89
C ASP A 17 -4.03 2.77 26.03
N ALA A 18 -4.94 2.87 25.07
CA ALA A 18 -4.93 3.99 24.17
C ALA A 18 -6.02 4.99 24.53
N GLU A 19 -5.84 6.21 24.03
CA GLU A 19 -6.73 7.34 24.24
C GLU A 19 -7.14 7.90 22.89
N THR A 20 -7.64 7.05 22.02
CA THR A 20 -8.03 7.48 20.69
C THR A 20 -9.50 7.80 20.56
N THR A 21 -9.85 8.20 19.35
CA THR A 21 -11.22 8.47 18.94
C THR A 21 -11.72 7.22 18.25
N LEU A 22 -13.03 7.02 18.30
CA LEU A 22 -13.65 5.84 17.73
C LEU A 22 -14.73 6.30 16.77
N PHE A 23 -14.73 5.79 15.56
CA PHE A 23 -15.79 6.18 14.65
C PHE A 23 -17.02 5.34 14.92
N CYS A 24 -18.18 5.97 14.92
CA CYS A 24 -19.41 5.25 15.16
C CYS A 24 -19.83 4.48 13.91
N ALA A 25 -20.73 3.53 14.08
CA ALA A 25 -21.20 2.73 12.96
C ALA A 25 -22.63 2.29 13.25
N SER A 26 -23.60 3.00 12.72
CA SER A 26 -24.99 2.65 12.97
C SER A 26 -25.73 2.42 11.68
N ASP A 27 -26.80 1.67 11.77
CA ASP A 27 -27.64 1.35 10.61
C ASP A 27 -28.65 2.48 10.47
N ALA A 28 -28.37 3.41 9.57
CA ALA A 28 -29.24 4.55 9.35
C ALA A 28 -30.25 4.24 8.26
N LYS A 29 -30.94 5.28 7.81
CA LYS A 29 -31.95 5.23 6.75
C LYS A 29 -31.71 6.26 5.67
N ALA A 30 -31.25 7.45 6.04
CA ALA A 30 -30.94 8.58 5.16
C ALA A 30 -32.13 9.11 4.38
N TYR A 31 -33.36 8.77 4.75
CA TYR A 31 -34.46 9.33 3.97
C TYR A 31 -35.53 9.98 4.84
N GLU A 32 -35.81 9.43 6.01
CA GLU A 32 -36.85 9.98 6.86
C GLU A 32 -36.37 11.25 7.57
N THR A 33 -37.33 11.95 8.16
CA THR A 33 -37.07 13.18 8.90
C THR A 33 -36.74 12.88 10.35
N GLU A 34 -36.44 11.63 10.67
CA GLU A 34 -36.05 11.26 12.02
C GLU A 34 -34.72 11.92 12.33
N LYS A 35 -34.58 12.44 13.55
CA LYS A 35 -33.37 13.15 13.93
C LYS A 35 -32.16 12.23 13.92
N HIS A 36 -32.24 11.10 14.63
CA HIS A 36 -31.10 10.19 14.69
C HIS A 36 -30.73 9.63 13.34
N ASN A 37 -31.68 9.51 12.42
CA ASN A 37 -31.31 9.06 11.09
C ASN A 37 -30.60 10.15 10.33
N VAL A 38 -30.89 11.41 10.65
CA VAL A 38 -30.21 12.50 9.99
C VAL A 38 -28.79 12.63 10.52
N TRP A 39 -28.63 12.49 11.84
CA TRP A 39 -27.31 12.59 12.45
C TRP A 39 -26.44 11.42 12.05
N ALA A 40 -27.00 10.21 12.03
CA ALA A 40 -26.22 9.04 11.68
C ALA A 40 -25.79 9.05 10.22
N THR A 41 -26.54 9.71 9.36
CA THR A 41 -26.12 9.74 7.96
C THR A 41 -24.95 10.70 7.78
N HIS A 42 -24.95 11.83 8.46
CA HIS A 42 -23.86 12.76 8.29
C HIS A 42 -22.60 12.41 9.06
N ALA A 43 -22.68 11.63 10.14
CA ALA A 43 -21.43 11.26 10.82
C ALA A 43 -21.63 9.92 11.54
N CYS A 44 -21.44 8.84 10.79
CA CYS A 44 -21.45 7.41 11.10
C CYS A 44 -21.27 6.67 9.78
N VAL A 45 -20.87 5.41 9.86
CA VAL A 45 -20.67 4.58 8.67
C VAL A 45 -21.65 3.42 8.79
N PRO A 46 -21.91 2.64 7.75
CA PRO A 46 -22.83 1.50 7.92
C PRO A 46 -22.20 0.42 8.78
N THR A 47 -23.06 -0.37 9.40
CA THR A 47 -22.62 -1.43 10.29
C THR A 47 -21.86 -2.51 9.54
N ASP A 48 -20.97 -3.17 10.26
CA ASP A 48 -20.16 -4.26 9.70
C ASP A 48 -21.06 -5.44 9.42
N PRO A 49 -21.17 -5.90 8.17
CA PRO A 49 -22.06 -7.03 7.90
C PRO A 49 -21.48 -8.37 8.35
N ASN A 50 -20.16 -8.49 8.44
CA ASN A 50 -19.52 -9.74 8.85
C ASN A 50 -18.55 -9.47 9.99
N PRO A 51 -19.02 -9.49 11.23
CA PRO A 51 -18.14 -9.24 12.36
C PRO A 51 -17.34 -10.49 12.70
N GLN A 52 -16.18 -10.27 13.31
CA GLN A 52 -15.29 -11.35 13.70
C GLN A 52 -14.85 -11.15 15.14
N GLU A 53 -15.14 -12.12 15.99
CA GLU A 53 -14.76 -12.08 17.40
C GLU A 53 -13.73 -13.17 17.64
N ILE A 54 -12.46 -12.78 17.71
CA ILE A 54 -11.40 -13.74 17.95
C ILE A 54 -11.32 -13.99 19.44
N HIS A 55 -11.54 -15.22 19.84
CA HIS A 55 -11.49 -15.58 21.25
C HIS A 55 -10.05 -15.84 21.63
N LEU A 56 -9.56 -15.11 22.63
CA LEU A 56 -8.19 -15.30 23.06
C LEU A 56 -8.12 -16.52 23.96
N GLU A 57 -6.89 -16.91 24.28
CA GLU A 57 -6.68 -18.07 25.13
C GLU A 57 -6.83 -17.78 26.60
N ASN A 58 -5.88 -18.25 27.39
CA ASN A 58 -5.90 -18.08 28.84
C ASN A 58 -5.30 -16.74 29.22
N VAL A 59 -6.03 -15.69 28.91
CA VAL A 59 -5.57 -14.33 29.20
C VAL A 59 -6.43 -13.72 30.28
N THR A 60 -5.86 -12.74 30.97
CA THR A 60 -6.52 -12.01 32.05
C THR A 60 -6.16 -10.55 31.92
N GLU A 61 -7.17 -9.68 31.92
CA GLU A 61 -6.94 -8.25 31.79
C GLU A 61 -7.70 -7.52 32.88
N GLU A 62 -7.04 -6.59 33.56
CA GLU A 62 -7.66 -5.82 34.64
C GLU A 62 -8.61 -4.81 34.02
N PHE A 63 -9.83 -5.23 33.76
CA PHE A 63 -10.79 -4.31 33.16
C PHE A 63 -11.34 -3.31 34.15
N ASN A 64 -10.69 -2.17 34.29
CA ASN A 64 -11.26 -1.16 35.15
C ASN A 64 -12.37 -0.50 34.35
N MET A 65 -13.45 -0.15 35.02
CA MET A 65 -14.57 0.44 34.32
C MET A 65 -14.86 1.87 34.70
N TRP A 66 -14.53 2.30 35.91
CA TRP A 66 -14.80 3.68 36.27
C TRP A 66 -13.71 4.63 35.80
N LYS A 67 -12.59 4.12 35.31
CA LYS A 67 -11.51 4.93 34.76
C LYS A 67 -11.41 4.77 33.26
N ASN A 68 -12.49 4.29 32.64
CA ASN A 68 -12.52 4.07 31.21
C ASN A 68 -12.65 5.40 30.48
N ASN A 69 -11.70 5.67 29.59
CA ASN A 69 -11.73 6.90 28.81
C ASN A 69 -12.62 6.79 27.61
N MET A 70 -13.11 5.60 27.30
CA MET A 70 -13.98 5.44 26.14
C MET A 70 -15.35 6.04 26.41
N VAL A 71 -15.82 5.96 27.65
CA VAL A 71 -17.12 6.52 27.99
C VAL A 71 -17.08 8.03 28.02
N GLU A 72 -15.89 8.62 28.15
CA GLU A 72 -15.76 10.07 28.13
C GLU A 72 -15.92 10.61 26.72
N GLN A 73 -15.82 9.75 25.71
CA GLN A 73 -15.99 10.12 24.33
C GLN A 73 -17.43 10.04 23.89
N MET A 74 -18.13 8.97 24.28
CA MET A 74 -19.54 8.82 23.93
C MET A 74 -20.34 9.98 24.49
N HIS A 75 -20.01 10.40 25.71
CA HIS A 75 -20.68 11.52 26.32
C HIS A 75 -20.45 12.81 25.57
N THR A 76 -19.34 12.94 24.87
CA THR A 76 -19.08 14.13 24.08
C THR A 76 -19.56 13.96 22.65
N ASP A 77 -20.02 12.78 22.28
CA ASP A 77 -20.57 12.53 20.96
C ASP A 77 -22.08 12.58 21.00
N ILE A 78 -22.65 12.59 22.19
CA ILE A 78 -24.09 12.71 22.36
C ILE A 78 -24.47 14.16 22.55
N ILE A 79 -23.64 14.94 23.25
CA ILE A 79 -23.88 16.36 23.44
C ILE A 79 -23.89 17.06 22.09
N SER A 80 -23.09 16.57 21.15
CA SER A 80 -23.07 17.11 19.81
C SER A 80 -24.30 16.70 19.00
N LEU A 81 -25.09 15.76 19.51
CA LEU A 81 -26.32 15.35 18.84
C LEU A 81 -27.50 16.14 19.33
N TRP A 82 -27.50 16.53 20.59
CA TRP A 82 -28.57 17.30 21.19
C TRP A 82 -28.52 18.76 20.76
N ASP A 83 -27.39 19.19 20.21
CA ASP A 83 -27.27 20.54 19.68
C ASP A 83 -27.67 20.56 18.23
N GLN A 84 -28.05 19.42 17.69
CA GLN A 84 -28.51 19.26 16.32
C GLN A 84 -29.91 18.72 16.27
N SER A 85 -30.48 18.39 17.42
CA SER A 85 -31.80 17.79 17.50
C SER A 85 -32.86 18.70 18.10
N LEU A 86 -32.69 19.05 19.37
CA LEU A 86 -33.66 19.84 20.09
C LEU A 86 -33.08 21.21 20.31
N LYS A 87 -33.39 22.11 19.41
CA LYS A 87 -32.89 23.44 19.59
C LYS A 87 -33.78 24.17 20.58
N PRO A 88 -33.24 24.69 21.66
CA PRO A 88 -34.07 25.36 22.65
C PRO A 88 -34.51 26.73 22.21
N CYS A 89 -35.67 27.14 22.71
CA CYS A 89 -36.18 28.46 22.39
C CYS A 89 -35.35 29.51 23.10
N VAL A 90 -35.03 29.28 24.36
CA VAL A 90 -34.21 30.16 25.17
C VAL A 90 -33.21 29.27 25.88
N LYS A 91 -31.94 29.43 25.58
CA LYS A 91 -30.90 28.61 26.19
C LYS A 91 -30.15 29.49 27.17
N LEU A 92 -30.65 29.53 28.40
CA LEU A 92 -30.02 30.33 29.45
C LEU A 92 -28.87 29.54 30.05
N THR A 93 -27.64 30.03 29.86
CA THR A 93 -26.47 29.36 30.38
C THR A 93 -25.55 30.33 31.11
N PRO A 94 -24.90 29.90 32.18
CA PRO A 94 -24.02 30.81 32.92
C PRO A 94 -22.71 31.04 32.20
N LEU A 95 -22.08 32.17 32.55
CA LEU A 95 -20.80 32.56 31.97
C LEU A 95 -20.14 33.54 32.94
N CYS A 96 -19.01 33.14 33.50
CA CYS A 96 -18.30 33.98 34.45
C CYS A 96 -17.10 34.67 33.80
N VAL A 97 -16.61 35.69 34.49
CA VAL A 97 -15.47 36.49 34.06
C VAL A 97 -14.34 36.24 35.06
N THR A 98 -13.10 36.20 34.57
CA THR A 98 -11.93 35.95 35.40
C THR A 98 -11.65 37.14 36.30
N LEU A 99 -12.34 37.17 37.44
CA LEU A 99 -12.18 38.21 38.44
C LEU A 99 -12.13 37.52 39.80
N ASN A 100 -11.03 37.72 40.51
CA ASN A 100 -10.81 37.10 41.80
C ASN A 100 -11.78 37.63 42.87
N CYS A 101 -11.95 36.85 43.92
CA CYS A 101 -12.81 37.16 45.04
C CYS A 101 -12.40 36.37 46.26
N LEU A 163 -16.87 39.99 44.42
CA LEU A 163 -17.99 39.95 43.48
C LEU A 163 -17.50 39.56 42.09
N ILE A 164 -17.59 38.27 41.77
CA ILE A 164 -17.15 37.79 40.46
C ILE A 164 -18.24 38.12 39.45
N ASN A 165 -17.84 38.63 38.29
CA ASN A 165 -18.79 38.95 37.25
C ASN A 165 -19.23 37.65 36.58
N CYS A 166 -20.47 37.23 36.85
CA CYS A 166 -21.04 36.01 36.28
C CYS A 166 -22.42 36.36 35.73
N ASN A 167 -22.45 36.85 34.51
CA ASN A 167 -23.70 37.23 33.86
C ASN A 167 -24.12 36.13 32.90
N THR A 168 -25.42 35.88 32.85
CA THR A 168 -25.96 34.85 31.97
C THR A 168 -25.88 35.31 30.52
N SER A 169 -25.89 34.34 29.61
CA SER A 169 -25.84 34.62 28.18
C SER A 169 -26.90 33.77 27.53
N ALA A 170 -27.99 34.40 27.13
CA ALA A 170 -29.11 33.67 26.52
C ALA A 170 -28.96 33.65 25.01
N ILE A 171 -29.57 32.65 24.40
CA ILE A 171 -29.57 32.43 22.97
C ILE A 171 -30.99 32.10 22.55
N THR A 172 -31.49 32.78 21.53
CA THR A 172 -32.84 32.56 21.04
C THR A 172 -32.76 31.88 19.67
N GLN A 173 -33.33 30.70 19.56
CA GLN A 173 -33.31 29.93 18.32
C GLN A 173 -34.72 29.47 17.97
N ALA A 174 -34.90 29.07 16.73
CA ALA A 174 -36.20 28.55 16.29
C ALA A 174 -36.41 27.19 16.93
N CYS A 175 -37.66 26.89 17.28
CA CYS A 175 -37.99 25.62 17.94
C CYS A 175 -38.96 24.77 17.14
N PRO A 176 -38.50 24.00 16.17
CA PRO A 176 -39.43 23.14 15.44
C PRO A 176 -39.59 21.80 16.13
N LYS A 177 -40.84 21.37 16.30
CA LYS A 177 -41.11 20.09 16.94
C LYS A 177 -40.73 19.00 15.96
N VAL A 178 -39.65 18.29 16.27
CA VAL A 178 -39.14 17.24 15.40
C VAL A 178 -39.42 15.88 16.00
N SER A 179 -39.28 14.86 15.17
CA SER A 179 -39.46 13.49 15.60
C SER A 179 -38.28 13.10 16.48
N PHE A 180 -38.46 12.08 17.32
CA PHE A 180 -37.37 11.70 18.20
C PHE A 180 -37.45 10.22 18.54
N GLU A 181 -36.39 9.48 18.22
CA GLU A 181 -36.29 8.06 18.49
C GLU A 181 -34.83 7.63 18.45
N PRO A 182 -34.35 6.92 19.46
CA PRO A 182 -32.95 6.48 19.43
C PRO A 182 -32.72 5.38 18.41
N ILE A 183 -31.45 5.17 18.10
CA ILE A 183 -30.99 4.18 17.13
C ILE A 183 -29.75 3.51 17.71
N PRO A 184 -29.61 2.18 17.62
CA PRO A 184 -28.41 1.53 18.18
C PRO A 184 -27.18 1.85 17.36
N ILE A 185 -26.15 2.35 18.03
CA ILE A 185 -24.90 2.69 17.38
C ILE A 185 -23.86 1.69 17.83
N HIS A 186 -22.76 1.63 17.11
CA HIS A 186 -21.66 0.72 17.41
C HIS A 186 -20.35 1.48 17.37
N TYR A 187 -19.65 1.55 18.48
CA TYR A 187 -18.37 2.20 18.48
C TYR A 187 -17.31 1.24 17.99
N CYS A 188 -16.63 1.62 16.92
CA CYS A 188 -15.61 0.77 16.31
C CYS A 188 -14.22 1.35 16.52
N ALA A 189 -13.24 0.48 16.61
CA ALA A 189 -11.85 0.85 16.80
C ALA A 189 -11.27 1.40 15.51
N PRO A 190 -10.36 2.36 15.59
CA PRO A 190 -9.77 2.92 14.38
C PRO A 190 -8.71 1.99 13.84
N ALA A 191 -8.07 2.41 12.75
CA ALA A 191 -7.04 1.61 12.12
C ALA A 191 -5.78 1.59 12.97
N GLY A 192 -5.42 0.41 13.47
CA GLY A 192 -4.23 0.24 14.28
C GLY A 192 -4.48 -0.15 15.72
N PHE A 193 -5.71 -0.08 16.20
CA PHE A 193 -6.03 -0.42 17.58
C PHE A 193 -7.01 -1.58 17.61
N ALA A 194 -7.32 -2.06 18.81
CA ALA A 194 -8.24 -3.16 18.97
C ALA A 194 -9.05 -2.95 20.23
N ILE A 195 -10.19 -3.61 20.30
CA ILE A 195 -11.10 -3.51 21.44
C ILE A 195 -11.25 -4.86 22.10
N LEU A 196 -10.91 -4.95 23.38
CA LEU A 196 -11.06 -6.19 24.12
C LEU A 196 -12.47 -6.28 24.66
N LYS A 197 -12.86 -7.47 25.10
CA LYS A 197 -14.22 -7.67 25.59
C LYS A 197 -14.29 -8.86 26.53
N CYS A 198 -14.72 -8.63 27.78
CA CYS A 198 -14.87 -9.76 28.68
C CYS A 198 -16.14 -10.51 28.35
N LYS A 199 -16.19 -11.76 28.76
CA LYS A 199 -17.34 -12.60 28.50
C LYS A 199 -17.85 -13.31 29.73
N ASP A 200 -17.36 -12.95 30.92
CA ASP A 200 -17.82 -13.57 32.15
C ASP A 200 -19.25 -13.14 32.41
N LYS A 201 -20.05 -14.08 32.93
CA LYS A 201 -21.45 -13.77 33.19
C LYS A 201 -21.66 -12.89 34.41
N LYS A 202 -20.62 -12.65 35.20
CA LYS A 202 -20.70 -11.78 36.36
C LYS A 202 -19.90 -10.51 36.15
N PHE A 203 -18.62 -10.66 35.83
CA PHE A 203 -17.61 -9.66 35.50
C PHE A 203 -17.21 -8.71 36.64
N ASN A 204 -18.07 -8.56 37.67
CA ASN A 204 -17.83 -7.80 38.90
C ASN A 204 -17.55 -6.30 38.74
N GLY A 205 -17.28 -5.81 37.53
CA GLY A 205 -16.97 -4.41 37.37
C GLY A 205 -15.49 -4.16 37.13
N THR A 206 -14.75 -3.70 38.13
CA THR A 206 -13.33 -3.42 37.97
C THR A 206 -12.46 -4.62 38.34
N GLY A 207 -12.95 -5.83 38.10
CA GLY A 207 -12.19 -7.03 38.40
C GLY A 207 -11.73 -7.73 37.14
N PRO A 208 -10.57 -8.38 37.20
CA PRO A 208 -10.06 -9.07 36.01
C PRO A 208 -10.83 -10.35 35.72
N CYS A 209 -11.26 -10.51 34.46
CA CYS A 209 -11.99 -11.69 34.06
C CYS A 209 -11.00 -12.60 33.33
N PRO A 210 -11.48 -13.72 32.82
CA PRO A 210 -10.61 -14.66 32.12
C PRO A 210 -11.04 -14.97 30.69
N SER A 211 -12.32 -14.82 30.36
CA SER A 211 -12.76 -15.13 29.02
C SER A 211 -12.76 -13.86 28.18
N VAL A 212 -11.55 -13.36 27.94
CA VAL A 212 -11.34 -12.14 27.18
C VAL A 212 -11.28 -12.49 25.71
N SER A 213 -12.07 -11.80 24.90
CA SER A 213 -12.09 -12.00 23.46
C SER A 213 -12.04 -10.63 22.81
N THR A 214 -11.36 -10.55 21.68
CA THR A 214 -11.23 -9.29 20.98
C THR A 214 -12.24 -9.17 19.85
N VAL A 215 -12.66 -7.94 19.60
CA VAL A 215 -13.60 -7.59 18.56
C VAL A 215 -13.10 -6.32 17.90
N GLN A 216 -13.92 -5.77 17.02
CA GLN A 216 -13.59 -4.53 16.36
C GLN A 216 -14.67 -3.48 16.53
N CYS A 217 -15.88 -3.88 16.90
CA CYS A 217 -16.99 -2.97 17.09
C CYS A 217 -17.83 -3.50 18.23
N THR A 218 -18.39 -2.59 19.04
CA THR A 218 -19.21 -3.01 20.15
C THR A 218 -20.58 -3.41 19.67
N HIS A 219 -21.40 -3.88 20.61
CA HIS A 219 -22.74 -4.29 20.29
C HIS A 219 -23.65 -3.08 20.15
N GLY A 220 -24.95 -3.33 20.01
CA GLY A 220 -25.92 -2.26 19.87
C GLY A 220 -26.08 -1.42 21.10
N ILE A 221 -25.77 -0.13 20.99
CA ILE A 221 -25.86 0.79 22.11
C ILE A 221 -26.84 1.90 21.76
N LYS A 222 -27.86 2.06 22.57
CA LYS A 222 -28.80 3.12 22.29
C LYS A 222 -28.45 4.35 23.13
N PRO A 223 -28.53 5.53 22.57
CA PRO A 223 -28.17 6.74 23.30
C PRO A 223 -29.24 7.30 24.21
N VAL A 224 -30.15 6.46 24.73
CA VAL A 224 -31.24 6.92 25.58
C VAL A 224 -30.71 7.68 26.80
N VAL A 225 -31.29 8.85 27.04
CA VAL A 225 -30.92 9.73 28.15
C VAL A 225 -32.06 9.68 29.15
N SER A 226 -31.80 9.11 30.32
CA SER A 226 -32.84 9.04 31.32
C SER A 226 -32.22 8.96 32.71
N THR A 227 -33.04 9.13 33.72
CA THR A 227 -32.61 9.08 35.10
C THR A 227 -33.50 8.12 35.89
N GLN A 228 -32.91 7.53 36.93
CA GLN A 228 -33.48 6.59 37.90
C GLN A 228 -33.86 5.23 37.37
N LEU A 229 -33.93 5.07 36.06
CA LEU A 229 -34.30 3.80 35.47
C LEU A 229 -33.68 3.76 34.09
N LEU A 230 -32.72 2.87 33.91
CA LEU A 230 -32.08 2.79 32.61
C LEU A 230 -33.05 2.11 31.66
N LEU A 231 -33.43 2.81 30.61
CA LEU A 231 -34.37 2.29 29.62
C LEU A 231 -33.69 1.34 28.66
N ASN A 232 -34.23 1.24 27.43
CA ASN A 232 -33.83 0.38 26.33
C ASN A 232 -32.35 0.03 26.29
N GLY A 233 -32.03 -1.25 26.23
CA GLY A 233 -30.64 -1.63 26.20
C GLY A 233 -30.49 -3.13 26.36
N SER A 234 -29.25 -3.53 26.64
CA SER A 234 -28.91 -4.93 26.78
C SER A 234 -29.22 -5.41 28.19
N LEU A 235 -29.58 -6.68 28.29
CA LEU A 235 -29.92 -7.31 29.54
C LEU A 235 -28.74 -8.13 30.05
N ALA A 236 -28.83 -8.58 31.30
CA ALA A 236 -27.78 -9.38 31.87
C ALA A 236 -27.79 -10.77 31.25
N GLU A 237 -26.73 -11.54 31.47
CA GLU A 237 -26.68 -12.86 30.86
C GLU A 237 -27.52 -13.87 31.62
N GLU A 238 -27.17 -14.15 32.87
CA GLU A 238 -27.92 -15.14 33.62
C GLU A 238 -28.44 -14.69 34.98
N GLU A 239 -27.85 -13.68 35.59
CA GLU A 239 -28.34 -13.30 36.91
C GLU A 239 -28.16 -11.80 37.10
N VAL A 240 -29.08 -11.20 37.87
CA VAL A 240 -29.03 -9.79 38.16
C VAL A 240 -27.78 -9.50 38.98
N MET A 241 -26.88 -8.72 38.40
CA MET A 241 -25.64 -8.36 39.05
C MET A 241 -25.67 -6.89 39.39
N ILE A 242 -24.94 -6.52 40.44
CA ILE A 242 -24.87 -5.14 40.85
C ILE A 242 -23.44 -4.69 40.65
N ARG A 243 -23.27 -3.44 40.28
CA ARG A 243 -21.96 -2.89 40.02
C ARG A 243 -21.86 -1.54 40.69
N SER A 244 -20.72 -1.28 41.31
CA SER A 244 -20.45 -0.02 41.97
C SER A 244 -18.95 0.10 42.08
N GLU A 245 -18.47 1.33 41.99
CA GLU A 245 -17.03 1.56 42.07
C GLU A 245 -16.48 1.19 43.43
N ASN A 246 -17.23 1.50 44.49
CA ASN A 246 -16.83 1.17 45.85
C ASN A 246 -18.06 1.25 46.72
N ILE A 247 -18.36 0.14 47.40
CA ILE A 247 -19.51 0.06 48.28
C ILE A 247 -19.08 0.63 49.63
N THR A 248 -20.04 0.78 50.54
CA THR A 248 -19.88 1.26 51.92
C THR A 248 -19.32 2.67 52.02
N ASN A 249 -19.30 3.44 50.95
CA ASN A 249 -18.78 4.80 51.01
C ASN A 249 -19.85 5.81 50.60
N ASN A 250 -21.08 5.33 50.38
CA ASN A 250 -22.33 6.04 50.04
C ASN A 250 -22.17 7.30 49.18
N ALA A 251 -21.31 7.20 48.18
CA ALA A 251 -21.10 8.34 47.31
C ALA A 251 -21.20 7.88 45.87
N LYS A 252 -20.71 6.68 45.61
CA LYS A 252 -20.75 6.12 44.28
C LYS A 252 -22.11 5.48 44.04
N ASN A 253 -22.67 5.71 42.87
CA ASN A 253 -23.95 5.13 42.55
C ASN A 253 -23.81 3.65 42.26
N ILE A 254 -24.83 2.89 42.61
CA ILE A 254 -24.82 1.45 42.40
C ILE A 254 -25.64 1.14 41.16
N LEU A 255 -24.99 0.62 40.14
CA LEU A 255 -25.65 0.27 38.89
C LEU A 255 -26.16 -1.15 39.02
N VAL A 256 -27.46 -1.33 38.82
CA VAL A 256 -28.10 -2.64 38.92
C VAL A 256 -28.59 -3.02 37.54
N GLN A 257 -28.09 -4.14 37.03
CA GLN A 257 -28.49 -4.62 35.71
C GLN A 257 -29.44 -5.79 35.88
N PHE A 258 -30.57 -5.74 35.18
CA PHE A 258 -31.56 -6.81 35.26
C PHE A 258 -31.32 -7.88 34.19
N ASN A 259 -31.81 -9.08 34.48
CA ASN A 259 -31.69 -10.20 33.55
C ASN A 259 -32.98 -10.48 32.82
N THR A 260 -34.02 -9.69 33.06
CA THR A 260 -35.31 -9.87 32.42
C THR A 260 -35.87 -8.48 32.14
N PRO A 261 -36.38 -8.30 30.92
CA PRO A 261 -36.90 -7.02 30.48
C PRO A 261 -38.22 -6.67 31.16
N VAL A 262 -38.20 -5.66 32.02
CA VAL A 262 -39.41 -5.17 32.66
C VAL A 262 -40.00 -4.13 31.74
N GLN A 263 -41.22 -4.33 31.29
CA GLN A 263 -41.80 -3.38 30.35
C GLN A 263 -42.49 -2.22 31.05
N ILE A 264 -42.79 -1.21 30.25
CA ILE A 264 -43.45 0.02 30.68
C ILE A 264 -44.08 0.69 29.47
N ASN A 265 -45.30 1.16 29.62
CA ASN A 265 -46.03 1.83 28.56
C ASN A 265 -46.49 3.17 29.10
N CYS A 266 -46.19 4.25 28.38
CA CYS A 266 -46.53 5.60 28.79
C CYS A 266 -47.33 6.29 27.71
N THR A 267 -48.57 6.68 28.02
CA THR A 267 -49.44 7.34 27.06
C THR A 267 -50.24 8.49 27.65
N ARG A 268 -50.91 9.19 26.74
CA ARG A 268 -51.87 10.29 26.82
C ARG A 268 -52.50 10.36 25.43
N PRO A 269 -53.65 9.69 25.19
CA PRO A 269 -54.22 9.71 23.82
C PRO A 269 -54.62 11.09 23.34
N ASN A 270 -55.77 11.61 23.74
CA ASN A 270 -56.07 13.00 23.42
C ASN A 270 -56.72 13.60 24.64
N ASN A 271 -58.02 13.34 24.82
CA ASN A 271 -58.95 13.57 25.92
C ASN A 271 -58.61 14.56 27.04
N ASN A 272 -57.67 15.48 26.85
CA ASN A 272 -57.32 16.41 27.93
C ASN A 272 -56.86 17.73 27.36
N THR A 273 -57.58 18.26 26.39
CA THR A 273 -57.25 19.52 25.72
C THR A 273 -57.43 20.76 26.65
N ARG A 274 -57.78 20.56 27.91
CA ARG A 274 -57.92 21.63 28.89
C ARG A 274 -56.54 22.20 29.14
N LYS A 275 -56.29 23.38 28.57
CA LYS A 275 -54.99 24.02 28.69
C LYS A 275 -54.71 24.50 30.11
N SER A 276 -55.48 25.44 30.59
CA SER A 276 -55.28 25.96 31.93
C SER A 276 -56.46 25.57 32.81
N ILE A 277 -56.42 26.02 34.06
CA ILE A 277 -57.45 25.76 35.05
C ILE A 277 -58.13 27.06 35.47
N ARG A 278 -57.33 28.08 35.76
CA ARG A 278 -57.84 29.37 36.18
C ARG A 278 -56.82 30.43 35.80
N ILE A 279 -57.29 31.62 35.46
CA ILE A 279 -56.41 32.71 35.07
C ILE A 279 -56.24 33.70 36.20
N ASP A 294 -56.06 17.59 31.68
CA ASP A 294 -55.07 18.65 31.44
C ASP A 294 -54.05 18.16 30.43
N ILE A 295 -53.63 19.06 29.53
CA ILE A 295 -52.66 18.71 28.49
C ILE A 295 -51.28 18.40 29.06
N ARG A 296 -51.00 18.88 30.28
CA ARG A 296 -49.73 18.63 30.95
C ARG A 296 -49.80 17.38 31.82
N GLN A 297 -50.59 16.39 31.42
CA GLN A 297 -50.70 15.19 32.24
C GLN A 297 -50.54 13.96 31.37
N ALA A 298 -49.92 12.94 31.94
CA ALA A 298 -49.68 11.67 31.28
C ALA A 298 -49.50 10.63 32.37
N HIS A 299 -49.50 9.36 31.98
CA HIS A 299 -49.37 8.28 32.95
C HIS A 299 -48.62 7.11 32.34
N CYS A 300 -48.12 6.24 33.23
CA CYS A 300 -47.40 5.04 32.84
C CYS A 300 -47.91 3.87 33.66
N ASN A 301 -47.72 2.66 33.15
CA ASN A 301 -48.15 1.45 33.82
C ASN A 301 -47.02 0.42 33.84
N VAL A 302 -46.87 -0.24 34.99
CA VAL A 302 -45.85 -1.25 35.21
C VAL A 302 -46.54 -2.52 35.69
N SER A 303 -46.19 -3.66 35.09
CA SER A 303 -46.77 -4.95 35.45
C SER A 303 -46.29 -5.35 36.83
N LYS A 304 -47.14 -5.14 37.84
CA LYS A 304 -46.82 -5.46 39.24
C LYS A 304 -46.52 -6.93 39.43
N ALA A 305 -47.23 -7.81 38.73
CA ALA A 305 -46.99 -9.24 38.87
C ALA A 305 -45.67 -9.67 38.25
N THR A 306 -45.10 -8.85 37.39
CA THR A 306 -43.82 -9.15 36.76
C THR A 306 -42.69 -8.37 37.39
N TRP A 307 -42.98 -7.14 37.82
CA TRP A 307 -41.97 -6.28 38.42
C TRP A 307 -41.54 -6.74 39.80
N ASN A 308 -42.40 -7.44 40.54
CA ASN A 308 -42.01 -7.89 41.87
C ASN A 308 -40.98 -8.99 41.80
N GLU A 309 -40.96 -9.76 40.71
CA GLU A 309 -40.00 -10.84 40.54
C GLU A 309 -38.60 -10.30 40.42
N THR A 310 -38.42 -9.29 39.59
CA THR A 310 -37.11 -8.68 39.39
C THR A 310 -36.68 -7.91 40.62
N LEU A 311 -37.62 -7.29 41.33
CA LEU A 311 -37.25 -6.60 42.55
C LEU A 311 -36.91 -7.61 43.64
N GLY A 312 -37.57 -8.76 43.62
CA GLY A 312 -37.30 -9.81 44.58
C GLY A 312 -35.92 -10.41 44.43
N LYS A 313 -35.30 -10.26 43.28
CA LYS A 313 -33.97 -10.77 43.06
C LYS A 313 -32.92 -9.73 43.41
N VAL A 314 -33.27 -8.45 43.33
CA VAL A 314 -32.35 -7.37 43.67
C VAL A 314 -32.07 -7.38 45.17
N VAL A 315 -33.12 -7.56 45.97
CA VAL A 315 -32.95 -7.61 47.41
C VAL A 315 -32.22 -8.89 47.81
N LYS A 316 -32.27 -9.91 46.96
CA LYS A 316 -31.56 -11.15 47.25
C LYS A 316 -30.07 -10.96 47.05
N GLN A 317 -29.68 -10.02 46.19
CA GLN A 317 -28.28 -9.72 45.93
C GLN A 317 -27.75 -8.68 46.91
N LEU A 318 -28.57 -7.68 47.23
CA LEU A 318 -28.15 -6.64 48.16
C LEU A 318 -27.98 -7.18 49.57
N ARG A 319 -28.77 -8.18 49.94
CA ARG A 319 -28.62 -8.75 51.28
C ARG A 319 -27.37 -9.62 51.35
N LYS A 320 -26.81 -10.03 50.22
CA LYS A 320 -25.58 -10.79 50.24
C LYS A 320 -24.39 -9.91 50.60
N HIS A 321 -24.54 -8.60 50.44
CA HIS A 321 -23.52 -7.64 50.80
C HIS A 321 -23.71 -7.14 52.23
N PHE A 322 -24.93 -7.25 52.75
CA PHE A 322 -25.26 -6.80 54.10
C PHE A 322 -26.28 -7.82 54.62
N GLY A 323 -25.76 -8.88 55.25
CA GLY A 323 -26.62 -9.94 55.82
C GLY A 323 -26.49 -9.98 57.33
N ASN A 324 -26.45 -8.79 57.95
CA ASN A 324 -25.99 -8.65 59.35
C ASN A 324 -26.94 -7.75 60.18
N ASN A 325 -28.13 -8.26 60.51
CA ASN A 325 -29.16 -7.57 61.37
C ASN A 325 -29.71 -6.31 60.68
N THR A 326 -29.11 -5.94 59.55
CA THR A 326 -29.51 -4.81 58.70
C THR A 326 -30.61 -5.35 57.80
N ILE A 327 -31.30 -4.39 57.23
CA ILE A 327 -32.61 -4.48 56.60
C ILE A 327 -32.69 -3.60 55.35
N ILE A 328 -33.09 -4.20 54.23
CA ILE A 328 -33.23 -3.49 52.97
C ILE A 328 -34.49 -2.65 53.00
N ARG A 329 -34.35 -1.32 53.01
CA ARG A 329 -35.50 -0.45 53.06
C ARG A 329 -35.46 0.55 51.90
N PHE A 330 -36.32 0.37 50.90
CA PHE A 330 -36.32 1.31 49.81
C PHE A 330 -37.07 2.58 50.23
N ALA A 331 -36.87 3.64 49.47
CA ALA A 331 -37.48 4.92 49.79
C ALA A 331 -37.51 5.75 48.52
N ASN A 332 -38.19 6.89 48.58
CA ASN A 332 -38.24 7.79 47.45
C ASN A 332 -36.97 8.63 47.44
N SER A 333 -36.90 9.61 46.55
CA SER A 333 -35.71 10.45 46.49
C SER A 333 -35.63 11.36 47.71
N SER A 334 -34.43 11.88 47.96
CA SER A 334 -34.21 12.76 49.10
C SER A 334 -34.29 14.23 48.72
N GLY A 335 -34.79 14.56 47.55
CA GLY A 335 -34.92 15.93 47.12
C GLY A 335 -33.80 16.38 46.20
N GLY A 336 -33.98 17.57 45.66
CA GLY A 336 -33.02 18.17 44.76
C GLY A 336 -33.69 18.76 43.55
N ASP A 337 -33.08 18.60 42.39
CA ASP A 337 -33.63 19.12 41.16
C ASP A 337 -34.77 18.23 40.67
N LEU A 338 -35.75 18.78 39.94
CA LEU A 338 -36.86 17.96 39.45
C LEU A 338 -36.50 16.88 38.46
N GLU A 339 -35.30 16.90 37.90
CA GLU A 339 -34.87 15.86 36.98
C GLU A 339 -34.24 14.69 37.71
N VAL A 340 -34.07 14.81 39.02
CA VAL A 340 -33.49 13.76 39.84
C VAL A 340 -34.52 13.15 40.78
N THR A 341 -35.38 14.00 41.34
CA THR A 341 -36.41 13.54 42.27
C THR A 341 -37.37 12.59 41.57
N THR A 342 -37.66 12.85 40.31
CA THR A 342 -38.55 11.99 39.56
C THR A 342 -37.81 11.36 38.39
N HIS A 343 -38.52 10.47 37.72
CA HIS A 343 -37.99 9.82 36.53
C HIS A 343 -38.04 10.84 35.41
N SER A 344 -37.19 10.69 34.40
CA SER A 344 -37.21 11.67 33.32
C SER A 344 -36.75 11.03 32.03
N PHE A 345 -37.63 10.93 31.05
CA PHE A 345 -37.26 10.37 29.77
C PHE A 345 -37.92 11.22 28.71
N ASN A 346 -37.59 10.98 27.44
CA ASN A 346 -38.13 11.80 26.37
C ASN A 346 -38.77 10.96 25.27
N CYS A 347 -39.84 11.48 24.66
CA CYS A 347 -40.55 10.82 23.56
C CYS A 347 -41.11 11.92 22.66
N GLY A 348 -40.39 12.25 21.61
CA GLY A 348 -40.83 13.26 20.66
C GLY A 348 -40.90 14.63 21.29
N GLY A 349 -39.90 15.00 22.07
CA GLY A 349 -39.91 16.30 22.70
C GLY A 349 -40.76 16.39 23.93
N GLU A 350 -41.45 15.33 24.30
CA GLU A 350 -42.29 15.32 25.48
C GLU A 350 -41.36 14.92 26.61
N PHE A 351 -41.09 15.83 27.53
CA PHE A 351 -40.15 15.54 28.61
C PHE A 351 -40.93 15.08 29.83
N PHE A 352 -41.23 13.80 29.83
CA PHE A 352 -42.00 13.16 30.89
C PHE A 352 -41.25 13.17 32.21
N TYR A 353 -41.84 13.73 33.23
CA TYR A 353 -41.26 13.72 34.57
C TYR A 353 -42.21 12.89 35.40
N CYS A 354 -41.96 11.59 35.45
CA CYS A 354 -42.82 10.63 36.13
C CYS A 354 -42.48 10.47 37.61
N ASN A 355 -43.46 10.72 38.47
CA ASN A 355 -43.32 10.57 39.91
C ASN A 355 -43.19 9.10 40.23
N THR A 356 -42.06 8.68 40.78
CA THR A 356 -41.86 7.26 41.08
C THR A 356 -42.00 6.90 42.55
N SER A 357 -42.75 7.65 43.34
CA SER A 357 -42.93 7.25 44.72
C SER A 357 -43.75 5.96 44.88
N GLY A 358 -44.79 5.60 44.02
CA GLY A 358 -45.43 4.31 44.27
C GLY A 358 -44.71 3.16 43.61
N LEU A 359 -43.38 3.19 43.66
CA LEU A 359 -42.56 2.13 43.12
C LEU A 359 -41.37 1.85 44.02
N PHE A 360 -41.03 2.75 44.93
CA PHE A 360 -39.91 2.57 45.84
C PHE A 360 -40.33 2.80 47.29
N ASN A 361 -41.62 2.91 47.57
CA ASN A 361 -42.08 3.18 48.93
C ASN A 361 -41.94 2.00 49.88
N SER A 362 -42.00 0.79 49.35
CA SER A 362 -41.98 -0.42 50.15
C SER A 362 -40.69 -0.70 50.90
N THR A 363 -40.84 -1.12 52.14
CA THR A 363 -39.74 -1.56 52.99
C THR A 363 -39.61 -3.04 52.72
N TRP A 364 -38.43 -3.60 52.93
CA TRP A 364 -38.27 -4.99 52.60
C TRP A 364 -37.50 -5.79 53.62
N ILE A 365 -37.71 -7.10 53.50
CA ILE A 365 -37.12 -8.17 54.25
C ILE A 365 -37.18 -9.35 53.29
N SER A 366 -37.11 -10.57 53.79
CA SER A 366 -37.24 -11.71 52.90
C SER A 366 -38.65 -11.85 52.33
N ASN A 367 -39.64 -11.16 52.92
CA ASN A 367 -41.02 -11.18 52.48
C ASN A 367 -41.39 -9.83 51.87
N THR A 368 -42.52 -9.83 51.16
CA THR A 368 -43.03 -8.66 50.47
C THR A 368 -43.83 -7.75 51.38
N SER A 369 -43.98 -6.50 50.95
CA SER A 369 -44.77 -5.49 51.66
C SER A 369 -45.45 -4.57 50.62
N VAL A 370 -45.78 -5.10 49.45
CA VAL A 370 -46.42 -4.26 48.43
C VAL A 370 -47.94 -4.30 48.53
N GLN A 371 -48.53 -5.46 48.25
CA GLN A 371 -49.96 -5.73 48.25
C GLN A 371 -50.15 -7.22 47.96
N GLY A 372 -51.37 -7.70 48.26
CA GLY A 372 -51.84 -9.07 48.06
C GLY A 372 -50.94 -10.13 48.69
N ASP A 380 -51.18 -4.61 39.34
CA ASP A 380 -51.16 -5.05 37.95
C ASP A 380 -50.80 -3.87 37.06
N SER A 381 -51.52 -2.77 37.25
CA SER A 381 -51.36 -1.53 36.51
C SER A 381 -51.01 -0.45 37.50
N ILE A 382 -49.72 -0.27 37.78
CA ILE A 382 -49.28 0.76 38.70
C ILE A 382 -49.34 2.08 37.94
N THR A 383 -50.30 2.93 38.29
CA THR A 383 -50.45 4.22 37.59
C THR A 383 -49.32 5.14 37.99
N LEU A 384 -48.32 5.23 37.14
CA LEU A 384 -47.17 6.08 37.39
C LEU A 384 -47.55 7.44 36.80
N PRO A 385 -47.96 8.37 37.67
CA PRO A 385 -48.39 9.69 37.23
C PRO A 385 -47.22 10.48 36.67
N CYS A 386 -47.37 10.96 35.44
CA CYS A 386 -46.32 11.72 34.77
C CYS A 386 -46.83 13.11 34.43
N ARG A 387 -45.90 13.95 33.97
CA ARG A 387 -46.24 15.33 33.65
C ARG A 387 -45.24 15.92 32.69
N ILE A 388 -45.72 16.45 31.57
CA ILE A 388 -44.85 17.08 30.58
C ILE A 388 -44.40 18.42 31.12
N LYS A 389 -43.12 18.72 31.00
CA LYS A 389 -42.61 19.99 31.48
C LYS A 389 -42.10 20.81 30.31
N GLN A 390 -41.81 22.08 30.59
CA GLN A 390 -41.32 22.98 29.55
C GLN A 390 -40.03 23.69 29.91
N ILE A 391 -39.80 24.03 31.16
CA ILE A 391 -38.55 24.65 31.58
C ILE A 391 -37.77 23.57 32.27
N ILE A 392 -36.71 23.11 31.63
CA ILE A 392 -35.89 22.02 32.13
C ILE A 392 -34.52 22.53 32.51
N ASN A 393 -33.73 21.63 33.08
CA ASN A 393 -32.34 21.86 33.45
C ASN A 393 -31.57 20.91 32.55
N MET A 394 -30.65 21.46 31.77
CA MET A 394 -29.89 20.64 30.84
C MET A 394 -28.96 19.68 31.56
N TRP A 395 -28.80 18.51 30.98
CA TRP A 395 -27.92 17.48 31.50
C TRP A 395 -26.53 17.61 30.94
N GLN A 396 -26.39 18.38 29.87
CA GLN A 396 -25.15 18.62 29.15
C GLN A 396 -24.44 19.87 29.63
N ARG A 397 -24.50 20.12 30.93
CA ARG A 397 -23.89 21.28 31.54
C ARG A 397 -24.91 22.02 32.37
N ILE A 398 -24.44 23.03 33.09
CA ILE A 398 -25.37 23.79 33.90
C ILE A 398 -26.15 24.74 33.00
N GLY A 399 -27.30 25.17 33.48
CA GLY A 399 -28.09 26.09 32.69
C GLY A 399 -29.46 25.55 32.30
N GLN A 400 -30.46 26.40 32.46
CA GLN A 400 -31.83 26.05 32.13
C GLN A 400 -32.07 26.11 30.63
N ALA A 401 -33.29 25.78 30.25
CA ALA A 401 -33.70 25.79 28.86
C ALA A 401 -35.22 25.92 28.84
N MET A 402 -35.78 26.12 27.67
CA MET A 402 -37.23 26.26 27.54
C MET A 402 -37.59 25.78 26.14
N TYR A 403 -38.44 24.76 26.06
CA TYR A 403 -38.82 24.22 24.76
C TYR A 403 -40.22 24.64 24.37
N ALA A 404 -40.63 24.21 23.19
CA ALA A 404 -41.93 24.50 22.63
C ALA A 404 -43.00 23.67 23.33
N PRO A 405 -44.24 24.19 23.39
CA PRO A 405 -45.34 23.46 24.06
C PRO A 405 -45.57 22.10 23.44
N PRO A 406 -46.15 21.16 24.20
CA PRO A 406 -46.32 19.79 23.70
C PRO A 406 -47.27 19.63 22.52
N ILE A 407 -47.14 18.44 21.92
CA ILE A 407 -47.95 18.02 20.79
C ILE A 407 -49.39 17.85 21.28
N GLN A 408 -50.33 17.90 20.33
CA GLN A 408 -51.76 17.78 20.61
C GLN A 408 -52.12 16.45 21.26
N GLY A 409 -51.81 15.32 20.63
CA GLY A 409 -52.15 14.05 21.22
C GLY A 409 -51.43 12.85 20.63
N VAL A 410 -51.76 11.69 21.20
CA VAL A 410 -51.25 10.36 20.84
C VAL A 410 -49.73 10.26 20.98
N ILE A 411 -49.27 10.32 22.22
CA ILE A 411 -47.86 10.21 22.57
C ILE A 411 -47.68 8.88 23.27
N ARG A 412 -46.99 7.92 22.63
CA ARG A 412 -46.81 6.60 23.21
C ARG A 412 -45.33 6.23 23.32
N CYS A 413 -44.96 5.58 24.41
CA CYS A 413 -43.58 5.16 24.66
C CYS A 413 -43.56 3.69 25.08
N VAL A 414 -43.47 2.77 24.12
CA VAL A 414 -43.45 1.33 24.42
C VAL A 414 -42.01 0.96 24.74
N SER A 415 -41.59 1.28 25.96
CA SER A 415 -40.23 1.06 26.40
C SER A 415 -39.99 -0.30 27.06
N ASN A 416 -38.84 -0.39 27.71
CA ASN A 416 -38.32 -1.54 28.44
C ASN A 416 -37.56 -0.95 29.61
N ILE A 417 -37.18 -1.79 30.56
CA ILE A 417 -36.38 -1.36 31.70
C ILE A 417 -35.33 -2.43 31.87
N THR A 418 -34.09 -2.09 31.58
CA THR A 418 -33.00 -3.03 31.70
C THR A 418 -32.13 -2.78 32.91
N GLY A 419 -32.00 -1.54 33.35
CA GLY A 419 -31.17 -1.22 34.48
C GLY A 419 -31.92 -0.49 35.57
N LEU A 420 -31.17 -0.06 36.58
CA LEU A 420 -31.70 0.65 37.73
C LEU A 420 -30.55 1.31 38.46
N ILE A 421 -30.64 2.61 38.69
CA ILE A 421 -29.60 3.35 39.39
C ILE A 421 -30.06 3.56 40.82
N LEU A 422 -29.24 3.15 41.77
CA LEU A 422 -29.58 3.26 43.19
C LEU A 422 -28.43 3.82 43.97
N THR A 423 -28.72 4.72 44.90
CA THR A 423 -27.70 5.28 45.77
C THR A 423 -27.79 4.53 47.10
N ARG A 424 -27.11 5.04 48.12
CA ARG A 424 -27.14 4.37 49.42
C ARG A 424 -27.00 5.43 50.49
N ASP A 425 -27.68 5.22 51.61
CA ASP A 425 -27.64 6.15 52.74
C ASP A 425 -27.04 5.45 53.95
N GLY A 426 -25.75 5.64 54.15
CA GLY A 426 -25.08 5.05 55.29
C GLY A 426 -24.79 6.10 56.34
N GLY A 427 -24.11 5.67 57.39
CA GLY A 427 -23.77 6.59 58.45
C GLY A 427 -23.73 5.93 59.79
N SER A 428 -23.44 6.74 60.81
CA SER A 428 -23.37 6.27 62.17
C SER A 428 -24.76 6.14 62.80
N THR A 429 -25.77 6.71 62.16
CA THR A 429 -27.15 6.63 62.63
C THR A 429 -27.86 5.42 62.03
N ASN A 430 -27.18 4.72 61.12
CA ASN A 430 -27.73 3.55 60.43
C ASN A 430 -27.86 2.43 61.46
N SER A 431 -29.08 2.25 61.97
CA SER A 431 -29.35 1.25 62.99
C SER A 431 -29.86 -0.05 62.37
N THR A 432 -28.94 -0.73 61.68
CA THR A 432 -29.26 -1.99 61.04
C THR A 432 -30.18 -1.90 59.85
N THR A 433 -30.12 -0.82 59.10
CA THR A 433 -30.97 -0.63 57.93
C THR A 433 -30.12 -0.45 56.67
N GLU A 434 -30.79 -0.43 55.53
CA GLU A 434 -30.17 -0.25 54.22
C GLU A 434 -31.15 0.55 53.38
N THR A 435 -30.84 1.82 53.16
CA THR A 435 -31.70 2.69 52.38
C THR A 435 -31.13 2.83 50.98
N PHE A 436 -31.96 2.53 49.98
CA PHE A 436 -31.55 2.61 48.58
C PHE A 436 -32.47 3.56 47.84
N ARG A 437 -32.14 4.82 47.87
CA ARG A 437 -32.92 5.83 47.20
C ARG A 437 -32.54 5.88 45.72
N PRO A 438 -33.46 6.26 44.85
CA PRO A 438 -33.11 6.35 43.43
C PRO A 438 -32.23 7.55 43.15
N GLY A 439 -31.20 7.33 42.35
CA GLY A 439 -30.28 8.39 42.03
C GLY A 439 -30.19 8.66 40.55
N GLY A 440 -28.96 8.70 40.03
CA GLY A 440 -28.75 8.96 38.63
C GLY A 440 -28.78 10.44 38.36
N GLY A 441 -28.40 10.79 37.14
CA GLY A 441 -28.34 12.16 36.71
C GLY A 441 -27.06 12.37 35.96
N ASP A 442 -26.01 11.71 36.41
CA ASP A 442 -24.73 11.78 35.73
C ASP A 442 -24.85 10.85 34.55
N MET A 443 -24.96 11.41 33.35
CA MET A 443 -25.12 10.60 32.16
C MET A 443 -23.90 9.75 31.85
N ARG A 444 -22.73 10.05 32.40
CA ARG A 444 -21.58 9.20 32.18
C ARG A 444 -21.83 7.85 32.84
N ASP A 445 -22.51 7.88 33.98
CA ASP A 445 -22.87 6.65 34.67
C ASP A 445 -23.93 5.90 33.90
N ASN A 446 -24.67 6.57 33.03
CA ASN A 446 -25.67 5.88 32.24
C ASN A 446 -24.99 5.05 31.16
N TRP A 447 -23.86 5.53 30.64
CA TRP A 447 -23.20 4.76 29.60
C TRP A 447 -22.14 3.82 30.14
N ARG A 448 -21.68 4.00 31.38
CA ARG A 448 -20.73 3.05 31.95
C ARG A 448 -21.39 1.73 32.19
N SER A 449 -22.71 1.72 32.31
CA SER A 449 -23.48 0.51 32.46
C SER A 449 -23.62 -0.21 31.15
N GLU A 450 -23.21 0.42 30.05
CA GLU A 450 -23.29 -0.16 28.73
C GLU A 450 -21.92 -0.48 28.16
N LEU A 451 -20.93 0.38 28.45
CA LEU A 451 -19.57 0.20 27.97
C LEU A 451 -18.68 -0.42 29.03
N TYR A 452 -19.20 -1.34 29.83
CA TYR A 452 -18.38 -1.95 30.86
C TYR A 452 -17.59 -3.12 30.31
N LYS A 453 -18.09 -3.76 29.26
CA LYS A 453 -17.41 -4.92 28.72
C LYS A 453 -16.21 -4.58 27.86
N TYR A 454 -16.08 -3.37 27.38
CA TYR A 454 -15.01 -3.06 26.44
C TYR A 454 -13.87 -2.27 27.07
N LYS A 455 -12.80 -2.15 26.27
CA LYS A 455 -11.55 -1.46 26.58
C LYS A 455 -10.77 -1.33 25.28
N VAL A 456 -10.18 -0.17 25.03
CA VAL A 456 -9.42 0.09 23.81
C VAL A 456 -7.94 -0.08 24.11
N VAL A 457 -7.30 -1.05 23.47
CA VAL A 457 -5.89 -1.32 23.68
C VAL A 457 -5.17 -1.26 22.35
N LYS A 458 -3.87 -1.01 22.44
CA LYS A 458 -3.00 -0.97 21.27
C LYS A 458 -2.01 -2.11 21.40
N ASP B 17 22.50 11.45 -4.28
CA ASP B 17 21.96 12.46 -5.17
C ASP B 17 21.14 11.75 -6.23
N ALA B 18 19.91 12.18 -6.40
CA ALA B 18 19.03 11.55 -7.36
C ALA B 18 18.90 12.40 -8.61
N GLU B 19 18.46 11.74 -9.68
CA GLU B 19 18.25 12.31 -10.99
C GLU B 19 16.84 12.04 -11.44
N THR B 20 15.87 12.38 -10.62
CA THR B 20 14.48 12.11 -10.93
C THR B 20 13.76 13.30 -11.55
N THR B 21 12.49 13.06 -11.85
CA THR B 21 11.58 14.05 -12.35
C THR B 21 10.79 14.56 -11.17
N LEU B 22 10.33 15.80 -11.27
CA LEU B 22 9.60 16.44 -10.20
C LEU B 22 8.28 16.94 -10.74
N PHE B 23 7.19 16.61 -10.08
CA PHE B 23 5.92 17.12 -10.57
C PHE B 23 5.71 18.53 -10.06
N CYS B 24 5.23 19.40 -10.93
CA CYS B 24 4.99 20.78 -10.54
C CYS B 24 3.71 20.86 -9.72
N ALA B 25 3.55 21.99 -9.03
CA ALA B 25 2.35 22.19 -8.20
C ALA B 25 2.09 23.69 -8.13
N SER B 26 1.19 24.18 -8.96
CA SER B 26 0.89 25.60 -8.96
C SER B 26 -0.59 25.84 -8.74
N ASP B 27 -0.91 27.02 -8.25
CA ASP B 27 -2.29 27.42 -7.97
C ASP B 27 -2.86 27.97 -9.27
N ALA B 28 -3.61 27.15 -9.98
CA ALA B 28 -4.20 27.54 -11.24
C ALA B 28 -5.59 28.12 -11.02
N LYS B 29 -6.32 28.30 -12.11
CA LYS B 29 -7.68 28.83 -12.14
C LYS B 29 -8.62 27.94 -12.93
N ALA B 30 -8.15 27.35 -14.04
CA ALA B 30 -8.87 26.46 -14.94
C ALA B 30 -10.08 27.09 -15.60
N TYR B 31 -10.22 28.42 -15.61
CA TYR B 31 -11.39 28.97 -16.29
C TYR B 31 -11.04 30.07 -17.27
N GLU B 32 -10.06 30.90 -16.96
CA GLU B 32 -9.70 32.00 -17.84
C GLU B 32 -8.92 31.51 -19.05
N THR B 33 -8.78 32.41 -20.01
CA THR B 33 -8.07 32.14 -21.25
C THR B 33 -6.58 32.46 -21.09
N GLU B 34 -6.12 32.64 -19.85
CA GLU B 34 -4.71 32.89 -19.60
C GLU B 34 -3.93 31.65 -19.98
N LYS B 35 -2.77 31.85 -20.62
CA LYS B 35 -1.98 30.73 -21.09
C LYS B 35 -1.46 29.88 -19.94
N HIS B 36 -0.80 30.50 -18.96
CA HIS B 36 -0.25 29.75 -17.83
C HIS B 36 -1.33 29.06 -17.03
N ASN B 37 -2.54 29.59 -17.00
CA ASN B 37 -3.59 28.88 -16.29
C ASN B 37 -4.06 27.68 -17.09
N VAL B 38 -3.93 27.73 -18.41
CA VAL B 38 -4.31 26.59 -19.24
C VAL B 38 -3.26 25.50 -19.11
N TRP B 39 -1.99 25.89 -19.13
CA TRP B 39 -0.91 24.92 -19.00
C TRP B 39 -0.88 24.29 -17.62
N ALA B 40 -1.08 25.09 -16.58
CA ALA B 40 -1.05 24.57 -15.22
C ALA B 40 -2.21 23.63 -14.95
N THR B 41 -3.33 23.81 -15.64
CA THR B 41 -4.45 22.92 -15.38
C THR B 41 -4.19 21.55 -16.01
N HIS B 42 -3.61 21.52 -17.20
CA HIS B 42 -3.37 20.24 -17.84
C HIS B 42 -2.15 19.50 -17.32
N ALA B 43 -1.16 20.17 -16.73
CA ALA B 43 -0.03 19.41 -16.20
C ALA B 43 0.59 20.19 -15.04
N CYS B 44 0.03 20.02 -13.85
CA CYS B 44 0.38 20.52 -12.52
C CYS B 44 -0.74 20.05 -11.59
N VAL B 45 -0.45 20.05 -10.30
CA VAL B 45 -1.43 19.65 -9.29
C VAL B 45 -1.67 20.86 -8.39
N PRO B 46 -2.69 20.91 -7.55
CA PRO B 46 -2.85 22.09 -6.69
C PRO B 46 -1.78 22.12 -5.63
N THR B 47 -1.51 23.32 -5.13
CA THR B 47 -0.48 23.53 -4.14
C THR B 47 -0.83 22.85 -2.82
N ASP B 48 0.20 22.50 -2.08
CA ASP B 48 0.06 21.85 -0.79
C ASP B 48 -0.51 22.86 0.20
N PRO B 49 -1.67 22.60 0.79
CA PRO B 49 -2.22 23.58 1.73
C PRO B 49 -1.54 23.58 3.07
N ASN B 50 -0.92 22.47 3.48
CA ASN B 50 -0.25 22.38 4.77
C ASN B 50 1.17 21.87 4.56
N PRO B 51 2.11 22.76 4.31
CA PRO B 51 3.50 22.32 4.12
C PRO B 51 4.18 22.05 5.45
N GLN B 52 5.19 21.19 5.41
CA GLN B 52 5.94 20.82 6.60
C GLN B 52 7.42 20.91 6.31
N GLU B 53 8.13 21.74 7.06
CA GLU B 53 9.57 21.93 6.91
C GLU B 53 10.24 21.37 8.16
N ILE B 54 10.79 20.17 8.06
CA ILE B 54 11.47 19.56 9.18
C ILE B 54 12.88 20.10 9.23
N HIS B 55 13.21 20.77 10.32
CA HIS B 55 14.54 21.34 10.49
C HIS B 55 15.46 20.26 11.00
N LEU B 56 16.55 20.02 10.27
CA LEU B 56 17.50 19.01 10.70
C LEU B 56 18.40 19.59 11.77
N GLU B 57 19.19 18.71 12.37
CA GLU B 57 20.09 19.14 13.42
C GLU B 57 21.38 19.76 12.90
N ASN B 58 22.50 19.32 13.47
CA ASN B 58 23.81 19.83 13.10
C ASN B 58 24.35 19.10 11.89
N VAL B 59 23.73 19.35 10.74
CA VAL B 59 24.13 18.71 9.51
C VAL B 59 24.74 19.72 8.57
N THR B 60 25.57 19.22 7.66
CA THR B 60 26.26 20.02 6.66
C THR B 60 26.23 19.27 5.34
N GLU B 61 25.80 19.95 4.28
CA GLU B 61 25.72 19.33 2.97
C GLU B 61 26.40 20.24 1.95
N GLU B 62 27.23 19.65 1.11
CA GLU B 62 27.95 20.41 0.08
C GLU B 62 26.97 20.76 -1.03
N PHE B 63 26.25 21.87 -0.85
CA PHE B 63 25.30 22.26 -1.87
C PHE B 63 25.96 22.86 -3.10
N ASN B 64 26.29 22.04 -4.08
CA ASN B 64 26.82 22.61 -5.29
C ASN B 64 25.63 23.13 -6.06
N MET B 65 25.79 24.25 -6.73
CA MET B 65 24.68 24.84 -7.44
C MET B 65 24.86 24.87 -8.95
N TRP B 66 26.08 24.91 -9.45
CA TRP B 66 26.25 24.93 -10.90
C TRP B 66 26.20 23.55 -11.52
N LYS B 67 26.23 22.50 -10.70
CA LYS B 67 26.11 21.12 -11.17
C LYS B 67 24.79 20.52 -10.77
N ASN B 68 23.80 21.37 -10.49
CA ASN B 68 22.49 20.92 -10.08
C ASN B 68 21.71 20.42 -11.29
N ASN B 69 21.27 19.18 -11.22
CA ASN B 69 20.50 18.59 -12.30
C ASN B 69 19.03 18.96 -12.23
N MET B 70 18.60 19.59 -11.15
CA MET B 70 17.21 19.98 -11.03
C MET B 70 16.88 21.14 -11.94
N VAL B 71 17.84 22.05 -12.14
CA VAL B 71 17.62 23.19 -13.02
C VAL B 71 17.60 22.77 -14.48
N GLU B 72 18.16 21.61 -14.79
CA GLU B 72 18.15 21.11 -16.16
C GLU B 72 16.77 20.58 -16.52
N GLN B 73 15.92 20.35 -15.53
CA GLN B 73 14.56 19.89 -15.74
C GLN B 73 13.59 21.03 -15.93
N MET B 74 13.72 22.08 -15.10
CA MET B 74 12.84 23.24 -15.22
C MET B 74 12.99 23.87 -16.59
N HIS B 75 14.22 23.91 -17.09
CA HIS B 75 14.49 24.45 -18.41
C HIS B 75 13.83 23.64 -19.50
N THR B 76 13.63 22.34 -19.29
CA THR B 76 12.95 21.51 -20.26
C THR B 76 11.46 21.45 -20.02
N ASP B 77 10.98 22.04 -18.92
CA ASP B 77 9.57 22.09 -18.63
C ASP B 77 9.00 23.44 -19.02
N ILE B 78 9.87 24.39 -19.32
CA ILE B 78 9.45 25.70 -19.77
C ILE B 78 9.42 25.75 -21.29
N ILE B 79 10.37 25.07 -21.95
CA ILE B 79 10.38 24.99 -23.40
C ILE B 79 9.11 24.31 -23.88
N SER B 80 8.59 23.37 -23.12
CA SER B 80 7.34 22.71 -23.45
C SER B 80 6.14 23.62 -23.20
N LEU B 81 6.32 24.75 -22.54
CA LEU B 81 5.24 25.70 -22.32
C LEU B 81 5.18 26.73 -23.42
N TRP B 82 6.32 27.10 -23.96
CA TRP B 82 6.42 28.08 -25.03
C TRP B 82 5.99 27.51 -26.36
N ASP B 83 5.91 26.18 -26.47
CA ASP B 83 5.43 25.53 -27.67
C ASP B 83 3.94 25.33 -27.57
N GLN B 84 3.33 25.76 -26.48
CA GLN B 84 1.91 25.70 -26.24
C GLN B 84 1.33 27.08 -26.02
N SER B 85 2.17 28.11 -25.99
CA SER B 85 1.74 29.46 -25.72
C SER B 85 1.83 30.39 -26.91
N LEU B 86 3.05 30.63 -27.37
CA LEU B 86 3.31 31.56 -28.45
C LEU B 86 3.68 30.77 -29.69
N LYS B 87 2.69 30.48 -30.50
CA LYS B 87 3.00 29.75 -31.70
C LYS B 87 3.53 30.73 -32.73
N PRO B 88 4.72 30.52 -33.26
CA PRO B 88 5.27 31.46 -34.23
C PRO B 88 4.64 31.34 -35.60
N CYS B 89 4.62 32.45 -36.32
CA CYS B 89 4.08 32.45 -37.66
C CYS B 89 5.01 31.70 -38.59
N VAL B 90 6.31 31.94 -38.46
CA VAL B 90 7.34 31.29 -39.24
C VAL B 90 8.42 30.89 -38.27
N LYS B 91 8.63 29.60 -38.09
CA LYS B 91 9.64 29.12 -37.15
C LYS B 91 10.81 28.59 -37.98
N LEU B 92 11.74 29.48 -38.30
CA LEU B 92 12.91 29.11 -39.07
C LEU B 92 13.95 28.50 -38.13
N THR B 93 14.24 27.22 -38.30
CA THR B 93 15.21 26.54 -37.47
C THR B 93 16.20 25.74 -38.31
N PRO B 94 17.46 25.67 -37.89
CA PRO B 94 18.45 24.93 -38.67
C PRO B 94 18.30 23.42 -38.51
N LEU B 95 18.83 22.71 -39.51
CA LEU B 95 18.79 21.25 -39.53
C LEU B 95 19.89 20.77 -40.46
N CYS B 96 20.88 20.07 -39.90
CA CYS B 96 22.00 19.58 -40.68
C CYS B 96 21.85 18.10 -40.99
N VAL B 97 22.63 17.65 -41.97
CA VAL B 97 22.65 16.26 -42.42
C VAL B 97 24.02 15.70 -42.06
N THR B 98 24.07 14.43 -41.69
CA THR B 98 25.31 13.76 -41.30
C THR B 98 26.20 13.53 -42.52
N LEU B 99 26.96 14.56 -42.86
CA LEU B 99 27.91 14.53 -43.96
C LEU B 99 29.20 15.17 -43.47
N ASN B 100 30.28 14.40 -43.51
CA ASN B 100 31.58 14.85 -43.05
C ASN B 100 32.16 15.96 -43.92
N CYS B 101 33.08 16.72 -43.33
CA CYS B 101 33.75 17.83 -43.99
C CYS B 101 35.07 18.11 -43.29
N LEU B 163 31.46 20.48 -47.53
CA LEU B 163 30.16 21.14 -47.61
C LEU B 163 29.10 20.29 -46.93
N ILE B 164 28.82 20.57 -45.67
CA ILE B 164 27.81 19.82 -44.94
C ILE B 164 26.44 20.32 -45.34
N ASN B 165 25.51 19.40 -45.59
CA ASN B 165 24.17 19.78 -45.97
C ASN B 165 23.44 20.27 -44.72
N CYS B 166 23.22 21.58 -44.62
CA CYS B 166 22.51 22.19 -43.50
C CYS B 166 21.45 23.12 -44.07
N ASN B 167 20.28 22.57 -44.38
CA ASN B 167 19.19 23.35 -44.94
C ASN B 167 18.18 23.64 -43.83
N THR B 168 17.64 24.84 -43.87
CA THR B 168 16.66 25.26 -42.88
C THR B 168 15.34 24.53 -43.11
N SER B 169 14.53 24.45 -42.05
CA SER B 169 13.24 23.79 -42.11
C SER B 169 12.25 24.73 -41.43
N ALA B 170 11.42 25.39 -42.22
CA ALA B 170 10.46 26.34 -41.69
C ALA B 170 9.13 25.65 -41.42
N ILE B 171 8.37 26.23 -40.50
CA ILE B 171 7.06 25.74 -40.10
C ILE B 171 6.13 26.94 -40.04
N THR B 172 4.96 26.82 -40.67
CA THR B 172 3.99 27.91 -40.68
C THR B 172 2.80 27.50 -39.83
N GLN B 173 2.51 28.27 -38.80
CA GLN B 173 1.41 27.99 -37.88
C GLN B 173 0.56 29.23 -37.71
N ALA B 174 -0.64 29.04 -37.19
CA ALA B 174 -1.53 30.15 -36.91
C ALA B 174 -0.98 30.94 -35.73
N CYS B 175 -1.14 32.26 -35.76
CA CYS B 175 -0.62 33.13 -34.71
C CYS B 175 -1.69 33.92 -33.99
N PRO B 176 -2.37 33.34 -33.01
CA PRO B 176 -3.38 34.12 -32.29
C PRO B 176 -2.75 34.87 -31.12
N LYS B 177 -3.08 36.15 -31.01
CA LYS B 177 -2.55 36.96 -29.92
C LYS B 177 -3.25 36.53 -28.64
N VAL B 178 -2.52 35.87 -27.76
CA VAL B 178 -3.07 35.36 -26.52
C VAL B 178 -2.57 36.19 -25.35
N SER B 179 -3.24 36.01 -24.22
CA SER B 179 -2.85 36.69 -22.99
C SER B 179 -1.57 36.07 -22.48
N PHE B 180 -0.83 36.80 -21.65
CA PHE B 180 0.42 36.25 -21.16
C PHE B 180 0.77 36.83 -19.80
N GLU B 181 0.92 35.96 -18.81
CA GLU B 181 1.26 36.34 -17.44
C GLU B 181 1.82 35.13 -16.71
N PRO B 182 2.96 35.26 -16.04
CA PRO B 182 3.51 34.13 -15.31
C PRO B 182 2.70 33.82 -14.06
N ILE B 183 2.92 32.62 -13.53
CA ILE B 183 2.26 32.10 -12.34
C ILE B 183 3.31 31.39 -11.50
N PRO B 184 3.35 31.58 -10.18
CA PRO B 184 4.35 30.89 -9.36
C PRO B 184 4.08 29.39 -9.29
N ILE B 185 5.07 28.60 -9.63
CA ILE B 185 4.95 27.15 -9.59
C ILE B 185 5.82 26.65 -8.45
N HIS B 186 5.60 25.41 -8.05
CA HIS B 186 6.35 24.79 -6.97
C HIS B 186 6.79 23.41 -7.42
N TYR B 187 8.09 23.18 -7.47
CA TYR B 187 8.57 21.86 -7.82
C TYR B 187 8.58 20.99 -6.59
N CYS B 188 7.85 19.87 -6.66
CA CYS B 188 7.73 18.96 -5.54
C CYS B 188 8.45 17.66 -5.83
N ALA B 189 8.94 17.04 -4.77
CA ALA B 189 9.66 15.78 -4.85
C ALA B 189 8.69 14.63 -5.07
N PRO B 190 9.07 13.61 -5.81
CA PRO B 190 8.18 12.48 -6.05
C PRO B 190 8.14 11.57 -4.84
N ALA B 191 7.38 10.50 -4.96
CA ALA B 191 7.24 9.54 -3.88
C ALA B 191 8.52 8.74 -3.68
N GLY B 192 9.16 8.91 -2.53
CA GLY B 192 10.38 8.20 -2.22
C GLY B 192 11.62 9.06 -2.10
N PHE B 193 11.58 10.31 -2.50
CA PHE B 193 12.72 11.21 -2.43
C PHE B 193 12.41 12.39 -1.53
N ALA B 194 13.41 13.23 -1.32
CA ALA B 194 13.24 14.39 -0.47
C ALA B 194 14.07 15.53 -1.02
N ILE B 195 13.70 16.75 -0.66
CA ILE B 195 14.39 17.95 -1.11
C ILE B 195 14.98 18.68 0.09
N LEU B 196 16.29 18.89 0.06
CA LEU B 196 16.97 19.60 1.12
C LEU B 196 16.92 21.09 0.82
N LYS B 197 17.21 21.91 1.83
CA LYS B 197 17.13 23.36 1.65
C LYS B 197 18.01 24.08 2.65
N CYS B 198 18.97 24.87 2.17
CA CYS B 198 19.79 25.63 3.10
C CYS B 198 19.01 26.84 3.59
N LYS B 199 19.43 27.35 4.73
CA LYS B 199 18.76 28.49 5.32
C LYS B 199 19.72 29.59 5.72
N ASP B 200 20.99 29.50 5.32
CA ASP B 200 21.95 30.54 5.66
C ASP B 200 21.61 31.80 4.88
N LYS B 201 21.81 32.94 5.54
CA LYS B 201 21.49 34.20 4.89
C LYS B 201 22.49 34.62 3.84
N LYS B 202 23.61 33.93 3.72
CA LYS B 202 24.61 34.21 2.71
C LYS B 202 24.67 33.09 1.68
N PHE B 203 24.91 31.87 2.16
CA PHE B 203 24.96 30.59 1.46
C PHE B 203 26.13 30.41 0.48
N ASN B 204 26.73 31.52 0.01
CA ASN B 204 27.92 31.57 -0.85
C ASN B 204 27.82 30.88 -2.22
N GLY B 205 26.80 30.05 -2.46
CA GLY B 205 26.72 29.36 -3.72
C GLY B 205 27.07 27.89 -3.60
N THR B 206 28.27 27.49 -4.02
CA THR B 206 28.68 26.10 -3.96
C THR B 206 29.40 25.76 -2.65
N GLY B 207 29.03 26.42 -1.56
CA GLY B 207 29.66 26.16 -0.28
C GLY B 207 28.71 25.46 0.68
N PRO B 208 29.25 24.62 1.55
CA PRO B 208 28.39 23.90 2.50
C PRO B 208 27.87 24.81 3.60
N CYS B 209 26.55 24.76 3.83
CA CYS B 209 25.95 25.56 4.87
C CYS B 209 25.70 24.64 6.06
N PRO B 210 25.08 25.17 7.11
CA PRO B 210 24.82 24.38 8.30
C PRO B 210 23.36 24.31 8.70
N SER B 211 22.55 25.28 8.33
CA SER B 211 21.14 25.26 8.71
C SER B 211 20.33 24.61 7.60
N VAL B 212 20.57 23.32 7.42
CA VAL B 212 19.90 22.54 6.39
C VAL B 212 18.58 22.02 6.94
N SER B 213 17.51 22.25 6.21
CA SER B 213 16.19 21.78 6.59
C SER B 213 15.56 21.15 5.37
N THR B 214 14.78 20.09 5.59
CA THR B 214 14.14 19.40 4.50
C THR B 214 12.70 19.84 4.32
N VAL B 215 12.27 19.80 3.08
CA VAL B 215 10.92 20.16 2.68
C VAL B 215 10.46 19.15 1.65
N GLN B 216 9.31 19.40 1.06
CA GLN B 216 8.78 18.54 0.02
C GLN B 216 8.46 19.30 -1.25
N CYS B 217 8.34 20.63 -1.18
CA CYS B 217 8.04 21.45 -2.34
C CYS B 217 8.79 22.76 -2.17
N THR B 218 9.26 23.31 -3.27
CA THR B 218 9.98 24.57 -3.22
C THR B 218 9.00 25.74 -3.06
N HIS B 219 9.57 26.92 -2.92
CA HIS B 219 8.76 28.12 -2.77
C HIS B 219 8.22 28.56 -4.12
N GLY B 220 7.59 29.73 -4.14
CA GLY B 220 7.03 30.26 -5.37
C GLY B 220 8.08 30.64 -6.39
N ILE B 221 8.04 30.00 -7.55
CA ILE B 221 8.99 30.26 -8.61
C ILE B 221 8.25 30.72 -9.84
N LYS B 222 8.58 31.89 -10.35
CA LYS B 222 7.91 32.35 -11.55
C LYS B 222 8.76 32.03 -12.77
N PRO B 223 8.18 31.59 -13.84
CA PRO B 223 8.94 31.22 -15.04
C PRO B 223 9.33 32.38 -15.94
N VAL B 224 9.47 33.59 -15.40
CA VAL B 224 9.82 34.77 -16.21
C VAL B 224 11.12 34.56 -16.99
N VAL B 225 11.06 34.87 -18.28
CA VAL B 225 12.18 34.73 -19.20
C VAL B 225 12.65 36.12 -19.54
N SER B 226 13.85 36.48 -19.10
CA SER B 226 14.36 37.80 -19.39
C SER B 226 15.88 37.78 -19.36
N THR B 227 16.48 38.85 -19.85
CA THR B 227 17.92 38.99 -19.90
C THR B 227 18.32 40.32 -19.27
N GLN B 228 19.54 40.33 -18.71
CA GLN B 228 20.25 41.44 -18.07
C GLN B 228 19.65 41.94 -16.76
N LEU B 229 18.43 41.56 -16.45
CA LEU B 229 17.80 41.99 -15.22
C LEU B 229 16.79 40.93 -14.85
N LEU B 230 17.02 40.24 -13.76
CA LEU B 230 16.09 39.21 -13.36
C LEU B 230 14.87 39.89 -12.78
N LEU B 231 13.73 39.66 -13.41
CA LEU B 231 12.46 40.27 -12.98
C LEU B 231 11.88 39.54 -11.78
N ASN B 232 10.55 39.60 -11.64
CA ASN B 232 9.73 39.04 -10.56
C ASN B 232 10.30 37.81 -9.90
N GLY B 233 10.42 37.82 -8.58
CA GLY B 233 10.96 36.67 -7.90
C GLY B 233 11.22 36.97 -6.44
N SER B 234 11.98 36.08 -5.82
CA SER B 234 12.31 36.19 -4.41
C SER B 234 13.49 37.12 -4.21
N LEU B 235 13.49 37.81 -3.07
CA LEU B 235 14.54 38.73 -2.71
C LEU B 235 15.49 38.08 -1.73
N ALA B 236 16.62 38.75 -1.50
CA ALA B 236 17.60 38.22 -0.56
C ALA B 236 17.07 38.36 0.87
N GLU B 237 17.73 37.70 1.81
CA GLU B 237 17.24 37.77 3.18
C GLU B 237 17.64 39.06 3.87
N GLU B 238 18.94 39.30 4.04
CA GLU B 238 19.38 40.49 4.73
C GLU B 238 20.40 41.34 3.99
N GLU B 239 21.16 40.78 3.06
CA GLU B 239 22.15 41.62 2.40
C GLU B 239 22.34 41.14 0.97
N VAL B 240 22.65 42.10 0.09
CA VAL B 240 22.89 41.80 -1.31
C VAL B 240 24.12 40.91 -1.43
N MET B 241 23.91 39.69 -1.89
CA MET B 241 24.99 38.73 -2.06
C MET B 241 25.23 38.51 -3.54
N ILE B 242 26.46 38.16 -3.87
CA ILE B 242 26.82 37.90 -5.24
C ILE B 242 27.18 36.43 -5.32
N ARG B 243 26.86 35.82 -6.45
CA ARG B 243 27.12 34.42 -6.65
C ARG B 243 27.72 34.23 -8.04
N SER B 244 28.73 33.37 -8.11
CA SER B 244 29.39 33.06 -9.36
C SER B 244 30.08 31.73 -9.16
N GLU B 245 30.14 30.95 -10.23
CA GLU B 245 30.77 29.63 -10.14
C GLU B 245 32.25 29.76 -9.85
N ASN B 246 32.91 30.73 -10.46
CA ASN B 246 34.33 30.97 -10.25
C ASN B 246 34.64 32.37 -10.71
N ILE B 247 35.20 33.17 -9.80
CA ILE B 247 35.55 34.55 -10.09
C ILE B 247 36.94 34.52 -10.73
N THR B 248 37.38 35.67 -11.22
CA THR B 248 38.69 35.92 -11.84
C THR B 248 38.96 35.10 -13.08
N LYS B 252 32.36 32.92 -16.39
CA LYS B 252 31.15 32.60 -15.68
C LYS B 252 30.42 33.89 -15.33
N ASN B 253 29.11 33.88 -15.50
CA ASN B 253 28.32 35.07 -15.19
C ASN B 253 28.18 35.21 -13.69
N ILE B 254 28.13 36.45 -13.22
CA ILE B 254 28.00 36.73 -11.80
C ILE B 254 26.54 37.08 -11.52
N LEU B 255 25.90 36.25 -10.73
CA LEU B 255 24.50 36.46 -10.36
C LEU B 255 24.47 37.33 -9.12
N VAL B 256 23.79 38.47 -9.22
CA VAL B 256 23.68 39.41 -8.11
C VAL B 256 22.23 39.43 -7.65
N GLN B 257 21.99 39.08 -6.40
CA GLN B 257 20.65 39.07 -5.84
C GLN B 257 20.47 40.28 -4.93
N PHE B 258 19.38 41.01 -5.14
CA PHE B 258 19.11 42.20 -4.35
C PHE B 258 18.27 41.86 -3.12
N ASN B 259 18.38 42.72 -2.10
CA ASN B 259 17.62 42.54 -0.87
C ASN B 259 16.45 43.51 -0.77
N THR B 260 16.23 44.32 -1.80
CA THR B 260 15.14 45.28 -1.84
C THR B 260 14.60 45.31 -3.25
N PRO B 261 13.28 45.26 -3.37
CA PRO B 261 12.62 45.23 -4.67
C PRO B 261 12.71 46.57 -5.38
N VAL B 262 13.46 46.62 -6.48
CA VAL B 262 13.55 47.81 -7.30
C VAL B 262 12.44 47.72 -8.33
N GLN B 263 11.54 48.71 -8.33
CA GLN B 263 10.41 48.63 -9.25
C GLN B 263 10.74 49.19 -10.62
N ILE B 264 9.85 48.90 -11.55
CA ILE B 264 9.94 49.33 -12.94
C ILE B 264 8.55 49.26 -13.56
N ASN B 265 8.19 50.30 -14.31
CA ASN B 265 6.89 50.38 -14.97
C ASN B 265 7.15 50.64 -16.43
N CYS B 266 6.57 49.83 -17.31
CA CYS B 266 6.76 49.95 -18.76
C CYS B 266 5.42 50.08 -19.45
N THR B 267 5.21 51.19 -20.15
CA THR B 267 3.95 51.44 -20.83
C THR B 267 4.14 52.06 -22.21
N ARG B 268 3.00 52.16 -22.90
CA ARG B 268 2.67 52.76 -24.19
C ARG B 268 1.13 52.78 -24.21
N PRO B 269 0.47 53.89 -23.78
CA PRO B 269 -1.00 53.89 -23.74
C PRO B 269 -1.66 53.70 -25.10
N ASN B 270 -1.77 54.75 -25.91
CA ASN B 270 -2.24 54.53 -27.26
C ASN B 270 -1.39 55.41 -28.16
N ASN B 271 -1.74 56.71 -28.22
CA ASN B 271 -1.09 57.88 -28.81
C ASN B 271 0.03 57.75 -29.83
N ASN B 272 0.19 56.61 -30.49
CA ASN B 272 1.27 56.46 -31.46
C ASN B 272 0.89 55.49 -32.56
N THR B 273 -0.32 55.64 -33.10
CA THR B 273 -0.85 54.77 -34.15
C THR B 273 -0.12 54.96 -35.51
N ARG B 274 0.92 55.79 -35.56
CA ARG B 274 1.71 56.01 -36.76
C ARG B 274 2.47 54.72 -37.05
N LYS B 275 1.99 53.98 -38.06
CA LYS B 275 2.60 52.70 -38.39
C LYS B 275 3.99 52.86 -38.98
N SER B 276 4.09 53.48 -40.14
CA SER B 276 5.38 53.67 -40.78
C SER B 276 5.74 55.15 -40.78
N ILE B 277 6.88 55.47 -41.38
CA ILE B 277 7.39 56.82 -41.49
C ILE B 277 7.45 57.25 -42.95
N ARG B 278 8.00 56.39 -43.80
CA ARG B 278 8.12 56.66 -45.22
C ARG B 278 8.14 55.32 -45.96
N ILE B 279 7.60 55.33 -47.17
CA ILE B 279 7.53 54.11 -47.97
C ILE B 279 8.61 54.12 -49.05
N ASP B 294 5.16 56.42 -32.83
CA ASP B 294 5.30 55.19 -33.61
C ASP B 294 4.79 54.03 -32.77
N ILE B 295 4.10 53.09 -33.42
CA ILE B 295 3.54 51.92 -32.73
C ILE B 295 4.63 50.98 -32.20
N ARG B 296 5.83 51.05 -32.76
CA ARG B 296 6.97 50.25 -32.33
C ARG B 296 7.77 50.96 -31.27
N GLN B 297 7.15 51.76 -30.43
CA GLN B 297 7.90 52.47 -29.40
C GLN B 297 7.21 52.33 -28.07
N ALA B 298 8.02 52.24 -27.02
CA ALA B 298 7.56 52.12 -25.65
C ALA B 298 8.67 52.64 -24.75
N HIS B 299 8.35 52.81 -23.48
CA HIS B 299 9.35 53.33 -22.54
C HIS B 299 9.14 52.74 -21.15
N CYS B 300 10.18 52.85 -20.34
CA CYS B 300 10.16 52.37 -18.96
C CYS B 300 10.76 53.43 -18.05
N ASN B 301 10.40 53.38 -16.77
CA ASN B 301 10.90 54.33 -15.79
C ASN B 301 11.41 53.60 -14.56
N VAL B 302 12.55 54.05 -14.04
CA VAL B 302 13.20 53.49 -12.87
C VAL B 302 13.42 54.61 -11.86
N SER B 303 13.04 54.36 -10.61
CA SER B 303 13.19 55.35 -9.53
C SER B 303 14.68 55.54 -9.23
N LYS B 304 15.25 56.63 -9.75
CA LYS B 304 16.67 56.94 -9.57
C LYS B 304 17.03 57.13 -8.11
N ALA B 305 16.12 57.72 -7.32
CA ALA B 305 16.41 57.93 -5.91
C ALA B 305 16.39 56.63 -5.12
N THR B 306 15.79 55.58 -5.66
CA THR B 306 15.72 54.30 -5.00
C THR B 306 16.72 53.32 -5.60
N TRP B 307 16.96 53.41 -6.90
CA TRP B 307 17.87 52.53 -7.60
C TRP B 307 19.33 52.78 -7.24
N ASN B 308 19.69 54.00 -6.86
CA ASN B 308 21.09 54.27 -6.52
C ASN B 308 21.48 53.60 -5.22
N GLU B 309 20.51 53.38 -4.33
CA GLU B 309 20.78 52.74 -3.04
C GLU B 309 21.21 51.30 -3.24
N THR B 310 20.45 50.57 -4.06
CA THR B 310 20.77 49.17 -4.34
C THR B 310 22.05 49.05 -5.15
N LEU B 311 22.30 50.01 -6.05
CA LEU B 311 23.55 49.94 -6.81
C LEU B 311 24.72 50.30 -5.91
N GLY B 312 24.48 51.18 -4.93
CA GLY B 312 25.52 51.57 -3.99
C GLY B 312 25.95 50.44 -3.09
N LYS B 313 25.12 49.42 -2.94
CA LYS B 313 25.47 48.28 -2.12
C LYS B 313 26.17 47.20 -2.94
N VAL B 314 25.90 47.16 -4.25
CA VAL B 314 26.53 46.19 -5.13
C VAL B 314 28.02 46.50 -5.26
N VAL B 315 28.35 47.77 -5.44
CA VAL B 315 29.74 48.18 -5.54
C VAL B 315 30.45 48.01 -4.21
N LYS B 316 29.68 48.00 -3.11
CA LYS B 316 30.28 47.79 -1.79
C LYS B 316 30.69 46.34 -1.63
N GLN B 317 30.01 45.42 -2.33
CA GLN B 317 30.32 44.01 -2.27
C GLN B 317 31.38 43.62 -3.29
N LEU B 318 31.32 44.23 -4.48
CA LEU B 318 32.29 43.93 -5.52
C LEU B 318 33.68 44.44 -5.15
N ARG B 319 33.74 45.54 -4.42
CA ARG B 319 35.05 46.05 -4.02
C ARG B 319 35.65 45.20 -2.92
N LYS B 320 34.84 44.37 -2.24
CA LYS B 320 35.38 43.48 -1.23
C LYS B 320 36.14 42.33 -1.87
N HIS B 321 35.89 42.07 -3.14
CA HIS B 321 36.58 41.04 -3.90
C HIS B 321 37.80 41.61 -4.61
N PHE B 322 37.80 42.93 -4.85
CA PHE B 322 38.89 43.61 -5.53
C PHE B 322 39.01 44.97 -4.85
N GLY B 323 39.83 45.02 -3.80
CA GLY B 323 40.05 46.27 -3.05
C GLY B 323 41.49 46.72 -3.20
N ASN B 324 42.03 46.62 -4.41
CA ASN B 324 43.49 46.70 -4.64
C ASN B 324 43.83 47.62 -5.82
N ASN B 325 43.69 48.94 -5.65
CA ASN B 325 44.04 49.99 -6.66
C ASN B 325 43.14 49.91 -7.90
N THR B 326 42.33 48.85 -7.98
CA THR B 326 41.36 48.60 -9.04
C THR B 326 40.12 49.39 -8.64
N ILE B 327 39.27 49.54 -9.63
CA ILE B 327 38.18 50.51 -9.75
C ILE B 327 36.98 49.88 -10.44
N ILE B 328 35.81 49.97 -9.80
CA ILE B 328 34.57 49.44 -10.34
C ILE B 328 34.07 50.36 -11.44
N ARG B 329 34.08 49.89 -12.69
CA ARG B 329 33.63 50.72 -13.81
C ARG B 329 32.55 49.98 -14.59
N PHE B 330 31.30 50.43 -14.48
CA PHE B 330 30.25 49.79 -15.25
C PHE B 330 30.30 50.28 -16.68
N ALA B 331 29.64 49.55 -17.55
CA ALA B 331 29.63 49.88 -18.97
C ALA B 331 28.43 49.21 -19.61
N ASN B 332 28.17 49.56 -20.87
CA ASN B 332 27.08 48.94 -21.59
C ASN B 332 27.54 47.59 -22.12
N SER B 333 26.71 46.94 -22.93
CA SER B 333 27.09 45.65 -23.46
C SER B 333 28.20 45.80 -24.49
N LEU B 338 20.74 41.10 -30.63
CA LEU B 338 19.88 42.12 -30.02
C LEU B 338 19.15 41.69 -28.76
N GLU B 339 19.12 40.41 -28.42
CA GLU B 339 18.47 39.96 -27.21
C GLU B 339 19.44 39.98 -26.03
N VAL B 340 20.71 40.28 -26.28
CA VAL B 340 21.74 40.33 -25.26
C VAL B 340 22.22 41.76 -25.03
N THR B 341 22.35 42.53 -26.12
CA THR B 341 22.82 43.91 -26.03
C THR B 341 21.83 44.75 -25.23
N THR B 342 20.56 44.47 -25.36
CA THR B 342 19.54 45.20 -24.64
C THR B 342 18.79 44.27 -23.70
N HIS B 343 17.93 44.87 -22.90
CA HIS B 343 17.07 44.13 -22.00
C HIS B 343 15.98 43.49 -22.84
N SER B 344 15.41 42.39 -22.36
CA SER B 344 14.36 41.77 -23.17
C SER B 344 13.39 41.02 -22.28
N PHE B 345 12.14 41.47 -22.24
CA PHE B 345 11.13 40.80 -21.44
C PHE B 345 9.86 40.79 -22.27
N ASN B 346 8.85 40.09 -21.79
CA ASN B 346 7.62 39.96 -22.55
C ASN B 346 6.39 40.33 -21.73
N CYS B 347 5.39 40.91 -22.39
CA CYS B 347 4.12 41.31 -21.76
C CYS B 347 3.03 41.21 -22.81
N GLY B 348 2.33 40.07 -22.83
CA GLY B 348 1.26 39.85 -23.78
C GLY B 348 1.74 39.80 -25.20
N GLY B 349 2.84 39.10 -25.44
CA GLY B 349 3.37 39.01 -26.78
C GLY B 349 4.16 40.21 -27.23
N GLU B 350 4.26 41.23 -26.40
CA GLU B 350 5.01 42.42 -26.75
C GLU B 350 6.44 42.11 -26.31
N PHE B 351 7.35 41.99 -27.26
CA PHE B 351 8.72 41.63 -26.92
C PHE B 351 9.55 42.89 -26.82
N PHE B 352 9.49 43.50 -25.64
CA PHE B 352 10.17 44.74 -25.34
C PHE B 352 11.68 44.56 -25.36
N TYR B 353 12.37 45.34 -26.18
CA TYR B 353 13.83 45.30 -26.22
C TYR B 353 14.24 46.68 -25.74
N CYS B 354 14.44 46.81 -24.43
CA CYS B 354 14.76 48.08 -23.79
C CYS B 354 16.26 48.36 -23.76
N ASN B 355 16.65 49.49 -24.34
CA ASN B 355 18.03 49.93 -24.37
C ASN B 355 18.43 50.33 -22.96
N THR B 356 19.41 49.64 -22.38
CA THR B 356 19.82 49.93 -21.01
C THR B 356 21.13 50.70 -20.88
N SER B 357 21.52 51.47 -21.90
CA SER B 357 22.74 52.25 -21.72
C SER B 357 22.62 53.37 -20.68
N GLY B 358 21.43 54.08 -20.46
CA GLY B 358 21.45 55.07 -19.39
C GLY B 358 21.17 54.48 -18.02
N LEU B 359 21.74 53.30 -17.77
CA LEU B 359 21.62 52.64 -16.48
C LEU B 359 22.92 51.98 -16.07
N PHE B 360 23.86 51.79 -16.99
CA PHE B 360 25.15 51.18 -16.70
C PHE B 360 26.30 52.03 -17.21
N ASN B 361 26.05 53.26 -17.64
CA ASN B 361 27.09 54.12 -18.19
C ASN B 361 28.07 54.65 -17.15
N SER B 362 27.61 54.81 -15.92
CA SER B 362 28.40 55.40 -14.86
C SER B 362 29.61 54.60 -14.41
N THR B 363 30.71 55.32 -14.21
CA THR B 363 31.93 54.76 -13.66
C THR B 363 31.80 54.92 -12.15
N TRP B 364 32.48 54.08 -11.39
CA TRP B 364 32.29 54.19 -9.96
C TRP B 364 33.57 54.09 -9.15
N ILE B 365 33.42 54.55 -7.93
CA ILE B 365 34.40 54.60 -6.86
C ILE B 365 33.53 54.59 -5.61
N SER B 366 34.06 55.03 -4.48
CA SER B 366 33.24 55.11 -3.28
C SER B 366 32.17 56.19 -3.38
N ASN B 367 32.29 57.10 -4.35
CA ASN B 367 31.34 58.19 -4.58
C ASN B 367 30.58 57.94 -5.88
N THR B 368 29.48 58.68 -6.03
CA THR B 368 28.61 58.57 -7.18
C THR B 368 29.09 59.40 -8.36
N SER B 369 28.59 59.04 -9.55
CA SER B 369 28.88 59.76 -10.79
C SER B 369 27.63 59.73 -11.69
N VAL B 370 26.44 59.73 -11.09
CA VAL B 370 25.22 59.70 -11.90
C VAL B 370 24.71 61.11 -12.21
N GLN B 371 24.27 61.83 -11.18
CA GLN B 371 23.71 63.17 -11.23
C GLN B 371 23.43 63.62 -9.81
N GLY B 372 23.25 64.94 -9.65
CA GLY B 372 22.93 65.64 -8.41
C GLY B 372 23.91 65.34 -7.28
N ASP B 380 14.99 60.66 -11.37
CA ASP B 380 13.76 60.22 -10.76
C ASP B 380 13.04 59.26 -11.69
N SER B 381 12.88 59.70 -12.93
CA SER B 381 12.21 58.97 -14.00
C SER B 381 13.23 58.74 -15.10
N ILE B 382 13.98 57.64 -15.02
CA ILE B 382 14.96 57.34 -16.05
C ILE B 382 14.18 56.76 -17.23
N THR B 383 14.09 57.53 -18.31
CA THR B 383 13.34 57.08 -19.48
C THR B 383 14.12 55.98 -20.19
N LEU B 384 13.73 54.74 -19.93
CA LEU B 384 14.38 53.58 -20.54
C LEU B 384 13.63 53.36 -21.85
N PRO B 385 14.23 53.81 -22.95
CA PRO B 385 13.61 53.69 -24.28
C PRO B 385 13.52 52.24 -24.70
N CYS B 386 12.32 51.77 -25.02
CA CYS B 386 12.09 50.40 -25.43
C CYS B 386 11.53 50.37 -26.84
N ARG B 387 11.43 49.16 -27.39
CA ARG B 387 10.95 48.99 -28.75
C ARG B 387 10.44 47.58 -28.96
N ILE B 388 9.20 47.46 -29.43
CA ILE B 388 8.61 46.16 -29.71
C ILE B 388 9.23 45.61 -30.97
N LYS B 389 9.62 44.35 -30.96
CA LYS B 389 10.21 43.75 -32.15
C LYS B 389 9.31 42.65 -32.67
N GLN B 390 9.63 42.16 -33.86
CA GLN B 390 8.84 41.11 -34.49
C GLN B 390 9.64 39.90 -34.94
N ILE B 391 10.87 40.08 -35.38
CA ILE B 391 11.72 38.97 -35.77
C ILE B 391 12.71 38.80 -34.63
N ILE B 392 12.55 37.74 -33.87
CA ILE B 392 13.38 37.48 -32.71
C ILE B 392 14.25 36.27 -32.94
N ASN B 393 15.13 36.01 -31.98
CA ASN B 393 15.99 34.85 -31.95
C ASN B 393 15.52 34.05 -30.74
N MET B 394 15.15 32.82 -30.96
CA MET B 394 14.62 32.01 -29.87
C MET B 394 15.69 31.69 -28.85
N TRP B 395 15.26 31.63 -27.58
CA TRP B 395 16.14 31.30 -26.48
C TRP B 395 16.17 29.82 -26.20
N GLN B 396 15.21 29.10 -26.78
CA GLN B 396 15.04 27.66 -26.64
C GLN B 396 15.71 26.89 -27.76
N ARG B 397 16.87 27.36 -28.18
CA ARG B 397 17.61 26.75 -29.25
C ARG B 397 17.94 27.78 -30.31
N ILE B 398 18.75 27.37 -31.27
CA ILE B 398 19.10 28.30 -32.33
C ILE B 398 17.92 28.42 -33.29
N GLY B 399 17.90 29.51 -34.04
CA GLY B 399 16.82 29.69 -34.98
C GLY B 399 15.95 30.90 -34.72
N GLN B 400 15.66 31.64 -35.78
CA GLN B 400 14.83 32.83 -35.70
C GLN B 400 13.36 32.46 -35.60
N ALA B 401 12.53 33.49 -35.51
CA ALA B 401 11.09 33.34 -35.43
C ALA B 401 10.48 34.66 -35.88
N MET B 402 9.17 34.66 -36.03
CA MET B 402 8.47 35.87 -36.46
C MET B 402 7.06 35.79 -35.90
N TYR B 403 6.69 36.78 -35.09
CA TYR B 403 5.38 36.78 -34.47
C TYR B 403 4.44 37.77 -35.13
N ALA B 404 3.21 37.80 -34.64
CA ALA B 404 2.17 38.67 -35.14
C ALA B 404 2.43 40.11 -34.67
N PRO B 405 1.99 41.10 -35.44
CA PRO B 405 2.18 42.51 -35.08
C PRO B 405 1.58 42.85 -33.73
N PRO B 406 2.08 43.88 -33.06
CA PRO B 406 1.61 44.20 -31.71
C PRO B 406 0.16 44.65 -31.60
N ILE B 407 -0.29 44.62 -30.34
CA ILE B 407 -1.63 45.03 -29.97
C ILE B 407 -1.76 46.54 -30.18
N GLN B 408 -3.00 47.00 -30.31
CA GLN B 408 -3.30 48.41 -30.55
C GLN B 408 -2.79 49.32 -29.43
N GLY B 409 -3.20 49.10 -28.19
CA GLY B 409 -2.74 49.96 -27.11
C GLY B 409 -2.95 49.40 -25.71
N VAL B 410 -2.51 50.20 -24.75
CA VAL B 410 -2.58 49.96 -23.30
C VAL B 410 -1.86 48.68 -22.88
N ILE B 411 -0.53 48.72 -23.02
CA ILE B 411 0.34 47.62 -22.65
C ILE B 411 1.12 48.06 -21.41
N ARG B 412 0.83 47.46 -20.25
CA ARG B 412 1.48 47.85 -19.01
C ARG B 412 2.18 46.67 -18.35
N CYS B 413 3.37 46.91 -17.78
CA CYS B 413 4.16 45.88 -17.10
C CYS B 413 4.61 46.40 -15.73
N VAL B 414 3.79 46.21 -14.70
CA VAL B 414 4.14 46.65 -13.35
C VAL B 414 5.02 45.60 -12.71
N SER B 415 6.28 45.59 -13.10
CA SER B 415 7.24 44.60 -12.65
C SER B 415 7.99 44.99 -11.38
N ASN B 416 9.05 44.23 -11.12
CA ASN B 416 9.97 44.32 -10.00
C ASN B 416 11.32 43.93 -10.55
N ILE B 417 12.37 44.17 -9.78
CA ILE B 417 13.71 43.77 -10.18
C ILE B 417 14.34 43.17 -8.94
N THR B 418 14.55 41.87 -8.96
CA THR B 418 15.12 41.19 -7.83
C THR B 418 16.57 40.79 -8.03
N GLY B 419 16.97 40.53 -9.27
CA GLY B 419 18.32 40.12 -9.55
C GLY B 419 19.00 41.02 -10.56
N LEU B 420 20.20 40.61 -10.94
CA LEU B 420 21.03 41.33 -11.91
C LEU B 420 22.13 40.40 -12.39
N ILE B 421 22.25 40.23 -13.71
CA ILE B 421 23.27 39.38 -14.29
C ILE B 421 24.39 40.27 -14.79
N LEU B 422 25.61 40.00 -14.34
CA LEU B 422 26.77 40.81 -14.72
C LEU B 422 27.92 39.92 -15.11
N THR B 423 28.62 40.30 -16.17
CA THR B 423 29.80 39.57 -16.60
C THR B 423 31.01 40.35 -16.08
N ARG B 424 32.19 39.99 -16.55
CA ARG B 424 33.40 40.67 -16.10
C ARG B 424 34.41 40.67 -17.24
N ASP B 425 35.18 41.75 -17.34
CA ASP B 425 36.18 41.89 -18.38
C ASP B 425 37.56 41.99 -17.73
N GLY B 426 38.25 40.86 -17.66
CA GLY B 426 39.58 40.84 -17.11
C GLY B 426 40.61 40.71 -18.20
N GLY B 427 41.87 40.61 -17.78
CA GLY B 427 42.93 40.46 -18.74
C GLY B 427 44.22 41.09 -18.27
N SER B 428 45.22 41.00 -19.14
CA SER B 428 46.53 41.58 -18.85
C SER B 428 46.56 43.08 -19.12
N THR B 429 45.55 43.60 -19.81
CA THR B 429 45.44 45.02 -20.10
C THR B 429 44.65 45.73 -19.00
N ASN B 430 44.11 44.97 -18.06
CA ASN B 430 43.32 45.51 -16.96
C ASN B 430 44.24 46.30 -16.04
N SER B 431 44.24 47.62 -16.21
CA SER B 431 45.11 48.50 -15.44
C SER B 431 44.39 49.06 -14.21
N THR B 432 44.15 48.17 -13.26
CA THR B 432 43.49 48.54 -12.03
C THR B 432 42.03 48.89 -12.15
N THR B 433 41.31 48.26 -13.08
CA THR B 433 39.90 48.53 -13.29
C THR B 433 39.09 47.27 -13.10
N GLU B 434 37.77 47.43 -13.11
CA GLU B 434 36.80 46.34 -12.96
C GLU B 434 35.61 46.70 -13.84
N THR B 435 35.48 46.02 -14.97
CA THR B 435 34.39 46.27 -15.89
C THR B 435 33.32 45.20 -15.70
N PHE B 436 32.08 45.65 -15.47
CA PHE B 436 30.96 44.74 -15.26
C PHE B 436 29.88 45.05 -16.28
N ARG B 437 30.00 44.42 -17.43
CA ARG B 437 29.03 44.61 -18.48
C ARG B 437 27.82 43.71 -18.25
N PRO B 438 26.65 44.10 -18.71
CA PRO B 438 25.47 43.25 -18.51
C PRO B 438 25.51 42.05 -19.44
N GLY B 439 25.20 40.89 -18.88
CA GLY B 439 25.22 39.68 -19.66
C GLY B 439 23.89 38.97 -19.70
N GLY B 440 23.90 37.68 -19.39
CA GLY B 440 22.69 36.91 -19.42
C GLY B 440 22.36 36.44 -20.82
N GLY B 441 21.39 35.56 -20.90
CA GLY B 441 20.96 34.99 -22.15
C GLY B 441 20.77 33.52 -21.97
N ASP B 442 21.63 32.92 -21.16
CA ASP B 442 21.51 31.51 -20.85
C ASP B 442 20.42 31.40 -19.82
N MET B 443 19.24 30.91 -20.22
CA MET B 443 18.12 30.82 -19.30
C MET B 443 18.34 29.84 -18.17
N ARG B 444 19.31 28.92 -18.28
CA ARG B 444 19.59 28.04 -17.16
C ARG B 444 20.15 28.85 -16.02
N ASP B 445 20.93 29.88 -16.34
CA ASP B 445 21.47 30.77 -15.34
C ASP B 445 20.38 31.63 -14.73
N ASN B 446 19.26 31.78 -15.43
CA ASN B 446 18.16 32.56 -14.88
C ASN B 446 17.48 31.76 -13.78
N TRP B 447 17.41 30.44 -13.91
CA TRP B 447 16.76 29.65 -12.88
C TRP B 447 17.71 29.16 -11.81
N ARG B 448 19.03 29.17 -12.06
CA ARG B 448 19.97 28.77 -11.02
C ARG B 448 19.97 29.79 -9.91
N SER B 449 19.56 31.02 -10.22
CA SER B 449 19.44 32.07 -9.24
C SER B 449 18.22 31.89 -8.38
N GLU B 450 17.35 30.96 -8.77
CA GLU B 450 16.13 30.68 -8.03
C GLU B 450 16.16 29.32 -7.35
N LEU B 451 16.77 28.34 -8.00
CA LEU B 451 16.88 26.99 -7.45
C LEU B 451 18.24 26.75 -6.81
N TYR B 452 18.79 27.75 -6.15
CA TYR B 452 20.09 27.56 -5.51
C TYR B 452 19.95 26.96 -4.14
N LYS B 453 18.82 27.17 -3.49
CA LYS B 453 18.63 26.66 -2.15
C LYS B 453 18.31 25.18 -2.09
N TYR B 454 17.85 24.57 -3.17
CA TYR B 454 17.42 23.19 -3.09
C TYR B 454 18.41 22.20 -3.69
N LYS B 455 18.10 20.93 -3.46
CA LYS B 455 18.84 19.75 -3.89
C LYS B 455 17.95 18.53 -3.66
N VAL B 456 17.91 17.62 -4.63
CA VAL B 456 17.08 16.43 -4.53
C VAL B 456 17.95 15.26 -4.08
N VAL B 457 17.65 14.70 -2.92
CA VAL B 457 18.41 13.59 -2.38
C VAL B 457 17.48 12.43 -2.09
N LYS B 458 18.06 11.24 -2.05
CA LYS B 458 17.33 10.02 -1.75
C LYS B 458 17.89 9.48 -0.44
N ASP C 17 3.47 -25.40 -4.54
CA ASP C 17 2.39 -25.51 -5.51
C ASP C 17 1.12 -25.00 -4.87
N ALA C 18 0.46 -24.07 -5.53
CA ALA C 18 -0.75 -23.48 -4.98
C ALA C 18 -1.98 -24.06 -5.65
N GLU C 19 -3.10 -23.90 -4.97
CA GLU C 19 -4.42 -24.35 -5.39
C GLU C 19 -5.39 -23.19 -5.37
N THR C 20 -5.02 -22.10 -6.03
CA THR C 20 -5.85 -20.92 -6.04
C THR C 20 -6.75 -20.82 -7.26
N THR C 21 -7.51 -19.73 -7.27
CA THR C 21 -8.39 -19.36 -8.35
C THR C 21 -7.62 -18.34 -9.19
N LEU C 22 -7.95 -18.29 -10.47
CA LEU C 22 -7.28 -17.40 -11.40
C LEU C 22 -8.32 -16.56 -12.10
N PHE C 23 -8.14 -15.26 -12.13
CA PHE C 23 -9.11 -14.44 -12.82
C PHE C 23 -8.78 -14.44 -14.29
N CYS C 24 -9.81 -14.54 -15.13
CA CYS C 24 -9.60 -14.55 -16.56
C CYS C 24 -9.36 -13.12 -17.05
N ALA C 25 -8.83 -13.01 -18.27
CA ALA C 25 -8.56 -11.69 -18.83
C ALA C 25 -8.66 -11.81 -20.35
N SER C 26 -9.80 -11.44 -20.91
CA SER C 26 -9.98 -11.55 -22.34
C SER C 26 -10.36 -10.20 -22.93
N ASP C 27 -10.09 -10.05 -24.21
CA ASP C 27 -10.40 -8.81 -24.93
C ASP C 27 -11.83 -8.93 -25.42
N ALA C 28 -12.75 -8.32 -24.69
CA ALA C 28 -14.16 -8.37 -25.04
C ALA C 28 -14.53 -7.19 -25.93
N LYS C 29 -15.82 -7.00 -26.12
CA LYS C 29 -16.41 -5.93 -26.92
C LYS C 29 -17.48 -5.16 -26.16
N ALA C 30 -18.27 -5.84 -25.34
CA ALA C 30 -19.36 -5.30 -24.51
C ALA C 30 -20.47 -4.63 -25.31
N TYR C 31 -20.58 -4.86 -26.61
CA TYR C 31 -21.69 -4.21 -27.30
C TYR C 31 -22.50 -5.16 -28.16
N GLU C 32 -21.85 -6.15 -28.79
CA GLU C 32 -22.57 -7.07 -29.64
C GLU C 32 -23.34 -8.10 -28.83
N THR C 33 -24.21 -8.82 -29.54
CA THR C 33 -25.05 -9.85 -28.95
C THR C 33 -24.33 -11.19 -28.95
N GLU C 34 -23.02 -11.19 -29.18
CA GLU C 34 -22.24 -12.41 -29.16
C GLU C 34 -22.23 -12.93 -27.73
N LYS C 35 -22.37 -14.25 -27.58
CA LYS C 35 -22.44 -14.84 -26.25
C LYS C 35 -21.15 -14.65 -25.48
N HIS C 36 -20.01 -15.04 -26.07
CA HIS C 36 -18.74 -14.92 -25.38
C HIS C 36 -18.39 -13.48 -25.06
N ASN C 37 -18.86 -12.51 -25.85
CA ASN C 37 -18.60 -11.13 -25.50
C ASN C 37 -19.47 -10.71 -24.33
N VAL C 38 -20.63 -11.33 -24.17
CA VAL C 38 -21.49 -11.00 -23.04
C VAL C 38 -20.93 -11.61 -21.77
N TRP C 39 -20.45 -12.85 -21.86
CA TRP C 39 -19.87 -13.51 -20.70
C TRP C 39 -18.57 -12.86 -20.28
N ALA C 40 -17.72 -12.50 -21.25
CA ALA C 40 -16.44 -11.89 -20.91
C ALA C 40 -16.61 -10.51 -20.31
N THR C 41 -17.68 -9.81 -20.63
CA THR C 41 -17.86 -8.50 -20.04
C THR C 41 -18.29 -8.61 -18.58
N HIS C 42 -19.14 -9.57 -18.27
CA HIS C 42 -19.59 -9.69 -16.89
C HIS C 42 -18.59 -10.38 -15.98
N ALA C 43 -17.70 -11.22 -16.48
CA ALA C 43 -16.72 -11.83 -15.58
C ALA C 43 -15.45 -12.17 -16.35
N CYS C 44 -14.57 -11.17 -16.47
CA CYS C 44 -13.23 -11.11 -17.07
C CYS C 44 -12.80 -9.65 -16.99
N VAL C 45 -11.50 -9.42 -17.11
CA VAL C 45 -10.95 -8.06 -17.07
C VAL C 45 -10.27 -7.84 -18.41
N PRO C 46 -9.91 -6.62 -18.80
CA PRO C 46 -9.23 -6.45 -20.09
C PRO C 46 -7.83 -7.02 -20.03
N THR C 47 -7.32 -7.39 -21.20
CA THR C 47 -6.00 -7.99 -21.32
C THR C 47 -4.90 -7.01 -20.92
N ASP C 48 -3.80 -7.57 -20.45
CA ASP C 48 -2.65 -6.79 -20.04
C ASP C 48 -2.01 -6.17 -21.27
N PRO C 49 -1.93 -4.85 -21.36
CA PRO C 49 -1.32 -4.26 -22.56
C PRO C 49 0.19 -4.36 -22.60
N ASN C 50 0.85 -4.48 -21.44
CA ASN C 50 2.30 -4.57 -21.39
C ASN C 50 2.69 -5.78 -20.54
N PRO C 51 2.81 -6.95 -21.16
CA PRO C 51 3.19 -8.14 -20.41
C PRO C 51 4.69 -8.18 -20.18
N GLN C 52 5.10 -8.87 -19.12
CA GLN C 52 6.50 -9.00 -18.77
C GLN C 52 6.81 -10.46 -18.48
N GLU C 53 7.75 -11.02 -19.23
CA GLU C 53 8.18 -12.40 -19.07
C GLU C 53 9.61 -12.39 -18.56
N ILE C 54 9.77 -12.61 -17.26
CA ILE C 54 11.10 -12.64 -16.67
C ILE C 54 11.69 -14.02 -16.90
N HIS C 55 12.80 -14.07 -17.61
CA HIS C 55 13.45 -15.34 -17.90
C HIS C 55 14.33 -15.70 -16.71
N LEU C 56 14.10 -16.87 -16.14
CA LEU C 56 14.91 -17.30 -15.01
C LEU C 56 16.23 -17.86 -15.52
N GLU C 57 17.13 -18.11 -14.59
CA GLU C 57 18.42 -18.63 -14.95
C GLU C 57 18.44 -20.13 -15.18
N ASN C 58 19.41 -20.80 -14.59
CA ASN C 58 19.58 -22.25 -14.75
C ASN C 58 18.70 -22.98 -13.75
N VAL C 59 17.40 -22.92 -13.97
CA VAL C 59 16.46 -23.57 -13.09
C VAL C 59 15.79 -24.74 -13.80
N THR C 60 15.32 -25.69 -13.01
CA THR C 60 14.64 -26.87 -13.50
C THR C 60 13.45 -27.15 -12.60
N GLU C 61 12.28 -27.34 -13.19
CA GLU C 61 11.07 -27.60 -12.44
C GLU C 61 10.35 -28.82 -13.02
N GLU C 62 9.94 -29.73 -12.16
CA GLU C 62 9.25 -30.94 -12.59
C GLU C 62 7.84 -30.57 -12.99
N PHE C 63 7.66 -30.16 -14.24
CA PHE C 63 6.34 -29.78 -14.69
C PHE C 63 5.45 -30.98 -14.95
N ASN C 64 4.72 -31.43 -13.95
CA ASN C 64 3.78 -32.51 -14.22
C ASN C 64 2.58 -31.86 -14.87
N MET C 65 2.00 -32.55 -15.83
CA MET C 65 0.87 -31.98 -16.54
C MET C 65 -0.44 -32.71 -16.34
N TRP C 66 -0.42 -34.00 -16.04
CA TRP C 66 -1.67 -34.69 -15.81
C TRP C 66 -2.20 -34.52 -14.40
N LYS C 67 -1.40 -33.97 -13.50
CA LYS C 67 -1.83 -33.70 -12.13
C LYS C 67 -1.97 -32.21 -11.89
N ASN C 68 -2.12 -31.45 -12.97
CA ASN C 68 -2.26 -30.00 -12.89
C ASN C 68 -3.65 -29.63 -12.41
N ASN C 69 -3.71 -28.89 -11.31
CA ASN C 69 -4.99 -28.46 -10.78
C ASN C 69 -5.52 -27.22 -11.46
N MET C 70 -4.71 -26.60 -12.32
CA MET C 70 -5.19 -25.41 -13.01
C MET C 70 -6.19 -25.76 -14.08
N VAL C 71 -6.04 -26.92 -14.73
CA VAL C 71 -6.97 -27.35 -15.76
C VAL C 71 -8.30 -27.77 -15.15
N GLU C 72 -8.33 -28.09 -13.86
CA GLU C 72 -9.56 -28.45 -13.19
C GLU C 72 -10.41 -27.23 -12.94
N GLN C 73 -9.84 -26.04 -13.04
CA GLN C 73 -10.54 -24.79 -12.86
C GLN C 73 -11.14 -24.29 -14.15
N MET C 74 -10.38 -24.36 -15.25
CA MET C 74 -10.89 -23.93 -16.55
C MET C 74 -12.10 -24.74 -16.95
N HIS C 75 -12.08 -26.03 -16.63
CA HIS C 75 -13.21 -26.90 -16.92
C HIS C 75 -14.43 -26.51 -16.13
N THR C 76 -14.26 -25.91 -14.95
CA THR C 76 -15.40 -25.46 -14.17
C THR C 76 -15.76 -24.02 -14.48
N ASP C 77 -14.97 -23.34 -15.29
CA ASP C 77 -15.26 -21.98 -15.70
C ASP C 77 -15.89 -21.97 -17.07
N ILE C 78 -15.86 -23.10 -17.76
CA ILE C 78 -16.49 -23.24 -19.06
C ILE C 78 -17.90 -23.79 -18.89
N ILE C 79 -18.10 -24.71 -17.94
CA ILE C 79 -19.43 -25.24 -17.65
C ILE C 79 -20.35 -24.11 -17.22
N SER C 80 -19.81 -23.12 -16.52
CA SER C 80 -20.59 -21.96 -16.12
C SER C 80 -20.88 -21.04 -17.30
N LEU C 81 -20.25 -21.24 -18.44
CA LEU C 81 -20.51 -20.43 -19.63
C LEU C 81 -21.58 -21.06 -20.49
N TRP C 82 -21.64 -22.38 -20.52
CA TRP C 82 -22.62 -23.12 -21.29
C TRP C 82 -23.99 -23.08 -20.64
N ASP C 83 -24.05 -22.71 -19.38
CA ASP C 83 -25.33 -22.56 -18.69
C ASP C 83 -25.83 -21.14 -18.84
N GLN C 84 -25.08 -20.31 -19.54
CA GLN C 84 -25.42 -18.93 -19.83
C GLN C 84 -25.50 -18.69 -21.32
N SER C 85 -25.19 -19.70 -22.13
CA SER C 85 -25.16 -19.56 -23.57
C SER C 85 -26.25 -20.33 -24.29
N LEU C 86 -26.21 -21.64 -24.17
CA LEU C 86 -27.13 -22.52 -24.87
C LEU C 86 -28.09 -23.10 -23.86
N LYS C 87 -29.20 -22.46 -23.68
CA LYS C 87 -30.15 -22.99 -22.75
C LYS C 87 -30.94 -24.10 -23.44
N PRO C 88 -30.94 -25.30 -22.89
CA PRO C 88 -31.65 -26.40 -23.54
C PRO C 88 -33.15 -26.31 -23.37
N CYS C 89 -33.86 -26.86 -24.36
CA CYS C 89 -35.31 -26.86 -24.28
C CYS C 89 -35.76 -27.85 -23.22
N VAL C 90 -35.14 -29.02 -23.19
CA VAL C 90 -35.43 -30.07 -22.23
C VAL C 90 -34.08 -30.56 -21.74
N LYS C 91 -33.78 -30.36 -20.46
CA LYS C 91 -32.51 -30.78 -19.90
C LYS C 91 -32.77 -31.99 -19.03
N LEU C 92 -32.73 -33.16 -19.63
CA LEU C 92 -32.97 -34.40 -18.91
C LEU C 92 -31.67 -34.83 -18.23
N THR C 93 -31.66 -34.82 -16.90
CA THR C 93 -30.48 -35.19 -16.14
C THR C 93 -30.83 -36.19 -15.03
N PRO C 94 -29.95 -37.13 -14.74
CA PRO C 94 -30.24 -38.11 -13.70
C PRO C 94 -30.09 -37.54 -12.30
N LEU C 95 -30.76 -38.19 -11.36
CA LEU C 95 -30.75 -37.79 -9.96
C LEU C 95 -31.14 -38.99 -9.12
N CYS C 96 -30.21 -39.48 -8.31
CA CYS C 96 -30.47 -40.65 -7.48
C CYS C 96 -30.74 -40.24 -6.03
N VAL C 97 -31.31 -41.19 -5.30
CA VAL C 97 -31.66 -41.02 -3.89
C VAL C 97 -30.77 -41.97 -3.09
N THR C 98 -30.36 -41.54 -1.90
CA THR C 98 -29.48 -42.32 -1.03
C THR C 98 -30.24 -43.52 -0.45
N LEU C 99 -30.29 -44.59 -1.23
CA LEU C 99 -30.93 -45.84 -0.83
C LEU C 99 -30.00 -46.98 -1.23
N ASN C 100 -29.57 -47.75 -0.24
CA ASN C 100 -28.64 -48.86 -0.45
C ASN C 100 -29.26 -49.97 -1.29
N CYS C 101 -28.39 -50.78 -1.89
CA CYS C 101 -28.78 -51.91 -2.72
C CYS C 101 -27.63 -52.89 -2.80
N LEU C 163 -33.03 -51.87 -5.29
CA LEU C 163 -33.65 -50.91 -6.22
C LEU C 163 -33.42 -49.49 -5.72
N ILE C 164 -32.38 -48.84 -6.23
CA ILE C 164 -32.07 -47.48 -5.82
C ILE C 164 -33.01 -46.53 -6.57
N ASN C 165 -33.56 -45.57 -5.85
CA ASN C 165 -34.47 -44.61 -6.47
C ASN C 165 -33.63 -43.61 -7.26
N CYS C 166 -33.68 -43.72 -8.59
CA CYS C 166 -32.95 -42.84 -9.49
C CYS C 166 -33.94 -42.34 -10.55
N ASN C 167 -34.66 -41.27 -10.23
CA ASN C 167 -35.63 -40.70 -11.14
C ASN C 167 -35.03 -39.47 -11.81
N THR C 168 -35.33 -39.31 -13.09
CA THR C 168 -34.82 -38.17 -13.83
C THR C 168 -35.53 -36.90 -13.40
N SER C 169 -34.87 -35.77 -13.64
CA SER C 169 -35.41 -34.46 -13.29
C SER C 169 -35.22 -33.57 -14.50
N ALA C 170 -36.30 -33.30 -15.21
CA ALA C 170 -36.23 -32.48 -16.42
C ALA C 170 -36.48 -31.03 -16.09
N ILE C 171 -35.97 -30.16 -16.94
CA ILE C 171 -36.10 -28.71 -16.81
C ILE C 171 -36.46 -28.17 -18.18
N THR C 172 -37.50 -27.34 -18.25
CA THR C 172 -37.94 -26.75 -19.50
C THR C 172 -37.61 -25.27 -19.49
N GLN C 173 -36.80 -24.82 -20.44
CA GLN C 173 -36.39 -23.43 -20.54
C GLN C 173 -36.62 -22.93 -21.95
N ALA C 174 -36.60 -21.61 -22.11
CA ALA C 174 -36.75 -21.00 -23.42
C ALA C 174 -35.48 -21.25 -24.22
N CYS C 175 -35.63 -21.47 -25.53
CA CYS C 175 -34.49 -21.77 -26.39
C CYS C 175 -34.28 -20.75 -27.49
N PRO C 176 -33.64 -19.62 -27.22
CA PRO C 176 -33.40 -18.66 -28.30
C PRO C 176 -32.11 -18.97 -29.04
N LYS C 177 -32.19 -18.97 -30.37
CA LYS C 177 -31.01 -19.24 -31.18
C LYS C 177 -30.10 -18.04 -31.10
N VAL C 178 -28.98 -18.19 -30.42
CA VAL C 178 -28.04 -17.10 -30.22
C VAL C 178 -26.80 -17.32 -31.06
N SER C 179 -26.02 -16.25 -31.20
CA SER C 179 -24.77 -16.31 -31.94
C SER C 179 -23.77 -17.10 -31.13
N PHE C 180 -22.75 -17.64 -31.78
CA PHE C 180 -21.77 -18.43 -31.05
C PHE C 180 -20.41 -18.39 -31.72
N GLU C 181 -19.41 -17.92 -30.97
CA GLU C 181 -18.04 -17.81 -31.46
C GLU C 181 -17.10 -17.72 -30.28
N PRO C 182 -16.03 -18.52 -30.23
CA PRO C 182 -15.10 -18.45 -29.12
C PRO C 182 -14.26 -17.19 -29.17
N ILE C 183 -13.64 -16.89 -28.04
CA ILE C 183 -12.78 -15.71 -27.85
C ILE C 183 -11.57 -16.14 -27.04
N PRO C 184 -10.35 -15.73 -27.40
CA PRO C 184 -9.18 -16.14 -26.63
C PRO C 184 -9.16 -15.48 -25.26
N ILE C 185 -9.05 -16.29 -24.22
CA ILE C 185 -9.00 -15.80 -22.86
C ILE C 185 -7.59 -16.02 -22.33
N HIS C 186 -7.27 -15.35 -21.24
CA HIS C 186 -5.95 -15.46 -20.63
C HIS C 186 -6.12 -15.66 -19.14
N TYR C 187 -5.65 -16.78 -18.61
CA TYR C 187 -5.73 -17.00 -17.19
C TYR C 187 -4.57 -16.32 -16.52
N CYS C 188 -4.86 -15.41 -15.59
CA CYS C 188 -3.85 -14.66 -14.90
C CYS C 188 -3.78 -15.06 -13.44
N ALA C 189 -2.59 -14.95 -12.87
CA ALA C 189 -2.33 -15.29 -11.49
C ALA C 189 -2.87 -14.21 -10.56
N PRO C 190 -3.36 -14.57 -9.39
CA PRO C 190 -3.89 -13.57 -8.47
C PRO C 190 -2.75 -12.85 -7.77
N ALA C 191 -3.12 -11.94 -6.88
CA ALA C 191 -2.15 -11.16 -6.14
C ALA C 191 -1.43 -12.03 -5.12
N GLY C 192 -0.13 -12.21 -5.29
CA GLY C 192 0.67 -12.99 -4.38
C GLY C 192 1.25 -14.27 -4.94
N PHE C 193 0.81 -14.72 -6.12
CA PHE C 193 1.28 -15.94 -6.73
C PHE C 193 1.95 -15.63 -8.06
N ALA C 194 2.50 -16.65 -8.68
CA ALA C 194 3.16 -16.48 -9.97
C ALA C 194 2.94 -17.73 -10.80
N ILE C 195 3.08 -17.58 -12.12
CA ILE C 195 2.89 -18.67 -13.05
C ILE C 195 4.19 -18.94 -13.79
N LEU C 196 4.68 -20.17 -13.70
CA LEU C 196 5.89 -20.56 -14.39
C LEU C 196 5.54 -21.01 -15.79
N LYS C 197 6.54 -21.10 -16.66
CA LYS C 197 6.29 -21.47 -18.05
C LYS C 197 7.53 -22.07 -18.69
N CYS C 198 7.43 -23.31 -19.16
CA CYS C 198 8.58 -23.89 -19.85
C CYS C 198 8.67 -23.33 -21.26
N LYS C 199 9.87 -23.40 -21.82
CA LYS C 199 10.09 -22.88 -23.15
C LYS C 199 10.80 -23.87 -24.05
N ASP C 200 10.93 -25.13 -23.64
CA ASP C 200 11.58 -26.13 -24.46
C ASP C 200 10.70 -26.44 -25.65
N LYS C 201 11.32 -26.67 -26.80
CA LYS C 201 10.55 -26.94 -28.01
C LYS C 201 9.96 -28.34 -28.04
N LYS C 202 10.33 -29.21 -27.10
CA LYS C 202 9.79 -30.55 -27.01
C LYS C 202 8.92 -30.70 -25.78
N PHE C 203 9.49 -30.41 -24.61
CA PHE C 203 8.92 -30.39 -23.26
C PHE C 203 8.49 -31.76 -22.70
N ASN C 204 8.25 -32.75 -23.58
CA ASN C 204 7.94 -34.14 -23.24
C ASN C 204 6.67 -34.38 -22.41
N GLY C 205 6.08 -33.36 -21.81
CA GLY C 205 4.92 -33.57 -20.98
C GLY C 205 5.23 -33.47 -19.50
N THR C 206 5.34 -34.59 -18.79
CA THR C 206 5.60 -34.56 -17.35
C THR C 206 7.11 -34.63 -17.06
N GLY C 207 7.93 -34.07 -17.92
CA GLY C 207 9.37 -34.08 -17.71
C GLY C 207 9.89 -32.70 -17.38
N PRO C 208 10.95 -32.64 -16.57
CA PRO C 208 11.50 -31.33 -16.19
C PRO C 208 12.27 -30.69 -17.34
N CYS C 209 11.96 -29.42 -17.61
CA CYS C 209 12.64 -28.70 -18.67
C CYS C 209 13.67 -27.79 -18.00
N PRO C 210 14.38 -26.99 -18.80
CA PRO C 210 15.39 -26.11 -18.24
C PRO C 210 15.18 -24.64 -18.56
N SER C 211 14.48 -24.31 -19.62
CA SER C 211 14.28 -22.91 -19.97
C SER C 211 12.96 -22.43 -19.37
N VAL C 212 12.94 -22.38 -18.05
CA VAL C 212 11.76 -21.96 -17.30
C VAL C 212 11.78 -20.45 -17.17
N SER C 213 10.67 -19.82 -17.53
CA SER C 213 10.51 -18.38 -17.43
C SER C 213 9.17 -18.11 -16.78
N THR C 214 9.10 -17.06 -15.96
CA THR C 214 7.88 -16.72 -15.28
C THR C 214 7.13 -15.62 -16.00
N VAL C 215 5.81 -15.69 -15.89
CA VAL C 215 4.90 -14.72 -16.48
C VAL C 215 3.81 -14.45 -15.46
N GLN C 216 2.81 -13.71 -15.88
CA GLN C 216 1.68 -13.40 -15.03
C GLN C 216 0.36 -13.79 -15.65
N CYS C 217 0.31 -13.99 -16.96
CA CYS C 217 -0.89 -14.37 -17.67
C CYS C 217 -0.51 -15.31 -18.80
N THR C 218 -1.35 -16.30 -19.07
CA THR C 218 -1.06 -17.23 -20.13
C THR C 218 -1.34 -16.61 -21.49
N HIS C 219 -1.04 -17.36 -22.54
CA HIS C 219 -1.27 -16.89 -23.89
C HIS C 219 -2.75 -17.03 -24.25
N GLY C 220 -3.06 -16.78 -25.51
CA GLY C 220 -4.43 -16.88 -25.98
C GLY C 220 -4.97 -18.29 -25.97
N ILE C 221 -6.03 -18.53 -25.21
CA ILE C 221 -6.63 -19.85 -25.09
C ILE C 221 -8.08 -19.76 -25.53
N LYS C 222 -8.45 -20.53 -26.52
CA LYS C 222 -9.83 -20.51 -26.95
C LYS C 222 -10.60 -21.64 -26.28
N PRO C 223 -11.80 -21.40 -25.84
CA PRO C 223 -12.58 -22.43 -25.15
C PRO C 223 -13.30 -23.43 -26.05
N VAL C 224 -12.79 -23.67 -27.27
CA VAL C 224 -13.44 -24.57 -28.22
C VAL C 224 -13.64 -25.96 -27.62
N VAL C 225 -14.87 -26.47 -27.75
CA VAL C 225 -15.26 -27.78 -27.24
C VAL C 225 -15.44 -28.69 -28.43
N SER C 226 -14.58 -29.68 -28.58
CA SER C 226 -14.69 -30.59 -29.70
C SER C 226 -14.06 -31.93 -29.34
N THR C 227 -14.32 -32.92 -30.18
CA THR C 227 -13.79 -34.26 -30.00
C THR C 227 -13.12 -34.73 -31.27
N GLN C 228 -12.12 -35.60 -31.09
CA GLN C 228 -11.30 -36.29 -32.10
C GLN C 228 -10.35 -35.40 -32.88
N LEU C 229 -10.54 -34.09 -32.82
CA LEU C 229 -9.67 -33.18 -33.56
C LEU C 229 -9.70 -31.87 -32.80
N LEU C 230 -8.57 -31.49 -32.24
CA LEU C 230 -8.53 -30.24 -31.51
C LEU C 230 -8.52 -29.11 -32.52
N LEU C 231 -9.54 -28.27 -32.46
CA LEU C 231 -9.66 -27.14 -33.38
C LEU C 231 -8.76 -25.99 -32.98
N ASN C 232 -9.17 -24.77 -33.34
CA ASN C 232 -8.47 -23.49 -33.14
C ASN C 232 -7.60 -23.42 -31.91
N GLY C 233 -6.34 -23.05 -32.09
CA GLY C 233 -5.45 -22.98 -30.95
C GLY C 233 -4.03 -22.75 -31.39
N SER C 234 -3.12 -22.96 -30.44
CA SER C 234 -1.70 -22.75 -30.67
C SER C 234 -1.09 -23.97 -31.33
N LEU C 235 -0.07 -23.72 -32.15
CA LEU C 235 0.65 -24.75 -32.86
C LEU C 235 1.95 -25.08 -32.15
N ALA C 236 2.59 -26.16 -32.57
CA ALA C 236 3.85 -26.55 -31.99
C ALA C 236 4.94 -25.59 -32.44
N GLU C 237 6.10 -25.65 -31.78
CA GLU C 237 7.15 -24.72 -32.15
C GLU C 237 7.89 -25.16 -33.40
N GLU C 238 8.55 -26.31 -33.36
CA GLU C 238 9.31 -26.75 -34.52
C GLU C 238 9.01 -28.15 -35.01
N GLU C 239 8.47 -29.03 -34.18
CA GLU C 239 8.23 -30.37 -34.66
C GLU C 239 7.01 -30.96 -33.96
N VAL C 240 6.30 -31.82 -34.69
CA VAL C 240 5.11 -32.47 -34.16
C VAL C 240 5.52 -33.38 -33.01
N MET C 241 5.07 -33.05 -31.82
CA MET C 241 5.39 -33.83 -30.63
C MET C 241 4.14 -34.55 -30.16
N ILE C 242 4.33 -35.67 -29.51
CA ILE C 242 3.22 -36.44 -28.98
C ILE C 242 3.35 -36.42 -27.47
N ARG C 243 2.21 -36.38 -26.81
CA ARG C 243 2.18 -36.34 -25.36
C ARG C 243 1.17 -37.34 -24.86
N SER C 244 1.53 -38.04 -23.80
CA SER C 244 0.66 -39.02 -23.17
C SER C 244 1.17 -39.20 -21.76
N GLU C 245 0.24 -39.46 -20.85
CA GLU C 245 0.62 -39.65 -19.45
C GLU C 245 1.47 -40.89 -19.28
N ASN C 246 1.13 -41.96 -19.99
CA ASN C 246 1.89 -43.20 -19.93
C ASN C 246 1.54 -44.01 -21.16
N ILE C 247 2.55 -44.38 -21.93
CA ILE C 247 2.36 -45.17 -23.14
C ILE C 247 2.33 -46.62 -22.72
N THR C 248 2.01 -47.51 -23.67
CA THR C 248 1.95 -48.97 -23.54
C THR C 248 0.94 -49.46 -22.51
N ASN C 249 0.02 -48.62 -22.06
CA ASN C 249 -0.97 -49.05 -21.08
C ASN C 249 -2.38 -48.87 -21.63
N ASN C 250 -2.49 -48.49 -22.92
CA ASN C 250 -3.69 -48.29 -23.75
C ASN C 250 -4.94 -47.81 -23.01
N ALA C 251 -4.74 -46.85 -22.12
CA ALA C 251 -5.87 -46.30 -21.38
C ALA C 251 -5.82 -44.79 -21.45
N LYS C 252 -4.61 -44.26 -21.41
CA LYS C 252 -4.43 -42.81 -21.47
C LYS C 252 -4.44 -42.37 -22.92
N ASN C 253 -5.13 -41.27 -23.18
CA ASN C 253 -5.20 -40.76 -24.54
C ASN C 253 -3.88 -40.11 -24.92
N ILE C 254 -3.52 -40.20 -26.19
CA ILE C 254 -2.29 -39.64 -26.69
C ILE C 254 -2.62 -38.32 -27.39
N LEU C 255 -2.12 -37.23 -26.84
CA LEU C 255 -2.35 -35.91 -27.41
C LEU C 255 -1.25 -35.65 -28.43
N VAL C 256 -1.65 -35.37 -29.66
CA VAL C 256 -0.71 -35.09 -30.74
C VAL C 256 -0.87 -33.63 -31.15
N GLN C 257 0.20 -32.87 -31.04
CA GLN C 257 0.18 -31.46 -31.40
C GLN C 257 0.88 -31.27 -32.73
N PHE C 258 0.24 -30.57 -33.65
CA PHE C 258 0.81 -30.33 -34.97
C PHE C 258 1.62 -29.05 -35.00
N ASN C 259 2.56 -28.99 -35.94
CA ASN C 259 3.40 -27.80 -36.11
C ASN C 259 2.99 -26.98 -37.31
N THR C 260 1.92 -27.37 -38.00
CA THR C 260 1.42 -26.66 -39.16
C THR C 260 -0.10 -26.72 -39.12
N PRO C 261 -0.73 -25.57 -39.36
CA PRO C 261 -2.18 -25.46 -39.30
C PRO C 261 -2.86 -26.16 -40.47
N VAL C 262 -3.56 -27.24 -40.19
CA VAL C 262 -4.32 -27.94 -41.21
C VAL C 262 -5.71 -27.30 -41.23
N GLN C 263 -6.11 -26.77 -42.37
CA GLN C 263 -7.38 -26.08 -42.42
C GLN C 263 -8.54 -27.03 -42.71
N ILE C 264 -9.74 -26.50 -42.50
CA ILE C 264 -10.99 -27.22 -42.70
C ILE C 264 -12.11 -26.19 -42.85
N ASN C 265 -12.98 -26.42 -43.82
CA ASN C 265 -14.10 -25.53 -44.10
C ASN C 265 -15.36 -26.38 -44.10
N CYS C 266 -16.35 -25.98 -43.32
CA CYS C 266 -17.60 -26.72 -43.19
C CYS C 266 -18.78 -25.82 -43.52
N THR C 267 -19.55 -26.17 -44.55
CA THR C 267 -20.69 -25.37 -44.97
C THR C 267 -21.90 -26.22 -45.35
N ARG C 268 -22.98 -25.49 -45.59
CA ARG C 268 -24.33 -25.82 -46.07
C ARG C 268 -24.96 -24.47 -46.43
N PRO C 269 -24.88 -24.02 -47.70
CA PRO C 269 -25.42 -22.67 -48.03
C PRO C 269 -26.91 -22.56 -47.81
N ASN C 270 -27.74 -23.03 -48.73
CA ASN C 270 -29.16 -23.06 -48.44
C ASN C 270 -29.68 -24.38 -48.98
N ASN C 271 -29.93 -24.42 -50.30
CA ASN C 271 -30.26 -25.52 -51.21
C ASN C 271 -30.76 -26.86 -50.69
N ASN C 272 -31.24 -26.96 -49.45
CA ASN C 272 -31.69 -28.25 -48.94
C ASN C 272 -32.82 -28.07 -47.93
N THR C 273 -33.80 -27.24 -48.27
CA THR C 273 -34.94 -26.93 -47.42
C THR C 273 -35.90 -28.13 -47.24
N ARG C 274 -35.57 -29.29 -47.81
CA ARG C 274 -36.38 -30.51 -47.68
C ARG C 274 -36.29 -30.96 -46.23
N LYS C 275 -37.36 -30.72 -45.49
CA LYS C 275 -37.38 -31.05 -44.06
C LYS C 275 -37.38 -32.55 -43.83
N SER C 276 -38.43 -33.23 -44.24
CA SER C 276 -38.52 -34.66 -44.05
C SER C 276 -38.42 -35.38 -45.39
N ILE C 277 -38.53 -36.70 -45.37
CA ILE C 277 -38.49 -37.54 -46.55
C ILE C 277 -39.83 -38.25 -46.75
N ARG C 278 -40.35 -38.83 -45.67
CA ARG C 278 -41.62 -39.55 -45.71
C ARG C 278 -42.24 -39.50 -44.32
N ILE C 279 -43.55 -39.46 -44.28
CA ILE C 279 -44.27 -39.39 -43.01
C ILE C 279 -44.83 -40.76 -42.63
N ASP C 294 -31.42 -32.22 -47.85
CA ASP C 294 -32.02 -32.31 -46.53
C ASP C 294 -31.41 -31.25 -45.64
N ILE C 295 -32.24 -30.63 -44.78
CA ILE C 295 -31.78 -29.58 -43.88
C ILE C 295 -30.83 -30.10 -42.81
N ARG C 296 -30.87 -31.41 -42.53
CA ARG C 296 -30.00 -32.05 -41.56
C ARG C 296 -28.73 -32.55 -42.21
N GLN C 297 -28.24 -31.88 -43.24
CA GLN C 297 -27.03 -32.36 -43.91
C GLN C 297 -26.06 -31.20 -44.11
N ALA C 298 -24.79 -31.52 -44.00
CA ALA C 298 -23.71 -30.57 -44.16
C ALA C 298 -22.46 -31.35 -44.53
N HIS C 299 -21.42 -30.65 -44.96
CA HIS C 299 -20.19 -31.31 -45.36
C HIS C 299 -18.99 -30.45 -45.03
N CYS C 300 -17.82 -31.10 -45.02
CA CYS C 300 -16.55 -30.44 -44.75
C CYS C 300 -15.52 -30.92 -45.77
N ASN C 301 -14.49 -30.10 -45.98
CA ASN C 301 -13.43 -30.43 -46.92
C ASN C 301 -12.06 -30.24 -46.27
N VAL C 302 -11.15 -31.17 -46.53
CA VAL C 302 -9.80 -31.16 -46.00
C VAL C 302 -8.83 -31.27 -47.17
N SER C 303 -7.82 -30.40 -47.20
CA SER C 303 -6.83 -30.40 -48.26
C SER C 303 -5.96 -31.65 -48.16
N LYS C 304 -6.27 -32.65 -49.01
CA LYS C 304 -5.54 -33.92 -49.02
C LYS C 304 -4.07 -33.75 -49.32
N ALA C 305 -3.72 -32.80 -50.20
CA ALA C 305 -2.32 -32.59 -50.53
C ALA C 305 -1.55 -31.93 -49.39
N THR C 306 -2.25 -31.32 -48.45
CA THR C 306 -1.61 -30.70 -47.31
C THR C 306 -1.73 -31.54 -46.06
N TRP C 307 -2.84 -32.27 -45.92
CA TRP C 307 -3.07 -33.11 -44.76
C TRP C 307 -2.18 -34.34 -44.73
N ASN C 308 -1.75 -34.85 -45.89
CA ASN C 308 -0.89 -36.03 -45.88
C ASN C 308 0.50 -35.72 -45.33
N GLU C 309 0.93 -34.46 -45.45
CA GLU C 309 2.24 -34.06 -44.95
C GLU C 309 2.29 -34.15 -43.44
N THR C 310 1.27 -33.59 -42.78
CA THR C 310 1.20 -33.62 -41.33
C THR C 310 0.96 -35.03 -40.82
N LEU C 311 0.19 -35.83 -41.55
CA LEU C 311 0.00 -37.21 -41.11
C LEU C 311 1.28 -38.01 -41.33
N GLY C 312 2.04 -37.66 -42.37
CA GLY C 312 3.29 -38.33 -42.64
C GLY C 312 4.35 -38.10 -41.58
N LYS C 313 4.19 -37.02 -40.80
CA LYS C 313 5.13 -36.75 -39.73
C LYS C 313 4.69 -37.40 -38.43
N VAL C 314 3.40 -37.64 -38.27
CA VAL C 314 2.87 -38.28 -37.07
C VAL C 314 3.33 -39.73 -37.01
N VAL C 315 3.24 -40.42 -38.15
CA VAL C 315 3.69 -41.80 -38.21
C VAL C 315 5.20 -41.88 -38.09
N LYS C 316 5.90 -40.80 -38.40
CA LYS C 316 7.35 -40.79 -38.23
C LYS C 316 7.73 -40.70 -36.77
N GLN C 317 6.85 -40.13 -35.95
CA GLN C 317 7.08 -40.02 -34.52
C GLN C 317 6.58 -41.25 -33.77
N LEU C 318 5.44 -41.79 -34.21
CA LEU C 318 4.88 -42.97 -33.56
C LEU C 318 5.75 -44.20 -33.79
N ARG C 319 6.41 -44.27 -34.95
CA ARG C 319 7.27 -45.42 -35.20
C ARG C 319 8.56 -45.32 -34.39
N LYS C 320 8.89 -44.13 -33.87
CA LYS C 320 10.06 -44.00 -33.03
C LYS C 320 9.83 -44.63 -31.67
N HIS C 321 8.57 -44.81 -31.30
CA HIS C 321 8.20 -45.45 -30.05
C HIS C 321 7.99 -46.94 -30.23
N PHE C 322 7.73 -47.37 -31.45
CA PHE C 322 7.50 -48.77 -31.78
C PHE C 322 8.11 -48.98 -33.16
N GLY C 323 9.41 -49.32 -33.18
CA GLY C 323 10.14 -49.57 -34.43
C GLY C 323 10.56 -51.02 -34.53
N ASN C 324 9.65 -51.93 -34.15
CA ASN C 324 10.02 -53.33 -33.87
C ASN C 324 9.04 -54.32 -34.51
N ASN C 325 9.09 -54.47 -35.85
CA ASN C 325 8.25 -55.43 -36.64
C ASN C 325 6.76 -55.07 -36.60
N THR C 326 6.41 -54.10 -35.74
CA THR C 326 5.06 -53.57 -35.57
C THR C 326 4.91 -52.52 -36.66
N ILE C 327 3.66 -52.18 -36.85
CA ILE C 327 3.08 -51.50 -38.01
C ILE C 327 1.98 -50.52 -37.58
N ILE C 328 2.11 -49.27 -38.02
CA ILE C 328 1.14 -48.22 -37.70
C ILE C 328 -0.10 -48.43 -38.55
N ARG C 329 -1.22 -48.77 -37.93
CA ARG C 329 -2.46 -49.01 -38.67
C ARG C 329 -3.57 -48.15 -38.09
N PHE C 330 -3.97 -47.10 -38.81
CA PHE C 330 -5.07 -46.29 -38.32
C PHE C 330 -6.39 -47.00 -38.58
N ALA C 331 -7.44 -46.55 -37.90
CA ALA C 331 -8.74 -47.16 -38.04
C ALA C 331 -9.78 -46.15 -37.57
N ASN C 332 -11.05 -46.48 -37.78
CA ASN C 332 -12.12 -45.63 -37.33
C ASN C 332 -12.37 -45.87 -35.84
N SER C 333 -13.42 -45.27 -35.30
CA SER C 333 -13.70 -45.48 -33.88
C SER C 333 -14.21 -46.90 -33.65
N LEU C 338 -22.60 -41.32 -29.92
CA LEU C 338 -22.42 -40.59 -31.18
C LEU C 338 -21.53 -39.37 -31.10
N GLU C 339 -21.20 -38.88 -29.92
CA GLU C 339 -20.31 -37.73 -29.79
C GLU C 339 -18.86 -38.16 -29.75
N VAL C 340 -18.61 -39.47 -29.73
CA VAL C 340 -17.25 -40.00 -29.69
C VAL C 340 -16.92 -40.72 -30.99
N THR C 341 -17.88 -41.44 -31.55
CA THR C 341 -17.68 -42.18 -32.81
C THR C 341 -17.37 -41.22 -33.94
N THR C 342 -17.99 -40.06 -33.93
CA THR C 342 -17.74 -39.08 -34.96
C THR C 342 -17.15 -37.82 -34.36
N HIS C 343 -16.78 -36.91 -35.25
CA HIS C 343 -16.26 -35.62 -34.85
C HIS C 343 -17.44 -34.80 -34.35
N SER C 344 -17.19 -33.82 -33.50
CA SER C 344 -18.31 -33.03 -33.00
C SER C 344 -17.85 -31.64 -32.62
N PHE C 345 -18.33 -30.62 -33.34
CA PHE C 345 -17.97 -29.26 -33.04
C PHE C 345 -19.23 -28.43 -33.18
N ASN C 346 -19.16 -27.16 -32.80
CA ASN C 346 -20.35 -26.32 -32.83
C ASN C 346 -20.09 -25.02 -33.58
N CYS C 347 -21.12 -24.52 -34.28
CA CYS C 347 -21.05 -23.26 -35.02
C CYS C 347 -22.45 -22.65 -35.02
N GLY C 348 -22.70 -21.75 -34.08
CA GLY C 348 -23.99 -21.08 -33.97
C GLY C 348 -25.10 -22.04 -33.63
N GLY C 349 -24.85 -22.92 -32.67
CA GLY C 349 -25.87 -23.87 -32.29
C GLY C 349 -26.02 -25.05 -33.20
N GLU C 350 -25.27 -25.10 -34.28
CA GLU C 350 -25.32 -26.20 -35.21
C GLU C 350 -24.35 -27.22 -34.66
N PHE C 351 -24.86 -28.36 -34.20
CA PHE C 351 -23.99 -29.36 -33.60
C PHE C 351 -23.61 -30.39 -34.65
N PHE C 352 -22.59 -30.05 -35.42
CA PHE C 352 -22.09 -30.88 -36.50
C PHE C 352 -21.50 -32.18 -35.98
N TYR C 353 -22.02 -33.30 -36.47
CA TYR C 353 -21.47 -34.60 -36.11
C TYR C 353 -20.92 -35.15 -37.42
N CYS C 354 -19.64 -34.87 -37.68
CA CYS C 354 -18.98 -35.24 -38.92
C CYS C 354 -18.38 -36.64 -38.87
N ASN C 355 -18.80 -37.49 -39.80
CA ASN C 355 -18.29 -38.86 -39.91
C ASN C 355 -16.86 -38.79 -40.40
N THR C 356 -15.91 -39.27 -39.59
CA THR C 356 -14.50 -39.19 -39.97
C THR C 356 -13.90 -40.50 -40.43
N SER C 357 -14.70 -41.44 -40.96
CA SER C 357 -14.09 -42.66 -41.47
C SER C 357 -13.24 -42.45 -42.72
N GLY C 358 -13.53 -41.49 -43.68
CA GLY C 358 -12.58 -41.37 -44.80
C GLY C 358 -11.41 -40.45 -44.47
N LEU C 359 -10.90 -40.56 -43.25
CA LEU C 359 -9.75 -39.80 -42.81
C LEU C 359 -8.83 -40.64 -41.95
N PHE C 360 -9.30 -41.77 -41.43
CA PHE C 360 -8.49 -42.65 -40.60
C PHE C 360 -8.53 -44.09 -41.09
N ASN C 361 -9.07 -44.33 -42.27
CA ASN C 361 -9.21 -45.70 -42.79
C ASN C 361 -7.89 -46.32 -43.23
N SER C 362 -6.94 -45.49 -43.65
CA SER C 362 -5.68 -45.95 -44.20
C SER C 362 -4.76 -46.65 -43.22
N THR C 363 -4.17 -47.74 -43.70
CA THR C 363 -3.15 -48.48 -42.96
C THR C 363 -1.83 -47.85 -43.35
N TRP C 364 -0.84 -47.96 -42.50
CA TRP C 364 0.41 -47.27 -42.84
C TRP C 364 1.65 -48.09 -42.57
N ILE C 365 2.69 -47.62 -43.23
CA ILE C 365 4.06 -48.10 -43.19
C ILE C 365 4.86 -46.85 -43.56
N SER C 366 6.10 -47.03 -44.02
CA SER C 366 6.86 -45.87 -44.44
C SER C 366 6.30 -45.23 -45.71
N ASN C 367 5.43 -45.93 -46.44
CA ASN C 367 4.79 -45.46 -47.65
C ASN C 367 3.32 -45.19 -47.41
N THR C 368 2.72 -44.47 -48.34
CA THR C 368 1.31 -44.08 -48.28
C THR C 368 0.39 -45.17 -48.81
N SER C 369 -0.88 -45.08 -48.41
CA SER C 369 -1.94 -45.98 -48.85
C SER C 369 -3.24 -45.20 -48.99
N VAL C 370 -3.17 -43.91 -49.33
CA VAL C 370 -4.40 -43.13 -49.47
C VAL C 370 -4.95 -43.15 -50.89
N GLN C 371 -4.21 -42.56 -51.82
CA GLN C 371 -4.53 -42.43 -53.24
C GLN C 371 -3.35 -41.75 -53.94
N GLY C 372 -3.33 -41.88 -55.27
CA GLY C 372 -2.34 -41.30 -56.19
C GLY C 372 -0.91 -41.68 -55.84
N ASP C 380 -8.00 -34.07 -52.72
CA ASP C 380 -7.92 -32.61 -52.66
C ASP C 380 -9.02 -32.08 -51.77
N SER C 381 -10.23 -32.51 -52.07
CA SER C 381 -11.44 -32.13 -51.35
C SER C 381 -12.05 -33.38 -50.75
N ILE C 382 -11.63 -33.74 -49.54
CA ILE C 382 -12.18 -34.92 -48.88
C ILE C 382 -13.54 -34.52 -48.34
N THR C 383 -14.61 -35.03 -48.95
CA THR C 383 -15.96 -34.69 -48.52
C THR C 383 -16.25 -35.36 -47.19
N LEU C 384 -16.12 -34.60 -46.12
CA LEU C 384 -16.37 -35.11 -44.77
C LEU C 384 -17.87 -34.89 -44.54
N PRO C 385 -18.67 -35.94 -44.69
CA PRO C 385 -20.11 -35.84 -44.53
C PRO C 385 -20.48 -35.55 -43.08
N CYS C 386 -21.23 -34.48 -42.86
CA CYS C 386 -21.64 -34.08 -41.54
C CYS C 386 -23.15 -34.09 -41.43
N ARG C 387 -23.64 -33.90 -40.21
CA ARG C 387 -25.07 -33.94 -39.97
C ARG C 387 -25.43 -33.20 -38.68
N ILE C 388 -26.34 -32.24 -38.78
CA ILE C 388 -26.77 -31.48 -37.61
C ILE C 388 -27.67 -32.37 -36.77
N LYS C 389 -27.45 -32.38 -35.47
CA LYS C 389 -28.28 -33.19 -34.59
C LYS C 389 -29.07 -32.30 -33.66
N GLN C 390 -30.02 -32.91 -32.95
CA GLN C 390 -30.86 -32.17 -32.03
C GLN C 390 -30.91 -32.73 -30.62
N ILE C 391 -30.84 -34.05 -30.46
CA ILE C 391 -30.81 -34.65 -29.14
C ILE C 391 -29.36 -35.07 -28.93
N ILE C 392 -28.69 -34.38 -28.04
CA ILE C 392 -27.28 -34.61 -27.76
C ILE C 392 -27.10 -35.17 -26.37
N ASN C 393 -25.87 -35.51 -26.06
CA ASN C 393 -25.45 -35.98 -24.75
C ASN C 393 -24.50 -34.90 -24.26
N MET C 394 -24.80 -34.33 -23.11
CA MET C 394 -23.97 -33.25 -22.60
C MET C 394 -22.59 -33.73 -22.20
N TRP C 395 -21.61 -32.87 -22.40
CA TRP C 395 -20.22 -33.15 -22.05
C TRP C 395 -19.91 -32.69 -20.65
N GLN C 396 -20.78 -31.87 -20.09
CA GLN C 396 -20.66 -31.28 -18.76
C GLN C 396 -21.39 -32.10 -17.71
N ARG C 397 -21.35 -33.41 -17.84
CA ARG C 397 -22.01 -34.32 -16.94
C ARG C 397 -22.88 -35.27 -17.72
N ILE C 398 -23.44 -36.25 -17.02
CA ILE C 398 -24.30 -37.19 -17.69
C ILE C 398 -25.66 -36.54 -17.93
N GLY C 399 -26.39 -37.08 -18.89
CA GLY C 399 -27.70 -36.51 -19.16
C GLY C 399 -27.85 -35.94 -20.57
N GLN C 400 -28.96 -36.28 -21.20
CA GLN C 400 -29.27 -35.82 -22.53
C GLN C 400 -29.74 -34.38 -22.52
N ALA C 401 -30.02 -33.87 -23.72
CA ALA C 401 -30.52 -32.52 -23.90
C ALA C 401 -31.23 -32.47 -25.24
N MET C 402 -31.88 -31.37 -25.52
CA MET C 402 -32.61 -31.22 -26.78
C MET C 402 -32.64 -29.74 -27.09
N TYR C 403 -32.09 -29.36 -28.24
CA TYR C 403 -32.04 -27.96 -28.62
C TYR C 403 -33.07 -27.62 -29.69
N ALA C 404 -33.11 -26.35 -30.05
CA ALA C 404 -34.01 -25.84 -31.07
C ALA C 404 -33.53 -26.27 -32.45
N PRO C 405 -34.46 -26.41 -33.40
CA PRO C 405 -34.10 -26.82 -34.78
C PRO C 405 -33.11 -25.86 -35.42
N PRO C 406 -32.33 -26.32 -36.40
CA PRO C 406 -31.30 -25.48 -36.99
C PRO C 406 -31.79 -24.26 -37.77
N ILE C 407 -30.82 -23.39 -38.01
CA ILE C 407 -31.01 -22.15 -38.76
C ILE C 407 -31.33 -22.52 -40.21
N GLN C 408 -31.95 -21.57 -40.92
CA GLN C 408 -32.35 -21.76 -42.32
C GLN C 408 -31.16 -22.03 -43.23
N GLY C 409 -30.17 -21.14 -43.28
CA GLY C 409 -29.04 -21.37 -44.15
C GLY C 409 -27.82 -20.52 -43.86
N VAL C 410 -26.78 -20.76 -44.67
CA VAL C 410 -25.48 -20.10 -44.65
C VAL C 410 -24.76 -20.25 -43.30
N ILE C 411 -24.37 -21.49 -43.03
CA ILE C 411 -23.63 -21.84 -41.83
C ILE C 411 -22.20 -22.19 -42.26
N ARG C 412 -21.23 -21.36 -41.90
CA ARG C 412 -19.85 -21.57 -42.30
C ARG C 412 -18.92 -21.65 -41.09
N CYS C 413 -17.94 -22.55 -41.15
CA CYS C 413 -16.96 -22.74 -40.07
C CYS C 413 -15.55 -22.76 -40.66
N VAL C 414 -14.92 -21.59 -40.80
CA VAL C 414 -13.56 -21.51 -41.35
C VAL C 414 -12.57 -21.79 -40.22
N SER C 415 -12.43 -23.06 -39.87
CA SER C 415 -11.60 -23.49 -38.76
C SER C 415 -10.15 -23.77 -39.16
N ASN C 416 -9.47 -24.42 -38.21
CA ASN C 416 -8.08 -24.86 -38.26
C ASN C 416 -8.04 -26.17 -37.52
N ILE C 417 -6.93 -26.88 -37.61
CA ILE C 417 -6.74 -28.12 -36.88
C ILE C 417 -5.33 -28.06 -36.33
N THR C 418 -5.21 -27.91 -35.02
CA THR C 418 -3.91 -27.83 -34.39
C THR C 418 -3.52 -29.10 -33.66
N GLY C 419 -4.48 -29.84 -33.15
CA GLY C 419 -4.19 -31.05 -32.42
C GLY C 419 -4.89 -32.26 -32.99
N LEU C 420 -4.74 -33.37 -32.28
CA LEU C 420 -5.34 -34.65 -32.66
C LEU C 420 -5.31 -35.57 -31.46
N ILE C 421 -6.45 -36.12 -31.08
CA ILE C 421 -6.54 -37.03 -29.95
C ILE C 421 -6.60 -38.45 -30.49
N LEU C 422 -5.69 -39.29 -30.02
CA LEU C 422 -5.62 -40.68 -30.50
C LEU C 422 -5.49 -41.63 -29.33
N THR C 423 -6.19 -42.74 -29.39
CA THR C 423 -6.08 -43.76 -28.37
C THR C 423 -5.17 -44.85 -28.92
N ARG C 424 -5.12 -45.99 -28.24
CA ARG C 424 -4.25 -47.07 -28.70
C ARG C 424 -4.90 -48.39 -28.32
N ASP C 425 -4.73 -49.40 -29.17
CA ASP C 425 -5.29 -50.72 -28.95
C ASP C 425 -4.16 -51.73 -28.83
N GLY C 426 -3.77 -52.02 -27.60
CA GLY C 426 -2.73 -52.99 -27.36
C GLY C 426 -3.31 -54.29 -26.85
N GLY C 427 -2.43 -55.22 -26.53
CA GLY C 427 -2.88 -56.50 -26.01
C GLY C 427 -1.97 -57.63 -26.40
N SER C 428 -2.36 -58.82 -25.98
CA SER C 428 -1.61 -60.03 -26.29
C SER C 428 -1.89 -60.54 -27.69
N THR C 429 -2.96 -60.03 -28.33
CA THR C 429 -3.32 -60.41 -29.68
C THR C 429 -2.66 -59.48 -30.70
N ASN C 430 -1.97 -58.46 -30.21
CA ASN C 430 -1.29 -57.47 -31.06
C ASN C 430 -0.12 -58.16 -31.74
N SER C 431 -0.33 -58.56 -32.99
CA SER C 431 0.68 -59.29 -33.76
C SER C 431 1.50 -58.31 -34.62
N THR C 432 2.32 -57.52 -33.94
CA THR C 432 3.17 -56.56 -34.62
C THR C 432 2.46 -55.39 -35.27
N THR C 433 1.35 -54.95 -34.70
CA THR C 433 0.59 -53.83 -35.24
C THR C 433 0.49 -52.71 -34.22
N GLU C 434 -0.04 -51.59 -34.68
CA GLU C 434 -0.25 -50.40 -33.86
C GLU C 434 -1.54 -49.75 -34.34
N THR C 435 -2.60 -49.88 -33.56
CA THR C 435 -3.89 -49.32 -33.91
C THR C 435 -4.11 -48.02 -33.16
N PHE C 436 -4.39 -46.94 -33.89
CA PHE C 436 -4.61 -45.64 -33.29
C PHE C 436 -5.98 -45.13 -33.68
N ARG C 437 -6.97 -45.50 -32.89
CA ARG C 437 -8.33 -45.08 -33.14
C ARG C 437 -8.54 -43.69 -32.58
N PRO C 438 -9.45 -42.90 -33.15
CA PRO C 438 -9.71 -41.57 -32.61
C PRO C 438 -10.49 -41.65 -31.31
N GLY C 439 -10.06 -40.85 -30.35
CA GLY C 439 -10.72 -40.86 -29.06
C GLY C 439 -11.25 -39.51 -28.67
N GLY C 440 -10.91 -39.06 -27.47
CA GLY C 440 -11.38 -37.79 -26.98
C GLY C 440 -12.78 -37.91 -26.41
N GLY C 441 -13.20 -36.83 -25.77
CA GLY C 441 -14.50 -36.78 -25.14
C GLY C 441 -14.34 -36.16 -23.78
N ASP C 442 -13.23 -36.47 -23.13
CA ASP C 442 -12.95 -35.88 -21.84
C ASP C 442 -12.42 -34.50 -22.13
N MET C 443 -13.24 -33.47 -21.85
CA MET C 443 -12.83 -32.11 -22.13
C MET C 443 -11.67 -31.64 -21.30
N ARG C 444 -11.35 -32.29 -20.19
CA ARG C 444 -10.19 -31.91 -19.42
C ARG C 444 -8.94 -32.19 -20.24
N ASP C 445 -8.98 -33.26 -21.02
CA ASP C 445 -7.87 -33.60 -21.90
C ASP C 445 -7.79 -32.63 -23.05
N ASN C 446 -8.88 -31.93 -23.35
CA ASN C 446 -8.83 -30.94 -24.42
C ASN C 446 -8.06 -29.72 -23.95
N TRP C 447 -8.16 -29.37 -22.67
CA TRP C 447 -7.44 -28.20 -22.20
C TRP C 447 -6.07 -28.53 -21.66
N ARG C 448 -5.77 -29.79 -21.34
CA ARG C 448 -4.43 -30.13 -20.90
C ARG C 448 -3.45 -29.98 -22.04
N SER C 449 -3.95 -30.05 -23.26
CA SER C 449 -3.14 -29.85 -24.44
C SER C 449 -2.83 -28.39 -24.66
N GLU C 450 -3.49 -27.52 -23.90
CA GLU C 450 -3.29 -26.09 -24.00
C GLU C 450 -2.60 -25.52 -22.78
N LEU C 451 -2.90 -26.04 -21.60
CA LEU C 451 -2.30 -25.59 -20.35
C LEU C 451 -1.17 -26.50 -19.91
N TYR C 452 -0.38 -27.00 -20.85
CA TYR C 452 0.72 -27.87 -20.46
C TYR C 452 1.96 -27.08 -20.10
N LYS C 453 2.09 -25.88 -20.65
CA LYS C 453 3.27 -25.07 -20.38
C LYS C 453 3.25 -24.39 -19.03
N TYR C 454 2.11 -24.24 -18.39
CA TYR C 454 2.07 -23.46 -17.17
C TYR C 454 1.94 -24.30 -15.91
N LYS C 455 2.08 -23.62 -14.78
CA LYS C 455 2.03 -24.14 -13.42
C LYS C 455 1.93 -22.95 -12.48
N VAL C 456 1.07 -23.03 -11.47
CA VAL C 456 0.88 -21.95 -10.51
C VAL C 456 1.69 -22.26 -9.26
N VAL C 457 2.66 -21.41 -8.95
CA VAL C 457 3.50 -21.60 -7.78
C VAL C 457 3.44 -20.37 -6.90
N LYS C 458 3.75 -20.56 -5.63
CA LYS C 458 3.79 -19.49 -4.65
C LYS C 458 5.23 -19.35 -4.19
N UNK D 1 -13.07 26.49 -13.83
CA UNK D 1 -14.20 25.79 -13.19
C UNK D 1 -15.08 24.97 -14.15
N UNK D 2 -15.32 25.51 -15.33
CA UNK D 2 -16.06 24.78 -16.34
C UNK D 2 -15.13 23.65 -16.69
N UNK D 3 -13.84 23.98 -16.70
CA UNK D 3 -12.79 23.00 -16.82
C UNK D 3 -12.81 22.06 -15.64
N UNK D 4 -13.37 22.46 -14.50
CA UNK D 4 -13.48 21.58 -13.34
C UNK D 4 -14.51 20.49 -13.56
N UNK D 5 -15.71 20.85 -14.02
CA UNK D 5 -16.70 19.80 -14.24
C UNK D 5 -16.33 18.95 -15.46
N UNK D 6 -15.76 19.60 -16.47
CA UNK D 6 -15.35 18.87 -17.67
C UNK D 6 -14.16 17.99 -17.28
N UNK D 7 -13.35 18.48 -16.36
CA UNK D 7 -12.28 17.68 -15.80
C UNK D 7 -12.96 16.49 -15.18
N UNK D 8 -13.97 16.71 -14.35
CA UNK D 8 -14.66 15.58 -13.71
C UNK D 8 -15.03 14.51 -14.74
N UNK D 9 -15.45 14.90 -15.95
CA UNK D 9 -15.60 13.88 -16.99
C UNK D 9 -14.28 13.21 -17.39
N UNK D 10 -13.28 14.01 -17.73
CA UNK D 10 -12.02 13.46 -18.28
C UNK D 10 -11.19 12.69 -17.26
N UNK D 11 -11.30 13.09 -16.00
CA UNK D 11 -10.74 12.45 -14.82
C UNK D 11 -11.61 11.29 -14.38
N UNK D 12 -12.87 11.29 -14.79
CA UNK D 12 -13.63 10.09 -14.56
C UNK D 12 -12.92 9.07 -15.41
N UNK D 13 -12.61 9.42 -16.65
CA UNK D 13 -11.83 8.48 -17.46
C UNK D 13 -10.46 8.19 -16.84
N UNK D 14 -9.68 9.25 -16.67
CA UNK D 14 -8.27 9.18 -16.39
C UNK D 14 -8.07 8.69 -14.96
N UNK D 15 -8.57 9.46 -14.02
CA UNK D 15 -8.48 9.06 -12.61
C UNK D 15 -9.32 7.84 -12.22
N UNK D 16 -10.46 7.55 -12.83
CA UNK D 16 -11.07 6.27 -12.44
C UNK D 16 -10.15 5.14 -12.91
N UNK D 17 -9.70 5.16 -14.16
CA UNK D 17 -8.80 4.08 -14.59
C UNK D 17 -7.53 4.00 -13.75
N UNK D 18 -6.89 5.14 -13.54
CA UNK D 18 -5.57 5.22 -12.90
C UNK D 18 -5.65 4.90 -11.40
N UNK D 19 -6.57 5.55 -10.71
CA UNK D 19 -6.69 5.36 -9.27
C UNK D 19 -7.29 3.99 -8.96
N UNK D 20 -8.32 3.56 -9.70
CA UNK D 20 -8.82 2.20 -9.49
C UNK D 20 -7.74 1.13 -9.76
N UNK D 21 -6.95 1.30 -10.82
CA UNK D 21 -5.90 0.30 -11.09
C UNK D 21 -4.77 0.34 -10.06
N UNK D 22 -4.35 1.54 -9.67
CA UNK D 22 -3.34 1.70 -8.62
C UNK D 22 -3.83 1.09 -7.32
N UNK D 23 -5.13 1.25 -7.05
CA UNK D 23 -5.75 0.70 -5.86
C UNK D 23 -5.80 -0.82 -5.88
N UNK D 24 -6.34 -1.37 -6.96
CA UNK D 24 -6.43 -2.83 -7.11
C UNK D 24 -5.06 -3.47 -6.97
N UNK D 25 -4.08 -2.83 -7.59
CA UNK D 25 -2.71 -3.32 -7.51
C UNK D 25 -2.20 -3.23 -6.08
N UNK D 26 -2.49 -2.12 -5.40
CA UNK D 26 -2.08 -1.96 -4.00
C UNK D 26 -2.69 -3.01 -3.08
N UNK D 27 -3.99 -3.23 -3.21
CA UNK D 27 -4.71 -4.26 -2.45
C UNK D 27 -4.06 -5.63 -2.68
N UNK D 28 -3.77 -5.93 -3.95
CA UNK D 28 -3.11 -7.18 -4.29
C UNK D 28 -1.78 -7.31 -3.54
N UNK D 29 -0.97 -6.25 -3.63
CA UNK D 29 0.34 -6.20 -2.97
C UNK D 29 0.22 -6.50 -1.49
N UNK D 30 -0.73 -5.84 -0.83
CA UNK D 30 -0.88 -5.99 0.63
C UNK D 30 -1.32 -7.39 1.04
N UNK D 31 -2.25 -7.96 0.29
CA UNK D 31 -2.72 -9.31 0.58
C UNK D 31 -1.59 -10.33 0.43
N UNK D 32 -0.94 -10.28 -0.73
CA UNK D 32 0.14 -11.22 -1.04
C UNK D 32 1.29 -11.08 -0.03
N UNK D 33 1.60 -9.85 0.38
CA UNK D 33 2.67 -9.62 1.33
C UNK D 33 2.32 -10.27 2.65
N UNK D 34 1.08 -9.97 3.10
CA UNK D 34 0.50 -10.39 4.38
C UNK D 34 0.93 -11.79 4.43
N UNK D 35 0.47 -12.54 3.43
CA UNK D 35 0.91 -13.90 3.47
C UNK D 35 2.32 -13.98 2.92
N UNK E 1 -36.15 12.49 -1.72
CA UNK E 1 -35.99 11.53 -2.81
C UNK E 1 -34.57 10.96 -2.82
N UNK E 2 -34.36 9.91 -2.03
CA UNK E 2 -33.05 9.31 -1.85
C UNK E 2 -32.36 8.77 -3.11
N UNK E 3 -33.12 8.29 -4.10
CA UNK E 3 -32.53 7.75 -5.33
C UNK E 3 -32.11 8.82 -6.37
N UNK E 4 -32.94 9.86 -6.50
CA UNK E 4 -32.58 10.95 -7.38
C UNK E 4 -31.39 11.58 -6.69
N UNK E 5 -31.47 11.58 -5.37
CA UNK E 5 -30.35 11.96 -4.53
C UNK E 5 -29.19 10.98 -4.73
N UNK E 6 -29.45 9.76 -5.18
CA UNK E 6 -28.38 8.81 -5.45
C UNK E 6 -27.59 9.20 -6.69
N UNK E 7 -28.26 9.51 -7.79
CA UNK E 7 -27.48 9.88 -8.97
C UNK E 7 -26.87 11.28 -8.80
N UNK E 8 -27.59 12.16 -8.12
CA UNK E 8 -27.06 13.50 -7.88
C UNK E 8 -25.91 13.38 -6.89
N UNK E 9 -26.03 12.41 -5.98
CA UNK E 9 -24.94 12.09 -5.09
C UNK E 9 -23.80 11.69 -5.98
N UNK E 10 -24.02 10.78 -6.92
CA UNK E 10 -22.95 10.36 -7.80
C UNK E 10 -22.20 11.56 -8.40
N UNK E 11 -22.92 12.63 -8.75
CA UNK E 11 -22.20 13.86 -9.12
C UNK E 11 -21.38 14.46 -7.96
N UNK E 12 -22.02 14.68 -6.82
CA UNK E 12 -21.38 15.40 -5.72
C UNK E 12 -20.26 14.61 -5.03
N UNK E 13 -20.39 13.29 -5.04
CA UNK E 13 -19.43 12.30 -4.61
C UNK E 13 -18.39 12.06 -5.69
N UNK E 14 -18.72 12.40 -6.93
CA UNK E 14 -17.66 12.37 -7.91
C UNK E 14 -16.73 13.46 -7.43
N UNK E 15 -17.27 14.61 -7.07
CA UNK E 15 -16.39 15.64 -6.50
C UNK E 15 -15.71 15.17 -5.21
N UNK E 16 -16.55 14.83 -4.24
CA UNK E 16 -16.14 14.64 -2.86
C UNK E 16 -15.34 13.36 -2.75
N UNK E 17 -15.96 12.25 -3.07
CA UNK E 17 -15.28 10.96 -3.04
C UNK E 17 -14.17 10.78 -4.10
N UNK E 18 -14.25 11.37 -5.29
CA UNK E 18 -13.06 11.23 -6.15
C UNK E 18 -11.89 11.96 -5.48
N UNK E 19 -12.10 13.21 -5.03
CA UNK E 19 -10.98 13.91 -4.38
C UNK E 19 -10.48 13.16 -3.14
N UNK E 20 -11.41 12.76 -2.28
CA UNK E 20 -11.08 12.19 -0.97
C UNK E 20 -10.48 10.79 -1.08
N UNK E 21 -11.13 9.93 -1.86
CA UNK E 21 -10.67 8.56 -1.99
C UNK E 21 -9.41 8.50 -2.85
N UNK E 22 -9.34 9.25 -3.95
CA UNK E 22 -8.11 9.30 -4.72
C UNK E 22 -6.93 9.83 -3.87
N UNK E 23 -7.15 10.88 -3.08
CA UNK E 23 -6.06 11.41 -2.26
C UNK E 23 -5.66 10.46 -1.12
N UNK E 24 -6.64 9.86 -0.47
CA UNK E 24 -6.38 8.87 0.57
C UNK E 24 -5.61 7.69 -0.01
N UNK E 25 -5.96 7.32 -1.24
CA UNK E 25 -5.30 6.23 -1.95
C UNK E 25 -3.86 6.56 -2.31
N UNK E 26 -3.65 7.71 -2.96
CA UNK E 26 -2.31 8.15 -3.35
C UNK E 26 -1.41 8.22 -2.13
N UNK E 27 -1.96 8.75 -1.04
CA UNK E 27 -1.22 8.85 0.20
C UNK E 27 -0.89 7.46 0.73
N UNK E 28 -1.86 6.55 0.68
CA UNK E 28 -1.65 5.18 1.14
C UNK E 28 -0.56 4.45 0.34
N UNK E 29 -0.63 4.56 -0.98
CA UNK E 29 0.38 3.99 -1.88
C UNK E 29 1.77 4.53 -1.52
N UNK E 30 1.85 5.84 -1.31
CA UNK E 30 3.11 6.47 -0.92
C UNK E 30 3.63 5.85 0.37
N UNK E 31 2.76 5.76 1.37
CA UNK E 31 3.11 5.18 2.66
C UNK E 31 3.69 3.77 2.52
N UNK E 32 3.01 2.95 1.72
CA UNK E 32 3.42 1.55 1.57
C UNK E 32 4.77 1.41 0.87
N UNK E 33 4.98 2.22 -0.17
CA UNK E 33 6.24 2.18 -0.91
C UNK E 33 7.41 2.60 0.00
N UNK E 34 7.24 3.76 0.63
CA UNK E 34 8.27 4.31 1.50
C UNK E 34 8.58 3.36 2.67
N UNK E 35 7.56 2.72 3.21
CA UNK E 35 7.74 1.80 4.33
C UNK E 35 8.58 0.62 3.87
N UNK E 36 8.15 0.06 2.72
CA UNK E 36 8.71 -1.13 2.09
C UNK E 36 10.14 -0.87 2.23
N UNK E 37 10.56 0.23 1.61
CA UNK E 37 11.95 0.50 1.78
C UNK E 37 12.18 1.14 3.13
N UNK F 1 -21.82 -2.11 -29.79
CA UNK F 1 -21.09 -0.86 -29.81
C UNK F 1 -20.27 -0.67 -28.54
N UNK F 2 -19.06 -1.23 -28.55
CA UNK F 2 -18.19 -1.24 -27.38
C UNK F 2 -17.79 0.12 -26.81
N UNK F 3 -17.68 1.16 -27.64
CA UNK F 3 -17.31 2.49 -27.16
C UNK F 3 -18.45 3.31 -26.54
N UNK F 4 -19.63 3.21 -27.14
CA UNK F 4 -20.80 3.86 -26.58
C UNK F 4 -21.03 3.11 -25.28
N UNK F 5 -20.78 1.81 -25.37
CA UNK F 5 -20.75 0.95 -24.19
C UNK F 5 -19.63 1.38 -23.26
N UNK F 6 -18.60 2.06 -23.76
CA UNK F 6 -17.54 2.55 -22.89
C UNK F 6 -18.00 3.72 -22.02
N UNK F 7 -18.65 4.71 -22.62
CA UNK F 7 -19.11 5.83 -21.79
C UNK F 7 -20.28 5.39 -20.90
N UNK F 8 -21.13 4.52 -21.43
CA UNK F 8 -22.26 4.04 -20.66
C UNK F 8 -21.72 3.14 -19.56
N UNK F 9 -20.63 2.44 -19.87
CA UNK F 9 -19.94 1.66 -18.86
C UNK F 9 -19.50 2.67 -17.82
N UNK F 10 -18.87 3.76 -18.22
CA UNK F 10 -18.43 4.75 -17.24
C UNK F 10 -19.56 5.11 -16.28
N UNK F 11 -20.80 5.22 -16.77
CA UNK F 11 -21.91 5.36 -15.81
C UNK F 11 -22.08 4.13 -14.89
N UNK F 12 -22.19 2.95 -15.49
CA UNK F 12 -22.53 1.75 -14.72
C UNK F 12 -21.42 1.27 -13.78
N UNK F 13 -20.18 1.56 -14.17
CA UNK F 13 -18.95 1.36 -13.42
C UNK F 13 -18.74 2.50 -12.44
N UNK F 14 -19.37 3.64 -12.70
CA UNK F 14 -19.36 4.64 -11.66
C UNK F 14 -20.11 3.98 -10.54
N UNK F 15 -21.25 3.38 -10.84
CA UNK F 15 -21.94 2.65 -9.77
C UNK F 15 -21.10 1.50 -9.21
N UNK F 16 -20.74 0.59 -10.10
CA UNK F 16 -20.20 -0.71 -9.75
C UNK F 16 -18.80 -0.53 -9.21
N UNK F 17 -17.91 -0.01 -10.04
CA UNK F 17 -16.54 0.24 -9.63
C UNK F 17 -16.37 1.35 -8.58
N UNK F 18 -17.20 2.40 -8.53
CA UNK F 18 -17.00 3.30 -7.39
C UNK F 18 -17.34 2.55 -6.11
N UNK F 19 -18.48 1.86 -6.06
CA UNK F 19 -18.80 1.12 -4.83
C UNK F 19 -17.73 0.06 -4.49
N UNK F 20 -17.35 -0.72 -5.49
CA UNK F 20 -16.47 -1.88 -5.29
C UNK F 20 -15.03 -1.47 -4.98
N UNK F 21 -14.50 -0.56 -5.77
CA UNK F 21 -13.13 -0.14 -5.60
C UNK F 21 -12.99 0.76 -4.36
N UNK F 22 -13.92 1.69 -4.15
CA UNK F 22 -13.89 2.47 -2.91
C UNK F 22 -14.00 1.58 -1.67
N UNK F 23 -14.88 0.58 -1.68
CA UNK F 23 -15.01 -0.28 -0.51
C UNK F 23 -13.79 -1.19 -0.30
N UNK F 24 -13.26 -1.74 -1.40
CA UNK F 24 -12.05 -2.55 -1.34
C UNK F 24 -10.89 -1.71 -0.83
N UNK F 25 -10.85 -0.45 -1.23
CA UNK F 25 -9.82 0.49 -0.80
C UNK F 25 -9.94 0.82 0.68
N UNK F 26 -11.12 1.24 1.11
CA UNK F 26 -11.37 1.58 2.51
C UNK F 26 -10.99 0.41 3.41
N UNK F 27 -11.40 -0.78 2.97
CA UNK F 27 -11.10 -2.00 3.71
C UNK F 27 -9.59 -2.22 3.75
N UNK F 28 -8.92 -2.02 2.61
CA UNK F 28 -7.47 -2.19 2.55
C UNK F 28 -6.72 -1.22 3.49
N UNK F 29 -7.10 0.04 3.44
CA UNK F 29 -6.54 1.07 4.32
C UNK F 29 -6.72 0.67 5.78
N UNK F 30 -7.92 0.20 6.11
CA UNK F 30 -8.20 -0.26 7.48
C UNK F 30 -7.23 -1.38 7.87
N UNK F 31 -7.11 -2.37 6.99
CA UNK F 31 -6.23 -3.51 7.20
C UNK F 31 -4.79 -3.06 7.49
N UNK F 32 -4.29 -2.14 6.68
CA UNK F 32 -2.91 -1.69 6.80
C UNK F 32 -2.65 -0.93 8.10
N UNK F 33 -3.59 -0.06 8.46
CA UNK F 33 -3.46 0.70 9.70
C UNK F 33 -3.45 -0.23 10.92
N UNK F 34 -4.47 -1.09 10.98
CA UNK F 34 -4.61 -2.01 12.10
C UNK F 34 -3.40 -2.94 12.21
N UNK F 35 -2.88 -3.39 11.07
CA UNK F 35 -1.73 -4.29 11.08
C UNK F 35 -0.53 -3.57 11.65
N UNK F 36 -0.32 -2.36 11.13
CA UNK F 36 0.81 -1.47 11.45
C UNK F 36 0.88 -1.61 12.90
N UNK F 37 -0.24 -1.21 13.54
CA UNK F 37 -0.18 -1.37 14.95
C UNK F 37 -0.47 -2.83 15.29
N LYS G 1 51.81 28.59 -24.77
CA LYS G 1 51.99 27.17 -25.01
C LYS G 1 52.37 26.89 -26.46
N LYS G 2 51.39 26.90 -27.36
CA LYS G 2 51.66 26.42 -28.70
C LYS G 2 52.54 27.41 -29.46
N VAL G 3 53.21 26.91 -30.50
CA VAL G 3 53.98 27.75 -31.40
C VAL G 3 53.54 27.50 -32.83
N VAL G 4 53.21 28.57 -33.55
CA VAL G 4 52.82 28.49 -34.96
C VAL G 4 53.67 29.48 -35.75
N LEU G 5 54.21 29.03 -36.87
CA LEU G 5 54.83 29.95 -37.81
C LEU G 5 53.89 30.15 -39.00
N GLY G 6 54.20 31.13 -39.83
CA GLY G 6 53.28 31.46 -40.90
C GLY G 6 53.94 32.23 -42.02
N LYS G 7 53.30 32.13 -43.18
CA LYS G 7 53.73 32.83 -44.38
C LYS G 7 53.07 34.20 -44.44
N LYS G 8 53.85 35.21 -44.81
CA LYS G 8 53.30 36.53 -44.99
C LYS G 8 52.18 36.50 -46.03
N GLY G 9 51.06 37.13 -45.70
CA GLY G 9 49.89 37.17 -46.56
C GLY G 9 49.02 35.95 -46.57
N ASP G 10 49.49 34.81 -46.06
CA ASP G 10 48.63 33.64 -45.97
C ASP G 10 47.59 33.81 -44.88
N THR G 11 46.84 32.74 -44.63
CA THR G 11 45.90 32.66 -43.53
C THR G 11 46.29 31.48 -42.64
N VAL G 12 46.30 31.71 -41.32
CA VAL G 12 46.47 30.65 -40.36
C VAL G 12 45.36 30.75 -39.32
N GLU G 13 45.37 29.77 -38.41
CA GLU G 13 44.23 29.49 -37.55
C GLU G 13 44.76 28.95 -36.23
N LEU G 14 44.30 29.56 -35.14
CA LEU G 14 44.73 29.28 -33.78
C LEU G 14 43.64 28.47 -33.09
N THR G 15 43.93 27.20 -32.82
CA THR G 15 42.96 26.28 -32.25
C THR G 15 42.89 26.47 -30.73
N CYS G 16 41.73 26.90 -30.25
CA CYS G 16 41.41 26.90 -28.84
C CYS G 16 40.15 26.08 -28.64
N THR G 17 40.12 25.28 -27.57
CA THR G 17 38.97 24.43 -27.26
C THR G 17 38.74 24.46 -25.76
N ALA G 18 37.55 24.03 -25.35
CA ALA G 18 37.23 23.98 -23.93
C ALA G 18 36.74 22.59 -23.52
N SER G 19 36.25 22.46 -22.29
CA SER G 19 35.78 21.17 -21.84
C SER G 19 34.35 20.88 -22.32
N GLN G 20 33.44 21.82 -22.08
CA GLN G 20 32.03 21.67 -22.40
C GLN G 20 31.79 22.10 -23.85
N LYS G 21 31.23 21.19 -24.65
CA LYS G 21 30.99 21.46 -26.06
C LYS G 21 29.64 22.15 -26.22
N LYS G 22 29.64 23.47 -26.12
CA LYS G 22 28.43 24.28 -26.26
C LYS G 22 28.84 25.73 -26.55
N SER G 23 27.87 26.64 -26.52
CA SER G 23 28.10 28.07 -26.71
C SER G 23 28.25 28.70 -25.33
N ILE G 24 29.46 29.20 -25.03
CA ILE G 24 29.77 29.74 -23.71
C ILE G 24 30.63 31.00 -23.89
N GLN G 25 30.71 31.79 -22.83
CA GLN G 25 31.36 33.10 -22.91
C GLN G 25 32.87 32.93 -23.05
N PHE G 26 33.44 33.62 -24.04
CA PHE G 26 34.85 33.50 -24.37
C PHE G 26 35.32 34.76 -25.09
N HIS G 27 36.63 34.99 -25.03
CA HIS G 27 37.23 36.06 -25.80
C HIS G 27 38.73 35.82 -25.94
N TRP G 28 39.34 36.59 -26.85
CA TRP G 28 40.76 36.50 -27.16
C TRP G 28 41.41 37.84 -26.86
N LYS G 29 42.56 37.80 -26.18
CA LYS G 29 43.34 39.00 -25.90
C LYS G 29 44.81 38.75 -26.25
N ASN G 30 45.47 39.81 -26.74
CA ASN G 30 46.82 39.68 -27.27
C ASN G 30 47.87 39.89 -26.18
N SER G 31 49.14 39.95 -26.59
CA SER G 31 50.23 40.08 -25.62
C SER G 31 50.06 41.32 -24.74
N ASN G 32 49.59 42.42 -25.33
CA ASN G 32 49.40 43.65 -24.55
C ASN G 32 48.09 43.64 -23.78
N GLN G 33 47.37 42.51 -23.76
CA GLN G 33 46.11 42.37 -23.02
C GLN G 33 44.98 43.17 -23.66
N ILE G 34 45.06 43.42 -24.97
CA ILE G 34 44.01 44.10 -25.71
C ILE G 34 43.05 43.07 -26.26
N LYS G 35 41.75 43.34 -26.10
CA LYS G 35 40.73 42.42 -26.60
C LYS G 35 40.74 42.32 -28.12
N ILE G 36 40.80 41.10 -28.62
CA ILE G 36 40.71 40.85 -30.06
C ILE G 36 39.25 40.67 -30.49
N LEU G 37 38.52 39.83 -29.77
CA LEU G 37 37.09 39.62 -29.96
C LEU G 37 36.54 38.88 -28.75
N GLY G 38 35.22 38.93 -28.60
CA GLY G 38 34.51 38.21 -27.56
C GLY G 38 33.18 37.74 -28.09
N ASN G 39 32.46 36.97 -27.27
CA ASN G 39 31.10 36.58 -27.66
C ASN G 39 30.10 36.96 -26.56
N GLN G 40 29.02 37.61 -26.97
CA GLN G 40 27.91 37.97 -26.09
C GLN G 40 26.65 37.26 -26.58
N GLY G 41 26.30 36.16 -25.93
CA GLY G 41 25.12 35.43 -26.33
C GLY G 41 25.27 34.91 -27.73
N SER G 42 24.25 35.15 -28.56
CA SER G 42 24.34 34.77 -29.97
C SER G 42 25.34 35.64 -30.70
N PHE G 43 25.43 36.93 -30.34
CA PHE G 43 26.24 37.86 -31.12
C PHE G 43 27.73 37.71 -30.82
N LEU G 44 28.53 38.16 -31.79
CA LEU G 44 29.98 38.18 -31.70
C LEU G 44 30.41 39.64 -31.57
N THR G 45 31.17 39.95 -30.52
CA THR G 45 31.64 41.31 -30.26
C THR G 45 33.06 41.51 -30.75
N LYS G 46 33.30 42.65 -31.40
CA LYS G 46 34.56 42.96 -32.04
C LYS G 46 35.49 43.71 -31.09
N GLY G 47 36.78 43.38 -31.13
CA GLY G 47 37.78 44.05 -30.33
C GLY G 47 38.24 45.38 -30.90
N PRO G 48 38.86 46.21 -30.06
CA PRO G 48 39.35 47.53 -30.49
C PRO G 48 40.70 47.51 -31.18
N SER G 49 41.35 46.36 -31.31
CA SER G 49 42.73 46.29 -31.75
C SER G 49 42.89 46.71 -33.22
N LYS G 50 44.15 46.97 -33.59
CA LYS G 50 44.54 47.32 -34.94
C LYS G 50 44.45 46.14 -35.90
N LEU G 51 44.30 44.93 -35.39
CA LEU G 51 44.11 43.71 -36.17
C LEU G 51 42.64 43.50 -36.51
N ASN G 52 41.81 44.53 -36.32
CA ASN G 52 40.36 44.41 -36.41
C ASN G 52 39.90 43.86 -37.76
N ASP G 53 40.45 44.39 -38.86
CA ASP G 53 39.93 44.02 -40.18
C ASP G 53 40.14 42.55 -40.47
N ARG G 54 41.37 42.07 -40.31
CA ARG G 54 41.71 40.71 -40.70
C ARG G 54 41.21 39.67 -39.69
N ALA G 55 41.37 39.94 -38.40
CA ALA G 55 41.04 38.89 -37.42
C ALA G 55 39.55 38.59 -37.46
N ASP G 56 39.22 37.32 -37.24
CA ASP G 56 37.85 36.84 -37.34
C ASP G 56 37.82 35.46 -36.70
N SER G 57 36.60 34.97 -36.47
CA SER G 57 36.40 33.64 -35.91
C SER G 57 35.24 32.96 -36.64
N ARG G 58 35.23 31.62 -36.56
CA ARG G 58 34.18 30.82 -37.17
C ARG G 58 33.05 30.64 -36.17
N ARG G 59 31.90 31.26 -36.44
CA ARG G 59 30.74 31.08 -35.60
C ARG G 59 30.23 29.65 -35.62
N SER G 60 30.34 28.99 -36.78
CA SER G 60 29.80 27.64 -36.94
C SER G 60 30.38 26.68 -35.92
N LEU G 61 31.66 26.84 -35.60
CA LEU G 61 32.35 25.90 -34.72
C LEU G 61 32.09 26.13 -33.24
N TRP G 62 31.25 27.10 -32.85
CA TRP G 62 31.06 27.36 -31.42
C TRP G 62 30.28 26.25 -30.73
N ASP G 63 29.42 25.54 -31.47
CA ASP G 63 28.66 24.46 -30.85
C ASP G 63 29.57 23.29 -30.45
N GLN G 64 30.42 22.86 -31.37
CA GLN G 64 31.32 21.73 -31.15
C GLN G 64 32.36 22.00 -30.06
N GLY G 65 32.49 23.23 -29.59
CA GLY G 65 33.41 23.59 -28.54
C GLY G 65 34.73 24.17 -29.00
N ASN G 66 35.02 24.20 -30.31
CA ASN G 66 36.23 24.82 -30.81
C ASN G 66 35.97 26.30 -31.07
N PHE G 67 36.87 27.16 -30.62
CA PHE G 67 36.73 28.62 -30.77
C PHE G 67 37.96 29.18 -31.48
N PRO G 68 38.15 28.85 -32.76
CA PRO G 68 39.40 29.20 -33.43
C PRO G 68 39.52 30.69 -33.69
N LEU G 69 40.76 31.11 -33.97
CA LEU G 69 41.03 32.47 -34.43
C LEU G 69 41.69 32.41 -35.80
N ILE G 70 41.16 33.19 -36.74
CA ILE G 70 41.61 33.16 -38.13
C ILE G 70 42.22 34.50 -38.48
N ILE G 71 43.37 34.48 -39.15
CA ILE G 71 44.03 35.72 -39.59
C ILE G 71 44.34 35.60 -41.07
N LYS G 72 43.44 36.07 -41.92
CA LYS G 72 43.73 36.13 -43.35
C LYS G 72 44.70 37.27 -43.62
N ASN G 73 45.48 37.12 -44.69
CA ASN G 73 46.48 38.10 -45.14
C ASN G 73 47.41 38.48 -43.97
N LEU G 74 48.17 37.48 -43.53
CA LEU G 74 49.11 37.67 -42.43
C LEU G 74 50.17 38.69 -42.78
N LYS G 75 50.50 39.53 -41.80
CA LYS G 75 51.60 40.48 -41.90
C LYS G 75 52.65 40.13 -40.84
N ILE G 76 53.88 40.58 -41.08
CA ILE G 76 54.95 40.33 -40.12
C ILE G 76 54.59 40.90 -38.76
N GLU G 77 54.01 42.09 -38.75
CA GLU G 77 53.66 42.84 -37.56
C GLU G 77 52.49 42.23 -36.78
N ASP G 78 52.04 41.05 -37.20
CA ASP G 78 51.05 40.28 -36.46
C ASP G 78 51.66 39.24 -35.54
N SER G 79 52.91 38.85 -35.80
CA SER G 79 53.58 37.84 -34.99
C SER G 79 53.65 38.26 -33.53
N ASP G 80 53.06 37.46 -32.66
CA ASP G 80 52.89 37.85 -31.27
C ASP G 80 52.35 36.64 -30.52
N THR G 81 52.14 36.80 -29.22
CA THR G 81 51.52 35.79 -28.38
C THR G 81 50.06 36.16 -28.14
N TYR G 82 49.16 35.21 -28.36
CA TYR G 82 47.73 35.42 -28.25
C TYR G 82 47.16 34.48 -27.19
N ILE G 83 46.14 34.94 -26.47
CA ILE G 83 45.57 34.22 -25.36
C ILE G 83 44.08 33.99 -25.62
N CYS G 84 43.67 32.73 -25.66
CA CYS G 84 42.25 32.38 -25.62
C CYS G 84 41.83 32.30 -24.16
N GLU G 85 40.83 33.09 -23.79
CA GLU G 85 40.39 33.29 -22.41
C GLU G 85 38.92 32.90 -22.31
N VAL G 86 38.66 31.76 -21.68
CA VAL G 86 37.35 31.47 -21.12
C VAL G 86 37.41 31.85 -19.65
N GLU G 87 36.25 32.15 -19.06
CA GLU G 87 36.22 32.80 -17.75
C GLU G 87 36.97 31.99 -16.69
N ASP G 88 37.12 30.70 -16.89
CA ASP G 88 37.82 29.84 -15.94
C ASP G 88 39.33 29.80 -16.12
N GLN G 89 39.84 29.71 -17.36
CA GLN G 89 41.27 29.54 -17.58
C GLN G 89 41.69 30.10 -18.94
N LYS G 90 42.99 30.37 -19.08
CA LYS G 90 43.58 30.97 -20.28
C LYS G 90 44.58 30.03 -20.94
N GLU G 91 44.44 29.89 -22.27
CA GLU G 91 45.33 29.12 -23.16
C GLU G 91 46.21 30.05 -23.98
N GLU G 92 47.51 29.75 -24.06
CA GLU G 92 48.43 30.60 -24.82
C GLU G 92 48.96 29.95 -26.11
N VAL G 93 48.98 30.74 -27.18
CA VAL G 93 49.48 30.32 -28.49
C VAL G 93 50.34 31.44 -29.05
N GLN G 94 51.61 31.14 -29.36
CA GLN G 94 52.58 32.10 -29.84
C GLN G 94 52.70 31.99 -31.36
N LEU G 95 52.88 33.13 -32.03
CA LEU G 95 52.83 33.23 -33.48
C LEU G 95 54.05 33.98 -34.01
N LEU G 96 54.75 33.38 -34.97
CA LEU G 96 55.80 34.07 -35.72
C LEU G 96 55.47 34.00 -37.21
N VAL G 97 55.55 35.15 -37.88
CA VAL G 97 55.23 35.26 -39.30
C VAL G 97 56.47 35.71 -40.05
N PHE G 98 56.85 34.97 -41.08
CA PHE G 98 57.93 35.38 -41.96
C PHE G 98 57.39 35.77 -43.33
N GLY G 99 58.27 36.40 -44.11
CA GLY G 99 57.95 36.74 -45.49
C GLY G 99 59.22 36.76 -46.28
N LEU G 100 59.13 36.44 -47.57
CA LEU G 100 60.30 36.45 -48.43
C LEU G 100 60.01 37.33 -49.63
N THR G 101 60.91 38.26 -49.92
CA THR G 101 60.72 39.16 -51.06
C THR G 101 62.07 39.33 -51.75
N ALA G 102 62.02 39.66 -53.04
CA ALA G 102 63.22 39.76 -53.87
C ALA G 102 63.39 41.16 -54.43
N ASN G 103 64.48 41.80 -54.04
CA ASN G 103 64.93 43.06 -54.59
C ASN G 103 65.86 42.80 -55.78
N SER G 104 66.11 43.83 -56.57
CA SER G 104 67.02 43.67 -57.69
C SER G 104 67.76 44.98 -57.95
N GLN G 112 71.16 39.47 -64.72
CA GLN G 112 72.52 39.69 -64.25
C GLN G 112 72.70 39.24 -62.80
N SER G 113 72.02 39.93 -61.87
CA SER G 113 72.18 39.68 -60.45
C SER G 113 70.87 39.94 -59.74
N LEU G 114 70.65 39.24 -58.61
CA LEU G 114 69.39 39.35 -57.88
C LEU G 114 69.68 39.37 -56.38
N THR G 115 68.80 40.00 -55.60
CA THR G 115 68.94 40.04 -54.15
C THR G 115 67.63 39.57 -53.51
N LEU G 116 67.73 38.77 -52.45
CA LEU G 116 66.59 38.28 -51.69
C LEU G 116 66.68 38.82 -50.27
N THR G 117 65.58 39.39 -49.77
CA THR G 117 65.51 39.81 -48.37
C THR G 117 64.39 39.05 -47.67
N LEU G 118 64.71 38.52 -46.49
CA LEU G 118 63.77 37.80 -45.64
C LEU G 118 63.26 38.75 -44.58
N GLU G 119 61.94 38.92 -44.54
CA GLU G 119 61.28 39.77 -43.56
C GLU G 119 60.95 38.93 -42.35
N SER G 120 61.35 39.41 -41.17
CA SER G 120 61.36 38.65 -39.94
C SER G 120 60.78 39.47 -38.79
N PRO G 121 60.20 38.81 -37.79
CA PRO G 121 59.69 39.52 -36.61
C PRO G 121 60.83 39.89 -35.67
N PRO G 122 60.56 40.71 -34.65
CA PRO G 122 61.63 41.15 -33.76
C PRO G 122 62.07 40.06 -32.80
N GLY G 123 63.38 40.03 -32.53
CA GLY G 123 63.94 39.05 -31.62
C GLY G 123 64.20 37.70 -32.22
N SER G 124 63.69 37.44 -33.42
CA SER G 124 63.89 36.15 -34.07
C SER G 124 65.37 35.88 -34.31
N SER G 125 65.70 34.60 -34.40
CA SER G 125 67.07 34.15 -34.65
C SER G 125 67.06 33.09 -35.76
N PRO G 126 66.65 33.46 -36.98
CA PRO G 126 66.36 32.44 -37.99
C PRO G 126 67.47 32.26 -39.02
N SER G 127 67.61 31.06 -39.54
CA SER G 127 68.50 30.77 -40.65
C SER G 127 67.70 30.30 -41.85
N VAL G 128 68.20 30.62 -43.05
CA VAL G 128 67.43 30.40 -44.28
C VAL G 128 68.30 29.79 -45.38
N GLN G 129 68.16 28.48 -45.58
CA GLN G 129 68.79 27.83 -46.72
C GLN G 129 67.87 27.96 -47.93
N CYS G 130 68.46 27.92 -49.12
CA CYS G 130 67.67 28.05 -50.34
C CYS G 130 68.22 27.15 -51.43
N ARG G 131 67.36 26.34 -52.01
CA ARG G 131 67.74 25.36 -53.03
C ARG G 131 67.34 25.85 -54.42
N SER G 132 68.21 25.61 -55.39
CA SER G 132 68.01 26.03 -56.77
C SER G 132 67.08 25.04 -57.46
N PRO G 133 66.70 25.29 -58.72
CA PRO G 133 65.96 24.26 -59.45
C PRO G 133 66.82 23.06 -59.80
N ARG G 134 68.10 23.28 -60.09
CA ARG G 134 69.02 22.18 -60.34
C ARG G 134 69.57 21.56 -59.06
N GLY G 135 69.17 22.08 -57.90
CA GLY G 135 69.61 21.55 -56.62
C GLY G 135 70.72 22.33 -55.96
N LYS G 136 71.26 23.35 -56.65
CA LYS G 136 72.32 24.18 -56.09
C LYS G 136 71.83 24.85 -54.81
N ASN G 137 72.55 24.64 -53.72
CA ASN G 137 72.12 25.11 -52.42
C ASN G 137 72.86 26.40 -52.09
N ILE G 138 72.11 27.48 -51.92
CA ILE G 138 72.64 28.78 -51.54
C ILE G 138 71.98 29.12 -50.21
N GLN G 139 72.78 29.14 -49.15
CA GLN G 139 72.28 29.30 -47.78
C GLN G 139 72.68 30.66 -47.23
N GLY G 140 71.81 31.19 -46.37
CA GLY G 140 72.05 32.51 -45.80
C GLY G 140 71.18 32.77 -44.59
N GLY G 141 71.37 33.94 -44.01
CA GLY G 141 70.63 34.37 -42.83
C GLY G 141 69.45 35.23 -43.20
N LYS G 142 69.40 36.46 -42.66
CA LYS G 142 68.26 37.33 -42.92
C LYS G 142 68.21 37.78 -44.38
N THR G 143 69.36 38.01 -45.01
CA THR G 143 69.40 38.44 -46.39
C THR G 143 70.30 37.51 -47.22
N LEU G 144 69.79 37.09 -48.38
CA LEU G 144 70.50 36.22 -49.32
C LEU G 144 70.76 36.98 -50.61
N SER G 145 71.94 36.77 -51.22
CA SER G 145 72.28 37.49 -52.44
C SER G 145 72.72 36.51 -53.52
N VAL G 146 72.17 36.65 -54.73
CA VAL G 146 72.49 35.81 -55.87
C VAL G 146 73.34 36.63 -56.83
N SER G 147 74.66 36.36 -56.83
CA SER G 147 75.62 37.16 -57.58
C SER G 147 75.70 36.80 -59.06
N GLN G 148 76.14 35.59 -59.37
CA GLN G 148 76.39 35.15 -60.74
C GLN G 148 75.30 34.19 -61.16
N LEU G 149 74.55 34.56 -62.20
CA LEU G 149 73.47 33.74 -62.73
C LEU G 149 73.73 33.36 -64.18
N GLU G 150 73.34 32.13 -64.53
CA GLU G 150 73.39 31.63 -65.88
C GLU G 150 71.98 31.34 -66.36
N LEU G 151 71.83 31.30 -67.69
CA LEU G 151 70.50 31.14 -68.28
C LEU G 151 69.88 29.80 -67.91
N GLN G 152 70.69 28.73 -67.84
CA GLN G 152 70.16 27.40 -67.54
C GLN G 152 69.44 27.36 -66.18
N ASP G 153 69.95 28.10 -65.18
CA ASP G 153 69.40 28.09 -63.82
C ASP G 153 68.28 29.13 -63.66
N SER G 154 67.20 28.94 -64.42
CA SER G 154 66.13 29.94 -64.43
C SER G 154 64.75 29.36 -64.12
N GLY G 155 64.67 28.30 -63.35
CA GLY G 155 63.39 27.73 -63.01
C GLY G 155 62.80 28.31 -61.75
N THR G 156 62.17 27.44 -60.96
CA THR G 156 61.55 27.83 -59.70
C THR G 156 62.47 27.45 -58.55
N TRP G 157 62.81 28.44 -57.73
CA TRP G 157 63.70 28.27 -56.59
C TRP G 157 62.90 28.05 -55.31
N THR G 158 63.43 27.19 -54.44
CA THR G 158 62.79 26.83 -53.19
C THR G 158 63.65 27.27 -52.02
N CYS G 159 63.11 28.20 -51.21
CA CYS G 159 63.79 28.72 -50.03
C CYS G 159 63.11 28.18 -48.78
N THR G 160 63.82 27.44 -47.95
CA THR G 160 63.26 26.94 -46.70
C THR G 160 63.83 27.72 -45.52
N VAL G 161 62.94 28.32 -44.74
CA VAL G 161 63.31 29.16 -43.60
C VAL G 161 63.11 28.36 -42.31
N LEU G 162 64.08 28.43 -41.40
CA LEU G 162 64.01 27.67 -40.15
C LEU G 162 64.28 28.57 -38.95
N GLN G 163 63.34 28.59 -38.00
CA GLN G 163 63.51 29.23 -36.70
C GLN G 163 63.50 28.15 -35.63
N ASN G 164 64.60 28.03 -34.87
CA ASN G 164 64.74 27.04 -33.80
C ASN G 164 64.46 25.62 -34.27
N GLN G 165 63.19 25.17 -34.17
CA GLN G 165 62.79 23.84 -34.62
C GLN G 165 61.70 23.87 -35.68
N LYS G 166 60.96 24.97 -35.81
CA LYS G 166 59.86 25.07 -36.76
C LYS G 166 60.37 25.64 -38.08
N LYS G 167 59.80 25.17 -39.19
CA LYS G 167 60.25 25.60 -40.51
C LYS G 167 59.07 25.96 -41.40
N VAL G 168 59.35 26.80 -42.40
CA VAL G 168 58.36 27.23 -43.39
C VAL G 168 59.02 27.27 -44.77
N GLU G 169 58.23 27.00 -45.81
CA GLU G 169 58.76 26.90 -47.17
C GLU G 169 58.21 28.01 -48.05
N PHE G 170 59.09 28.65 -48.81
CA PHE G 170 58.79 29.71 -49.76
C PHE G 170 59.21 29.26 -51.14
N LYS G 171 58.43 29.61 -52.16
CA LYS G 171 58.78 29.30 -53.54
C LYS G 171 58.78 30.58 -54.36
N ILE G 172 59.84 30.80 -55.15
CA ILE G 172 59.92 32.02 -55.95
C ILE G 172 60.67 31.75 -57.24
N ASP G 173 60.15 32.32 -58.34
CA ASP G 173 60.72 32.20 -59.67
C ASP G 173 61.86 33.19 -59.90
N ILE G 174 62.81 32.78 -60.72
CA ILE G 174 63.91 33.63 -61.16
C ILE G 174 63.98 33.56 -62.68
N VAL G 175 64.00 34.73 -63.32
CA VAL G 175 64.09 34.82 -64.76
C VAL G 175 65.37 35.55 -65.12
N VAL G 176 66.15 34.95 -66.01
CA VAL G 176 67.42 35.52 -66.45
C VAL G 176 67.27 35.96 -67.90
N LEU G 177 67.46 37.26 -68.14
CA LEU G 177 67.36 37.80 -69.48
C LEU G 177 68.60 37.41 -70.27
N ALA G 178 68.38 36.96 -71.51
CA ALA G 178 69.49 36.45 -72.31
C ALA G 178 70.48 37.54 -72.63
N PHE G 179 70.01 38.63 -73.24
CA PHE G 179 70.91 39.59 -73.86
C PHE G 179 71.58 40.51 -72.85
N GLN G 180 71.43 40.21 -71.56
CA GLN G 180 72.26 40.86 -70.56
C GLN G 180 73.62 40.14 -70.52
N LYS G 181 74.50 40.60 -69.63
CA LYS G 181 75.86 40.09 -69.63
C LYS G 181 75.96 38.63 -69.18
N ALA G 182 74.93 38.10 -68.54
CA ALA G 182 74.95 36.69 -68.13
C ALA G 182 75.06 35.78 -69.35
N SER G 183 75.89 34.75 -69.22
CA SER G 183 76.21 33.84 -70.32
C SER G 183 75.32 32.60 -70.30
N SER G 184 75.22 31.95 -71.45
CA SER G 184 74.44 30.72 -71.57
C SER G 184 75.38 29.55 -71.85
N ILE G 185 75.18 28.44 -71.15
CA ILE G 185 76.02 27.26 -71.36
C ILE G 185 75.18 26.00 -71.10
N VAL G 186 75.42 24.97 -71.90
CA VAL G 186 74.73 23.68 -71.78
C VAL G 186 75.75 22.56 -71.95
N TYR G 187 75.75 21.61 -71.02
CA TYR G 187 76.62 20.42 -71.04
C TYR G 187 75.76 19.18 -71.28
N LYS G 188 76.06 18.46 -72.35
CA LYS G 188 75.28 17.28 -72.73
C LYS G 188 76.20 16.13 -73.14
N LYS G 189 75.80 14.92 -72.75
CA LYS G 189 76.43 13.72 -73.29
C LYS G 189 75.90 13.44 -74.69
N GLU G 190 76.70 12.71 -75.48
CA GLU G 190 76.41 12.47 -76.88
C GLU G 190 75.05 11.80 -77.06
N GLY G 191 74.29 12.28 -78.06
CA GLY G 191 73.02 11.72 -78.44
C GLY G 191 71.80 12.40 -77.84
N GLU G 192 72.00 13.21 -76.80
CA GLU G 192 70.91 13.93 -76.16
C GLU G 192 70.53 15.17 -76.97
N GLN G 193 69.23 15.46 -77.05
CA GLN G 193 68.82 16.68 -77.76
C GLN G 193 69.13 17.89 -76.89
N VAL G 194 69.49 18.98 -77.54
CA VAL G 194 69.95 20.17 -76.84
C VAL G 194 68.85 21.22 -76.88
N GLU G 195 68.72 21.98 -75.80
CA GLU G 195 67.72 23.03 -75.70
C GLU G 195 68.41 24.34 -75.33
N PHE G 196 68.12 25.40 -76.08
CA PHE G 196 68.55 26.75 -75.73
C PHE G 196 67.34 27.66 -75.69
N SER G 197 67.15 28.36 -74.59
CA SER G 197 66.05 29.31 -74.47
C SER G 197 66.60 30.67 -74.12
N PHE G 198 66.10 31.70 -74.82
CA PHE G 198 66.48 33.09 -74.58
C PHE G 198 65.23 33.91 -74.31
N PRO G 199 64.71 33.87 -73.09
CA PRO G 199 63.54 34.68 -72.76
C PRO G 199 63.85 36.16 -72.97
N LEU G 200 62.92 36.86 -73.60
CA LEU G 200 63.14 38.26 -73.90
C LEU G 200 62.69 39.14 -72.75
N ALA G 201 63.31 40.31 -72.67
CA ALA G 201 62.96 41.29 -71.66
C ALA G 201 61.54 41.80 -71.89
N PHE G 202 60.89 42.19 -70.80
CA PHE G 202 59.51 42.64 -70.85
C PHE G 202 59.34 43.85 -71.78
N THR G 203 60.32 44.74 -71.83
CA THR G 203 60.18 45.96 -72.63
C THR G 203 60.20 45.65 -74.13
N VAL G 204 61.16 44.85 -74.59
CA VAL G 204 61.41 44.65 -76.01
C VAL G 204 60.60 43.50 -76.60
N GLU G 205 59.69 42.92 -75.82
CA GLU G 205 59.04 41.68 -76.24
C GLU G 205 58.30 41.83 -77.56
N LYS G 206 57.67 42.98 -77.80
CA LYS G 206 56.87 43.19 -79.00
C LYS G 206 57.48 44.17 -80.00
N LEU G 207 58.72 44.63 -79.78
CA LEU G 207 59.28 45.72 -80.59
C LEU G 207 59.47 45.35 -82.06
N THR G 208 59.86 44.10 -82.34
CA THR G 208 60.14 43.55 -83.68
C THR G 208 61.55 43.88 -84.15
N GLY G 209 62.12 42.98 -84.94
CA GLY G 209 63.50 43.07 -85.35
C GLY G 209 63.89 41.84 -86.16
N SER G 210 65.19 41.70 -86.39
CA SER G 210 65.75 40.57 -87.13
C SER G 210 66.98 40.07 -86.40
N GLY G 211 67.29 38.78 -86.55
CA GLY G 211 68.45 38.26 -85.86
C GLY G 211 68.99 37.00 -86.49
N GLU G 212 70.17 36.59 -86.02
CA GLU G 212 70.79 35.34 -86.42
C GLU G 212 71.78 34.87 -85.35
N LEU G 213 72.28 33.65 -85.55
CA LEU G 213 73.24 33.02 -84.65
C LEU G 213 74.46 32.57 -85.42
N TRP G 214 75.65 32.83 -84.86
CA TRP G 214 76.93 32.36 -85.39
C TRP G 214 77.52 31.36 -84.41
N TRP G 215 78.09 30.27 -84.95
CA TRP G 215 78.60 29.18 -84.14
C TRP G 215 79.96 28.73 -84.69
N GLN G 216 80.82 28.23 -83.80
CA GLN G 216 82.09 27.62 -84.19
C GLN G 216 82.14 26.19 -83.67
N ALA G 217 82.54 25.27 -84.54
CA ALA G 217 82.60 23.84 -84.23
C ALA G 217 83.98 23.46 -83.69
N GLU G 218 84.27 22.15 -83.68
CA GLU G 218 85.60 21.70 -83.26
C GLU G 218 86.68 22.25 -84.18
N ARG G 219 86.45 22.23 -85.49
CA ARG G 219 87.40 22.79 -86.46
C ARG G 219 87.16 24.27 -86.62
N ALA G 220 88.23 25.07 -86.57
CA ALA G 220 88.12 26.52 -86.73
C ALA G 220 87.80 26.92 -88.16
N SER G 221 87.92 26.00 -89.12
CA SER G 221 87.65 26.32 -90.52
C SER G 221 86.22 26.83 -90.70
N SER G 222 85.25 26.18 -90.07
CA SER G 222 83.84 26.57 -90.18
C SER G 222 83.54 27.64 -89.15
N SER G 223 84.10 28.84 -89.39
CA SER G 223 83.98 29.95 -88.45
C SER G 223 82.53 30.43 -88.29
N LYS G 224 81.75 30.46 -89.37
CA LYS G 224 80.40 30.99 -89.29
C LYS G 224 79.39 30.06 -89.98
N SER G 225 78.17 30.09 -89.45
CA SER G 225 77.05 29.29 -89.95
C SER G 225 75.78 29.61 -89.17
N TRP G 226 74.80 28.70 -89.20
CA TRP G 226 73.60 28.70 -88.37
C TRP G 226 72.51 29.66 -88.84
N ILE G 227 71.37 29.69 -88.12
CA ILE G 227 70.12 30.19 -88.67
C ILE G 227 69.97 31.69 -88.53
N THR G 228 69.03 32.22 -89.31
CA THR G 228 68.64 33.63 -89.37
C THR G 228 67.12 33.69 -89.43
N PHE G 229 66.55 34.68 -88.75
CA PHE G 229 65.13 34.72 -88.46
C PHE G 229 64.66 36.16 -88.30
N ASP G 230 63.34 36.35 -88.43
CA ASP G 230 62.72 37.65 -88.29
C ASP G 230 61.61 37.58 -87.25
N LEU G 231 61.52 38.61 -86.42
CA LEU G 231 60.54 38.71 -85.34
C LEU G 231 59.65 39.91 -85.60
N LYS G 232 58.35 39.64 -85.79
CA LYS G 232 57.34 40.67 -85.94
C LYS G 232 56.18 40.37 -85.00
N ASN G 233 55.63 41.41 -84.39
CA ASN G 233 54.55 41.28 -83.40
C ASN G 233 55.08 40.35 -82.31
N LYS G 234 54.38 39.28 -81.98
CA LYS G 234 54.87 38.23 -81.09
C LYS G 234 55.05 36.95 -81.90
N GLU G 235 55.49 37.12 -83.14
CA GLU G 235 55.57 36.06 -84.14
C GLU G 235 57.01 35.89 -84.60
N VAL G 236 57.53 34.66 -84.55
CA VAL G 236 58.89 34.35 -84.96
C VAL G 236 58.85 33.53 -86.24
N SER G 237 59.47 34.04 -87.30
CA SER G 237 59.51 33.38 -88.60
C SER G 237 60.96 33.26 -89.04
N VAL G 238 61.37 32.06 -89.42
CA VAL G 238 62.75 31.81 -89.82
C VAL G 238 62.99 32.31 -91.23
N LYS G 239 64.14 32.95 -91.44
CA LYS G 239 64.55 33.39 -92.77
C LYS G 239 65.35 32.30 -93.47
N ARG G 240 66.40 31.81 -92.83
CA ARG G 240 67.20 30.74 -93.41
C ARG G 240 67.74 29.87 -92.29
N VAL G 241 67.83 28.56 -92.55
CA VAL G 241 68.38 27.64 -91.58
C VAL G 241 69.45 26.80 -92.26
N THR G 242 70.57 26.59 -91.58
CA THR G 242 71.62 25.78 -92.17
C THR G 242 71.19 24.33 -92.16
N GLN G 243 71.50 23.63 -93.24
CA GLN G 243 70.99 22.27 -93.42
C GLN G 243 71.62 21.28 -92.47
N ASP G 244 72.91 21.48 -92.12
CA ASP G 244 73.62 20.47 -91.34
C ASP G 244 72.97 20.26 -89.96
N PRO G 245 72.72 21.29 -89.14
CA PRO G 245 71.89 21.07 -87.95
C PRO G 245 70.41 21.15 -88.31
N LYS G 246 69.63 20.25 -87.70
CA LYS G 246 68.17 20.29 -87.86
C LYS G 246 67.58 21.20 -86.78
N LEU G 247 68.00 22.45 -86.82
CA LEU G 247 67.59 23.43 -85.82
C LEU G 247 66.10 23.72 -85.97
N GLN G 248 65.41 23.77 -84.83
CA GLN G 248 63.98 24.03 -84.76
C GLN G 248 63.76 25.34 -84.05
N MET G 249 63.20 26.32 -84.75
CA MET G 249 62.92 27.62 -84.14
C MET G 249 61.45 27.70 -83.74
N GLY G 250 61.23 28.08 -82.49
CA GLY G 250 59.87 28.12 -81.97
C GLY G 250 59.05 29.21 -82.64
N LYS G 251 57.86 28.83 -83.11
CA LYS G 251 56.93 29.81 -83.64
C LYS G 251 56.44 30.75 -82.55
N LYS G 252 56.28 30.23 -81.33
CA LYS G 252 55.75 31.01 -80.22
C LYS G 252 56.75 32.06 -79.75
N LEU G 253 56.24 33.04 -79.02
CA LEU G 253 57.04 34.21 -78.66
C LEU G 253 58.28 33.88 -77.84
N PRO G 254 58.26 33.01 -76.82
CA PRO G 254 59.51 32.73 -76.11
C PRO G 254 60.54 32.15 -77.06
N LEU G 255 61.69 32.80 -77.13
CA LEU G 255 62.71 32.39 -78.10
C LEU G 255 63.26 31.04 -77.68
N HIS G 256 62.82 30.01 -78.40
CA HIS G 256 63.11 28.63 -78.10
C HIS G 256 63.80 28.02 -79.31
N LEU G 257 64.97 27.44 -79.08
CA LEU G 257 65.74 26.81 -80.14
C LEU G 257 66.10 25.40 -79.67
N THR G 258 65.82 24.41 -80.52
CA THR G 258 66.08 23.03 -80.15
C THR G 258 66.99 22.40 -81.19
N LEU G 259 67.97 21.66 -80.72
CA LEU G 259 68.86 20.88 -81.55
C LEU G 259 68.51 19.40 -81.42
N PRO G 260 68.32 18.69 -82.53
CA PRO G 260 67.76 17.32 -82.45
C PRO G 260 68.56 16.35 -81.60
N GLN G 261 69.88 16.31 -81.74
CA GLN G 261 70.73 15.51 -80.87
C GLN G 261 72.10 16.14 -80.78
N ALA G 262 72.75 15.95 -79.62
CA ALA G 262 74.06 16.52 -79.40
C ALA G 262 75.12 15.61 -80.01
N LEU G 263 76.03 16.20 -80.78
CA LEU G 263 77.11 15.50 -81.44
C LEU G 263 78.39 16.29 -81.23
N PRO G 264 79.55 15.64 -81.38
CA PRO G 264 80.81 16.35 -81.13
C PRO G 264 81.04 17.57 -82.02
N GLN G 265 80.72 17.46 -83.32
CA GLN G 265 80.89 18.62 -84.20
C GLN G 265 80.00 19.78 -83.80
N TYR G 266 78.85 19.48 -83.19
CA TYR G 266 77.95 20.51 -82.67
C TYR G 266 78.42 20.97 -81.30
N ALA G 267 79.56 21.65 -81.28
CA ALA G 267 80.11 22.13 -80.01
C ALA G 267 80.98 23.34 -80.26
N GLY G 268 81.14 24.17 -79.23
CA GLY G 268 81.90 25.39 -79.32
C GLY G 268 81.11 26.65 -79.03
N SER G 269 81.81 27.73 -78.68
CA SER G 269 81.15 28.99 -78.35
C SER G 269 80.49 29.61 -79.59
N GLY G 270 79.39 30.31 -79.35
CA GLY G 270 78.70 31.04 -80.40
C GLY G 270 78.17 32.36 -79.90
N ASN G 271 77.94 33.26 -80.87
CA ASN G 271 77.41 34.59 -80.67
C ASN G 271 76.03 34.67 -81.31
N LEU G 272 75.04 35.15 -80.57
CA LEU G 272 73.71 35.34 -81.14
C LEU G 272 73.41 36.84 -81.18
N THR G 273 73.05 37.33 -82.35
CA THR G 273 72.84 38.76 -82.57
C THR G 273 71.39 39.02 -82.92
N LEU G 274 70.76 39.91 -82.16
CA LEU G 274 69.41 40.38 -82.42
C LEU G 274 69.46 41.89 -82.56
N ALA G 275 68.97 42.40 -83.68
CA ALA G 275 68.79 43.81 -83.94
C ALA G 275 67.30 44.09 -84.03
N LEU G 276 66.95 45.35 -83.84
CA LEU G 276 65.55 45.75 -83.81
C LEU G 276 65.42 47.07 -84.57
N GLU G 277 64.43 47.13 -85.47
CA GLU G 277 64.27 48.31 -86.32
C GLU G 277 63.92 49.55 -85.50
N ALA G 278 63.38 49.37 -84.30
CA ALA G 278 63.02 50.49 -83.45
C ALA G 278 64.25 51.35 -83.11
N LYS G 279 65.21 50.77 -82.38
CA LYS G 279 66.32 51.55 -81.85
C LYS G 279 67.65 51.32 -82.58
N THR G 280 67.73 50.32 -83.45
CA THR G 280 68.92 50.03 -84.25
C THR G 280 70.19 50.05 -83.38
N GLY G 281 70.19 49.18 -82.37
CA GLY G 281 71.35 48.93 -81.56
C GLY G 281 71.60 47.44 -81.41
N LYS G 282 72.72 46.95 -81.91
CA LYS G 282 72.95 45.52 -82.02
C LYS G 282 73.07 44.88 -80.64
N LEU G 283 72.20 43.92 -80.35
CA LEU G 283 72.23 43.18 -79.10
C LEU G 283 72.89 41.82 -79.32
N HIS G 284 73.86 41.50 -78.49
CA HIS G 284 74.63 40.26 -78.59
C HIS G 284 74.39 39.37 -77.37
N GLN G 285 74.69 38.07 -77.54
CA GLN G 285 74.52 37.12 -76.45
C GLN G 285 75.47 35.94 -76.63
N GLU G 286 76.19 35.58 -75.56
CA GLU G 286 77.18 34.51 -75.60
C GLU G 286 76.58 33.18 -75.17
N VAL G 287 76.87 32.12 -75.95
CA VAL G 287 76.31 30.79 -75.72
C VAL G 287 77.40 29.76 -75.93
N ASN G 288 77.47 28.77 -75.03
CA ASN G 288 78.39 27.66 -75.20
C ASN G 288 77.67 26.31 -75.08
N LEU G 289 78.23 25.33 -75.78
CA LEU G 289 77.76 23.95 -75.70
C LEU G 289 78.96 23.05 -75.52
N VAL G 290 78.92 22.21 -74.50
CA VAL G 290 79.97 21.27 -74.18
C VAL G 290 79.39 19.88 -74.30
N VAL G 291 80.11 18.99 -74.98
CA VAL G 291 79.59 17.67 -75.33
C VAL G 291 80.57 16.61 -74.86
N MET G 292 80.06 15.62 -74.13
CA MET G 292 80.89 14.52 -73.64
C MET G 292 80.50 13.23 -74.33
N ARG G 293 81.51 12.44 -74.68
CA ARG G 293 81.32 11.09 -75.20
C ARG G 293 82.10 10.13 -74.33
N ALA G 294 81.39 9.20 -73.69
CA ALA G 294 82.02 8.23 -72.79
C ALA G 294 81.53 6.86 -73.20
N THR G 295 82.44 6.03 -73.73
CA THR G 295 82.01 4.74 -74.23
C THR G 295 83.22 3.83 -74.35
N GLN G 296 82.93 2.55 -74.50
CA GLN G 296 83.95 1.51 -74.54
C GLN G 296 83.93 0.82 -75.90
N LEU G 297 85.08 0.79 -76.56
CA LEU G 297 85.26 0.00 -77.77
C LEU G 297 86.00 -1.27 -77.39
N GLN G 298 85.36 -2.42 -77.62
CA GLN G 298 85.87 -3.75 -77.28
C GLN G 298 86.32 -3.70 -75.81
N LYS G 299 87.57 -4.06 -75.48
CA LYS G 299 87.93 -3.90 -74.05
C LYS G 299 88.08 -2.44 -73.67
N ASN G 300 88.84 -1.67 -74.46
CA ASN G 300 89.21 -0.29 -74.16
C ASN G 300 87.98 0.56 -73.85
N LEU G 301 88.14 1.52 -72.94
CA LEU G 301 87.10 2.50 -72.69
C LEU G 301 87.73 3.89 -72.76
N THR G 302 87.05 4.82 -73.41
CA THR G 302 87.54 6.16 -73.58
C THR G 302 86.43 7.15 -73.26
N CYS G 303 86.81 8.27 -72.65
CA CYS G 303 85.91 9.38 -72.40
C CYS G 303 86.59 10.66 -72.83
N GLU G 304 85.91 11.41 -73.70
CA GLU G 304 86.44 12.65 -74.23
C GLU G 304 85.38 13.74 -74.14
N VAL G 305 85.86 14.97 -74.10
CA VAL G 305 85.01 16.15 -73.98
C VAL G 305 85.39 17.12 -75.09
N TRP G 306 84.38 17.67 -75.75
CA TRP G 306 84.57 18.64 -76.82
C TRP G 306 83.83 19.92 -76.47
N GLY G 307 84.39 21.04 -76.92
CA GLY G 307 83.78 22.33 -76.75
C GLY G 307 84.68 23.29 -76.02
N PRO G 308 84.15 24.45 -75.65
CA PRO G 308 84.97 25.44 -74.93
C PRO G 308 84.85 25.27 -73.43
N THR G 309 85.81 24.59 -72.82
CA THR G 309 85.82 24.38 -71.38
C THR G 309 86.99 25.15 -70.78
N SER G 310 86.75 25.78 -69.64
CA SER G 310 87.82 26.47 -68.95
C SER G 310 88.90 25.47 -68.56
N PRO G 311 90.18 25.85 -68.61
CA PRO G 311 91.22 24.87 -68.26
C PRO G 311 91.10 24.36 -66.84
N LYS G 312 90.49 25.13 -65.94
CA LYS G 312 90.52 24.77 -64.52
C LYS G 312 89.90 23.39 -64.26
N LEU G 313 88.82 23.05 -64.94
CA LEU G 313 88.09 21.82 -64.62
C LEU G 313 88.90 20.57 -65.00
N MET G 314 88.50 19.44 -64.42
CA MET G 314 89.23 18.18 -64.51
C MET G 314 88.29 17.05 -64.89
N LEU G 315 88.83 16.09 -65.63
CA LEU G 315 88.13 14.88 -66.05
C LEU G 315 88.63 13.68 -65.26
N SER G 316 87.71 12.80 -64.88
CA SER G 316 88.03 11.66 -64.04
C SER G 316 87.24 10.43 -64.49
N LEU G 317 87.90 9.28 -64.43
CA LEU G 317 87.27 7.98 -64.62
C LEU G 317 87.36 7.20 -63.32
N LYS G 318 86.23 6.67 -62.87
CA LYS G 318 86.20 6.13 -61.51
C LYS G 318 85.08 5.11 -61.35
N LEU G 319 85.35 4.10 -60.53
CA LEU G 319 84.32 3.19 -60.08
C LEU G 319 83.56 3.82 -58.91
N GLU G 320 82.23 3.69 -58.94
CA GLU G 320 81.40 4.34 -57.94
C GLU G 320 81.70 3.82 -56.54
N ASN G 321 82.19 2.59 -56.42
CA ASN G 321 82.62 2.08 -55.12
C ASN G 321 83.95 2.69 -54.69
N LYS G 322 85.00 2.54 -55.52
CA LYS G 322 86.36 2.90 -55.15
C LYS G 322 86.63 4.37 -55.49
N GLU G 323 87.92 4.73 -55.57
CA GLU G 323 88.36 6.08 -55.88
C GLU G 323 88.71 6.21 -57.36
N ALA G 324 88.98 7.45 -57.76
CA ALA G 324 89.28 7.77 -59.16
C ALA G 324 90.47 6.97 -59.67
N LYS G 325 90.20 6.08 -60.64
CA LYS G 325 91.27 5.31 -61.24
C LYS G 325 92.21 6.20 -62.04
N VAL G 326 91.68 7.19 -62.75
CA VAL G 326 92.49 8.14 -63.50
C VAL G 326 91.81 9.49 -63.50
N SER G 327 92.60 10.55 -63.30
CA SER G 327 92.09 11.91 -63.39
C SER G 327 93.15 12.81 -63.99
N LYS G 328 92.72 13.66 -64.93
CA LYS G 328 93.56 14.68 -65.52
C LYS G 328 92.70 15.89 -65.83
N ARG G 329 93.36 17.04 -65.94
CA ARG G 329 92.70 18.30 -66.24
C ARG G 329 92.61 18.52 -67.75
N GLU G 330 93.02 17.53 -68.54
CA GLU G 330 93.07 17.59 -69.99
C GLU G 330 91.71 17.27 -70.62
N LYS G 331 91.67 17.33 -71.96
CA LYS G 331 90.44 17.12 -72.71
C LYS G 331 90.14 15.66 -73.05
N ALA G 332 91.09 14.75 -72.92
CA ALA G 332 90.89 13.35 -73.30
C ALA G 332 91.38 12.42 -72.19
N VAL G 333 90.57 11.40 -71.85
CA VAL G 333 90.93 10.43 -70.83
C VAL G 333 90.62 9.04 -71.38
N TRP G 334 91.52 8.08 -71.11
CA TRP G 334 91.44 6.76 -71.71
C TRP G 334 91.88 5.70 -70.71
N VAL G 335 91.08 4.64 -70.57
CA VAL G 335 91.40 3.52 -69.67
C VAL G 335 91.46 2.22 -70.49
N LEU G 336 92.49 1.41 -70.20
CA LEU G 336 92.74 0.14 -70.86
C LEU G 336 92.56 -1.00 -69.87
N ASN G 337 91.92 -2.08 -70.33
CA ASN G 337 91.63 -3.28 -69.54
C ASN G 337 91.08 -2.97 -68.16
N PRO G 338 89.99 -2.21 -68.04
CA PRO G 338 89.54 -1.75 -66.72
C PRO G 338 88.88 -2.86 -65.92
N GLU G 339 88.87 -2.66 -64.60
CA GLU G 339 88.20 -3.61 -63.71
C GLU G 339 86.73 -3.70 -64.08
N ALA G 340 86.16 -4.89 -63.88
CA ALA G 340 84.74 -5.08 -64.16
C ALA G 340 83.91 -4.22 -63.22
N GLY G 341 82.85 -3.63 -63.77
CA GLY G 341 81.97 -2.76 -63.03
C GLY G 341 81.43 -1.68 -63.94
N MET G 342 80.52 -0.89 -63.38
CA MET G 342 79.96 0.26 -64.10
C MET G 342 80.62 1.54 -63.62
N TRP G 343 81.63 2.00 -64.37
CA TRP G 343 82.40 3.19 -64.03
C TRP G 343 81.67 4.46 -64.47
N GLN G 344 82.32 5.59 -64.22
CA GLN G 344 81.78 6.90 -64.56
C GLN G 344 82.91 7.80 -65.03
N CYS G 345 82.56 8.72 -65.95
CA CYS G 345 83.41 9.80 -66.41
C CYS G 345 82.80 11.12 -65.97
N LEU G 346 83.59 11.92 -65.25
CA LEU G 346 83.12 13.17 -64.66
C LEU G 346 84.02 14.31 -65.13
N LEU G 347 83.43 15.30 -65.79
CA LEU G 347 84.09 16.59 -65.98
C LEU G 347 83.52 17.56 -64.96
N SER G 348 84.40 18.08 -64.09
CA SER G 348 83.93 18.79 -62.92
C SER G 348 85.00 19.77 -62.47
N ASP G 349 84.55 20.85 -61.83
CA ASP G 349 85.46 21.77 -61.17
C ASP G 349 85.59 21.33 -59.71
N SER G 350 86.19 22.18 -58.88
CA SER G 350 86.42 21.85 -57.48
C SER G 350 85.12 21.51 -56.74
N GLY G 351 84.13 22.40 -56.80
CA GLY G 351 82.95 22.21 -55.97
C GLY G 351 81.96 21.14 -56.40
N GLN G 352 81.43 21.24 -57.62
CA GLN G 352 80.34 20.37 -58.02
C GLN G 352 80.71 19.68 -59.32
N VAL G 353 79.96 18.63 -59.65
CA VAL G 353 80.18 17.87 -60.87
C VAL G 353 79.33 18.47 -61.98
N LEU G 354 79.97 18.76 -63.11
CA LEU G 354 79.27 19.34 -64.25
C LEU G 354 78.66 18.25 -65.14
N LEU G 355 79.48 17.31 -65.60
CA LEU G 355 78.98 16.21 -66.44
C LEU G 355 79.40 14.87 -65.86
N GLU G 356 78.42 14.02 -65.60
CA GLU G 356 78.63 12.64 -65.17
C GLU G 356 78.02 11.70 -66.20
N SER G 357 78.82 10.77 -66.70
CA SER G 357 78.37 9.73 -67.60
C SER G 357 78.71 8.37 -67.01
N ASN G 358 77.78 7.42 -67.15
CA ASN G 358 77.92 6.10 -66.55
C ASN G 358 78.19 5.07 -67.63
N ILE G 359 79.36 4.43 -67.57
CA ILE G 359 79.77 3.42 -68.52
C ILE G 359 79.82 2.07 -67.81
N LYS G 360 79.70 1.00 -68.60
CA LYS G 360 79.73 -0.37 -68.09
C LYS G 360 80.71 -1.21 -68.89
N VAL G 361 81.65 -1.86 -68.19
CA VAL G 361 82.63 -2.73 -68.84
C VAL G 361 82.25 -4.21 -68.68
N LEU G 362 82.30 -4.91 -69.81
CA LEU G 362 82.01 -6.34 -69.82
C LEU G 362 82.25 -6.95 -71.20
N PRO G 363 82.97 -6.24 -72.05
CA PRO G 363 83.26 -6.69 -73.40
C PRO G 363 84.66 -6.25 -73.84
N VAL H 2 71.69 55.45 -54.90
CA VAL H 2 70.86 56.18 -55.85
C VAL H 2 69.86 55.22 -56.48
N SER H 3 69.27 54.36 -55.66
CA SER H 3 68.42 53.28 -56.15
C SER H 3 67.13 53.80 -56.77
N ASP H 4 66.59 53.01 -57.69
CA ASP H 4 65.32 53.29 -58.35
C ASP H 4 64.44 52.05 -58.27
N VAL H 5 64.15 51.61 -57.05
CA VAL H 5 63.45 50.35 -56.85
C VAL H 5 62.25 50.54 -55.93
N PRO H 6 61.07 50.05 -56.31
CA PRO H 6 59.92 50.10 -55.41
C PRO H 6 60.17 49.27 -54.17
N ARG H 7 59.53 49.66 -53.06
CA ARG H 7 59.78 49.05 -51.77
C ARG H 7 58.48 48.60 -51.12
N ASP H 8 58.62 47.65 -50.19
CA ASP H 8 57.56 47.27 -49.26
C ASP H 8 56.29 46.81 -49.98
N LEU H 9 56.45 45.98 -51.00
CA LEU H 9 55.29 45.48 -51.75
C LEU H 9 54.56 44.39 -50.96
N GLU H 10 53.24 44.49 -50.91
CA GLU H 10 52.42 43.56 -50.14
C GLU H 10 51.02 43.54 -50.73
N VAL H 11 50.24 42.57 -50.28
CA VAL H 11 48.84 42.41 -50.68
C VAL H 11 47.96 42.93 -49.57
N VAL H 12 47.25 44.02 -49.83
CA VAL H 12 46.34 44.59 -48.83
C VAL H 12 45.17 43.64 -48.59
N ALA H 13 44.51 43.20 -49.65
CA ALA H 13 43.36 42.33 -49.49
C ALA H 13 43.09 41.60 -50.80
N ALA H 14 42.52 40.41 -50.67
CA ALA H 14 42.33 39.54 -51.82
C ALA H 14 40.99 38.81 -51.72
N THR H 15 40.56 38.30 -52.86
CA THR H 15 39.38 37.48 -53.08
C THR H 15 39.81 36.36 -54.02
N PRO H 16 39.08 35.22 -54.04
CA PRO H 16 39.52 34.06 -54.84
C PRO H 16 39.88 34.35 -56.29
N THR H 17 39.45 35.49 -56.82
CA THR H 17 39.74 35.85 -58.20
C THR H 17 40.48 37.17 -58.37
N SER H 18 40.67 37.95 -57.31
CA SER H 18 41.26 39.28 -57.47
C SER H 18 42.19 39.62 -56.31
N LEU H 19 43.33 40.21 -56.63
CA LEU H 19 44.22 40.78 -55.63
C LEU H 19 44.10 42.29 -55.62
N LEU H 20 44.49 42.91 -54.51
CA LEU H 20 44.64 44.35 -54.46
C LEU H 20 45.97 44.64 -53.79
N ILE H 21 46.93 45.14 -54.56
CA ILE H 21 48.30 45.26 -54.06
C ILE H 21 48.64 46.73 -53.91
N SER H 22 49.56 46.98 -52.98
CA SER H 22 50.10 48.29 -52.68
C SER H 22 51.61 48.14 -52.50
N TRP H 23 52.34 49.09 -53.06
CA TRP H 23 53.79 49.17 -52.94
C TRP H 23 54.16 50.54 -52.40
N ASP H 24 55.46 50.80 -52.26
CA ASP H 24 55.93 52.08 -51.76
C ASP H 24 56.97 52.64 -52.71
N ALA H 25 56.84 53.93 -53.01
CA ALA H 25 57.62 54.56 -54.06
C ALA H 25 59.07 54.76 -53.63
N PRO H 26 60.00 54.78 -54.59
CA PRO H 26 61.40 55.00 -54.24
C PRO H 26 61.71 56.48 -54.02
N ALA H 27 62.95 56.86 -54.30
CA ALA H 27 63.39 58.25 -54.13
C ALA H 27 63.19 59.10 -55.38
N VAL H 28 63.46 58.54 -56.55
CA VAL H 28 63.51 59.32 -57.79
C VAL H 28 62.13 59.52 -58.39
N THR H 29 62.04 60.41 -59.37
CA THR H 29 60.79 60.64 -60.08
C THR H 29 60.42 59.43 -60.93
N VAL H 30 59.18 58.97 -60.81
CA VAL H 30 58.70 57.78 -61.50
C VAL H 30 57.71 58.18 -62.58
N HIS H 31 58.01 57.79 -63.83
CA HIS H 31 57.10 58.06 -64.93
C HIS H 31 55.94 57.07 -64.99
N SER H 32 56.10 55.86 -64.47
CA SER H 32 55.02 54.87 -64.35
C SER H 32 55.52 53.59 -63.68
N TYR H 33 54.57 52.85 -63.12
CA TYR H 33 54.76 51.57 -62.45
C TYR H 33 54.12 50.47 -63.29
N HIS H 34 54.88 49.42 -63.56
CA HIS H 34 54.40 48.29 -64.36
C HIS H 34 54.19 47.08 -63.45
N ILE H 35 52.96 46.58 -63.41
CA ILE H 35 52.61 45.40 -62.62
C ILE H 35 52.49 44.19 -63.55
N GLN H 36 53.32 43.19 -63.28
CA GLN H 36 53.45 41.95 -64.05
C GLN H 36 53.12 40.77 -63.14
N TYR H 37 52.15 39.95 -63.50
CA TYR H 37 51.78 38.81 -62.67
C TYR H 37 51.69 37.54 -63.50
N TRP H 38 52.16 36.44 -62.92
CA TRP H 38 52.16 35.16 -63.61
C TRP H 38 52.08 34.03 -62.58
N PRO H 39 51.55 32.87 -62.95
CA PRO H 39 51.53 31.74 -62.03
C PRO H 39 52.93 31.21 -61.77
N LEU H 40 53.13 30.62 -60.59
CA LEU H 40 54.45 30.18 -60.17
C LEU H 40 55.04 29.22 -61.18
N GLY H 41 56.31 29.40 -61.49
CA GLY H 41 56.95 28.53 -62.47
C GLY H 41 56.73 28.93 -63.91
N SER H 42 55.46 29.05 -64.31
CA SER H 42 55.09 29.35 -65.69
C SER H 42 55.18 30.85 -65.91
N TYR H 43 56.36 31.31 -66.32
CA TYR H 43 56.54 32.72 -66.67
C TYR H 43 55.80 33.08 -67.95
N GLN H 44 55.74 32.14 -68.90
CA GLN H 44 55.24 32.46 -70.24
C GLN H 44 53.80 32.94 -70.22
N ARG H 45 53.01 32.52 -69.23
CA ARG H 45 51.60 32.83 -69.23
C ARG H 45 51.30 34.13 -68.47
N TYR H 46 52.32 34.97 -68.29
CA TYR H 46 52.25 36.25 -67.58
C TYR H 46 51.40 37.29 -68.29
N GLN H 47 50.76 38.15 -67.49
CA GLN H 47 50.08 39.34 -68.00
C GLN H 47 50.55 40.59 -67.24
N VAL H 48 50.77 41.68 -67.96
CA VAL H 48 51.32 42.92 -67.41
C VAL H 48 50.46 44.12 -67.79
N PHE H 49 50.29 45.06 -66.86
CA PHE H 49 49.61 46.33 -67.11
C PHE H 49 50.36 47.46 -66.41
N SER H 50 49.94 48.70 -66.67
CA SER H 50 50.66 49.88 -66.20
C SER H 50 49.75 50.85 -65.44
N VAL H 51 50.27 51.41 -64.35
CA VAL H 51 49.61 52.52 -63.64
C VAL H 51 50.54 53.72 -63.64
N PRO H 52 50.03 54.95 -63.55
CA PRO H 52 50.92 56.12 -63.63
C PRO H 52 51.73 56.30 -62.35
N GLY H 53 52.89 56.93 -62.52
CA GLY H 53 53.87 57.08 -61.45
C GLY H 53 53.38 57.74 -60.18
N SER H 54 52.19 58.33 -60.21
CA SER H 54 51.63 58.98 -59.04
C SER H 54 50.65 58.09 -58.28
N LYS H 55 50.23 56.98 -58.88
CA LYS H 55 49.29 56.06 -58.25
C LYS H 55 50.07 54.98 -57.51
N SER H 56 49.57 54.61 -56.33
CA SER H 56 50.32 53.74 -55.43
C SER H 56 49.82 52.30 -55.39
N THR H 57 48.59 52.03 -55.81
CA THR H 57 48.01 50.70 -55.69
C THR H 57 47.51 50.21 -57.04
N ALA H 58 47.22 48.92 -57.09
CA ALA H 58 46.63 48.35 -58.30
C ALA H 58 45.78 47.14 -57.94
N THR H 59 44.63 47.04 -58.60
CA THR H 59 43.80 45.84 -58.53
C THR H 59 44.19 44.89 -59.65
N ILE H 60 44.07 43.59 -59.37
CA ILE H 60 44.37 42.55 -60.34
C ILE H 60 43.18 41.61 -60.37
N SER H 61 42.48 41.57 -61.50
CA SER H 61 41.30 40.73 -61.67
C SER H 61 41.61 39.54 -62.57
N GLY H 62 40.64 38.64 -62.65
CA GLY H 62 40.76 37.48 -63.51
C GLY H 62 41.81 36.51 -63.03
N LEU H 63 41.69 36.06 -61.79
CA LEU H 63 42.61 35.09 -61.23
C LEU H 63 41.87 33.82 -60.86
N LYS H 64 42.61 32.72 -60.85
CA LYS H 64 42.03 31.43 -60.52
C LYS H 64 42.21 31.15 -59.03
N PRO H 65 41.21 30.57 -58.35
CA PRO H 65 41.33 30.38 -56.90
C PRO H 65 42.36 29.32 -56.54
N GLY H 66 42.93 29.48 -55.34
CA GLY H 66 43.93 28.54 -54.83
C GLY H 66 45.11 28.33 -55.75
N VAL H 67 45.65 29.42 -56.31
CA VAL H 67 46.75 29.37 -57.26
C VAL H 67 47.93 30.17 -56.72
N GLU H 68 49.14 29.62 -56.84
CA GLU H 68 50.35 30.41 -56.61
C GLU H 68 50.52 31.45 -57.72
N TYR H 69 50.78 32.69 -57.32
CA TYR H 69 51.09 33.75 -58.26
C TYR H 69 52.34 34.47 -57.80
N GLN H 70 53.07 34.99 -58.78
CA GLN H 70 54.22 35.84 -58.56
C GLN H 70 53.86 37.19 -59.15
N ILE H 71 54.21 38.25 -58.41
CA ILE H 71 53.87 39.62 -58.76
C ILE H 71 55.15 40.43 -58.75
N ARG H 72 55.43 41.10 -59.86
CA ARG H 72 56.59 41.96 -60.00
C ARG H 72 56.13 43.37 -60.36
N VAL H 73 56.70 44.37 -59.71
CA VAL H 73 56.37 45.77 -59.98
C VAL H 73 57.67 46.48 -60.36
N TYR H 74 57.71 47.01 -61.57
CA TYR H 74 58.81 47.85 -62.02
C TYR H 74 58.45 49.32 -61.88
N ALA H 75 59.51 50.13 -61.83
CA ALA H 75 59.44 51.57 -61.82
C ALA H 75 60.33 52.05 -62.97
N GLU H 76 59.77 52.91 -63.82
CA GLU H 76 60.51 53.53 -64.92
C GLU H 76 60.61 55.04 -64.73
N THR H 77 61.85 55.54 -64.78
CA THR H 77 62.15 56.95 -64.67
C THR H 77 62.46 57.50 -66.06
N GLY H 78 61.78 58.59 -66.46
CA GLY H 78 62.00 59.11 -67.79
C GLY H 78 63.43 59.59 -67.99
N GLY H 79 63.98 60.28 -67.00
CA GLY H 79 65.36 60.70 -67.07
C GLY H 79 66.27 59.48 -67.02
N ALA H 80 67.00 59.22 -68.09
CA ALA H 80 67.85 58.03 -68.18
C ALA H 80 69.32 58.38 -68.38
N ASP H 81 69.80 59.49 -67.81
CA ASP H 81 71.21 59.81 -67.98
C ASP H 81 72.08 58.94 -67.09
N SER H 82 72.11 59.26 -65.79
CA SER H 82 72.79 58.45 -64.80
C SER H 82 71.93 58.13 -63.58
N ASP H 83 70.80 58.82 -63.42
CA ASP H 83 70.02 58.68 -62.19
C ASP H 83 69.38 57.30 -62.06
N GLN H 84 68.88 56.72 -63.14
CA GLN H 84 68.06 55.53 -62.92
C GLN H 84 68.05 54.60 -64.13
N SER H 85 67.58 53.38 -63.87
CA SER H 85 67.40 52.29 -64.81
C SER H 85 65.99 51.76 -64.57
N MET H 86 65.62 50.64 -65.18
CA MET H 86 64.31 50.05 -64.92
C MET H 86 64.41 49.18 -63.67
N GLY H 87 63.70 49.56 -62.60
CA GLY H 87 63.84 48.78 -61.39
C GLY H 87 62.63 47.94 -61.03
N TRP H 88 62.77 46.95 -60.14
CA TRP H 88 61.65 46.06 -59.87
C TRP H 88 61.78 45.40 -58.50
N ILE H 89 60.63 45.23 -57.83
CA ILE H 89 60.50 44.40 -56.63
C ILE H 89 59.44 43.32 -56.89
N GLN H 90 59.65 42.13 -56.32
CA GLN H 90 58.82 40.96 -56.60
C GLN H 90 58.39 40.27 -55.31
N ILE H 91 57.16 39.75 -55.30
CA ILE H 91 56.65 38.93 -54.20
C ILE H 91 55.84 37.78 -54.78
N GLY H 92 55.25 36.98 -53.88
CA GLY H 92 54.36 35.91 -54.27
C GLY H 92 53.13 35.90 -53.39
N TYR H 93 52.10 35.17 -53.83
CA TYR H 93 50.83 35.16 -53.10
C TYR H 93 49.98 33.99 -53.60
N ARG H 94 48.87 33.74 -52.88
CA ARG H 94 47.95 32.66 -53.22
C ARG H 94 46.53 33.09 -52.89
N THR H 95 45.61 32.85 -53.82
CA THR H 95 44.20 33.17 -53.72
C THR H 95 43.41 32.08 -52.99
N GLU H 96 42.32 32.49 -52.36
CA GLU H 96 41.42 31.54 -51.70
C GLU H 96 40.88 30.48 -52.66
N LYS I 1 -3.49 17.67 58.15
CA LYS I 1 -2.47 18.69 58.09
C LYS I 1 -2.96 19.98 58.74
N LYS I 2 -3.75 20.75 57.98
CA LYS I 2 -4.09 22.10 58.37
C LYS I 2 -5.08 22.14 59.53
N VAL I 3 -5.05 23.27 60.24
CA VAL I 3 -5.97 23.59 61.32
C VAL I 3 -6.62 24.92 61.02
N VAL I 4 -7.95 24.98 61.14
CA VAL I 4 -8.70 26.21 60.89
C VAL I 4 -9.54 26.53 62.11
N LEU I 5 -9.53 27.78 62.52
CA LEU I 5 -10.41 28.31 63.55
C LEU I 5 -11.51 29.14 62.91
N GLY I 6 -12.51 29.51 63.73
CA GLY I 6 -13.65 30.24 63.23
C GLY I 6 -14.42 30.91 64.34
N LYS I 7 -15.11 31.98 63.98
CA LYS I 7 -15.96 32.70 64.93
C LYS I 7 -17.37 32.13 64.82
N LYS I 8 -18.02 31.94 65.98
CA LYS I 8 -19.39 31.46 65.97
C LYS I 8 -20.27 32.38 65.13
N GLY I 9 -21.12 31.79 64.30
CA GLY I 9 -21.97 32.54 63.40
C GLY I 9 -21.31 33.05 62.13
N ASP I 10 -19.98 33.03 62.03
CA ASP I 10 -19.33 33.41 60.80
C ASP I 10 -19.55 32.37 59.72
N THR I 11 -18.88 32.59 58.58
CA THR I 11 -18.74 31.61 57.53
C THR I 11 -17.24 31.40 57.34
N VAL I 12 -16.81 30.14 57.28
CA VAL I 12 -15.44 29.81 56.96
C VAL I 12 -15.43 28.77 55.85
N GLU I 13 -14.24 28.41 55.40
CA GLU I 13 -14.08 27.69 54.15
C GLU I 13 -12.83 26.82 54.22
N LEU I 14 -12.99 25.53 53.95
CA LEU I 14 -11.87 24.59 53.99
C LEU I 14 -11.56 24.27 52.53
N THR I 15 -10.47 24.84 52.02
CA THR I 15 -10.10 24.71 50.62
C THR I 15 -9.32 23.43 50.40
N CYS I 16 -9.83 22.56 49.54
CA CYS I 16 -9.12 21.37 49.08
C CYS I 16 -8.92 21.43 47.57
N THR I 17 -7.75 21.01 47.12
CA THR I 17 -7.43 21.01 45.70
C THR I 17 -6.69 19.73 45.36
N ALA I 18 -6.72 19.39 44.08
CA ALA I 18 -6.06 18.20 43.54
C ALA I 18 -5.21 18.64 42.36
N SER I 19 -4.76 17.66 41.57
CA SER I 19 -3.90 17.96 40.42
C SER I 19 -4.70 18.49 39.23
N GLN I 20 -5.78 17.80 38.85
CA GLN I 20 -6.51 18.18 37.64
C GLN I 20 -7.48 19.30 37.98
N LYS I 21 -7.27 20.46 37.34
CA LYS I 21 -8.14 21.62 37.53
C LYS I 21 -9.23 21.56 36.48
N LYS I 22 -10.25 20.76 36.78
CA LYS I 22 -11.36 20.52 35.87
C LYS I 22 -12.49 19.90 36.69
N SER I 23 -13.49 19.36 36.00
CA SER I 23 -14.58 18.66 36.66
C SER I 23 -14.26 17.17 36.72
N ILE I 24 -14.01 16.68 37.94
CA ILE I 24 -13.73 15.27 38.19
C ILE I 24 -14.36 14.94 39.54
N GLN I 25 -14.54 13.64 39.80
CA GLN I 25 -15.31 13.20 40.95
C GLN I 25 -14.54 13.38 42.26
N PHE I 26 -15.21 13.98 43.24
CA PHE I 26 -14.67 14.27 44.56
C PHE I 26 -15.84 14.40 45.53
N HIS I 27 -15.56 14.26 46.83
CA HIS I 27 -16.60 14.45 47.84
C HIS I 27 -15.95 14.78 49.19
N TRP I 28 -16.80 15.06 50.19
CA TRP I 28 -16.35 15.40 51.53
C TRP I 28 -16.92 14.43 52.56
N LYS I 29 -16.07 14.01 53.50
CA LYS I 29 -16.49 13.11 54.58
C LYS I 29 -16.08 13.67 55.93
N ASN I 30 -16.91 13.44 56.95
CA ASN I 30 -16.63 13.95 58.29
C ASN I 30 -15.89 12.88 59.09
N SER I 31 -15.66 13.15 60.38
CA SER I 31 -14.97 12.18 61.25
C SER I 31 -15.76 10.89 61.37
N ASN I 32 -17.09 10.98 61.42
CA ASN I 32 -17.96 9.83 61.58
C ASN I 32 -18.18 9.08 60.26
N GLN I 33 -17.47 9.47 59.19
CA GLN I 33 -17.54 8.83 57.88
C GLN I 33 -18.90 9.03 57.21
N ILE I 34 -19.58 10.11 57.53
CA ILE I 34 -20.84 10.46 56.89
C ILE I 34 -20.54 11.34 55.68
N LYS I 35 -21.18 11.03 54.55
CA LYS I 35 -21.04 11.87 53.38
C LYS I 35 -21.57 13.25 53.68
N ILE I 36 -20.79 14.28 53.36
CA ILE I 36 -21.23 15.65 53.60
C ILE I 36 -22.07 16.16 52.44
N LEU I 37 -21.68 15.83 51.22
CA LEU I 37 -22.40 16.23 50.02
C LEU I 37 -21.97 15.34 48.88
N GLY I 38 -22.69 15.44 47.76
CA GLY I 38 -22.28 14.76 46.55
C GLY I 38 -22.44 15.69 45.37
N ASN I 39 -21.84 15.30 44.26
CA ASN I 39 -21.91 16.08 43.04
C ASN I 39 -22.22 15.19 41.84
N GLN I 40 -23.20 15.62 41.04
CA GLN I 40 -23.49 15.03 39.74
C GLN I 40 -23.24 16.15 38.74
N GLY I 41 -22.06 16.14 38.13
CA GLY I 41 -21.71 17.21 37.19
C GLY I 41 -21.61 18.57 37.87
N SER I 42 -22.19 19.59 37.21
CA SER I 42 -22.16 20.95 37.75
C SER I 42 -23.08 21.08 38.96
N PHE I 43 -24.22 20.41 38.95
CA PHE I 43 -25.22 20.58 40.00
C PHE I 43 -24.75 19.92 41.29
N LEU I 44 -25.31 20.36 42.40
CA LEU I 44 -24.95 19.87 43.73
C LEU I 44 -26.08 19.05 44.33
N THR I 45 -25.75 17.82 44.74
CA THR I 45 -26.68 16.95 45.44
C THR I 45 -26.37 17.05 46.93
N LYS I 46 -27.42 17.06 47.75
CA LYS I 46 -27.26 17.36 49.17
C LYS I 46 -26.88 16.11 49.96
N GLY I 47 -26.00 16.30 50.93
CA GLY I 47 -25.54 15.23 51.79
C GLY I 47 -26.52 14.86 52.87
N PRO I 48 -26.33 13.68 53.48
CA PRO I 48 -27.28 13.20 54.48
C PRO I 48 -27.10 13.80 55.87
N SER I 49 -26.07 14.62 56.11
CA SER I 49 -25.82 15.10 57.45
C SER I 49 -26.86 16.15 57.86
N LYS I 50 -26.95 16.40 59.17
CA LYS I 50 -27.87 17.43 59.66
C LYS I 50 -27.35 18.83 59.36
N LEU I 51 -26.08 18.95 59.01
CA LEU I 51 -25.53 20.24 58.61
C LEU I 51 -25.72 20.50 57.11
N ASN I 52 -26.40 19.61 56.40
CA ASN I 52 -26.56 19.76 54.95
C ASN I 52 -27.24 21.07 54.61
N ASP I 53 -28.29 21.41 55.36
CA ASP I 53 -29.04 22.63 55.08
C ASP I 53 -28.14 23.85 55.25
N ARG I 54 -27.40 23.90 56.35
CA ARG I 54 -26.57 25.05 56.66
C ARG I 54 -25.30 25.06 55.78
N ALA I 55 -24.58 23.95 55.75
CA ALA I 55 -23.33 23.84 55.00
C ALA I 55 -23.60 23.82 53.50
N ASP I 56 -22.60 24.25 52.73
CA ASP I 56 -22.71 24.34 51.28
C ASP I 56 -21.31 24.40 50.69
N SER I 57 -21.24 24.30 49.35
CA SER I 57 -20.00 24.39 48.59
C SER I 57 -20.26 25.23 47.35
N ARG I 58 -19.20 25.79 46.78
CA ARG I 58 -19.32 26.63 45.59
C ARG I 58 -19.19 25.79 44.33
N ARG I 59 -20.28 25.69 43.57
CA ARG I 59 -20.24 25.03 42.26
C ARG I 59 -19.36 25.79 41.29
N SER I 60 -19.36 27.14 41.38
CA SER I 60 -18.61 27.97 40.45
C SER I 60 -17.13 27.64 40.45
N LEU I 61 -16.56 27.28 41.61
CA LEU I 61 -15.12 27.08 41.78
C LEU I 61 -14.61 25.77 41.21
N TRP I 62 -15.45 25.00 40.51
CA TRP I 62 -15.02 23.75 39.92
C TRP I 62 -13.97 23.92 38.83
N ASP I 63 -13.91 25.09 38.19
CA ASP I 63 -12.97 25.29 37.09
C ASP I 63 -11.52 25.24 37.56
N GLN I 64 -11.17 26.02 38.59
CA GLN I 64 -9.80 26.07 39.05
C GLN I 64 -9.33 24.77 39.70
N GLY I 65 -10.24 23.83 39.97
CA GLY I 65 -9.84 22.58 40.59
C GLY I 65 -9.98 22.58 42.09
N ASN I 66 -10.37 23.72 42.68
CA ASN I 66 -10.53 23.82 44.13
C ASN I 66 -11.89 23.28 44.54
N PHE I 67 -11.89 22.56 45.67
CA PHE I 67 -13.06 21.83 46.14
C PHE I 67 -13.45 22.37 47.52
N PRO I 68 -13.93 23.61 47.59
CA PRO I 68 -14.11 24.23 48.90
C PRO I 68 -15.27 23.61 49.66
N LEU I 69 -15.22 23.79 50.98
CA LEU I 69 -16.31 23.45 51.88
C LEU I 69 -16.70 24.71 52.63
N ILE I 70 -17.97 25.07 52.58
CA ILE I 70 -18.46 26.31 53.18
C ILE I 70 -19.46 25.94 54.27
N ILE I 71 -19.34 26.60 55.42
CA ILE I 71 -20.24 26.38 56.55
C ILE I 71 -20.74 27.76 56.97
N LYS I 72 -21.89 28.17 56.42
CA LYS I 72 -22.54 29.39 56.87
C LYS I 72 -23.12 29.18 58.26
N ASN I 73 -23.22 30.26 59.02
CA ASN I 73 -23.77 30.24 60.38
C ASN I 73 -23.09 29.15 61.21
N LEU I 74 -21.79 29.35 61.44
CA LEU I 74 -21.02 28.39 62.22
C LEU I 74 -21.58 28.26 63.62
N LYS I 75 -21.68 27.01 64.08
CA LYS I 75 -22.08 26.69 65.44
C LYS I 75 -20.94 25.94 66.13
N ILE I 76 -21.01 25.93 67.46
CA ILE I 76 -20.00 25.26 68.27
C ILE I 76 -19.88 23.79 67.87
N GLU I 77 -21.02 23.15 67.61
CA GLU I 77 -21.12 21.71 67.30
C GLU I 77 -20.57 21.33 65.92
N ASP I 78 -19.93 22.24 65.17
CA ASP I 78 -19.33 21.90 63.89
C ASP I 78 -17.87 21.51 64.00
N SER I 79 -17.21 21.89 65.09
CA SER I 79 -15.80 21.59 65.27
C SER I 79 -15.55 20.09 65.14
N ASP I 80 -14.71 19.70 64.18
CA ASP I 80 -14.56 18.29 63.83
C ASP I 80 -13.37 18.15 62.88
N THR I 81 -13.06 16.92 62.48
CA THR I 81 -12.05 16.65 61.48
C THR I 81 -12.75 16.32 60.17
N TYR I 82 -12.35 16.98 59.08
CA TYR I 82 -12.97 16.79 57.78
C TYR I 82 -11.97 16.28 56.77
N ILE I 83 -12.44 15.44 55.85
CA ILE I 83 -11.61 14.76 54.86
C ILE I 83 -12.12 15.12 53.47
N CYS I 84 -11.22 15.67 52.66
CA CYS I 84 -11.44 15.85 51.24
C CYS I 84 -11.14 14.54 50.52
N GLU I 85 -12.06 14.08 49.68
CA GLU I 85 -11.94 12.77 49.09
C GLU I 85 -11.82 12.88 47.56
N VAL I 86 -10.57 12.84 47.10
CA VAL I 86 -10.17 12.34 45.80
C VAL I 86 -9.43 11.04 46.06
N GLU I 87 -9.52 10.09 45.13
CA GLU I 87 -9.02 8.74 45.38
C GLU I 87 -7.52 8.66 45.57
N ASP I 88 -6.75 9.63 45.07
CA ASP I 88 -5.29 9.51 45.14
C ASP I 88 -4.77 9.83 46.53
N GLN I 89 -5.27 10.89 47.16
CA GLN I 89 -4.88 11.23 48.51
C GLN I 89 -6.02 12.03 49.12
N LYS I 90 -6.12 11.97 50.44
CA LYS I 90 -7.15 12.69 51.17
C LYS I 90 -6.46 13.71 52.04
N GLU I 91 -6.93 14.95 51.99
CA GLU I 91 -6.40 16.01 52.84
C GLU I 91 -7.39 16.23 53.98
N GLU I 92 -6.88 16.19 55.21
CA GLU I 92 -7.70 16.34 56.39
C GLU I 92 -7.45 17.72 56.98
N VAL I 93 -8.52 18.33 57.46
CA VAL I 93 -8.50 19.68 58.03
C VAL I 93 -9.22 19.59 59.37
N GLN I 94 -8.52 19.99 60.44
CA GLN I 94 -9.13 19.93 61.75
C GLN I 94 -9.67 21.31 62.10
N LEU I 95 -10.86 21.34 62.69
CA LEU I 95 -11.61 22.57 62.86
C LEU I 95 -12.09 22.69 64.30
N LEU I 96 -11.78 23.82 64.92
CA LEU I 96 -12.29 24.19 66.23
C LEU I 96 -13.02 25.52 66.10
N VAL I 97 -14.24 25.58 66.63
CA VAL I 97 -15.08 26.78 66.56
C VAL I 97 -15.34 27.25 67.99
N PHE I 98 -15.07 28.53 68.24
CA PHE I 98 -15.40 29.19 69.50
C PHE I 98 -16.49 30.23 69.31
N GLY I 99 -17.00 30.71 70.43
CA GLY I 99 -18.01 31.75 70.45
C GLY I 99 -17.89 32.53 71.74
N LEU I 100 -18.30 33.80 71.72
CA LEU I 100 -18.21 34.64 72.91
C LEU I 100 -19.57 35.25 73.23
N THR I 101 -19.99 35.14 74.50
CA THR I 101 -21.25 35.74 74.93
C THR I 101 -21.09 36.34 76.32
N ALA I 102 -21.95 37.30 76.65
CA ALA I 102 -21.86 38.03 77.91
C ALA I 102 -23.12 37.79 78.74
N ASN I 103 -22.95 37.15 79.89
CA ASN I 103 -24.05 36.93 80.83
C ASN I 103 -24.13 37.99 81.95
N SER I 104 -25.31 38.03 82.56
CA SER I 104 -25.66 38.86 83.71
C SER I 104 -25.43 40.34 83.40
N GLY I 111 -25.32 48.28 87.17
CA GLY I 111 -24.59 47.65 88.26
C GLY I 111 -23.13 48.03 88.18
N GLN I 112 -22.26 47.21 88.78
CA GLN I 112 -20.82 47.41 88.71
C GLN I 112 -20.04 46.20 88.22
N SER I 113 -20.72 45.08 87.91
CA SER I 113 -20.06 43.84 87.52
C SER I 113 -20.85 43.12 86.43
N LEU I 114 -20.11 42.40 85.58
CA LEU I 114 -20.62 41.71 84.41
C LEU I 114 -19.87 40.37 84.31
N THR I 115 -20.48 39.37 83.67
CA THR I 115 -19.77 38.10 83.49
C THR I 115 -19.74 37.77 82.01
N LEU I 116 -18.60 37.28 81.53
CA LEU I 116 -18.40 36.87 80.15
C LEU I 116 -18.20 35.37 80.13
N THR I 117 -18.93 34.68 79.27
CA THR I 117 -18.76 33.24 79.10
C THR I 117 -18.33 32.95 77.67
N LEU I 118 -17.25 32.17 77.56
CA LEU I 118 -16.71 31.76 76.28
C LEU I 118 -17.19 30.35 75.98
N GLU I 119 -17.83 30.18 74.84
CA GLU I 119 -18.34 28.89 74.38
C GLU I 119 -17.22 28.21 73.59
N SER I 120 -16.94 26.96 73.93
CA SER I 120 -15.76 26.27 73.46
C SER I 120 -16.10 24.85 73.03
N PRO I 121 -15.36 24.30 72.07
CA PRO I 121 -15.57 22.92 71.67
C PRO I 121 -14.90 21.97 72.65
N PRO I 122 -15.16 20.67 72.51
CA PRO I 122 -14.63 19.69 73.48
C PRO I 122 -13.15 19.42 73.31
N GLY I 123 -12.46 19.23 74.44
CA GLY I 123 -11.05 18.93 74.43
C GLY I 123 -10.16 20.13 74.27
N SER I 124 -10.73 21.27 73.88
CA SER I 124 -9.93 22.47 73.68
C SER I 124 -9.23 22.90 74.96
N SER I 125 -8.11 23.58 74.79
CA SER I 125 -7.28 24.06 75.90
C SER I 125 -6.92 25.53 75.66
N PRO I 126 -7.92 26.45 75.69
CA PRO I 126 -7.67 27.82 75.22
C PRO I 126 -7.43 28.84 76.32
N SER I 127 -6.71 29.91 75.99
CA SER I 127 -6.50 31.07 76.85
C SER I 127 -7.15 32.29 76.22
N VAL I 128 -7.61 33.24 77.06
CA VAL I 128 -8.45 34.32 76.56
C VAL I 128 -8.03 35.67 77.16
N GLN I 129 -7.37 36.49 76.35
CA GLN I 129 -7.08 37.86 76.71
C GLN I 129 -8.26 38.75 76.37
N CYS I 130 -8.42 39.84 77.13
CA CYS I 130 -9.44 40.85 76.82
C CYS I 130 -8.99 42.20 77.36
N ARG I 131 -8.83 43.17 76.47
CA ARG I 131 -8.44 44.51 76.87
C ARG I 131 -9.59 45.50 76.71
N SER I 132 -9.63 46.46 77.64
CA SER I 132 -10.66 47.47 77.68
C SER I 132 -10.40 48.53 76.60
N PRO I 133 -11.32 49.48 76.41
CA PRO I 133 -11.01 50.61 75.52
C PRO I 133 -9.94 51.50 76.11
N ARG I 134 -9.88 51.64 77.44
CA ARG I 134 -8.82 52.40 78.08
C ARG I 134 -7.53 51.61 78.21
N GLY I 135 -7.51 50.36 77.74
CA GLY I 135 -6.30 49.55 77.76
C GLY I 135 -6.19 48.56 78.90
N LYS I 136 -7.14 48.50 79.83
CA LYS I 136 -7.07 47.57 80.94
C LYS I 136 -7.01 46.13 80.42
N ASN I 137 -5.94 45.42 80.77
CA ASN I 137 -5.64 44.09 80.23
C ASN I 137 -6.10 43.04 81.24
N ILE I 138 -7.08 42.22 80.84
CA ILE I 138 -7.70 41.20 81.69
C ILE I 138 -7.46 39.82 81.07
N GLN I 139 -6.79 38.94 81.79
CA GLN I 139 -6.45 37.62 81.28
C GLN I 139 -7.33 36.58 81.96
N GLY I 140 -7.74 35.56 81.22
CA GLY I 140 -8.62 34.58 81.82
C GLY I 140 -8.73 33.31 81.00
N GLY I 141 -9.51 32.38 81.55
CA GLY I 141 -9.79 31.11 80.90
C GLY I 141 -11.13 31.03 80.19
N LYS I 142 -11.93 30.02 80.55
CA LYS I 142 -13.21 29.79 79.88
C LYS I 142 -14.23 30.85 80.22
N THR I 143 -14.26 31.30 81.47
CA THR I 143 -15.20 32.33 81.91
C THR I 143 -14.42 33.47 82.54
N LEU I 144 -14.76 34.69 82.15
CA LEU I 144 -14.14 35.91 82.64
C LEU I 144 -15.16 36.68 83.45
N SER I 145 -14.74 37.27 84.57
CA SER I 145 -15.65 38.03 85.40
C SER I 145 -15.07 39.42 85.62
N VAL I 146 -15.87 40.45 85.33
CA VAL I 146 -15.46 41.82 85.52
C VAL I 146 -16.23 42.34 86.73
N SER I 147 -15.57 42.34 87.89
CA SER I 147 -16.22 42.67 89.15
C SER I 147 -16.37 44.18 89.31
N GLN I 148 -15.26 44.92 89.21
CA GLN I 148 -15.26 46.36 89.45
C GLN I 148 -15.17 47.12 88.13
N LEU I 149 -16.22 47.88 87.82
CA LEU I 149 -16.25 48.75 86.65
C LEU I 149 -16.55 50.19 87.04
N GLU I 150 -15.90 51.10 86.34
CA GLU I 150 -16.15 52.53 86.44
C GLU I 150 -16.62 53.03 85.08
N LEU I 151 -17.24 54.21 85.07
CA LEU I 151 -17.86 54.69 83.84
C LEU I 151 -16.85 54.84 82.71
N GLN I 152 -15.62 55.23 83.02
CA GLN I 152 -14.62 55.41 81.97
C GLN I 152 -14.43 54.13 81.16
N ASP I 153 -14.55 52.97 81.80
CA ASP I 153 -14.33 51.70 81.12
C ASP I 153 -15.64 51.18 80.50
N SER I 154 -16.23 52.01 79.65
CA SER I 154 -17.54 51.68 79.08
C SER I 154 -17.54 51.78 77.56
N GLY I 155 -16.38 51.56 76.92
CA GLY I 155 -16.32 51.57 75.48
C GLY I 155 -16.44 50.18 74.87
N THR I 156 -15.63 49.91 73.86
CA THR I 156 -15.59 48.62 73.18
C THR I 156 -14.43 47.81 73.73
N TRP I 157 -14.71 46.61 74.25
CA TRP I 157 -13.69 45.72 74.77
C TRP I 157 -13.32 44.72 73.68
N THR I 158 -12.03 44.37 73.62
CA THR I 158 -11.53 43.47 72.59
C THR I 158 -10.99 42.21 73.26
N CYS I 159 -11.59 41.07 72.96
CA CYS I 159 -11.19 39.79 73.51
C CYS I 159 -10.49 38.98 72.42
N THR I 160 -9.23 38.66 72.63
CA THR I 160 -8.47 37.82 71.71
C THR I 160 -8.33 36.45 72.35
N VAL I 161 -8.81 35.42 71.64
CA VAL I 161 -8.80 34.04 72.09
C VAL I 161 -7.66 33.32 71.40
N LEU I 162 -6.90 32.55 72.15
CA LEU I 162 -5.73 31.86 71.64
C LEU I 162 -5.84 30.40 72.01
N GLN I 163 -5.56 29.51 71.05
CA GLN I 163 -5.53 28.09 71.34
C GLN I 163 -4.04 27.78 71.51
N ASN I 164 -3.51 26.68 70.96
CA ASN I 164 -2.08 26.42 71.12
C ASN I 164 -1.26 27.57 70.54
N GLN I 165 -1.31 27.74 69.23
CA GLN I 165 -0.61 28.83 68.57
C GLN I 165 -1.52 29.75 67.78
N LYS I 166 -2.70 29.28 67.40
CA LYS I 166 -3.60 29.99 66.51
C LYS I 166 -4.60 30.81 67.31
N LYS I 167 -4.97 31.97 66.79
CA LYS I 167 -5.80 32.91 67.52
C LYS I 167 -6.97 33.42 66.67
N VAL I 168 -7.99 33.87 67.38
CA VAL I 168 -9.17 34.47 66.78
C VAL I 168 -9.57 35.67 67.63
N GLU I 169 -10.04 36.74 66.98
CA GLU I 169 -10.30 37.99 67.67
C GLU I 169 -11.79 38.32 67.65
N PHE I 170 -12.32 38.68 68.83
CA PHE I 170 -13.72 39.05 69.04
C PHE I 170 -13.80 40.44 69.63
N LYS I 171 -14.85 41.18 69.26
CA LYS I 171 -15.10 42.50 69.81
C LYS I 171 -16.49 42.51 70.44
N ILE I 172 -16.61 43.11 71.63
CA ILE I 172 -17.89 43.18 72.34
C ILE I 172 -17.99 44.53 73.04
N ASP I 173 -19.13 45.19 72.90
CA ASP I 173 -19.32 46.49 73.54
C ASP I 173 -19.79 46.30 74.99
N ILE I 174 -19.34 47.21 75.85
CA ILE I 174 -19.71 47.25 77.25
C ILE I 174 -20.20 48.65 77.59
N VAL I 175 -21.38 48.75 78.18
CA VAL I 175 -21.95 50.01 78.63
C VAL I 175 -22.18 49.91 80.12
N VAL I 176 -21.77 50.93 80.86
CA VAL I 176 -21.89 50.97 82.31
C VAL I 176 -22.98 51.96 82.67
N LEU I 177 -23.98 51.49 83.40
CA LEU I 177 -25.13 52.31 83.75
C LEU I 177 -24.72 53.41 84.72
N ALA I 178 -25.22 54.61 84.46
CA ALA I 178 -24.81 55.78 85.23
C ALA I 178 -25.26 55.68 86.68
N PHE I 179 -26.56 55.66 86.91
CA PHE I 179 -27.12 55.86 88.24
C PHE I 179 -27.12 54.61 89.11
N GLN I 180 -26.42 53.56 88.69
CA GLN I 180 -26.15 52.43 89.56
C GLN I 180 -24.95 52.76 90.44
N LYS I 181 -24.51 51.78 91.24
CA LYS I 181 -23.45 51.99 92.23
C LYS I 181 -22.10 52.32 91.61
N ALA I 182 -21.94 52.13 90.30
CA ALA I 182 -20.67 52.41 89.63
C ALA I 182 -20.25 53.86 89.79
N SER I 183 -18.95 54.07 90.01
CA SER I 183 -18.42 55.40 90.27
C SER I 183 -17.92 56.03 88.97
N SER I 184 -17.92 57.35 88.93
CA SER I 184 -17.42 58.08 87.77
C SER I 184 -16.25 58.95 88.19
N ILE I 185 -15.16 58.89 87.42
CA ILE I 185 -13.97 59.67 87.72
C ILE I 185 -13.30 60.00 86.39
N VAL I 186 -12.75 61.21 86.30
CA VAL I 186 -12.08 61.66 85.08
C VAL I 186 -10.75 62.31 85.45
N TYR I 187 -9.69 61.87 84.80
CA TYR I 187 -8.34 62.36 85.03
C TYR I 187 -7.89 63.16 83.81
N LYS I 188 -7.63 64.45 83.99
CA LYS I 188 -7.24 65.31 82.88
C LYS I 188 -6.09 66.23 83.28
N LYS I 189 -5.16 66.41 82.36
CA LYS I 189 -4.20 67.50 82.51
C LYS I 189 -4.84 68.82 82.10
N GLU I 190 -4.30 69.91 82.63
CA GLU I 190 -4.89 71.22 82.41
C GLU I 190 -4.99 71.53 80.92
N GLY I 191 -6.15 72.05 80.51
CA GLY I 191 -6.39 72.49 79.15
C GLY I 191 -7.14 71.50 78.28
N GLU I 192 -7.23 70.23 78.68
CA GLU I 192 -7.99 69.24 77.93
C GLU I 192 -9.47 69.38 78.27
N GLN I 193 -10.34 69.25 77.27
CA GLN I 193 -11.76 69.36 77.58
C GLN I 193 -12.25 68.10 78.27
N VAL I 194 -13.19 68.27 79.20
CA VAL I 194 -13.67 67.15 80.01
C VAL I 194 -15.05 66.77 79.52
N GLU I 195 -15.34 65.47 79.50
CA GLU I 195 -16.64 65.00 79.07
C GLU I 195 -17.21 64.03 80.09
N PHE I 196 -18.49 64.21 80.42
CA PHE I 196 -19.22 63.29 81.29
C PHE I 196 -20.44 62.76 80.56
N SER I 197 -20.60 61.44 80.57
CA SER I 197 -21.74 60.77 79.96
C SER I 197 -22.44 59.95 81.02
N PHE I 198 -23.76 60.03 81.06
CA PHE I 198 -24.56 59.28 82.01
C PHE I 198 -25.63 58.48 81.28
N PRO I 199 -25.24 57.38 80.63
CA PRO I 199 -26.25 56.54 79.96
C PRO I 199 -27.19 55.89 80.97
N LEU I 200 -28.48 56.05 80.75
CA LEU I 200 -29.54 55.46 81.56
C LEU I 200 -30.08 54.19 80.94
N ALA I 201 -30.72 53.37 81.77
CA ALA I 201 -31.34 52.15 81.26
C ALA I 201 -32.45 52.51 80.28
N PHE I 202 -32.64 51.64 79.29
CA PHE I 202 -33.57 51.92 78.20
C PHE I 202 -35.00 52.13 78.71
N THR I 203 -35.37 51.50 79.82
CA THR I 203 -36.73 51.64 80.35
C THR I 203 -37.03 53.08 80.74
N VAL I 204 -36.05 53.78 81.34
CA VAL I 204 -36.34 55.10 81.91
C VAL I 204 -36.30 56.23 80.89
N GLU I 205 -36.02 55.93 79.62
CA GLU I 205 -35.95 56.98 78.61
C GLU I 205 -37.29 57.66 78.40
N LYS I 206 -38.39 56.94 78.58
CA LYS I 206 -39.72 57.48 78.32
C LYS I 206 -40.44 57.92 79.59
N LEU I 207 -39.80 57.83 80.75
CA LEU I 207 -40.45 58.20 82.00
C LEU I 207 -40.62 59.71 82.12
N THR I 208 -39.58 60.48 81.75
CA THR I 208 -39.52 61.94 81.80
C THR I 208 -39.30 62.43 83.22
N GLY I 209 -38.61 63.56 83.39
CA GLY I 209 -38.26 64.04 84.71
C GLY I 209 -37.40 65.28 84.66
N SER I 210 -36.88 65.66 85.83
CA SER I 210 -36.03 66.84 85.98
C SER I 210 -34.86 66.53 86.91
N GLY I 211 -33.76 67.27 86.73
CA GLY I 211 -32.60 67.03 87.58
C GLY I 211 -31.66 68.20 87.62
N GLU I 212 -30.65 68.08 88.49
CA GLU I 212 -29.56 69.06 88.51
C GLU I 212 -28.30 68.42 89.06
N LEU I 213 -27.19 69.15 88.92
CA LEU I 213 -25.89 68.73 89.39
C LEU I 213 -25.37 69.80 90.34
N TRP I 214 -24.87 69.37 91.49
CA TRP I 214 -24.23 70.22 92.48
C TRP I 214 -22.76 69.85 92.57
N TRP I 215 -21.90 70.85 92.71
CA TRP I 215 -20.46 70.62 92.69
C TRP I 215 -19.83 71.34 93.87
N GLN I 216 -18.81 70.72 94.45
CA GLN I 216 -18.04 71.33 95.53
C GLN I 216 -16.56 71.31 95.18
N ALA I 217 -15.91 72.45 95.33
CA ALA I 217 -14.49 72.57 95.03
C ALA I 217 -13.68 72.33 96.31
N GLU I 218 -12.39 72.67 96.26
CA GLU I 218 -11.54 72.61 97.44
C GLU I 218 -12.07 73.54 98.54
N ARG I 219 -12.59 74.71 98.15
CA ARG I 219 -13.08 75.68 99.11
C ARG I 219 -14.48 75.32 99.59
N ALA I 220 -14.71 75.49 100.91
CA ALA I 220 -16.01 75.19 101.49
C ALA I 220 -17.08 76.17 101.07
N SER I 221 -16.71 77.28 100.43
CA SER I 221 -17.68 78.27 99.98
C SER I 221 -18.67 77.66 99.00
N SER I 222 -18.17 76.90 98.03
CA SER I 222 -18.99 76.34 96.96
C SER I 222 -19.59 74.98 97.36
N SER I 223 -20.49 75.02 98.35
CA SER I 223 -21.16 73.79 98.76
C SER I 223 -22.02 73.24 97.63
N LYS I 224 -22.71 74.13 96.92
CA LYS I 224 -23.57 73.77 95.80
C LYS I 224 -23.35 74.74 94.65
N SER I 225 -23.59 74.27 93.44
CA SER I 225 -23.44 75.08 92.23
C SER I 225 -23.94 74.26 91.05
N TRP I 226 -23.63 74.71 89.83
CA TRP I 226 -23.82 73.97 88.57
C TRP I 226 -25.28 73.96 88.12
N ILE I 227 -25.54 73.27 87.00
CA ILE I 227 -26.73 73.48 86.17
C ILE I 227 -27.96 72.69 86.61
N THR I 228 -29.11 73.08 86.07
CA THR I 228 -30.41 72.46 86.33
C THR I 228 -31.14 72.31 85.01
N PHE I 229 -31.83 71.19 84.84
CA PHE I 229 -32.30 70.77 83.51
C PHE I 229 -33.54 69.91 83.59
N ASP I 230 -34.30 69.89 82.48
CA ASP I 230 -35.54 69.14 82.37
C ASP I 230 -35.52 68.26 81.11
N LEU I 231 -35.98 67.01 81.26
CA LEU I 231 -36.01 66.01 80.20
C LEU I 231 -37.44 65.52 79.97
N LYS I 232 -37.97 65.72 78.77
CA LYS I 232 -39.24 65.16 78.36
C LYS I 232 -39.05 64.47 77.03
N ASN I 233 -39.65 63.29 76.89
CA ASN I 233 -39.47 62.43 75.70
C ASN I 233 -37.96 62.15 75.60
N LYS I 234 -37.32 62.39 74.46
CA LYS I 234 -35.88 62.26 74.32
C LYS I 234 -35.21 63.61 74.10
N GLU I 235 -35.71 64.64 74.78
CA GLU I 235 -35.26 66.01 74.58
C GLU I 235 -34.72 66.54 75.89
N VAL I 236 -33.49 67.04 75.88
CA VAL I 236 -32.84 67.53 77.09
C VAL I 236 -32.77 69.05 77.01
N SER I 237 -33.42 69.72 77.96
CA SER I 237 -33.47 71.17 78.01
C SER I 237 -32.98 71.65 79.36
N VAL I 238 -32.01 72.56 79.36
CA VAL I 238 -31.43 73.07 80.59
C VAL I 238 -32.31 74.16 81.17
N LYS I 239 -32.44 74.17 82.50
CA LYS I 239 -33.14 75.23 83.20
C LYS I 239 -32.22 76.40 83.52
N ARG I 240 -31.07 76.13 84.13
CA ARG I 240 -30.10 77.17 84.47
C ARG I 240 -28.68 76.63 84.35
N VAL I 241 -27.75 77.50 83.93
CA VAL I 241 -26.34 77.14 83.76
C VAL I 241 -25.46 78.11 84.53
N THR I 242 -24.39 77.58 85.12
CA THR I 242 -23.43 78.39 85.86
C THR I 242 -22.59 79.26 84.92
N GLN I 243 -22.31 80.47 85.41
CA GLN I 243 -21.55 81.43 84.62
C GLN I 243 -20.07 81.02 84.49
N ASP I 244 -19.49 80.44 85.57
CA ASP I 244 -18.06 80.18 85.56
C ASP I 244 -17.69 79.07 84.56
N PRO I 245 -18.27 77.85 84.63
CA PRO I 245 -18.04 76.92 83.52
C PRO I 245 -19.03 77.15 82.38
N LYS I 246 -18.52 77.07 81.15
CA LYS I 246 -19.38 77.14 79.96
C LYS I 246 -19.81 75.73 79.54
N LEU I 247 -20.56 75.08 80.42
CA LEU I 247 -20.98 73.70 80.18
C LEU I 247 -21.89 73.59 78.96
N GLN I 248 -21.66 72.57 78.14
CA GLN I 248 -22.48 72.28 76.98
C GLN I 248 -23.13 70.93 77.18
N MET I 249 -24.46 70.90 77.32
CA MET I 249 -25.19 69.64 77.46
C MET I 249 -25.86 69.26 76.15
N GLY I 250 -25.68 68.02 75.74
CA GLY I 250 -26.24 67.52 74.50
C GLY I 250 -27.76 67.50 74.48
N LYS I 251 -28.34 68.03 73.42
CA LYS I 251 -29.80 68.02 73.28
C LYS I 251 -30.33 66.60 73.11
N LYS I 252 -29.59 65.72 72.44
CA LYS I 252 -30.07 64.38 72.19
C LYS I 252 -30.10 63.55 73.47
N LEU I 253 -30.84 62.43 73.40
CA LEU I 253 -31.20 61.71 74.62
C LEU I 253 -30.02 61.20 75.45
N PRO I 254 -28.96 60.61 74.89
CA PRO I 254 -27.83 60.23 75.74
C PRO I 254 -27.25 61.45 76.44
N LEU I 255 -27.20 61.40 77.76
CA LEU I 255 -26.83 62.57 78.55
C LEU I 255 -25.35 62.87 78.34
N HIS I 256 -25.09 63.98 77.65
CA HIS I 256 -23.74 64.39 77.26
C HIS I 256 -23.49 65.76 77.88
N LEU I 257 -22.44 65.87 78.70
CA LEU I 257 -22.10 67.12 79.36
C LEU I 257 -20.62 67.39 79.11
N THR I 258 -20.29 68.60 78.66
CA THR I 258 -18.91 68.92 78.31
C THR I 258 -18.41 70.17 79.02
N LEU I 259 -17.14 70.11 79.48
CA LEU I 259 -16.34 71.21 80.01
C LEU I 259 -15.33 71.63 78.95
N PRO I 260 -15.27 72.92 78.61
CA PRO I 260 -14.42 73.33 77.47
C PRO I 260 -12.96 72.98 77.66
N GLN I 261 -12.40 73.21 78.85
CA GLN I 261 -11.09 72.70 79.18
C GLN I 261 -10.95 72.62 80.69
N ALA I 262 -10.13 71.68 81.15
CA ALA I 262 -9.99 71.40 82.57
C ALA I 262 -9.04 72.38 83.24
N LEU I 263 -9.45 72.88 84.41
CA LEU I 263 -8.67 73.81 85.21
C LEU I 263 -8.73 73.39 86.66
N PRO I 264 -7.76 73.82 87.48
CA PRO I 264 -7.77 73.40 88.90
C PRO I 264 -9.00 73.84 89.67
N GLN I 265 -9.49 75.06 89.44
CA GLN I 265 -10.67 75.52 90.16
C GLN I 265 -11.88 74.65 89.82
N TYR I 266 -11.92 74.06 88.62
CA TYR I 266 -12.98 73.13 88.26
C TYR I 266 -12.63 71.72 88.74
N ALA I 267 -12.63 71.53 90.06
CA ALA I 267 -12.25 70.23 90.61
C ALA I 267 -12.92 70.00 91.95
N GLY I 268 -13.04 68.73 92.31
CA GLY I 268 -13.71 68.33 93.54
C GLY I 268 -14.90 67.42 93.30
N SER I 269 -15.35 66.73 94.34
CA SER I 269 -16.45 65.79 94.20
C SER I 269 -17.74 66.53 93.85
N GLY I 270 -18.61 65.85 93.09
CA GLY I 270 -19.90 66.40 92.75
C GLY I 270 -20.99 65.34 92.76
N ASN I 271 -22.21 65.82 92.97
CA ASN I 271 -23.43 65.01 93.03
C ASN I 271 -24.35 65.38 91.87
N LEU I 272 -24.85 64.39 91.16
CA LEU I 272 -25.87 64.60 90.15
C LEU I 272 -27.15 63.91 90.60
N THR I 273 -28.24 64.67 90.69
CA THR I 273 -29.50 64.13 91.16
C THR I 273 -30.53 64.25 90.06
N LEU I 274 -31.16 63.13 89.74
CA LEU I 274 -32.23 63.07 88.75
C LEU I 274 -33.47 62.52 89.44
N ALA I 275 -34.56 63.29 89.41
CA ALA I 275 -35.87 62.86 89.87
C ALA I 275 -36.81 62.82 88.68
N LEU I 276 -37.87 62.02 88.82
CA LEU I 276 -38.80 61.82 87.73
C LEU I 276 -40.22 61.68 88.30
N GLU I 277 -41.16 62.42 87.73
CA GLU I 277 -42.52 62.37 88.23
C GLU I 277 -43.18 61.02 87.96
N ALA I 278 -42.68 60.27 86.98
CA ALA I 278 -43.25 58.98 86.62
C ALA I 278 -43.25 58.01 87.80
N LYS I 279 -42.06 57.63 88.27
CA LYS I 279 -41.93 56.59 89.28
C LYS I 279 -41.58 57.13 90.66
N THR I 280 -41.24 58.41 90.77
CA THR I 280 -40.93 59.07 92.05
C THR I 280 -39.94 58.25 92.89
N GLY I 281 -38.74 58.08 92.32
CA GLY I 281 -37.63 57.47 93.01
C GLY I 281 -36.35 58.27 92.87
N LYS I 282 -35.79 58.71 94.01
CA LYS I 282 -34.68 59.66 93.99
C LYS I 282 -33.44 59.01 93.38
N LEU I 283 -32.93 59.58 92.28
CA LEU I 283 -31.72 59.05 91.65
C LEU I 283 -30.53 59.91 91.98
N HIS I 284 -29.45 59.29 92.47
CA HIS I 284 -28.21 59.95 92.83
C HIS I 284 -27.09 59.46 91.93
N GLN I 285 -26.02 60.27 91.85
CA GLN I 285 -24.84 59.88 91.08
C GLN I 285 -23.60 60.63 91.55
N GLU I 286 -22.53 59.88 91.81
CA GLU I 286 -21.27 60.43 92.28
C GLU I 286 -20.31 60.66 91.11
N VAL I 287 -19.65 61.82 91.09
CA VAL I 287 -18.74 62.18 90.01
C VAL I 287 -17.51 62.86 90.57
N ASN I 288 -16.31 62.48 90.07
CA ASN I 288 -15.08 63.17 90.44
C ASN I 288 -14.26 63.59 89.23
N LEU I 289 -13.54 64.69 89.41
CA LEU I 289 -12.61 65.23 88.42
C LEU I 289 -11.28 65.54 89.07
N VAL I 290 -10.21 65.00 88.49
CA VAL I 290 -8.84 65.18 88.95
C VAL I 290 -8.05 65.86 87.85
N VAL I 291 -7.29 66.90 88.20
CA VAL I 291 -6.63 67.76 87.21
C VAL I 291 -5.15 67.88 87.53
N MET I 292 -4.32 67.67 86.52
CA MET I 292 -2.86 67.77 86.66
C MET I 292 -2.30 68.94 85.87
N ARG I 293 -1.33 69.64 86.45
CA ARG I 293 -0.57 70.67 85.76
C ARG I 293 0.92 70.37 85.91
N ALA I 294 1.61 70.16 84.79
CA ALA I 294 3.03 69.80 84.77
C ALA I 294 3.78 70.68 83.79
N THR I 295 4.66 71.55 84.30
CA THR I 295 5.42 72.44 83.44
C THR I 295 6.58 73.00 84.25
N GLN I 296 7.55 73.59 83.55
CA GLN I 296 8.73 74.16 84.17
C GLN I 296 8.76 75.66 83.89
N LEU I 297 8.78 76.46 84.94
CA LEU I 297 8.95 77.90 84.84
C LEU I 297 10.36 78.27 85.28
N GLN I 298 11.12 78.89 84.38
CA GLN I 298 12.51 79.32 84.61
C GLN I 298 13.30 78.10 85.08
N LYS I 299 13.98 78.18 86.23
CA LYS I 299 14.67 77.00 86.75
C LYS I 299 13.68 75.93 87.22
N ASN I 300 12.77 76.30 88.11
CA ASN I 300 11.89 75.34 88.77
C ASN I 300 11.13 74.50 87.75
N LEU I 301 10.88 73.24 88.11
CA LEU I 301 10.00 72.35 87.37
C LEU I 301 8.95 71.85 88.34
N THR I 302 7.68 71.91 87.96
CA THR I 302 6.64 71.56 88.92
C THR I 302 5.58 70.69 88.26
N CYS I 303 5.06 69.74 89.04
CA CYS I 303 3.87 68.99 88.67
C CYS I 303 2.99 68.87 89.90
N GLU I 304 1.76 69.37 89.81
CA GLU I 304 0.85 69.25 90.93
C GLU I 304 -0.53 68.85 90.43
N VAL I 305 -1.29 68.23 91.33
CA VAL I 305 -2.60 67.69 91.02
C VAL I 305 -3.63 68.23 92.00
N TRP I 306 -4.80 68.56 91.47
CA TRP I 306 -5.90 69.12 92.24
C TRP I 306 -7.11 68.20 92.14
N GLY I 307 -7.89 68.16 93.22
CA GLY I 307 -9.13 67.40 93.24
C GLY I 307 -9.18 66.39 94.36
N PRO I 308 -10.19 65.51 94.33
CA PRO I 308 -10.30 64.48 95.36
C PRO I 308 -9.61 63.18 94.98
N THR I 309 -8.39 63.01 95.47
CA THR I 309 -7.58 61.83 95.20
C THR I 309 -7.40 61.01 96.47
N SER I 310 -7.42 59.69 96.31
CA SER I 310 -7.14 58.82 97.44
C SER I 310 -5.73 59.12 97.96
N PRO I 311 -5.52 59.12 99.27
CA PRO I 311 -4.17 59.42 99.78
C PRO I 311 -3.12 58.43 99.35
N LYS I 312 -3.53 57.18 99.10
CA LYS I 312 -2.60 56.09 98.87
C LYS I 312 -1.75 56.32 97.61
N LEU I 313 -2.34 56.89 96.56
CA LEU I 313 -1.65 56.97 95.29
C LEU I 313 -0.44 57.90 95.38
N MET I 314 0.44 57.80 94.39
CA MET I 314 1.75 58.44 94.47
C MET I 314 2.07 59.24 93.23
N LEU I 315 2.73 60.38 93.43
CA LEU I 315 3.20 61.25 92.36
C LEU I 315 4.71 61.14 92.20
N SER I 316 5.15 61.14 90.95
CA SER I 316 6.56 60.97 90.62
C SER I 316 6.93 61.85 89.44
N LEU I 317 8.14 62.42 89.48
CA LEU I 317 8.72 63.10 88.34
C LEU I 317 9.94 62.30 87.90
N LYS I 318 9.94 61.88 86.64
CA LYS I 318 10.94 60.93 86.18
C LYS I 318 11.00 60.90 84.67
N LEU I 319 12.21 60.80 84.11
CA LEU I 319 12.34 60.39 82.72
C LEU I 319 12.42 58.87 82.68
N GLU I 320 11.69 58.26 81.75
CA GLU I 320 11.65 56.80 81.69
C GLU I 320 13.02 56.20 81.41
N ASN I 321 13.95 56.97 80.83
CA ASN I 321 15.30 56.48 80.68
C ASN I 321 15.96 56.30 82.04
N LYS I 322 16.00 57.37 82.84
CA LYS I 322 16.64 57.34 84.15
C LYS I 322 15.60 56.92 85.20
N GLU I 323 15.90 57.16 86.46
CA GLU I 323 14.98 56.85 87.55
C GLU I 323 14.27 58.09 88.03
N ALA I 324 13.27 57.88 88.89
CA ALA I 324 12.48 58.96 89.44
C ALA I 324 13.36 59.94 90.20
N LYS I 325 13.44 61.18 89.70
CA LYS I 325 14.22 62.19 90.39
C LYS I 325 13.59 62.54 91.73
N VAL I 326 12.25 62.60 91.78
CA VAL I 326 11.53 62.86 93.02
C VAL I 326 10.21 62.12 92.99
N SER I 327 9.86 61.50 94.12
CA SER I 327 8.57 60.86 94.31
C SER I 327 8.12 61.07 95.75
N LYS I 328 6.85 61.43 95.92
CA LYS I 328 6.30 61.59 97.26
C LYS I 328 4.82 61.21 97.21
N ARG I 329 4.26 60.92 98.39
CA ARG I 329 2.85 60.56 98.50
C ARG I 329 1.95 61.78 98.60
N GLU I 330 2.53 62.97 98.42
CA GLU I 330 1.82 64.23 98.51
C GLU I 330 1.09 64.54 97.21
N LYS I 331 0.33 65.64 97.21
CA LYS I 331 -0.39 66.08 96.02
C LYS I 331 0.44 66.95 95.10
N ALA I 332 1.56 67.48 95.56
CA ALA I 332 2.36 68.42 94.79
C ALA I 332 3.81 67.97 94.80
N VAL I 333 4.44 67.97 93.63
CA VAL I 333 5.84 67.56 93.52
C VAL I 333 6.57 68.60 92.68
N TRP I 334 7.77 68.96 93.12
CA TRP I 334 8.53 70.02 92.47
C TRP I 334 10.01 69.69 92.49
N VAL I 335 10.65 69.92 91.36
CA VAL I 335 12.08 69.65 91.17
C VAL I 335 12.78 70.99 91.04
N LEU I 336 13.94 71.09 91.68
CA LEU I 336 14.74 72.31 91.75
C LEU I 336 16.00 72.14 90.91
N ASN I 337 16.34 73.17 90.15
CA ASN I 337 17.45 73.15 89.23
C ASN I 337 17.48 71.87 88.39
N PRO I 338 16.39 71.57 87.67
CA PRO I 338 16.24 70.22 87.09
C PRO I 338 17.13 69.94 85.90
N GLU I 339 17.42 68.66 85.75
CA GLU I 339 18.22 68.11 84.69
C GLU I 339 17.55 68.26 83.32
N ALA I 340 18.39 68.40 82.29
CA ALA I 340 17.92 68.40 80.90
C ALA I 340 17.43 67.00 80.52
N GLY I 341 16.38 66.95 79.70
CA GLY I 341 15.84 65.68 79.29
C GLY I 341 14.34 65.75 79.04
N MET I 342 13.81 64.60 78.61
CA MET I 342 12.37 64.41 78.40
C MET I 342 11.82 63.78 79.69
N TRP I 343 11.32 64.64 80.57
CA TRP I 343 10.80 64.22 81.85
C TRP I 343 9.34 63.77 81.73
N GLN I 344 8.81 63.29 82.84
CA GLN I 344 7.44 62.81 82.92
C GLN I 344 6.90 63.12 84.31
N CYS I 345 5.60 63.38 84.38
CA CYS I 345 4.89 63.42 85.66
C CYS I 345 3.87 62.29 85.67
N LEU I 346 3.94 61.45 86.70
CA LEU I 346 3.08 60.28 86.81
C LEU I 346 2.36 60.36 88.15
N LEU I 347 1.03 60.45 88.10
CA LEU I 347 0.18 60.19 89.25
C LEU I 347 -0.34 58.76 89.06
N SER I 348 -0.09 57.90 90.03
CA SER I 348 -0.15 56.48 89.77
C SER I 348 -0.62 55.70 90.99
N ASP I 349 -1.26 54.56 90.69
CA ASP I 349 -1.66 53.56 91.64
C ASP I 349 -0.54 52.54 91.79
N SER I 350 -0.80 51.47 92.54
CA SER I 350 0.20 50.43 92.70
C SER I 350 0.50 49.77 91.35
N GLY I 351 -0.54 49.27 90.68
CA GLY I 351 -0.40 48.55 89.43
C GLY I 351 -0.20 49.46 88.23
N GLN I 352 -1.10 50.42 88.08
CA GLN I 352 -1.23 51.20 86.85
C GLN I 352 -1.06 52.69 87.13
N VAL I 353 -0.80 53.43 86.04
CA VAL I 353 -0.64 54.87 86.08
C VAL I 353 -1.98 55.54 85.78
N LEU I 354 -2.37 56.50 86.62
CA LEU I 354 -3.64 57.19 86.41
C LEU I 354 -3.51 58.36 85.44
N LEU I 355 -2.56 59.27 85.70
CA LEU I 355 -2.30 60.40 84.81
C LEU I 355 -0.83 60.44 84.44
N GLU I 356 -0.54 60.43 83.15
CA GLU I 356 0.80 60.53 82.60
C GLU I 356 0.90 61.80 81.77
N SER I 357 1.86 62.65 82.09
CA SER I 357 2.15 63.82 81.27
C SER I 357 3.62 63.81 80.87
N ASN I 358 3.88 64.16 79.62
CA ASN I 358 5.23 64.12 79.05
C ASN I 358 5.71 65.55 78.88
N ILE I 359 6.74 65.94 79.62
CA ILE I 359 7.32 67.27 79.49
C ILE I 359 8.73 67.10 78.94
N LYS I 360 9.23 68.14 78.29
CA LYS I 360 10.59 68.15 77.78
C LYS I 360 11.23 69.48 78.16
N VAL I 361 12.38 69.42 78.83
CA VAL I 361 13.08 70.62 79.23
C VAL I 361 14.19 70.89 78.23
N LEU I 362 14.42 72.17 77.94
CA LEU I 362 15.27 72.61 76.85
C LEU I 362 16.71 72.94 77.26
N PRO I 363 16.97 73.60 78.42
CA PRO I 363 18.34 74.07 78.67
C PRO I 363 19.44 73.00 78.63
N VAL J 2 -31.55 31.78 92.24
CA VAL J 2 -31.58 31.19 90.91
C VAL J 2 -31.68 32.31 89.87
N SER J 3 -30.76 32.31 88.91
CA SER J 3 -30.67 33.40 87.96
C SER J 3 -31.89 33.43 87.04
N ASP J 4 -32.19 34.62 86.53
CA ASP J 4 -33.30 34.85 85.61
C ASP J 4 -32.80 35.60 84.38
N VAL J 5 -31.87 34.98 83.68
CA VAL J 5 -31.18 35.59 82.55
C VAL J 5 -31.32 34.67 81.36
N PRO J 6 -31.70 35.17 80.18
CA PRO J 6 -31.75 34.30 79.01
C PRO J 6 -30.39 33.73 78.67
N ARG J 7 -30.41 32.51 78.14
CA ARG J 7 -29.20 31.74 77.85
C ARG J 7 -29.30 31.17 76.44
N ASP J 8 -28.15 30.71 75.94
CA ASP J 8 -28.08 29.98 74.68
C ASP J 8 -28.58 30.87 73.54
N LEU J 9 -28.17 32.13 73.56
CA LEU J 9 -28.51 33.03 72.47
C LEU J 9 -27.60 32.76 71.29
N GLU J 10 -28.18 32.67 70.10
CA GLU J 10 -27.43 32.33 68.91
C GLU J 10 -28.20 32.89 67.71
N VAL J 11 -27.54 32.90 66.56
CA VAL J 11 -28.16 33.36 65.32
C VAL J 11 -28.60 32.14 64.54
N VAL J 12 -29.92 31.93 64.43
CA VAL J 12 -30.43 30.81 63.66
C VAL J 12 -30.16 31.00 62.18
N ALA J 13 -30.54 32.15 61.63
CA ALA J 13 -30.33 32.34 60.19
C ALA J 13 -30.37 33.82 59.84
N ALA J 14 -29.63 34.19 58.80
CA ALA J 14 -29.48 35.59 58.46
C ALA J 14 -29.52 35.80 56.96
N THR J 15 -29.84 37.04 56.59
CA THR J 15 -29.86 37.58 55.24
C THR J 15 -29.27 38.98 55.34
N PRO J 16 -28.75 39.53 54.23
CA PRO J 16 -28.10 40.86 54.29
C PRO J 16 -28.93 41.95 54.96
N THR J 17 -30.24 41.72 55.12
CA THR J 17 -31.12 42.69 55.75
C THR J 17 -31.87 42.16 56.96
N SER J 18 -31.76 40.88 57.30
CA SER J 18 -32.58 40.32 58.37
C SER J 18 -31.80 39.32 59.21
N LEU J 19 -31.98 39.40 60.52
CA LEU J 19 -31.53 38.35 61.42
C LEU J 19 -32.72 37.56 61.93
N LEU J 20 -32.48 36.29 62.28
CA LEU J 20 -33.47 35.46 62.95
C LEU J 20 -32.73 34.74 64.08
N ILE J 21 -33.04 35.13 65.32
CA ILE J 21 -32.32 34.70 66.51
C ILE J 21 -33.20 33.83 67.38
N SER J 22 -32.56 32.95 68.16
CA SER J 22 -33.22 32.07 69.12
C SER J 22 -32.43 32.04 70.42
N TRP J 23 -33.16 32.10 71.54
CA TRP J 23 -32.61 31.95 72.87
C TRP J 23 -33.39 30.88 73.61
N ASP J 24 -33.03 30.67 74.88
CA ASP J 24 -33.69 29.69 75.73
C ASP J 24 -34.12 30.36 77.03
N ALA J 25 -35.34 30.04 77.48
CA ALA J 25 -35.95 30.76 78.58
C ALA J 25 -35.24 30.43 79.89
N PRO J 26 -35.23 31.36 80.85
CA PRO J 26 -34.59 31.09 82.15
C PRO J 26 -35.41 30.14 83.00
N ALA J 27 -35.29 30.27 84.32
CA ALA J 27 -36.05 29.41 85.23
C ALA J 27 -37.41 29.98 85.55
N VAL J 28 -37.50 31.28 85.81
CA VAL J 28 -38.73 31.90 86.30
C VAL J 28 -39.62 32.27 85.12
N THR J 29 -40.87 32.64 85.43
CA THR J 29 -41.82 33.10 84.44
C THR J 29 -41.38 34.42 83.82
N VAL J 30 -41.47 34.51 82.50
CA VAL J 30 -41.01 35.67 81.74
C VAL J 30 -42.24 36.45 81.28
N HIS J 31 -42.33 37.72 81.69
CA HIS J 31 -43.46 38.55 81.29
C HIS J 31 -43.30 39.11 79.88
N SER J 32 -42.07 39.23 79.39
CA SER J 32 -41.77 39.62 78.01
C SER J 32 -40.27 39.66 77.81
N TYR J 33 -39.87 39.51 76.54
CA TYR J 33 -38.48 39.57 76.12
C TYR J 33 -38.27 40.82 75.28
N HIS J 34 -37.24 41.59 75.63
CA HIS J 34 -36.90 42.82 74.91
C HIS J 34 -35.64 42.60 74.10
N ILE J 35 -35.74 42.85 72.80
CA ILE J 35 -34.62 42.74 71.88
C ILE J 35 -34.07 44.13 71.64
N GLN J 36 -32.81 44.35 72.04
CA GLN J 36 -32.11 45.62 71.86
C GLN J 36 -30.90 45.34 71.00
N TYR J 37 -30.85 45.92 69.81
CA TYR J 37 -29.73 45.65 68.91
C TYR J 37 -29.21 46.95 68.33
N TRP J 38 -27.88 47.03 68.21
CA TRP J 38 -27.22 48.23 67.71
C TRP J 38 -25.91 47.85 67.04
N PRO J 39 -25.44 48.66 66.09
CA PRO J 39 -24.14 48.37 65.46
C PRO J 39 -22.97 48.62 66.42
N LEU J 40 -21.87 47.93 66.13
CA LEU J 40 -20.70 47.95 67.01
C LEU J 40 -20.21 49.37 67.28
N GLY J 41 -19.85 49.62 68.54
CA GLY J 41 -19.32 50.90 68.98
C GLY J 41 -20.35 51.95 69.36
N SER J 42 -21.24 52.30 68.44
CA SER J 42 -22.23 53.35 68.68
C SER J 42 -23.44 52.74 69.40
N TYR J 43 -23.42 52.79 70.73
CA TYR J 43 -24.56 52.35 71.51
C TYR J 43 -25.78 53.24 71.25
N GLN J 44 -25.56 54.54 71.03
CA GLN J 44 -26.66 55.48 70.99
C GLN J 44 -27.67 55.17 69.89
N ARG J 45 -27.24 54.48 68.83
CA ARG J 45 -28.11 54.24 67.67
C ARG J 45 -28.90 52.93 67.80
N TYR J 46 -29.06 52.43 69.02
CA TYR J 46 -29.76 51.18 69.31
C TYR J 46 -31.25 51.25 68.97
N GLN J 47 -31.78 50.10 68.56
CA GLN J 47 -33.21 49.93 68.34
C GLN J 47 -33.70 48.75 69.18
N VAL J 48 -34.84 48.95 69.86
CA VAL J 48 -35.38 47.96 70.79
C VAL J 48 -36.85 47.71 70.47
N PHE J 49 -37.25 46.44 70.55
CA PHE J 49 -38.66 46.06 70.43
C PHE J 49 -38.96 44.96 71.44
N SER J 50 -40.25 44.63 71.56
CA SER J 50 -40.72 43.72 72.60
C SER J 50 -41.53 42.57 71.99
N VAL J 51 -41.26 41.36 72.49
CA VAL J 51 -42.11 40.20 72.17
C VAL J 51 -42.64 39.61 73.46
N PRO J 52 -43.80 38.97 73.45
CA PRO J 52 -44.37 38.43 74.69
C PRO J 52 -43.61 37.21 75.18
N GLY J 53 -43.66 37.01 76.50
CA GLY J 53 -42.90 35.99 77.19
C GLY J 53 -43.02 34.55 76.71
N SER J 54 -43.93 34.28 75.79
CA SER J 54 -44.18 32.92 75.33
C SER J 54 -43.43 32.53 74.06
N LYS J 55 -42.89 33.50 73.33
CA LYS J 55 -42.20 33.20 72.07
C LYS J 55 -40.70 33.01 72.31
N SER J 56 -40.10 32.07 71.57
CA SER J 56 -38.71 31.65 71.78
C SER J 56 -37.73 32.27 70.79
N THR J 57 -38.20 32.76 69.65
CA THR J 57 -37.34 33.30 68.61
C THR J 57 -37.80 34.71 68.27
N ALA J 58 -36.97 35.42 67.50
CA ALA J 58 -37.33 36.76 67.06
C ALA J 58 -36.70 37.07 65.72
N THR J 59 -37.47 37.72 64.86
CA THR J 59 -36.97 38.28 63.61
C THR J 59 -36.54 39.72 63.82
N ILE J 60 -35.51 40.12 63.08
CA ILE J 60 -34.97 41.48 63.11
C ILE J 60 -34.81 41.94 61.67
N SER J 61 -35.56 42.95 61.27
CA SER J 61 -35.54 43.47 59.91
C SER J 61 -34.80 44.81 59.85
N GLY J 62 -34.58 45.26 58.62
CA GLY J 62 -33.95 46.55 58.38
C GLY J 62 -32.48 46.58 58.74
N LEU J 63 -31.70 45.70 58.11
CA LEU J 63 -30.27 45.62 58.34
C LEU J 63 -29.50 45.93 57.05
N LYS J 64 -28.28 46.43 57.23
CA LYS J 64 -27.29 46.83 56.25
C LYS J 64 -26.34 45.67 55.95
N PRO J 65 -25.96 45.45 54.69
CA PRO J 65 -25.11 44.30 54.38
C PRO J 65 -23.68 44.48 54.89
N GLY J 66 -23.05 43.36 55.19
CA GLY J 66 -21.67 43.36 55.67
C GLY J 66 -21.43 44.26 56.84
N VAL J 67 -22.35 44.26 57.81
CA VAL J 67 -22.25 45.15 58.97
C VAL J 67 -22.24 44.33 60.25
N GLU J 68 -21.31 44.67 61.15
CA GLU J 68 -21.32 44.14 62.50
C GLU J 68 -22.45 44.76 63.31
N TYR J 69 -23.20 43.91 64.00
CA TYR J 69 -24.24 44.31 64.93
C TYR J 69 -24.04 43.55 66.23
N GLN J 70 -24.53 44.15 67.32
CA GLN J 70 -24.57 43.53 68.64
C GLN J 70 -26.04 43.37 69.00
N ILE J 71 -26.36 42.22 69.59
CA ILE J 71 -27.74 41.86 69.92
C ILE J 71 -27.80 41.51 71.40
N ARG J 72 -28.69 42.16 72.12
CA ARG J 72 -28.92 41.93 73.53
C ARG J 72 -30.38 41.55 73.73
N VAL J 73 -30.62 40.55 74.57
CA VAL J 73 -31.97 40.08 74.86
C VAL J 73 -32.17 40.17 76.37
N TYR J 74 -33.13 40.99 76.80
CA TYR J 74 -33.52 41.06 78.20
C TYR J 74 -34.78 40.22 78.42
N ALA J 75 -34.94 39.82 79.67
CA ALA J 75 -36.13 39.11 80.13
C ALA J 75 -36.65 39.83 81.37
N GLU J 76 -37.94 40.18 81.39
CA GLU J 76 -38.53 40.78 82.58
C GLU J 76 -39.55 39.82 83.19
N THR J 77 -39.38 39.51 84.48
CA THR J 77 -40.27 38.58 85.18
C THR J 77 -41.26 39.34 86.06
N GLY J 78 -42.54 39.20 85.76
CA GLY J 78 -43.58 39.90 86.51
C GLY J 78 -43.83 39.34 87.91
N GLY J 79 -43.81 38.01 88.05
CA GLY J 79 -44.25 37.38 89.28
C GLY J 79 -43.46 37.75 90.52
N ALA J 80 -42.22 38.21 90.34
CA ALA J 80 -41.35 38.58 91.45
C ALA J 80 -41.01 40.06 91.32
N ASP J 81 -41.54 40.87 92.23
CA ASP J 81 -41.31 42.31 92.18
C ASP J 81 -39.89 42.66 92.60
N SER J 82 -39.41 42.05 93.68
CA SER J 82 -38.05 42.24 94.17
C SER J 82 -37.26 40.94 94.28
N ASP J 83 -37.90 39.78 94.22
CA ASP J 83 -37.18 38.51 94.35
C ASP J 83 -36.25 38.29 93.15
N GLN J 84 -36.58 38.87 92.00
CA GLN J 84 -35.85 38.64 90.77
C GLN J 84 -35.77 39.97 90.02
N SER J 85 -34.83 40.05 89.08
CA SER J 85 -34.57 41.30 88.38
C SER J 85 -34.52 41.10 86.87
N MET J 86 -34.26 42.19 86.15
CA MET J 86 -34.15 42.18 84.70
C MET J 86 -32.73 41.85 84.25
N GLY J 87 -32.58 40.70 83.60
CA GLY J 87 -31.31 40.24 83.09
C GLY J 87 -31.28 40.27 81.57
N TRP J 88 -30.08 40.12 81.03
CA TRP J 88 -29.84 40.23 79.60
C TRP J 88 -28.64 39.37 79.21
N ILE J 89 -28.71 38.78 78.02
CA ILE J 89 -27.57 38.14 77.40
C ILE J 89 -27.30 38.81 76.06
N GLN J 90 -26.03 38.97 75.71
CA GLN J 90 -25.64 39.73 74.53
C GLN J 90 -24.59 38.96 73.73
N ILE J 91 -24.68 39.04 72.41
CA ILE J 91 -23.70 38.49 71.49
C ILE J 91 -23.50 39.49 70.34
N GLY J 92 -22.69 39.09 69.36
CA GLY J 92 -22.49 39.89 68.17
C GLY J 92 -22.61 39.01 66.94
N TYR J 93 -22.78 39.68 65.80
CA TYR J 93 -23.00 38.99 64.54
C TYR J 93 -22.78 40.00 63.43
N ARG J 94 -22.77 39.53 62.18
CA ARG J 94 -22.52 40.41 61.05
C ARG J 94 -23.35 39.96 59.86
N THR J 95 -24.01 40.91 59.22
CA THR J 95 -24.78 40.61 58.02
C THR J 95 -23.86 40.68 56.81
N GLU J 96 -24.10 39.76 55.87
CA GLU J 96 -23.34 39.65 54.62
C GLU J 96 -23.41 40.89 53.73
N LYS K 1 -4.50 -58.76 -8.68
CA LYS K 1 -4.91 -59.00 -7.31
C LYS K 1 -6.00 -60.06 -7.25
N LYS K 2 -7.23 -59.64 -7.54
CA LYS K 2 -8.39 -60.48 -7.29
C LYS K 2 -8.50 -61.64 -8.29
N VAL K 3 -9.20 -62.68 -7.85
CA VAL K 3 -9.52 -63.85 -8.65
C VAL K 3 -11.03 -64.05 -8.61
N VAL K 4 -11.63 -64.25 -9.79
CA VAL K 4 -13.06 -64.46 -9.90
C VAL K 4 -13.31 -65.78 -10.64
N LEU K 5 -14.24 -66.58 -10.11
CA LEU K 5 -14.73 -67.77 -10.78
C LEU K 5 -16.12 -67.51 -11.35
N GLY K 6 -16.59 -68.44 -12.16
CA GLY K 6 -17.88 -68.27 -12.80
C GLY K 6 -18.42 -69.59 -13.32
N LYS K 7 -19.75 -69.65 -13.44
CA LYS K 7 -20.43 -70.82 -13.98
C LYS K 7 -20.61 -70.61 -15.47
N LYS K 8 -20.37 -71.67 -16.26
CA LYS K 8 -20.58 -71.58 -17.69
C LYS K 8 -22.01 -71.15 -18.00
N GLY K 9 -22.15 -70.20 -18.92
CA GLY K 9 -23.45 -69.66 -19.26
C GLY K 9 -23.99 -68.60 -18.32
N ASP K 10 -23.42 -68.43 -17.13
CA ASP K 10 -23.85 -67.36 -16.25
C ASP K 10 -23.42 -65.99 -16.79
N THR K 11 -23.67 -64.98 -15.97
CA THR K 11 -23.13 -63.65 -16.17
C THR K 11 -22.35 -63.31 -14.90
N VAL K 12 -21.12 -62.82 -15.06
CA VAL K 12 -20.34 -62.33 -13.94
C VAL K 12 -19.82 -60.94 -14.29
N GLU K 13 -19.13 -60.34 -13.31
CA GLU K 13 -18.86 -58.91 -13.36
C GLU K 13 -17.57 -58.63 -12.62
N LEU K 14 -16.64 -57.95 -13.30
CA LEU K 14 -15.34 -57.60 -12.71
C LEU K 14 -15.39 -56.11 -12.43
N THR K 15 -15.56 -55.77 -11.15
CA THR K 15 -15.75 -54.38 -10.74
C THR K 15 -14.39 -53.70 -10.57
N CYS K 16 -14.17 -52.62 -11.32
CA CYS K 16 -13.02 -51.76 -11.15
C CYS K 16 -13.46 -50.36 -10.78
N THR K 17 -12.73 -49.73 -9.87
CA THR K 17 -13.05 -48.38 -9.44
C THR K 17 -11.76 -47.59 -9.30
N ALA K 18 -11.90 -46.26 -9.35
CA ALA K 18 -10.78 -45.34 -9.21
C ALA K 18 -11.15 -44.32 -8.14
N SER K 19 -10.39 -43.22 -8.08
CA SER K 19 -10.62 -42.20 -7.07
C SER K 19 -11.80 -41.30 -7.43
N GLN K 20 -11.82 -40.77 -8.65
CA GLN K 20 -12.85 -39.80 -9.02
C GLN K 20 -14.12 -40.53 -9.42
N LYS K 21 -15.20 -40.31 -8.67
CA LYS K 21 -16.49 -40.93 -8.96
C LYS K 21 -17.27 -39.97 -9.86
N LYS K 22 -16.96 -40.05 -11.15
CA LYS K 22 -17.54 -39.18 -12.15
C LYS K 22 -17.26 -39.80 -13.52
N SER K 23 -17.47 -39.01 -14.57
CA SER K 23 -17.17 -39.47 -15.92
C SER K 23 -15.76 -39.00 -16.30
N ILE K 24 -14.85 -39.97 -16.41
CA ILE K 24 -13.47 -39.72 -16.80
C ILE K 24 -13.03 -40.92 -17.65
N GLN K 25 -11.94 -40.73 -18.40
CA GLN K 25 -11.54 -41.72 -19.40
C GLN K 25 -10.93 -42.96 -18.77
N PHE K 26 -11.42 -44.13 -19.20
CA PHE K 26 -11.00 -45.44 -18.74
C PHE K 26 -11.31 -46.46 -19.83
N HIS K 27 -10.66 -47.62 -19.77
CA HIS K 27 -10.95 -48.68 -20.72
C HIS K 27 -10.50 -50.03 -20.15
N TRP K 28 -10.79 -51.10 -20.88
CA TRP K 28 -10.44 -52.46 -20.47
C TRP K 28 -9.56 -53.13 -21.50
N LYS K 29 -8.51 -53.84 -21.04
CA LYS K 29 -7.62 -54.57 -21.91
C LYS K 29 -7.47 -56.02 -21.43
N ASN K 30 -7.31 -56.93 -22.39
CA ASN K 30 -7.18 -58.35 -22.05
C ASN K 30 -5.69 -58.71 -21.94
N LYS K 35 -7.97 -54.10 -27.01
CA LYS K 35 -8.99 -53.27 -26.40
C LYS K 35 -10.28 -54.05 -26.30
N ILE K 36 -10.90 -54.04 -25.12
CA ILE K 36 -12.16 -54.76 -24.94
C ILE K 36 -13.33 -53.88 -25.35
N LEU K 37 -13.27 -52.59 -25.02
CA LEU K 37 -14.32 -51.65 -25.37
C LEU K 37 -13.74 -50.25 -25.24
N GLY K 38 -14.52 -49.26 -25.73
CA GLY K 38 -14.15 -47.88 -25.54
C GLY K 38 -15.38 -47.09 -25.15
N ASN K 39 -15.14 -45.88 -24.66
CA ASN K 39 -16.21 -44.99 -24.26
C ASN K 39 -16.01 -43.59 -24.80
N GLN K 40 -17.06 -43.04 -25.41
CA GLN K 40 -17.10 -41.63 -25.79
C GLN K 40 -18.25 -41.05 -24.98
N GLY K 41 -17.92 -40.40 -23.86
CA GLY K 41 -18.95 -39.85 -22.98
C GLY K 41 -19.83 -40.94 -22.37
N SER K 42 -21.15 -40.69 -22.38
CA SER K 42 -22.10 -41.65 -21.82
C SER K 42 -22.24 -42.89 -22.71
N PHE K 43 -22.18 -42.72 -24.02
CA PHE K 43 -22.42 -43.81 -24.95
C PHE K 43 -21.25 -44.78 -24.95
N LEU K 44 -21.51 -46.01 -25.37
CA LEU K 44 -20.52 -47.07 -25.40
C LEU K 44 -20.13 -47.42 -26.83
N THR K 45 -18.83 -47.38 -27.11
CA THR K 45 -18.29 -47.80 -28.39
C THR K 45 -17.75 -49.22 -28.24
N LYS K 46 -17.97 -50.05 -29.25
CA LYS K 46 -17.69 -51.47 -29.14
C LYS K 46 -16.23 -51.79 -29.43
N GLY K 47 -15.68 -52.72 -28.65
CA GLY K 47 -14.30 -53.14 -28.78
C GLY K 47 -14.08 -54.08 -29.94
N PRO K 48 -12.82 -54.25 -30.34
CA PRO K 48 -12.52 -55.09 -31.50
C PRO K 48 -12.50 -56.58 -31.23
N SER K 49 -12.64 -57.02 -29.98
CA SER K 49 -12.50 -58.45 -29.69
C SER K 49 -13.71 -59.23 -30.20
N LYS K 50 -13.54 -60.55 -30.31
CA LYS K 50 -14.64 -61.40 -30.73
C LYS K 50 -15.68 -61.56 -29.63
N LEU K 51 -15.33 -61.20 -28.39
CA LEU K 51 -16.31 -61.23 -27.31
C LEU K 51 -17.08 -59.92 -27.20
N ASN K 52 -16.86 -58.98 -28.13
CA ASN K 52 -17.52 -57.68 -28.05
C ASN K 52 -19.04 -57.83 -28.06
N ASP K 53 -19.55 -58.70 -28.93
CA ASP K 53 -20.99 -58.89 -29.03
C ASP K 53 -21.55 -59.42 -27.73
N ARG K 54 -20.91 -60.43 -27.14
CA ARG K 54 -21.40 -61.05 -25.93
C ARG K 54 -21.14 -60.17 -24.71
N ALA K 55 -19.89 -59.74 -24.54
CA ALA K 55 -19.49 -58.92 -23.39
C ALA K 55 -20.06 -57.51 -23.49
N ASP K 56 -20.24 -56.88 -22.32
CA ASP K 56 -20.82 -55.54 -22.24
C ASP K 56 -20.45 -54.94 -20.89
N SER K 57 -20.75 -53.64 -20.75
CA SER K 57 -20.53 -52.89 -19.52
C SER K 57 -21.75 -52.01 -19.25
N ARG K 58 -21.92 -51.61 -17.99
CA ARG K 58 -23.06 -50.78 -17.61
C ARG K 58 -22.71 -49.30 -17.73
N ARG K 59 -23.36 -48.61 -18.67
CA ARG K 59 -23.20 -47.17 -18.79
C ARG K 59 -23.77 -46.46 -17.56
N SER K 60 -24.86 -46.99 -17.00
CA SER K 60 -25.52 -46.34 -15.87
C SER K 60 -24.58 -46.16 -14.68
N LEU K 61 -23.67 -47.10 -14.45
CA LEU K 61 -22.81 -47.12 -13.27
C LEU K 61 -21.65 -46.12 -13.33
N TRP K 62 -21.62 -45.25 -14.33
CA TRP K 62 -20.56 -44.26 -14.44
C TRP K 62 -20.59 -43.23 -13.32
N ASP K 63 -21.76 -43.01 -12.68
CA ASP K 63 -21.86 -41.99 -11.64
C ASP K 63 -21.01 -42.34 -10.41
N GLN K 64 -21.19 -43.55 -9.88
CA GLN K 64 -20.46 -43.93 -8.67
C GLN K 64 -18.96 -44.09 -8.88
N GLY K 65 -18.48 -44.07 -10.13
CA GLY K 65 -17.08 -44.22 -10.39
C GLY K 65 -16.65 -45.65 -10.66
N ASN K 66 -17.58 -46.60 -10.59
CA ASN K 66 -17.29 -48.00 -10.82
C ASN K 66 -17.29 -48.28 -12.32
N PHE K 67 -16.33 -49.09 -12.76
CA PHE K 67 -16.09 -49.36 -14.17
C PHE K 67 -16.26 -50.86 -14.43
N PRO K 68 -17.50 -51.36 -14.32
CA PRO K 68 -17.68 -52.82 -14.35
C PRO K 68 -17.42 -53.39 -15.74
N LEU K 69 -17.13 -54.69 -15.75
CA LEU K 69 -17.05 -55.47 -16.97
C LEU K 69 -18.03 -56.62 -16.84
N ILE K 70 -18.91 -56.77 -17.81
CA ILE K 70 -19.97 -57.77 -17.78
C ILE K 70 -19.76 -58.73 -18.95
N ILE K 71 -19.88 -60.01 -18.68
CA ILE K 71 -19.75 -61.06 -19.69
C ILE K 71 -20.99 -61.93 -19.58
N LYS K 72 -22.00 -61.62 -20.38
CA LYS K 72 -23.18 -62.48 -20.46
C LYS K 72 -22.81 -63.75 -21.22
N ASN K 73 -23.52 -64.83 -20.93
CA ASN K 73 -23.30 -66.14 -21.57
C ASN K 73 -21.81 -66.52 -21.51
N LEU K 74 -21.35 -66.74 -20.29
CA LEU K 74 -19.94 -67.11 -20.10
C LEU K 74 -19.63 -68.42 -20.81
N LYS K 75 -18.48 -68.44 -21.48
CA LYS K 75 -17.95 -69.63 -22.12
C LYS K 75 -16.60 -69.97 -21.51
N ILE K 76 -16.19 -71.22 -21.71
CA ILE K 76 -14.92 -71.69 -21.18
C ILE K 76 -13.78 -70.82 -21.67
N GLU K 77 -13.81 -70.43 -22.95
CA GLU K 77 -12.76 -69.67 -23.62
C GLU K 77 -12.66 -68.20 -23.15
N ASP K 78 -13.37 -67.78 -22.11
CA ASP K 78 -13.22 -66.42 -21.59
C ASP K 78 -12.22 -66.32 -20.46
N SER K 79 -11.89 -67.44 -19.83
CA SER K 79 -10.96 -67.43 -18.71
C SER K 79 -9.63 -66.80 -19.13
N ASP K 80 -9.24 -65.71 -18.45
CA ASP K 80 -8.10 -64.91 -18.89
C ASP K 80 -7.77 -63.91 -17.79
N THR K 81 -6.73 -63.11 -18.01
CA THR K 81 -6.39 -62.01 -17.12
C THR K 81 -6.83 -60.70 -17.75
N TYR K 82 -7.55 -59.88 -16.99
CA TYR K 82 -8.10 -58.63 -17.50
C TYR K 82 -7.54 -57.45 -16.71
N ILE K 83 -7.35 -56.33 -17.41
CA ILE K 83 -6.73 -55.13 -16.86
C ILE K 83 -7.70 -53.97 -17.01
N CYS K 84 -8.03 -53.34 -15.88
CA CYS K 84 -8.73 -52.07 -15.85
C CYS K 84 -7.74 -50.95 -16.08
N GLU K 85 -8.03 -50.05 -17.01
CA GLU K 85 -7.07 -49.04 -17.43
C GLU K 85 -7.60 -47.64 -17.11
N VAL K 86 -7.16 -47.14 -15.96
CA VAL K 86 -6.99 -45.72 -15.68
C VAL K 86 -5.48 -45.49 -15.61
N GLU K 87 -5.03 -44.30 -16.00
CA GLU K 87 -3.60 -44.05 -16.19
C GLU K 87 -2.80 -44.13 -14.89
N ASP K 88 -3.44 -43.94 -13.73
CA ASP K 88 -2.66 -43.89 -12.48
C ASP K 88 -2.24 -45.28 -12.02
N GLN K 89 -3.14 -46.25 -12.08
CA GLN K 89 -2.83 -47.62 -11.72
C GLN K 89 -3.81 -48.52 -12.45
N LYS K 90 -3.38 -49.75 -12.70
CA LYS K 90 -4.20 -50.72 -13.39
C LYS K 90 -4.46 -51.86 -12.42
N GLU K 91 -5.73 -52.25 -12.30
CA GLU K 91 -6.10 -53.37 -11.45
C GLU K 91 -6.36 -54.57 -12.36
N GLU K 92 -5.72 -55.68 -12.04
CA GLU K 92 -5.83 -56.89 -12.83
C GLU K 92 -6.68 -57.89 -12.07
N VAL K 93 -7.51 -58.60 -12.81
CA VAL K 93 -8.44 -59.59 -12.27
C VAL K 93 -8.26 -60.86 -13.07
N GLN K 94 -7.94 -61.97 -12.40
CA GLN K 94 -7.73 -63.22 -13.10
C GLN K 94 -9.01 -64.02 -13.03
N LEU K 95 -9.38 -64.66 -14.13
CA LEU K 95 -10.68 -65.27 -14.28
C LEU K 95 -10.54 -66.68 -14.81
N LEU K 96 -11.13 -67.63 -14.10
CA LEU K 96 -11.25 -69.02 -14.55
C LEU K 96 -12.73 -69.37 -14.60
N VAL K 97 -13.16 -69.96 -15.71
CA VAL K 97 -14.55 -70.34 -15.93
C VAL K 97 -14.61 -71.85 -16.12
N PHE K 98 -15.47 -72.50 -15.34
CA PHE K 98 -15.77 -73.93 -15.47
C PHE K 98 -17.19 -74.14 -15.99
N GLY K 99 -17.45 -75.39 -16.35
CA GLY K 99 -18.76 -75.81 -16.81
C GLY K 99 -18.96 -77.28 -16.48
N LEU K 100 -20.20 -77.70 -16.29
CA LEU K 100 -20.47 -79.10 -15.97
C LEU K 100 -21.47 -79.68 -16.96
N THR K 101 -21.19 -80.86 -17.51
CA THR K 101 -22.09 -81.53 -18.43
C THR K 101 -22.08 -83.03 -18.16
N ALA K 102 -23.16 -83.71 -18.55
CA ALA K 102 -23.32 -85.14 -18.29
C ALA K 102 -23.42 -85.91 -19.59
N ASN K 103 -22.44 -86.77 -19.85
CA ASN K 103 -22.44 -87.65 -21.02
C ASN K 103 -22.99 -89.05 -20.74
N SER K 104 -23.36 -89.70 -21.84
CA SER K 104 -23.84 -91.07 -21.92
C SER K 104 -25.07 -91.26 -21.04
N GLY K 111 -30.45 -97.46 -17.86
CA GLY K 111 -29.26 -98.24 -17.61
C GLY K 111 -28.94 -98.21 -16.13
N GLN K 112 -27.68 -98.45 -15.77
CA GLN K 112 -27.23 -98.39 -14.38
C GLN K 112 -26.03 -97.47 -14.17
N SER K 113 -25.49 -96.85 -15.22
CA SER K 113 -24.29 -96.03 -15.13
C SER K 113 -24.39 -94.80 -16.04
N LEU K 114 -23.73 -93.72 -15.61
CA LEU K 114 -23.76 -92.41 -16.25
C LEU K 114 -22.35 -91.84 -16.15
N THR K 115 -21.97 -90.93 -17.06
CA THR K 115 -20.66 -90.30 -16.96
C THR K 115 -20.84 -88.79 -16.92
N LEU K 116 -20.08 -88.12 -16.07
CA LEU K 116 -20.10 -86.68 -15.93
C LEU K 116 -18.76 -86.15 -16.40
N THR K 117 -18.77 -85.15 -17.26
CA THR K 117 -17.56 -84.50 -17.72
C THR K 117 -17.58 -83.03 -17.30
N LEU K 118 -16.49 -82.61 -16.68
CA LEU K 118 -16.32 -81.23 -16.23
C LEU K 118 -15.45 -80.51 -17.24
N GLU K 119 -15.97 -79.40 -17.78
CA GLU K 119 -15.26 -78.57 -18.74
C GLU K 119 -14.44 -77.54 -17.97
N SER K 120 -13.16 -77.44 -18.30
CA SER K 120 -12.21 -76.70 -17.48
C SER K 120 -11.32 -75.84 -18.36
N PRO K 121 -10.84 -74.71 -17.84
CA PRO K 121 -9.90 -73.88 -18.59
C PRO K 121 -8.49 -74.45 -18.51
N PRO K 122 -7.56 -73.90 -19.30
CA PRO K 122 -6.21 -74.46 -19.34
C PRO K 122 -5.38 -74.13 -18.12
N GLY K 123 -4.54 -75.09 -17.72
CA GLY K 123 -3.67 -74.91 -16.58
C GLY K 123 -4.33 -75.10 -15.25
N SER K 124 -5.66 -75.16 -15.20
CA SER K 124 -6.38 -75.32 -13.96
C SER K 124 -6.01 -76.63 -13.28
N SER K 125 -6.14 -76.64 -11.95
CA SER K 125 -5.82 -77.80 -11.12
C SER K 125 -6.95 -78.06 -10.13
N PRO K 126 -8.16 -78.44 -10.62
CA PRO K 126 -9.35 -78.43 -9.76
C PRO K 126 -9.74 -79.81 -9.22
N SER K 127 -10.41 -79.81 -8.07
CA SER K 127 -11.02 -81.00 -7.47
C SER K 127 -12.53 -80.85 -7.46
N VAL K 128 -13.25 -81.97 -7.53
CA VAL K 128 -14.70 -81.92 -7.76
C VAL K 128 -15.45 -82.90 -6.87
N GLN K 129 -16.09 -82.38 -5.83
CA GLN K 129 -17.00 -83.17 -5.01
C GLN K 129 -18.38 -83.21 -5.65
N CYS K 130 -19.11 -84.29 -5.40
CA CYS K 130 -20.50 -84.39 -5.84
C CYS K 130 -21.26 -85.32 -4.90
N ARG K 131 -22.30 -84.80 -4.24
CA ARG K 131 -23.11 -85.61 -3.35
C ARG K 131 -24.49 -85.86 -3.92
N SER K 132 -25.02 -87.04 -3.64
CA SER K 132 -26.32 -87.48 -4.13
C SER K 132 -27.42 -86.80 -3.32
N PRO K 133 -28.69 -86.99 -3.72
CA PRO K 133 -29.78 -86.51 -2.85
C PRO K 133 -29.87 -87.31 -1.56
N ARG K 134 -29.53 -88.59 -1.60
CA ARG K 134 -29.49 -89.40 -0.39
C ARG K 134 -28.20 -89.19 0.41
N GLY K 135 -27.30 -88.33 -0.06
CA GLY K 135 -26.09 -88.02 0.66
C GLY K 135 -24.83 -88.74 0.21
N LYS K 136 -24.92 -89.65 -0.76
CA LYS K 136 -23.74 -90.38 -1.22
C LYS K 136 -22.68 -89.41 -1.73
N ASN K 137 -21.50 -89.44 -1.12
CA ASN K 137 -20.43 -88.49 -1.39
C ASN K 137 -19.43 -89.10 -2.36
N ILE K 138 -19.30 -88.50 -3.55
CA ILE K 138 -18.46 -88.99 -4.63
C ILE K 138 -17.40 -87.95 -4.95
N GLN K 139 -16.14 -88.29 -4.81
CA GLN K 139 -15.05 -87.34 -5.03
C GLN K 139 -14.35 -87.69 -6.34
N GLY K 140 -13.91 -86.67 -7.07
CA GLY K 140 -13.30 -86.96 -8.35
C GLY K 140 -12.55 -85.77 -8.92
N GLY K 141 -11.94 -86.01 -10.08
CA GLY K 141 -11.21 -85.00 -10.82
C GLY K 141 -11.97 -84.37 -11.98
N LYS K 142 -11.36 -84.41 -13.17
CA LYS K 142 -11.95 -83.78 -14.35
C LYS K 142 -13.19 -84.51 -14.82
N THR K 143 -13.18 -85.84 -14.79
CA THR K 143 -14.31 -86.64 -15.22
C THR K 143 -14.71 -87.58 -14.10
N LEU K 144 -16.01 -87.64 -13.83
CA LEU K 144 -16.59 -88.47 -12.79
C LEU K 144 -17.44 -89.54 -13.45
N SER K 145 -17.37 -90.77 -12.94
CA SER K 145 -18.15 -91.86 -13.51
C SER K 145 -18.99 -92.49 -12.41
N VAL K 146 -20.29 -92.61 -12.65
CA VAL K 146 -21.20 -93.23 -11.69
C VAL K 146 -21.59 -94.58 -12.29
N SER K 147 -20.92 -95.63 -11.82
CA SER K 147 -21.08 -96.96 -12.38
C SER K 147 -22.36 -97.63 -11.87
N GLN K 148 -22.51 -97.72 -10.56
CA GLN K 148 -23.63 -98.42 -9.94
C GLN K 148 -24.65 -97.43 -9.41
N LEU K 149 -25.86 -97.46 -9.97
CA LEU K 149 -26.97 -96.64 -9.51
C LEU K 149 -28.18 -97.51 -9.18
N GLU K 150 -28.89 -97.12 -8.14
CA GLU K 150 -30.15 -97.70 -7.74
C GLU K 150 -31.22 -96.61 -7.81
N LEU K 151 -32.49 -97.03 -7.85
CA LEU K 151 -33.56 -96.06 -8.07
C LEU K 151 -33.60 -95.00 -6.98
N GLN K 152 -33.28 -95.36 -5.74
CA GLN K 152 -33.33 -94.37 -4.66
C GLN K 152 -32.44 -93.17 -4.96
N ASP K 153 -31.31 -93.40 -5.63
CA ASP K 153 -30.36 -92.33 -5.93
C ASP K 153 -30.71 -91.64 -7.25
N SER K 154 -31.95 -91.14 -7.34
CA SER K 154 -32.44 -90.57 -8.59
C SER K 154 -33.00 -89.17 -8.39
N GLY K 155 -32.51 -88.44 -7.38
CA GLY K 155 -32.95 -87.07 -7.18
C GLY K 155 -32.04 -86.05 -7.83
N THR K 156 -31.79 -84.95 -7.11
CA THR K 156 -30.91 -83.89 -7.58
C THR K 156 -29.53 -84.08 -6.95
N TRP K 157 -28.50 -84.18 -7.77
CA TRP K 157 -27.13 -84.31 -7.30
C TRP K 157 -26.48 -82.93 -7.29
N THR K 158 -25.64 -82.69 -6.30
CA THR K 158 -24.98 -81.40 -6.13
C THR K 158 -23.48 -81.59 -6.25
N CYS K 159 -22.89 -80.94 -7.26
CA CYS K 159 -21.46 -81.01 -7.52
C CYS K 159 -20.83 -79.68 -7.13
N THR K 160 -19.93 -79.71 -6.17
CA THR K 160 -19.19 -78.53 -5.76
C THR K 160 -17.76 -78.65 -6.29
N VAL K 161 -17.36 -77.67 -7.09
CA VAL K 161 -16.06 -77.63 -7.75
C VAL K 161 -15.17 -76.68 -6.96
N LEU K 162 -13.95 -77.09 -6.70
CA LEU K 162 -13.02 -76.32 -5.90
C LEU K 162 -11.71 -76.19 -6.67
N GLN K 163 -11.17 -74.97 -6.71
CA GLN K 163 -9.86 -74.77 -7.33
C GLN K 163 -8.89 -74.74 -6.14
N ASN K 164 -7.92 -73.83 -6.09
CA ASN K 164 -7.01 -73.82 -4.94
C ASN K 164 -7.79 -73.62 -3.65
N GLN K 165 -8.39 -72.44 -3.48
CA GLN K 165 -9.19 -72.15 -2.31
C GLN K 165 -10.62 -71.76 -2.65
N LYS K 166 -10.86 -71.30 -3.88
CA LYS K 166 -12.15 -70.75 -4.28
C LYS K 166 -13.03 -71.84 -4.90
N LYS K 167 -14.33 -71.75 -4.66
CA LYS K 167 -15.25 -72.80 -5.08
C LYS K 167 -16.46 -72.23 -5.81
N VAL K 168 -17.07 -73.10 -6.61
CA VAL K 168 -18.29 -72.80 -7.34
C VAL K 168 -19.19 -74.02 -7.24
N GLU K 169 -20.50 -73.80 -7.14
CA GLU K 169 -21.45 -74.88 -6.90
C GLU K 169 -22.39 -75.05 -8.08
N PHE K 170 -22.55 -76.30 -8.52
CA PHE K 170 -23.40 -76.68 -9.64
C PHE K 170 -24.42 -77.72 -9.16
N LYS K 171 -25.62 -77.67 -9.74
CA LYS K 171 -26.66 -78.65 -9.45
C LYS K 171 -27.08 -79.32 -10.75
N ILE K 172 -27.26 -80.65 -10.72
CA ILE K 172 -27.65 -81.41 -11.90
C ILE K 172 -28.60 -82.52 -11.48
N ASP K 173 -29.72 -82.67 -12.21
CA ASP K 173 -30.67 -83.71 -11.88
C ASP K 173 -30.26 -85.03 -12.52
N ILE K 174 -30.55 -86.13 -11.81
CA ILE K 174 -30.28 -87.49 -12.27
C ILE K 174 -31.56 -88.29 -12.13
N VAL K 175 -31.98 -88.94 -13.21
CA VAL K 175 -33.15 -89.82 -13.22
C VAL K 175 -32.68 -91.21 -13.63
N VAL K 176 -33.12 -92.22 -12.88
CA VAL K 176 -32.74 -93.60 -13.13
C VAL K 176 -33.94 -94.33 -13.71
N LEU K 177 -33.75 -94.91 -14.88
CA LEU K 177 -34.83 -95.58 -15.59
C LEU K 177 -35.26 -96.84 -14.86
N ALA K 178 -36.58 -97.01 -14.74
CA ALA K 178 -37.11 -98.10 -13.95
C ALA K 178 -36.77 -99.47 -14.55
N PHE K 179 -37.26 -99.74 -15.74
CA PHE K 179 -37.25 -101.10 -16.29
C PHE K 179 -35.92 -101.50 -16.92
N GLN K 180 -34.87 -100.71 -16.71
CA GLN K 180 -33.52 -101.13 -17.05
C GLN K 180 -32.97 -102.02 -15.92
N LYS K 181 -31.71 -102.42 -16.03
CA LYS K 181 -31.10 -103.36 -15.11
C LYS K 181 -30.96 -102.81 -13.70
N ALA K 182 -31.15 -101.50 -13.50
CA ALA K 182 -31.04 -100.90 -12.18
C ALA K 182 -32.01 -101.52 -11.18
N SER K 183 -31.54 -101.73 -9.95
CA SER K 183 -32.34 -102.38 -8.92
C SER K 183 -33.06 -101.35 -8.06
N SER K 184 -34.18 -101.75 -7.48
CA SER K 184 -34.93 -100.88 -6.60
C SER K 184 -35.01 -101.49 -5.22
N ILE K 185 -34.71 -100.70 -4.20
CA ILE K 185 -34.75 -101.18 -2.82
C ILE K 185 -35.15 -100.01 -1.94
N VAL K 186 -35.95 -100.29 -0.91
CA VAL K 186 -36.42 -99.25 0.01
C VAL K 186 -36.25 -99.75 1.44
N TYR K 187 -35.62 -98.93 2.27
CA TYR K 187 -35.36 -99.24 3.67
C TYR K 187 -36.22 -98.33 4.54
N LYS K 188 -37.12 -98.92 5.31
CA LYS K 188 -38.01 -98.14 6.16
C LYS K 188 -38.16 -98.77 7.55
N LYS K 189 -38.19 -97.92 8.56
CA LYS K 189 -38.62 -98.37 9.87
C LYS K 189 -40.14 -98.46 9.91
N GLU K 190 -40.64 -99.28 10.82
CA GLU K 190 -42.07 -99.55 10.89
C GLU K 190 -42.85 -98.26 11.08
N GLY K 191 -43.93 -98.11 10.31
CA GLY K 191 -44.84 -96.99 10.43
C GLY K 191 -44.63 -95.87 9.42
N GLU K 192 -43.48 -95.84 8.75
CA GLU K 192 -43.24 -94.84 7.71
C GLU K 192 -43.90 -95.28 6.41
N GLN K 193 -44.51 -94.35 5.69
CA GLN K 193 -45.13 -94.75 4.43
C GLN K 193 -44.07 -95.01 3.37
N VAL K 194 -44.33 -95.98 2.52
CA VAL K 194 -43.35 -96.40 1.51
C VAL K 194 -43.80 -95.89 0.16
N GLU K 195 -42.84 -95.45 -0.66
CA GLU K 195 -43.18 -94.94 -1.99
C GLU K 195 -42.28 -95.63 -3.02
N PHE K 196 -42.90 -96.06 -4.12
CA PHE K 196 -42.18 -96.61 -5.26
C PHE K 196 -42.51 -95.82 -6.52
N SER K 197 -41.48 -95.39 -7.23
CA SER K 197 -41.62 -94.65 -8.48
C SER K 197 -40.90 -95.42 -9.57
N PHE K 198 -41.54 -95.55 -10.73
CA PHE K 198 -40.96 -96.24 -11.87
C PHE K 198 -41.01 -95.34 -13.09
N PRO K 199 -40.13 -94.34 -13.16
CA PRO K 199 -40.09 -93.49 -14.35
C PRO K 199 -39.63 -94.27 -15.58
N LEU K 200 -40.42 -94.18 -16.65
CA LEU K 200 -40.13 -94.81 -17.92
C LEU K 200 -39.51 -93.82 -18.90
N ALA K 201 -38.85 -94.36 -19.92
CA ALA K 201 -38.26 -93.51 -20.95
C ALA K 201 -39.37 -92.76 -21.68
N PHE K 202 -39.05 -91.55 -22.14
CA PHE K 202 -40.04 -90.68 -22.74
C PHE K 202 -40.69 -91.30 -23.97
N THR K 203 -39.97 -92.15 -24.69
CA THR K 203 -40.53 -92.76 -25.89
C THR K 203 -41.74 -93.64 -25.57
N VAL K 204 -41.69 -94.38 -24.46
CA VAL K 204 -42.74 -95.37 -24.20
C VAL K 204 -43.99 -94.79 -23.58
N GLU K 205 -44.03 -93.49 -23.32
CA GLU K 205 -45.20 -92.88 -22.69
C GLU K 205 -46.44 -92.98 -23.57
N LYS K 206 -46.27 -92.97 -24.90
CA LYS K 206 -47.39 -92.97 -25.82
C LYS K 206 -47.67 -94.35 -26.42
N LEU K 207 -46.94 -95.37 -25.99
CA LEU K 207 -47.13 -96.72 -26.54
C LEU K 207 -48.44 -97.33 -26.05
N THR K 208 -48.72 -97.19 -24.75
CA THR K 208 -49.91 -97.72 -24.06
C THR K 208 -49.77 -99.22 -23.80
N GLY K 209 -50.35 -99.71 -22.70
CA GLY K 209 -50.17 -101.10 -22.32
C GLY K 209 -50.84 -101.42 -21.00
N SER K 210 -50.55 -102.62 -20.50
CA SER K 210 -51.10 -103.10 -19.24
C SER K 210 -50.04 -103.81 -18.42
N GLY K 211 -50.21 -103.83 -17.10
CA GLY K 211 -49.22 -104.49 -16.26
C GLY K 211 -49.78 -104.87 -14.90
N GLU K 212 -48.95 -105.59 -14.14
CA GLU K 212 -49.28 -105.89 -12.75
C GLU K 212 -48.00 -106.12 -11.96
N LEU K 213 -48.16 -106.17 -10.64
CA LEU K 213 -47.08 -106.41 -9.70
C LEU K 213 -47.44 -107.63 -8.87
N TRP K 214 -46.49 -108.55 -8.74
CA TRP K 214 -46.60 -109.73 -7.89
C TRP K 214 -45.60 -109.62 -6.75
N TRP K 215 -46.01 -110.03 -5.55
CA TRP K 215 -45.19 -109.86 -4.37
C TRP K 215 -45.13 -111.17 -3.61
N GLN K 216 -43.97 -111.46 -3.03
CA GLN K 216 -43.79 -112.64 -2.19
C GLN K 216 -43.23 -112.21 -0.84
N ALA K 217 -43.85 -112.70 0.22
CA ALA K 217 -43.41 -112.39 1.58
C ALA K 217 -42.44 -113.46 2.06
N GLU K 218 -42.17 -113.47 3.37
CA GLU K 218 -41.36 -114.52 3.97
C GLU K 218 -42.01 -115.89 3.80
N ARG K 219 -43.35 -115.94 3.88
CA ARG K 219 -44.07 -117.19 3.77
C ARG K 219 -44.24 -117.61 2.30
N ALA K 220 -44.05 -118.90 2.04
CA ALA K 220 -44.20 -119.43 0.69
C ALA K 220 -45.63 -119.41 0.20
N SER K 221 -46.59 -119.17 1.09
CA SER K 221 -48.00 -119.13 0.69
C SER K 221 -48.25 -118.05 -0.35
N SER K 222 -47.70 -116.85 -0.14
CA SER K 222 -47.93 -115.71 -1.01
C SER K 222 -46.94 -115.67 -2.18
N SER K 223 -47.06 -116.65 -3.07
CA SER K 223 -46.19 -116.66 -4.24
C SER K 223 -46.49 -115.46 -5.14
N LYS K 224 -47.77 -115.12 -5.29
CA LYS K 224 -48.20 -114.00 -6.10
C LYS K 224 -49.28 -113.23 -5.37
N SER K 225 -49.39 -111.94 -5.65
CA SER K 225 -50.38 -111.07 -5.04
C SER K 225 -50.31 -109.71 -5.73
N TRP K 226 -50.93 -108.70 -5.12
CA TRP K 226 -50.81 -107.29 -5.49
C TRP K 226 -51.59 -106.92 -6.75
N ILE K 227 -51.50 -105.65 -7.16
CA ILE K 227 -52.46 -105.01 -8.05
C ILE K 227 -52.20 -105.22 -9.54
N THR K 228 -53.22 -104.92 -10.36
CA THR K 228 -53.19 -105.02 -11.80
C THR K 228 -53.82 -103.76 -12.38
N PHE K 229 -53.25 -103.26 -13.48
CA PHE K 229 -53.54 -101.90 -13.93
C PHE K 229 -53.34 -101.75 -15.43
N ASP K 230 -54.02 -100.74 -16.00
CA ASP K 230 -53.97 -100.44 -17.42
C ASP K 230 -53.63 -98.97 -17.65
N LEU K 231 -52.75 -98.72 -18.62
CA LEU K 231 -52.27 -97.39 -18.98
C LEU K 231 -52.56 -97.10 -20.44
N LYS K 232 -53.35 -96.05 -20.70
CA LYS K 232 -53.58 -95.56 -22.05
C LYS K 232 -53.35 -94.05 -22.04
N ASN K 233 -52.68 -93.55 -23.08
CA ASN K 233 -52.26 -92.15 -23.16
C ASN K 233 -51.39 -91.88 -21.93
N LYS K 234 -51.67 -90.85 -21.13
CA LYS K 234 -50.96 -90.60 -19.89
C LYS K 234 -51.87 -90.81 -18.68
N GLU K 235 -52.74 -91.81 -18.74
CA GLU K 235 -53.74 -92.05 -17.72
C GLU K 235 -53.53 -93.44 -17.15
N VAL K 236 -53.40 -93.54 -15.83
CA VAL K 236 -53.13 -94.80 -15.17
C VAL K 236 -54.40 -95.23 -14.43
N SER K 237 -54.94 -96.39 -14.82
CA SER K 237 -56.15 -96.92 -14.23
C SER K 237 -55.90 -98.33 -13.73
N VAL K 238 -56.23 -98.57 -12.47
CA VAL K 238 -56.00 -99.87 -11.85
C VAL K 238 -57.12 -100.83 -12.23
N LYS K 239 -56.76 -102.09 -12.47
CA LYS K 239 -57.73 -103.14 -12.71
C LYS K 239 -58.20 -103.79 -11.41
N ARG K 240 -57.26 -104.21 -10.56
CA ARG K 240 -57.60 -104.82 -9.28
C ARG K 240 -56.55 -104.44 -8.24
N VAL K 241 -56.99 -104.31 -6.98
CA VAL K 241 -56.13 -103.94 -5.86
C VAL K 241 -56.29 -104.94 -4.72
N THR K 242 -55.18 -105.26 -4.07
CA THR K 242 -55.21 -106.18 -2.92
C THR K 242 -55.86 -105.55 -1.70
N GLN K 243 -56.59 -106.39 -0.97
CA GLN K 243 -57.30 -105.93 0.21
C GLN K 243 -56.35 -105.59 1.35
N ASP K 244 -55.26 -106.39 1.52
CA ASP K 244 -54.40 -106.21 2.69
C ASP K 244 -53.64 -104.87 2.63
N PRO K 245 -52.85 -104.57 1.58
CA PRO K 245 -52.33 -103.20 1.49
C PRO K 245 -53.32 -102.26 0.83
N LYS K 246 -53.43 -101.04 1.38
CA LYS K 246 -54.25 -100.00 0.76
C LYS K 246 -53.39 -99.15 -0.19
N LEU K 247 -52.90 -99.81 -1.25
CA LEU K 247 -52.02 -99.13 -2.19
C LEU K 247 -52.73 -98.01 -2.93
N GLN K 248 -52.03 -96.89 -3.08
CA GLN K 248 -52.54 -95.72 -3.81
C GLN K 248 -51.62 -95.51 -5.02
N MET K 249 -52.15 -95.70 -6.22
CA MET K 249 -51.37 -95.44 -7.44
C MET K 249 -51.78 -94.12 -8.06
N GLY K 250 -50.79 -93.32 -8.41
CA GLY K 250 -51.02 -92.01 -9.00
C GLY K 250 -51.68 -92.07 -10.36
N LYS K 251 -52.74 -91.27 -10.54
CA LYS K 251 -53.41 -91.21 -11.83
C LYS K 251 -52.51 -90.62 -12.91
N LYS K 252 -51.66 -89.65 -12.55
CA LYS K 252 -50.84 -88.98 -13.55
C LYS K 252 -49.74 -89.92 -14.08
N LEU K 253 -49.16 -89.53 -15.21
CA LEU K 253 -48.33 -90.45 -15.98
C LEU K 253 -47.11 -91.00 -15.23
N PRO K 254 -46.32 -90.22 -14.48
CA PRO K 254 -45.22 -90.83 -13.72
C PRO K 254 -45.77 -91.85 -12.73
N LEU K 255 -45.29 -93.09 -12.86
CA LEU K 255 -45.84 -94.20 -12.10
C LEU K 255 -45.51 -94.02 -10.62
N HIS K 256 -46.53 -93.72 -9.84
CA HIS K 256 -46.40 -93.43 -8.41
C HIS K 256 -47.23 -94.46 -7.67
N LEU K 257 -46.60 -95.20 -6.76
CA LEU K 257 -47.28 -96.22 -5.97
C LEU K 257 -46.93 -96.01 -4.51
N THR K 258 -47.93 -95.96 -3.64
CA THR K 258 -47.70 -95.66 -2.23
C THR K 258 -48.30 -96.74 -1.31
N LEU K 259 -47.54 -97.08 -0.25
CA LEU K 259 -47.93 -97.89 0.89
C LEU K 259 -48.16 -96.99 2.09
N PRO K 260 -49.33 -97.10 2.74
CA PRO K 260 -49.66 -96.12 3.80
C PRO K 260 -48.66 -96.10 4.93
N GLN K 261 -48.23 -97.26 5.40
CA GLN K 261 -47.10 -97.33 6.32
C GLN K 261 -46.50 -98.72 6.25
N ALA K 262 -45.20 -98.79 6.52
CA ALA K 262 -44.43 -100.04 6.38
C ALA K 262 -44.61 -100.94 7.59
N LEU K 263 -44.84 -102.23 7.31
CA LEU K 263 -45.03 -103.25 8.34
C LEU K 263 -44.22 -104.48 7.95
N PRO K 264 -43.90 -105.34 8.92
CA PRO K 264 -43.09 -106.54 8.58
C PRO K 264 -43.76 -107.48 7.60
N GLN K 265 -45.07 -107.71 7.72
CA GLN K 265 -45.74 -108.59 6.78
C GLN K 265 -45.67 -108.05 5.35
N TYR K 266 -45.58 -106.72 5.19
CA TYR K 266 -45.39 -106.12 3.87
C TYR K 266 -43.90 -106.09 3.52
N ALA K 267 -43.31 -107.27 3.31
CA ALA K 267 -41.88 -107.31 3.01
C ALA K 267 -41.56 -108.55 2.18
N GLY K 268 -40.43 -108.47 1.48
CA GLY K 268 -40.01 -109.53 0.58
C GLY K 268 -39.84 -109.06 -0.85
N SER K 269 -39.13 -109.84 -1.66
CA SER K 269 -38.88 -109.45 -3.04
C SER K 269 -40.19 -109.43 -3.84
N GLY K 270 -40.25 -108.54 -4.83
CA GLY K 270 -41.39 -108.47 -5.72
C GLY K 270 -40.99 -108.19 -7.15
N ASN K 271 -41.87 -108.61 -8.06
CA ASN K 271 -41.70 -108.46 -9.49
C ASN K 271 -42.80 -107.55 -10.03
N LEU K 272 -42.42 -106.57 -10.85
CA LEU K 272 -43.38 -105.74 -11.57
C LEU K 272 -43.23 -106.00 -13.05
N THR K 273 -44.31 -106.41 -13.71
CA THR K 273 -44.28 -106.74 -15.12
C THR K 273 -45.19 -105.78 -15.88
N LEU K 274 -44.63 -105.14 -16.89
CA LEU K 274 -45.38 -104.26 -17.78
C LEU K 274 -45.25 -104.79 -19.20
N ALA K 275 -46.39 -105.06 -19.82
CA ALA K 275 -46.46 -105.43 -21.23
C ALA K 275 -47.23 -104.35 -21.97
N LEU K 276 -46.98 -104.27 -23.27
CA LEU K 276 -47.59 -103.24 -24.09
C LEU K 276 -47.91 -103.79 -25.47
N GLU K 277 -49.13 -103.55 -25.93
CA GLU K 277 -49.54 -104.08 -27.23
C GLU K 277 -48.79 -103.41 -28.37
N ALA K 278 -48.26 -102.21 -28.15
CA ALA K 278 -47.54 -101.47 -29.19
C ALA K 278 -46.35 -102.25 -29.73
N LYS K 279 -45.36 -102.51 -28.88
CA LYS K 279 -44.10 -103.11 -29.32
C LYS K 279 -43.95 -104.57 -28.91
N THR K 280 -44.84 -105.09 -28.07
CA THR K 280 -44.84 -106.49 -27.63
C THR K 280 -43.45 -106.95 -27.18
N GLY K 281 -42.96 -106.29 -26.14
CA GLY K 281 -41.72 -106.67 -25.48
C GLY K 281 -41.87 -106.76 -23.97
N LYS K 282 -41.63 -107.93 -23.40
CA LYS K 282 -41.93 -108.19 -21.99
C LYS K 282 -41.03 -107.31 -21.11
N LEU K 283 -41.64 -106.45 -20.29
CA LEU K 283 -40.86 -105.61 -19.37
C LEU K 283 -40.94 -106.15 -17.95
N HIS K 284 -39.78 -106.35 -17.33
CA HIS K 284 -39.67 -106.84 -15.96
C HIS K 284 -39.05 -105.77 -15.07
N GLN K 285 -39.28 -105.91 -13.76
CA GLN K 285 -38.67 -104.99 -12.80
C GLN K 285 -38.60 -105.62 -11.41
N GLU K 286 -37.41 -105.56 -10.80
CA GLU K 286 -37.16 -106.11 -9.49
C GLU K 286 -37.31 -105.03 -8.41
N VAL K 287 -37.98 -105.37 -7.31
CA VAL K 287 -38.23 -104.42 -6.23
C VAL K 287 -38.07 -105.12 -4.89
N ASN K 288 -37.38 -104.45 -3.94
CA ASN K 288 -37.29 -104.97 -2.57
C ASN K 288 -37.67 -103.92 -1.54
N LEU K 289 -38.21 -104.43 -0.41
CA LEU K 289 -38.57 -103.61 0.75
C LEU K 289 -38.02 -104.26 2.00
N VAL K 290 -37.28 -103.48 2.79
CA VAL K 290 -36.67 -103.91 4.04
C VAL K 290 -37.24 -103.05 5.16
N VAL K 291 -37.67 -103.68 6.25
CA VAL K 291 -38.41 -103.00 7.31
C VAL K 291 -37.75 -103.27 8.66
N MET K 292 -37.53 -102.20 9.43
CA MET K 292 -36.92 -102.29 10.75
C MET K 292 -37.90 -101.90 11.84
N ARG K 293 -37.88 -102.64 12.96
CA ARG K 293 -38.62 -102.28 14.17
C ARG K 293 -37.65 -102.25 15.34
N ALA K 294 -37.53 -101.08 15.98
CA ALA K 294 -36.61 -100.88 17.09
C ALA K 294 -37.33 -100.20 18.25
N THR K 295 -37.49 -100.92 19.36
CA THR K 295 -38.17 -100.38 20.53
C THR K 295 -37.86 -101.26 21.73
N GLN K 296 -38.15 -100.75 22.92
CA GLN K 296 -37.91 -101.47 24.16
C GLN K 296 -39.24 -101.70 24.86
N LEU K 297 -39.56 -102.96 25.13
CA LEU K 297 -40.73 -103.34 25.92
C LEU K 297 -40.26 -103.79 27.30
N GLN K 298 -40.74 -103.10 28.33
CA GLN K 298 -40.40 -103.39 29.74
C GLN K 298 -38.88 -103.40 29.87
N LYS K 299 -38.26 -104.47 30.39
CA LYS K 299 -36.80 -104.53 30.44
C LYS K 299 -36.21 -104.66 29.05
N ASN K 300 -36.63 -105.67 28.29
CA ASN K 300 -36.00 -106.01 27.02
C ASN K 300 -35.97 -104.81 26.08
N LEU K 301 -34.91 -104.76 25.27
CA LEU K 301 -34.80 -103.80 24.17
C LEU K 301 -34.53 -104.62 22.92
N THR K 302 -35.26 -104.34 21.85
CA THR K 302 -35.14 -105.17 20.67
C THR K 302 -35.09 -104.32 19.40
N CYS K 303 -34.28 -104.77 18.44
CA CYS K 303 -34.30 -104.23 17.10
C CYS K 303 -34.19 -105.40 16.12
N GLU K 304 -35.19 -105.54 15.26
CA GLU K 304 -35.13 -106.60 14.27
C GLU K 304 -35.58 -106.07 12.92
N VAL K 305 -35.11 -106.76 11.87
CA VAL K 305 -35.34 -106.35 10.49
C VAL K 305 -35.92 -107.50 9.72
N TRP K 306 -36.90 -107.19 8.85
CA TRP K 306 -37.61 -108.15 8.04
C TRP K 306 -37.40 -107.82 6.56
N GLY K 307 -37.36 -108.86 5.73
CA GLY K 307 -37.28 -108.70 4.30
C GLY K 307 -36.10 -109.41 3.70
N PRO K 308 -35.82 -109.15 2.43
CA PRO K 308 -34.68 -109.78 1.77
C PRO K 308 -33.41 -108.95 1.86
N THR K 309 -32.56 -109.29 2.82
CA THR K 309 -31.31 -108.59 3.06
C THR K 309 -30.13 -109.50 2.73
N SER K 310 -29.08 -108.92 2.16
CA SER K 310 -27.88 -109.68 1.91
C SER K 310 -27.33 -110.19 3.24
N PRO K 311 -26.81 -111.41 3.30
CA PRO K 311 -26.31 -111.92 4.58
C PRO K 311 -25.14 -111.12 5.13
N LYS K 312 -24.36 -110.50 4.24
CA LYS K 312 -23.11 -109.87 4.64
C LYS K 312 -23.33 -108.72 5.62
N LEU K 313 -24.40 -107.95 5.46
CA LEU K 313 -24.58 -106.74 6.24
C LEU K 313 -24.80 -107.08 7.71
N MET K 314 -24.63 -106.07 8.56
CA MET K 314 -24.55 -106.29 10.00
C MET K 314 -25.48 -105.36 10.76
N LEU K 315 -26.07 -105.89 11.83
CA LEU K 315 -26.94 -105.16 12.74
C LEU K 315 -26.23 -104.88 14.06
N SER K 316 -26.44 -103.68 14.59
CA SER K 316 -25.77 -103.25 15.81
C SER K 316 -26.73 -102.41 16.64
N LEU K 317 -26.64 -102.57 17.96
CA LEU K 317 -27.33 -101.70 18.91
C LEU K 317 -26.26 -100.95 19.69
N LYS K 318 -26.31 -99.62 19.63
CA LYS K 318 -25.22 -98.82 20.16
C LYS K 318 -25.65 -97.38 20.36
N LEU K 319 -25.21 -96.76 21.45
CA LEU K 319 -25.26 -95.32 21.54
C LEU K 319 -23.97 -94.76 20.95
N GLU K 320 -24.08 -93.71 20.13
CA GLU K 320 -22.90 -93.18 19.47
C GLU K 320 -21.88 -92.64 20.45
N ASN K 321 -22.30 -92.31 21.68
CA ASN K 321 -21.32 -91.92 22.70
C ASN K 321 -20.45 -93.11 23.07
N LYS K 322 -21.07 -94.22 23.48
CA LYS K 322 -20.33 -95.40 23.91
C LYS K 322 -20.11 -96.31 22.69
N GLU K 323 -19.77 -97.56 22.92
CA GLU K 323 -19.56 -98.53 21.85
C GLU K 323 -20.78 -99.44 21.71
N ALA K 324 -20.75 -100.22 20.64
CA ALA K 324 -21.84 -101.15 20.34
C ALA K 324 -22.02 -102.15 21.48
N LYS K 325 -23.17 -102.07 22.14
CA LYS K 325 -23.45 -103.03 23.21
C LYS K 325 -23.60 -104.44 22.65
N VAL K 326 -24.22 -104.58 21.48
CA VAL K 326 -24.37 -105.87 20.82
C VAL K 326 -24.35 -105.67 19.31
N SER K 327 -23.62 -106.54 18.61
CA SER K 327 -23.61 -106.57 17.16
C SER K 327 -23.52 -108.02 16.71
N LYS K 328 -24.32 -108.38 15.70
CA LYS K 328 -24.27 -109.71 15.15
C LYS K 328 -24.62 -109.62 13.67
N ARG K 329 -24.25 -110.66 12.92
CA ARG K 329 -24.54 -110.72 11.49
C ARG K 329 -25.93 -111.27 11.20
N GLU K 330 -26.73 -111.46 12.26
CA GLU K 330 -28.07 -112.01 12.16
C GLU K 330 -29.07 -110.93 11.78
N LYS K 331 -30.32 -111.33 11.58
CA LYS K 331 -31.39 -110.40 11.25
C LYS K 331 -32.05 -109.79 12.47
N ALA K 332 -31.85 -110.34 13.66
CA ALA K 332 -32.53 -109.87 14.85
C ALA K 332 -31.50 -109.67 15.95
N VAL K 333 -31.59 -108.54 16.65
CA VAL K 333 -30.67 -108.21 17.73
C VAL K 333 -31.48 -107.73 18.92
N TRP K 334 -31.10 -108.20 20.11
CA TRP K 334 -31.86 -107.90 21.31
C TRP K 334 -30.92 -107.73 22.48
N VAL K 335 -31.19 -106.71 23.29
CA VAL K 335 -30.41 -106.37 24.46
C VAL K 335 -31.25 -106.65 25.69
N LEU K 336 -30.62 -107.23 26.70
CA LEU K 336 -31.25 -107.66 27.94
C LEU K 336 -30.82 -106.75 29.08
N ASN K 337 -31.78 -106.35 29.91
CA ASN K 337 -31.56 -105.42 31.00
C ASN K 337 -30.74 -104.20 30.55
N PRO K 338 -31.21 -103.48 29.52
CA PRO K 338 -30.34 -102.50 28.85
C PRO K 338 -30.09 -101.23 29.65
N GLU K 339 -28.93 -100.66 29.37
CA GLU K 339 -28.46 -99.41 29.96
C GLU K 339 -29.32 -98.22 29.57
N ALA K 340 -29.41 -97.26 30.48
CA ALA K 340 -30.05 -95.98 30.20
C ALA K 340 -29.23 -95.17 29.20
N GLY K 341 -29.92 -94.44 28.33
CA GLY K 341 -29.23 -93.66 27.33
C GLY K 341 -30.04 -93.52 26.05
N MET K 342 -29.45 -92.78 25.11
CA MET K 342 -30.00 -92.60 23.76
C MET K 342 -29.31 -93.62 22.87
N TRP K 343 -29.95 -94.76 22.71
CA TRP K 343 -29.42 -95.85 21.91
C TRP K 343 -29.74 -95.66 20.43
N GLN K 344 -29.20 -96.57 19.63
CA GLN K 344 -29.40 -96.57 18.19
C GLN K 344 -29.45 -98.00 17.70
N CYS K 345 -30.22 -98.23 16.64
CA CYS K 345 -30.16 -99.48 15.89
C CYS K 345 -29.67 -99.18 14.49
N LEU K 346 -28.60 -99.85 14.08
CA LEU K 346 -27.97 -99.62 12.79
C LEU K 346 -27.93 -100.93 12.03
N LEU K 347 -28.61 -100.99 10.89
CA LEU K 347 -28.40 -102.03 9.89
C LEU K 347 -27.51 -101.41 8.83
N SER K 348 -26.35 -102.03 8.58
CA SER K 348 -25.27 -101.30 7.94
C SER K 348 -24.44 -102.21 7.04
N ASP K 349 -23.87 -101.59 6.02
CA ASP K 349 -22.91 -102.17 5.11
C ASP K 349 -21.51 -101.91 5.66
N SER K 350 -20.49 -102.27 4.89
CA SER K 350 -19.11 -102.02 5.31
C SER K 350 -18.86 -100.52 5.43
N GLY K 351 -19.12 -99.78 4.35
CA GLY K 351 -18.88 -98.35 4.29
C GLY K 351 -19.93 -97.51 4.99
N GLN K 352 -21.18 -97.73 4.63
CA GLN K 352 -22.28 -96.85 4.97
C GLN K 352 -23.37 -97.59 5.74
N VAL K 353 -24.21 -96.81 6.41
CA VAL K 353 -25.34 -97.32 7.17
C VAL K 353 -26.59 -97.33 6.29
N LEU K 354 -27.29 -98.46 6.28
CA LEU K 354 -28.50 -98.57 5.48
C LEU K 354 -29.73 -98.03 6.20
N LEU K 355 -29.99 -98.53 7.42
CA LEU K 355 -31.10 -98.05 8.24
C LEU K 355 -30.60 -97.65 9.61
N GLU K 356 -30.88 -96.41 9.99
CA GLU K 356 -30.54 -95.85 11.28
C GLU K 356 -31.83 -95.49 12.02
N SER K 357 -32.01 -96.03 13.21
CA SER K 357 -33.12 -95.63 14.07
C SER K 357 -32.59 -95.18 15.42
N ASN K 358 -33.17 -94.09 15.94
CA ASN K 358 -32.72 -93.48 17.19
C ASN K 358 -33.76 -93.77 18.27
N ILE K 359 -33.38 -94.54 19.28
CA ILE K 359 -34.28 -94.83 20.39
C ILE K 359 -33.69 -94.19 21.62
N LYS K 360 -34.55 -93.89 22.59
CA LYS K 360 -34.11 -93.34 23.87
C LYS K 360 -34.81 -94.12 24.98
N VAL K 361 -34.04 -94.66 25.90
CA VAL K 361 -34.61 -95.40 27.02
C VAL K 361 -34.66 -94.49 28.24
N LEU K 362 -35.72 -94.64 29.02
CA LEU K 362 -36.06 -93.72 30.10
C LEU K 362 -35.57 -94.13 31.48
N PRO K 363 -35.62 -95.43 31.88
CA PRO K 363 -35.33 -95.75 33.29
C PRO K 363 -33.96 -95.30 33.80
N VAL L 2 -17.79 -97.05 -31.16
CA VAL L 2 -17.75 -95.60 -31.31
C VAL L 2 -19.05 -95.00 -30.80
N SER L 3 -18.95 -94.06 -29.87
CA SER L 3 -20.14 -93.52 -29.22
C SER L 3 -21.00 -92.72 -30.20
N ASP L 4 -22.29 -92.66 -29.90
CA ASP L 4 -23.27 -91.93 -30.70
C ASP L 4 -24.07 -91.00 -29.79
N VAL L 5 -23.36 -90.08 -29.16
CA VAL L 5 -23.94 -89.19 -28.16
C VAL L 5 -23.61 -87.76 -28.56
N PRO L 6 -24.57 -86.85 -28.55
CA PRO L 6 -24.25 -85.45 -28.87
C PRO L 6 -23.28 -84.86 -27.86
N ARG L 7 -22.43 -83.97 -28.35
CA ARG L 7 -21.36 -83.38 -27.58
C ARG L 7 -21.37 -81.87 -27.77
N ASP L 8 -20.64 -81.18 -26.89
CA ASP L 8 -20.40 -79.74 -27.01
C ASP L 8 -21.72 -78.99 -26.95
N LEU L 9 -22.59 -79.40 -26.04
CA LEU L 9 -23.86 -78.71 -25.84
C LEU L 9 -23.60 -77.45 -25.02
N GLU L 10 -24.16 -76.34 -25.45
CA GLU L 10 -23.94 -75.05 -24.81
C GLU L 10 -25.12 -74.16 -25.13
N VAL L 11 -25.21 -73.04 -24.42
CA VAL L 11 -26.27 -72.07 -24.64
C VAL L 11 -25.70 -70.94 -25.48
N VAL L 12 -26.15 -70.85 -26.73
CA VAL L 12 -25.68 -69.77 -27.61
C VAL L 12 -26.20 -68.42 -27.13
N ALA L 13 -27.51 -68.32 -26.92
CA ALA L 13 -28.03 -67.02 -26.49
C ALA L 13 -29.40 -67.17 -25.85
N ALA L 14 -29.71 -66.28 -24.91
CA ALA L 14 -30.93 -66.43 -24.14
C ALA L 14 -31.61 -65.08 -23.93
N THR L 15 -32.90 -65.16 -23.63
CA THR L 15 -33.80 -64.08 -23.28
C THR L 15 -34.68 -64.61 -22.15
N PRO L 16 -35.27 -63.72 -21.33
CA PRO L 16 -36.06 -64.18 -20.18
C PRO L 16 -37.12 -65.22 -20.52
N THR L 17 -37.47 -65.37 -21.79
CA THR L 17 -38.47 -66.32 -22.24
C THR L 17 -37.97 -67.34 -23.25
N SER L 18 -36.73 -67.21 -23.75
CA SER L 18 -36.29 -68.08 -24.84
C SER L 18 -34.84 -68.49 -24.67
N LEU L 19 -34.56 -69.76 -24.92
CA LEU L 19 -33.19 -70.23 -25.07
C LEU L 19 -32.89 -70.51 -26.54
N LEU L 20 -31.63 -70.41 -26.91
CA LEU L 20 -31.15 -70.82 -28.22
C LEU L 20 -29.86 -71.60 -28.00
N ILE L 21 -29.92 -72.92 -28.23
CA ILE L 21 -28.85 -73.86 -27.89
C ILE L 21 -28.24 -74.43 -29.16
N SER L 22 -26.97 -74.84 -29.05
CA SER L 22 -26.23 -75.48 -30.13
C SER L 22 -25.43 -76.66 -29.57
N TRP L 23 -25.44 -77.77 -30.30
CA TRP L 23 -24.65 -78.95 -30.01
C TRP L 23 -23.85 -79.32 -31.26
N ASP L 24 -23.12 -80.43 -31.16
CA ASP L 24 -22.31 -80.95 -32.27
C ASP L 24 -22.64 -82.41 -32.49
N ALA L 25 -22.78 -82.79 -33.76
CA ALA L 25 -23.30 -84.09 -34.12
C ALA L 25 -22.28 -85.18 -33.77
N PRO L 26 -22.75 -86.39 -33.45
CA PRO L 26 -21.83 -87.48 -33.13
C PRO L 26 -21.11 -88.02 -34.36
N ALA L 27 -20.75 -89.29 -34.34
CA ALA L 27 -20.07 -89.90 -35.48
C ALA L 27 -21.05 -90.48 -36.49
N VAL L 28 -22.10 -91.16 -36.02
CA VAL L 28 -23.00 -91.88 -36.90
C VAL L 28 -24.08 -90.94 -37.42
N THR L 29 -24.85 -91.44 -38.40
CA THR L 29 -25.98 -90.70 -38.97
C THR L 29 -27.08 -90.53 -37.93
N VAL L 30 -27.62 -89.32 -37.83
CA VAL L 30 -28.63 -88.98 -36.83
C VAL L 30 -29.98 -88.87 -37.54
N HIS L 31 -30.95 -89.69 -37.11
CA HIS L 31 -32.27 -89.65 -37.72
C HIS L 31 -33.13 -88.50 -37.19
N SER L 32 -32.85 -88.01 -35.98
CA SER L 32 -33.48 -86.82 -35.41
C SER L 32 -32.91 -86.57 -34.02
N TYR L 33 -33.01 -85.30 -33.60
CA TYR L 33 -32.58 -84.85 -32.29
C TYR L 33 -33.80 -84.47 -31.46
N HIS L 34 -33.88 -85.01 -30.25
CA HIS L 34 -34.98 -84.72 -29.33
C HIS L 34 -34.50 -83.81 -28.21
N ILE L 35 -35.17 -82.67 -28.06
CA ILE L 35 -34.87 -81.71 -27.02
C ILE L 35 -35.88 -81.92 -25.88
N GLN L 36 -35.37 -82.31 -24.71
CA GLN L 36 -36.17 -82.52 -23.52
C GLN L 36 -35.66 -81.55 -22.46
N TYR L 37 -36.51 -80.63 -22.03
CA TYR L 37 -36.09 -79.63 -21.06
C TYR L 37 -37.13 -79.49 -19.96
N TRP L 38 -36.65 -79.33 -18.74
CA TRP L 38 -37.51 -79.23 -17.57
C TRP L 38 -36.83 -78.41 -16.48
N PRO L 39 -37.59 -77.76 -15.62
CA PRO L 39 -36.98 -77.00 -14.51
C PRO L 39 -36.36 -77.92 -13.47
N LEU L 40 -35.39 -77.36 -12.75
CA LEU L 40 -34.61 -78.13 -11.79
C LEU L 40 -35.49 -78.83 -10.76
N GLY L 41 -35.14 -80.08 -10.46
CA GLY L 41 -35.83 -80.90 -9.48
C GLY L 41 -37.04 -81.66 -9.98
N SER L 42 -38.02 -80.96 -10.53
CA SER L 42 -39.26 -81.59 -10.99
C SER L 42 -39.06 -82.13 -12.39
N TYR L 43 -38.66 -83.39 -12.49
CA TYR L 43 -38.56 -84.04 -13.79
C TYR L 43 -39.92 -84.16 -14.46
N GLN L 44 -40.98 -84.36 -13.68
CA GLN L 44 -42.28 -84.71 -14.25
C GLN L 44 -42.81 -83.62 -15.18
N ARG L 45 -42.40 -82.37 -14.99
CA ARG L 45 -42.94 -81.25 -15.74
C ARG L 45 -42.17 -80.97 -17.03
N TYR L 46 -41.43 -81.97 -17.52
CA TYR L 46 -40.61 -81.86 -18.72
C TYR L 46 -41.42 -81.64 -19.98
N GLN L 47 -40.84 -80.90 -20.92
CA GLN L 47 -41.40 -80.71 -22.25
C GLN L 47 -40.37 -81.14 -23.29
N VAL L 48 -40.81 -81.90 -24.29
CA VAL L 48 -39.93 -82.47 -25.30
C VAL L 48 -40.47 -82.17 -26.69
N PHE L 49 -39.57 -81.83 -27.62
CA PHE L 49 -39.91 -81.68 -29.02
C PHE L 49 -38.80 -82.27 -29.88
N SER L 50 -39.06 -82.34 -31.18
CA SER L 50 -38.18 -83.04 -32.11
C SER L 50 -37.77 -82.14 -33.27
N VAL L 51 -36.49 -82.18 -33.62
CA VAL L 51 -35.98 -81.54 -34.84
C VAL L 51 -35.32 -82.59 -35.71
N PRO L 52 -35.30 -82.41 -37.02
CA PRO L 52 -34.71 -83.43 -37.89
C PRO L 52 -33.18 -83.45 -37.80
N GLY L 53 -32.62 -84.63 -38.08
CA GLY L 53 -31.20 -84.90 -37.90
C GLY L 53 -30.21 -83.97 -38.59
N SER L 54 -30.69 -83.06 -39.43
CA SER L 54 -29.80 -82.20 -40.20
C SER L 54 -29.56 -80.83 -39.57
N LYS L 55 -30.35 -80.43 -38.58
CA LYS L 55 -30.21 -79.11 -37.96
C LYS L 55 -29.32 -79.19 -36.73
N SER L 56 -28.49 -78.15 -36.52
CA SER L 56 -27.46 -78.14 -35.49
C SER L 56 -27.85 -77.36 -34.25
N THR L 57 -28.84 -76.48 -34.33
CA THR L 57 -29.25 -75.63 -33.22
C THR L 57 -30.74 -75.80 -32.98
N ALA L 58 -31.21 -75.28 -31.85
CA ALA L 58 -32.63 -75.33 -31.55
C ALA L 58 -33.04 -74.14 -30.70
N THR L 59 -34.20 -73.58 -31.02
CA THR L 59 -34.85 -72.57 -30.20
C THR L 59 -35.80 -73.23 -29.20
N ILE L 60 -35.91 -72.61 -28.03
CA ILE L 60 -36.80 -73.06 -26.97
C ILE L 60 -37.57 -71.84 -26.47
N SER L 61 -38.89 -71.86 -26.66
CA SER L 61 -39.75 -70.75 -26.27
C SER L 61 -40.55 -71.10 -25.03
N GLY L 62 -41.24 -70.08 -24.50
CA GLY L 62 -42.11 -70.25 -23.35
C GLY L 62 -41.36 -70.51 -22.06
N LEU L 63 -40.49 -69.58 -21.68
CA LEU L 63 -39.71 -69.70 -20.46
C LEU L 63 -40.03 -68.55 -19.51
N LYS L 64 -39.86 -68.82 -18.22
CA LYS L 64 -40.07 -67.99 -17.05
C LYS L 64 -38.77 -67.26 -16.69
N PRO L 65 -38.81 -65.98 -16.30
CA PRO L 65 -37.58 -65.26 -16.00
C PRO L 65 -36.94 -65.72 -14.70
N GLY L 66 -35.61 -65.60 -14.65
CA GLY L 66 -34.85 -65.97 -13.47
C GLY L 66 -35.12 -67.38 -12.99
N VAL L 67 -35.21 -68.33 -13.91
CA VAL L 67 -35.55 -69.71 -13.57
C VAL L 67 -34.44 -70.64 -14.04
N GLU L 68 -34.02 -71.54 -13.16
CA GLU L 68 -33.15 -72.65 -13.53
C GLU L 68 -33.91 -73.68 -14.36
N TYR L 69 -33.31 -74.08 -15.47
CA TYR L 69 -33.81 -75.15 -16.33
C TYR L 69 -32.67 -76.12 -16.60
N GLN L 70 -33.03 -77.35 -16.90
CA GLN L 70 -32.12 -78.39 -17.34
C GLN L 70 -32.51 -78.77 -18.77
N ILE L 71 -31.51 -78.94 -19.62
CA ILE L 71 -31.71 -79.21 -21.04
C ILE L 71 -30.96 -80.49 -21.40
N ARG L 72 -31.67 -81.43 -21.99
CA ARG L 72 -31.13 -82.70 -22.44
C ARG L 72 -31.40 -82.84 -23.92
N VAL L 73 -30.41 -83.30 -24.67
CA VAL L 73 -30.51 -83.50 -26.11
C VAL L 73 -30.20 -84.95 -26.40
N TYR L 74 -31.16 -85.69 -26.95
CA TYR L 74 -30.95 -87.04 -27.43
C TYR L 74 -30.73 -87.03 -28.93
N ALA L 75 -30.06 -88.08 -29.38
CA ALA L 75 -29.86 -88.35 -30.81
C ALA L 75 -30.29 -89.78 -31.08
N GLU L 76 -31.14 -89.98 -32.08
CA GLU L 76 -31.53 -91.34 -32.48
C GLU L 76 -30.98 -91.64 -33.87
N THR L 77 -30.24 -92.74 -33.99
CA THR L 77 -29.63 -93.14 -35.26
C THR L 77 -30.43 -94.28 -35.89
N GLY L 78 -30.97 -94.02 -37.09
CA GLY L 78 -31.77 -95.01 -37.78
C GLY L 78 -30.98 -96.15 -38.39
N GLY L 79 -29.81 -95.84 -38.97
CA GLY L 79 -29.08 -96.82 -39.76
C GLY L 79 -28.64 -98.06 -39.02
N ALA L 80 -28.53 -97.98 -37.70
CA ALA L 80 -28.09 -99.10 -36.87
C ALA L 80 -29.21 -99.45 -35.91
N ASP L 81 -29.85 -100.62 -36.13
CA ASP L 81 -30.96 -101.03 -35.29
C ASP L 81 -30.48 -101.47 -33.91
N SER L 82 -29.41 -102.26 -33.86
CA SER L 82 -28.81 -102.70 -32.62
C SER L 82 -27.33 -102.34 -32.48
N ASP L 83 -26.66 -101.92 -33.56
CA ASP L 83 -25.25 -101.58 -33.48
C ASP L 83 -25.04 -100.34 -32.62
N GLN L 84 -26.04 -99.47 -32.55
CA GLN L 84 -25.92 -98.19 -31.85
C GLN L 84 -27.23 -97.92 -31.13
N SER L 85 -27.19 -97.01 -30.17
CA SER L 85 -28.34 -96.77 -29.30
C SER L 85 -28.63 -95.27 -29.20
N MET L 86 -29.66 -94.96 -28.40
CA MET L 86 -30.07 -93.57 -28.17
C MET L 86 -29.31 -92.96 -27.00
N GLY L 87 -28.49 -91.95 -27.29
CA GLY L 87 -27.70 -91.26 -26.30
C GLY L 87 -28.21 -89.83 -26.10
N TRP L 88 -27.71 -89.20 -25.04
CA TRP L 88 -28.16 -87.88 -24.63
C TRP L 88 -27.04 -87.18 -23.90
N ILE L 89 -26.96 -85.86 -24.10
CA ILE L 89 -26.11 -84.99 -23.28
C ILE L 89 -27.00 -83.95 -22.61
N GLN L 90 -26.67 -83.60 -21.36
CA GLN L 90 -27.51 -82.72 -20.56
C GLN L 90 -26.65 -81.66 -19.88
N ILE L 91 -27.20 -80.45 -19.80
CA ILE L 91 -26.59 -79.35 -19.06
C ILE L 91 -27.71 -78.59 -18.33
N GLY L 92 -27.33 -77.49 -17.66
CA GLY L 92 -28.29 -76.63 -17.02
C GLY L 92 -28.01 -75.18 -17.38
N TYR L 93 -29.00 -74.34 -17.12
CA TYR L 93 -28.93 -72.93 -17.49
C TYR L 93 -30.05 -72.22 -16.74
N ARG L 94 -30.04 -70.89 -16.80
CA ARG L 94 -31.04 -70.11 -16.09
C ARG L 94 -31.41 -68.88 -16.89
N THR L 95 -32.72 -68.62 -17.00
CA THR L 95 -33.18 -67.44 -17.70
C THR L 95 -33.21 -66.26 -16.73
N GLU L 96 -32.86 -65.09 -17.24
CA GLU L 96 -32.84 -63.83 -16.49
C GLU L 96 -34.18 -63.41 -15.90
N UNK M 1 28.03 -14.27 9.48
CA UNK M 1 26.58 -14.20 9.63
C UNK M 1 25.85 -14.65 8.35
N UNK M 2 26.34 -14.22 7.19
CA UNK M 2 25.73 -14.72 5.93
C UNK M 2 25.96 -16.23 5.73
N UNK M 3 27.24 -16.58 5.83
CA UNK M 3 27.70 -17.97 5.69
C UNK M 3 26.86 -18.83 6.61
N UNK M 4 26.66 -18.35 7.83
CA UNK M 4 25.84 -19.01 8.82
C UNK M 4 24.37 -18.65 8.72
N UNK M 5 23.95 -17.99 7.66
CA UNK M 5 22.53 -18.02 7.32
C UNK M 5 22.30 -19.37 6.63
N UNK M 6 22.86 -19.49 5.43
CA UNK M 6 22.55 -20.70 4.65
C UNK M 6 23.04 -21.93 5.44
N UNK M 7 24.21 -21.75 6.03
CA UNK M 7 24.74 -22.76 6.93
C UNK M 7 24.28 -22.56 8.37
N UNK M 8 23.40 -21.60 8.66
CA UNK M 8 22.64 -21.73 9.91
C UNK M 8 21.98 -23.05 9.68
N UNK M 9 21.21 -23.11 8.60
CA UNK M 9 20.47 -24.33 8.31
C UNK M 9 21.40 -25.55 8.27
N UNK M 10 22.30 -25.56 7.29
CA UNK M 10 23.08 -26.78 7.06
C UNK M 10 24.03 -27.16 8.21
N UNK M 11 24.72 -26.18 8.78
CA UNK M 11 25.62 -26.46 9.89
C UNK M 11 24.89 -26.89 11.17
N UNK M 12 23.75 -26.27 11.48
CA UNK M 12 22.97 -26.72 12.63
C UNK M 12 22.66 -28.20 12.48
N UNK M 13 22.18 -28.57 11.28
CA UNK M 13 21.95 -29.98 10.99
C UNK M 13 23.19 -30.85 11.29
N UNK M 14 24.33 -30.47 10.70
CA UNK M 14 25.56 -31.24 10.85
C UNK M 14 26.02 -31.38 12.31
N UNK M 15 25.90 -30.30 13.07
CA UNK M 15 26.27 -30.28 14.48
C UNK M 15 25.45 -31.28 15.27
N UNK M 16 24.13 -31.22 15.08
CA UNK M 16 23.25 -32.17 15.75
C UNK M 16 23.68 -33.60 15.43
N UNK M 17 23.97 -33.85 14.14
CA UNK M 17 24.46 -35.15 13.71
C UNK M 17 25.72 -35.62 14.47
N UNK M 18 26.73 -34.77 14.49
CA UNK M 18 28.00 -35.09 15.15
C UNK M 18 27.82 -35.41 16.63
N UNK M 19 27.09 -34.54 17.33
CA UNK M 19 26.81 -34.77 18.75
C UNK M 19 26.15 -36.13 18.95
N UNK M 20 25.17 -36.42 18.08
CA UNK M 20 24.50 -37.72 18.12
C UNK M 20 25.49 -38.88 17.98
N UNK M 21 26.42 -38.78 17.04
CA UNK M 21 27.42 -39.83 16.82
C UNK M 21 28.30 -40.07 18.05
N UNK M 22 28.93 -38.99 18.53
CA UNK M 22 29.81 -39.08 19.69
C UNK M 22 29.08 -39.69 20.90
N UNK M 23 27.88 -39.17 21.15
CA UNK M 23 27.09 -39.65 22.27
C UNK M 23 26.64 -41.08 22.06
N UNK M 24 26.58 -41.52 20.81
CA UNK M 24 26.24 -42.90 20.49
C UNK M 24 27.37 -43.87 20.85
N UNK M 25 28.58 -43.58 20.37
CA UNK M 25 29.73 -44.43 20.67
C UNK M 25 29.97 -44.46 22.18
N UNK M 26 29.91 -43.28 22.79
CA UNK M 26 30.09 -43.17 24.23
C UNK M 26 28.96 -43.87 24.98
N UNK M 27 27.79 -43.96 24.34
CA UNK M 27 26.67 -44.69 24.92
C UNK M 27 26.99 -46.18 24.95
N UNK M 28 27.47 -46.71 23.83
CA UNK M 28 27.87 -48.12 23.81
C UNK M 28 28.89 -48.42 24.89
N UNK M 29 30.00 -47.69 24.86
CA UNK M 29 31.09 -47.91 25.81
C UNK M 29 30.66 -47.77 27.28
N UNK M 30 30.08 -46.64 27.62
CA UNK M 30 29.76 -46.34 29.02
C UNK M 30 28.55 -47.08 29.57
N UNK M 31 27.60 -47.45 28.70
CA UNK M 31 26.45 -48.23 29.14
C UNK M 31 26.83 -49.70 29.27
N UNK M 32 27.82 -50.13 28.50
CA UNK M 32 28.43 -51.42 28.75
C UNK M 32 29.08 -51.35 30.13
N UNK M 33 29.95 -50.36 30.30
CA UNK M 33 30.56 -50.03 31.58
C UNK M 33 31.38 -48.75 31.45
N UNK N 1 22.42 -7.28 14.38
CA UNK N 1 22.41 -6.41 13.21
C UNK N 1 22.65 -4.94 13.58
N UNK N 2 22.04 -4.46 14.65
CA UNK N 2 22.32 -3.08 15.09
C UNK N 2 23.78 -2.93 15.59
N UNK N 3 24.11 -3.83 16.52
CA UNK N 3 25.44 -3.87 17.12
C UNK N 3 26.47 -3.89 16.00
N UNK N 4 26.19 -4.70 15.00
CA UNK N 4 27.03 -4.81 13.81
C UNK N 4 26.69 -3.77 12.75
N UNK N 5 25.87 -2.79 13.06
CA UNK N 5 25.86 -1.59 12.23
C UNK N 5 27.09 -0.78 12.69
N UNK N 6 26.99 -0.26 13.91
CA UNK N 6 28.07 0.64 14.36
C UNK N 6 29.40 -0.12 14.36
N UNK N 7 29.30 -1.37 14.80
CA UNK N 7 30.43 -2.26 14.73
C UNK N 7 30.48 -3.04 13.41
N UNK N 8 29.60 -2.76 12.44
CA UNK N 8 29.96 -3.14 11.08
C UNK N 8 31.23 -2.40 10.90
N UNK N 9 31.12 -1.07 11.06
CA UNK N 9 32.29 -0.23 10.86
C UNK N 9 33.48 -0.70 11.73
N UNK N 10 33.30 -0.59 13.04
CA UNK N 10 34.45 -0.81 13.92
C UNK N 10 35.00 -2.24 13.91
N UNK N 11 34.11 -3.23 13.92
CA UNK N 11 34.56 -4.62 13.89
C UNK N 11 35.20 -5.02 12.56
N UNK N 12 34.66 -4.55 11.43
CA UNK N 12 35.32 -4.82 10.15
C UNK N 12 36.77 -4.33 10.21
N UNK N 13 36.94 -3.09 10.69
CA UNK N 13 38.28 -2.57 10.90
C UNK N 13 39.17 -3.53 11.72
N UNK N 14 38.67 -3.90 12.90
CA UNK N 14 39.43 -4.76 13.82
C UNK N 14 39.80 -6.12 13.22
N UNK N 15 38.86 -6.71 12.49
CA UNK N 15 39.07 -8.00 11.82
C UNK N 15 40.21 -7.91 10.82
N UNK N 16 40.14 -6.88 9.96
CA UNK N 16 41.21 -6.68 8.99
C UNK N 16 42.56 -6.58 9.71
N UNK N 17 42.58 -5.81 10.80
CA UNK N 17 43.80 -5.68 11.60
C UNK N 17 44.34 -7.03 12.10
N UNK N 18 43.48 -7.83 12.73
CA UNK N 18 43.88 -9.12 13.27
C UNK N 18 44.46 -10.06 12.21
N UNK N 19 43.74 -10.17 11.09
CA UNK N 19 44.19 -10.99 9.98
C UNK N 19 45.58 -10.54 9.52
N UNK N 20 45.75 -9.23 9.41
CA UNK N 20 47.05 -8.65 9.06
C UNK N 20 48.15 -9.09 10.02
N UNK N 21 47.87 -9.04 11.32
CA UNK N 21 48.85 -9.44 12.33
C UNK N 21 49.27 -10.90 12.21
N UNK N 22 48.28 -11.79 12.22
CA UNK N 22 48.54 -13.23 12.11
C UNK N 22 49.35 -13.54 10.86
N UNK N 23 48.91 -12.98 9.73
CA UNK N 23 49.59 -13.22 8.46
C UNK N 23 50.98 -12.61 8.45
N UNK N 24 51.21 -11.61 9.29
CA UNK N 24 52.52 -10.99 9.43
C UNK N 24 53.50 -11.91 10.15
N UNK N 25 53.11 -12.40 11.33
CA UNK N 25 53.99 -13.31 12.07
C UNK N 25 54.26 -14.57 11.27
N UNK N 26 53.20 -15.10 10.67
CA UNK N 26 53.32 -16.29 9.84
C UNK N 26 54.16 -16.00 8.60
N UNK N 27 54.17 -14.73 8.17
CA UNK N 27 55.01 -14.32 7.06
C UNK N 27 56.47 -14.41 7.45
N UNK N 28 56.81 -13.85 8.62
CA UNK N 28 58.17 -13.94 9.11
C UNK N 28 58.63 -15.39 9.18
N UNK N 29 57.88 -16.19 9.93
CA UNK N 29 58.23 -17.60 10.14
C UNK N 29 58.36 -18.40 8.83
N UNK N 30 57.30 -18.38 8.02
CA UNK N 30 57.25 -19.22 6.83
C UNK N 30 58.10 -18.72 5.67
N UNK N 31 58.34 -17.42 5.60
CA UNK N 31 59.20 -16.88 4.56
C UNK N 31 60.66 -17.06 4.93
N UNK N 32 60.94 -17.12 6.23
CA UNK N 32 62.25 -17.58 6.66
C UNK N 32 62.39 -19.03 6.23
N UNK N 33 61.42 -19.84 6.64
CA UNK N 33 61.30 -21.23 6.20
C UNK N 33 60.00 -21.83 6.73
N UNK O 1 21.36 -13.11 21.15
CA UNK O 1 20.32 -12.08 21.31
C UNK O 1 19.01 -12.67 21.83
N UNK O 2 18.60 -13.82 21.31
CA UNK O 2 17.38 -14.46 21.88
C UNK O 2 17.60 -14.93 23.33
N UNK O 3 18.68 -15.70 23.48
CA UNK O 3 19.08 -16.25 24.77
C UNK O 3 19.11 -15.11 25.78
N UNK O 4 19.68 -14.00 25.35
CA UNK O 4 19.76 -12.78 26.15
C UNK O 4 18.52 -11.89 26.02
N UNK O 5 17.46 -12.39 25.41
CA UNK O 5 16.16 -11.76 25.65
C UNK O 5 15.69 -12.30 26.99
N UNK O 6 15.37 -13.59 27.01
CA UNK O 6 14.77 -14.14 28.24
C UNK O 6 15.78 -13.98 29.40
N UNK O 7 17.03 -14.23 29.06
CA UNK O 7 18.11 -13.98 29.98
C UNK O 7 18.66 -12.55 29.88
N UNK O 8 18.06 -11.67 29.07
CA UNK O 8 18.29 -10.25 29.35
C UNK O 8 17.78 -10.16 30.75
N UNK O 9 16.50 -10.52 30.89
CA UNK O 9 15.89 -10.41 32.22
C UNK O 9 16.70 -11.16 33.27
N UNK O 10 16.77 -12.48 33.13
CA UNK O 10 17.35 -13.28 34.21
C UNK O 10 18.84 -13.03 34.46
N UNK O 11 19.63 -12.91 33.40
CA UNK O 11 21.06 -12.65 33.56
C UNK O 11 21.35 -11.25 34.12
N UNK O 12 20.62 -10.24 33.69
CA UNK O 12 20.80 -8.90 34.28
C UNK O 12 20.62 -8.99 35.79
N UNK O 13 19.53 -9.66 36.19
CA UNK O 13 19.32 -9.91 37.63
C UNK O 13 20.54 -10.54 38.29
N UNK O 14 21.00 -11.66 37.74
CA UNK O 14 22.12 -12.40 38.32
C UNK O 14 23.41 -11.58 38.42
N UNK O 15 23.69 -10.80 37.38
CA UNK O 15 24.87 -9.94 37.32
C UNK O 15 24.84 -8.93 38.45
N UNK O 16 23.71 -8.24 38.59
CA UNK O 16 23.56 -7.28 39.69
C UNK O 16 23.84 -7.96 41.02
N UNK O 17 23.28 -9.16 41.19
CA UNK O 17 23.51 -9.94 42.41
C UNK O 17 25.00 -10.19 42.69
N UNK O 18 25.71 -10.71 41.69
CA UNK O 18 27.12 -11.04 41.83
C UNK O 18 27.97 -9.83 42.20
N UNK O 19 27.75 -8.73 41.47
CA UNK O 19 28.47 -7.48 41.76
C UNK O 19 28.23 -7.07 43.21
N UNK O 20 26.97 -7.15 43.64
CA UNK O 20 26.61 -6.85 45.01
C UNK O 20 27.40 -7.70 46.02
N UNK O 21 27.50 -9.01 45.75
CA UNK O 21 28.24 -9.91 46.64
C UNK O 21 29.72 -9.55 46.76
N UNK O 22 30.39 -9.45 45.61
CA UNK O 22 31.82 -9.11 45.59
C UNK O 22 32.08 -7.80 46.32
N UNK O 23 31.28 -6.79 46.00
CA UNK O 23 31.43 -5.47 46.61
C UNK O 23 31.11 -5.52 48.10
N UNK O 24 30.31 -6.50 48.52
CA UNK O 24 29.99 -6.68 49.93
C UNK O 24 31.19 -7.22 50.72
N UNK O 25 31.77 -8.32 50.23
CA UNK O 25 32.94 -8.89 50.91
C UNK O 25 34.09 -7.89 50.92
N UNK O 26 34.31 -7.24 49.78
CA UNK O 26 35.35 -6.23 49.68
C UNK O 26 35.03 -5.03 50.55
N UNK O 27 33.74 -4.80 50.81
CA UNK O 27 33.33 -3.74 51.71
C UNK O 27 33.76 -4.08 53.13
N UNK O 28 33.47 -5.30 53.57
CA UNK O 28 33.90 -5.73 54.90
C UNK O 28 35.41 -5.55 55.05
N UNK O 29 36.15 -6.20 54.15
CA UNK O 29 37.62 -6.17 54.23
C UNK O 29 38.20 -4.75 54.19
N UNK O 30 37.85 -3.99 53.16
CA UNK O 30 38.47 -2.69 52.94
C UNK O 30 37.96 -1.59 53.88
N UNK O 31 36.74 -1.71 54.36
CA UNK O 31 36.22 -0.73 55.32
C UNK O 31 36.74 -1.03 56.72
N UNK O 32 37.05 -2.30 56.98
CA UNK O 32 37.83 -2.62 58.17
C UNK O 32 39.19 -1.96 58.02
N UNK O 33 39.85 -2.26 56.91
CA UNK O 33 41.10 -1.62 56.52
C UNK O 33 41.52 -2.08 55.12
#